data_6APD
#
_entry.id   6APD
#
_cell.length_a   229.470
_cell.length_b   229.470
_cell.length_c   304.050
_cell.angle_alpha   90.000
_cell.angle_beta   90.000
_cell.angle_gamma   90.000
#
_symmetry.space_group_name_H-M   'P 41 21 2'
#
loop_
_entity.id
_entity.type
_entity.pdbx_description
1 polymer 'Fusion glycoprotein F0,Envelope glycoprotein'
2 polymer 'AM22 Fab Heavy Chain,IGH@ protein'
3 polymer 'AM22 Fab Light Chain,Uncharacterized protein'
4 polymer 'Immunoglobulin heavy variable 3-21,Immunoglobulin gamma-1 heavy chain'
5 polymer 'IGL@ protein'
#
loop_
_entity_poly.entity_id
_entity_poly.type
_entity_poly.pdbx_seq_one_letter_code
_entity_poly.pdbx_strand_id
1 'polypeptide(L)'
;MELLILKANAITTILTAVTFCFASGQNITEEFYQSTCSAVSKGYLSALRTGWYTSVITIELSNIKEIKCNGTDAKVKLIK
QELDKYKNAVTELQLLMQSTPATNNRARRELPRFMNYTLNNAKKTNVTLSKKRKRRFLGFLLGVGSAIASGVAVSKVLHL
EGEVNKIKSALLSTNKAVVSLSNGVSVLTSKVLDLKNYIDKQLLPIVNKQSCSIPNIETVIEFQQKNNRLLEITREFSVN
AGVTTPVSTYMLTNSELLSLINDMPITNDQKKLMSNNVQIVRQQSYSIMSIIKEEVLAYVVQLPLYGVIDTPCWKLHTSP
LCTTNTKEGSNICLTRTDRGWYCDNAGSVSFFPQAETCKVQSNRVFCDTMNSLTLPSEVNLCNVDIFNPKYDCKIMTSKT
DVSSSVITSLGAIVSCYGKTKCTASNKNRGIIKTFSNGCDYVSNKGVDTVSVGNTLYYVNKQEGKSLYVKGEPIINFYDP
LVFPSDEFDASISQVNEKINQSLAFIRKSDELLSAIGGYIPEAPRDGQAYVRKDGEWVLLSTFLGSMEVLFQGPGHHHHH
HHHSAWSHPQFEK
;
A,B,C
2 'polypeptide(L)'
;QVQLVQSGAEVKKPGATVKVSCKISGHTLIKLSIHWVRQAPGKGLEWMGGYEGEVDEIFYAQKFQHRLTVIADTATDTVY
MELGRLTSDDTAVYFCGTLGVTVTEAGLGIDDYWGQGTLVTVSSASTKGPSVFPLAPSSKSTSGGTAALGCLVKDYFPEP
VTVSWNSGALTSGVHTFPAVLQSSGLYSLSSVVTVPSSSLGTQTYICNVNHKPSNTKVDKKVEPKSCD
;
D,F,H
3 'polypeptide(L)'
;EIVLTQSPGTLSLSPGERATLSCRASQIVSRNHLAWYQQKPGQAPRLLIFGASSRATGIPVRFSGSGSGTDFTLTINGLA
PEDFAVYYCLSSDSSIFTFGQGTKVDFKRTVAAPSVFIFPPSDEQLKSGTASVVCLLNNFYPREAKVQWKVDNALQSGNS
QESVTEQDSKDSTYSLSSTLTLSKADYEKHKVYACEVTHQGLSSPVTKSFNRGEC
;
E,G,I
4 'polypeptide(L)'
;EVQLVESGGGLVKPGGSLRLSCAASGFTFSSYSMNWVRQAPGKGLEWVSSISSSSSYIYYADSVKGRFTISRDNAKNSLY
LQMNSLRAEDTAVYYCARLGYCSGGSCHFDYWGQGTLVTVSSASTKGPSVFPLAPSSKSTSGGTAALGCLVKDYFPEPVT
VSWNSGALTSGVHTFPAVLQSSGLYSLSSVVTVPSSSLGTQTYICNVNHKPSNTKVDKKVEPKSCD
;
J,K,N
5 'polypeptide(L)'
;QSVLTQPPSVSGAPGQRVTISCTGSSSNIGAGYDVHWYQQLPGTAPKLLIYGNSNRPSGVPDRFSGSKSGTSASLAITGL
QAEDEADYYCQSYDSSLSGFYVFGTGTKVTVLGQPKAAPSVTLFPPSSEELQANKATLVCLISDFYPGAVTVAWKADSSP
VKAGVETTTPSKQSNNKYAASSYLSLTPEQWKSHRSYSCQVTHEGSTVEKTVAPTECS
;
L,M,O
#
# COMPACT_ATOMS: atom_id res chain seq x y z
N ASN A 27 32.19 -24.53 8.49
CA ASN A 27 33.28 -24.78 9.44
C ASN A 27 32.98 -24.14 10.79
N ILE A 28 32.11 -24.77 11.57
CA ILE A 28 31.72 -24.28 12.88
C ILE A 28 31.95 -25.40 13.89
N THR A 29 32.44 -25.04 15.06
CA THR A 29 32.75 -25.99 16.12
C THR A 29 32.06 -25.55 17.42
N GLU A 30 32.19 -26.40 18.45
CA GLU A 30 31.65 -26.07 19.76
C GLU A 30 32.32 -26.93 20.82
N GLU A 31 32.64 -26.29 21.95
CA GLU A 31 33.23 -26.96 23.11
C GLU A 31 32.42 -26.64 24.35
N PHE A 32 32.15 -27.68 25.14
CA PHE A 32 31.45 -27.55 26.42
C PHE A 32 32.38 -27.88 27.55
N TYR A 33 32.42 -27.01 28.55
CA TYR A 33 33.26 -27.20 29.73
C TYR A 33 32.38 -27.68 30.88
N GLN A 34 32.62 -28.93 31.32
CA GLN A 34 31.80 -29.52 32.37
C GLN A 34 31.92 -28.75 33.68
N SER A 35 33.09 -28.18 33.94
CA SER A 35 33.40 -27.59 35.24
C SER A 35 32.84 -26.19 35.43
N THR A 36 32.67 -25.41 34.35
CA THR A 36 32.16 -24.06 34.43
C THR A 36 30.73 -23.91 33.93
N CYS A 37 30.09 -25.02 33.51
CA CYS A 37 28.70 -25.02 33.05
C CYS A 37 28.45 -23.99 31.95
N SER A 38 29.34 -23.98 30.95
CA SER A 38 29.26 -23.02 29.86
C SER A 38 29.84 -23.66 28.60
N ALA A 39 29.48 -23.08 27.45
CA ALA A 39 29.89 -23.62 26.16
C ALA A 39 30.31 -22.49 25.24
N VAL A 40 31.31 -22.77 24.41
CA VAL A 40 31.85 -21.80 23.47
C VAL A 40 31.66 -22.32 22.06
N SER A 41 31.11 -21.48 21.19
CA SER A 41 30.94 -21.80 19.78
C SER A 41 31.96 -20.98 18.99
N LYS A 42 32.82 -21.66 18.25
CA LYS A 42 33.91 -21.00 17.53
C LYS A 42 33.74 -21.22 16.03
N GLY A 43 34.49 -20.41 15.26
CA GLY A 43 34.52 -20.54 13.83
C GLY A 43 33.83 -19.43 13.07
N TYR A 44 33.13 -18.52 13.74
CA TYR A 44 32.39 -17.50 13.02
C TYR A 44 33.36 -16.41 12.54
N LEU A 45 32.85 -15.59 11.62
CA LEU A 45 33.63 -14.50 11.04
C LEU A 45 32.99 -13.17 11.41
N SER A 46 33.81 -12.13 11.42
CA SER A 46 33.39 -10.83 11.93
C SER A 46 32.87 -9.94 10.82
N ALA A 47 31.99 -9.03 11.20
CA ALA A 47 31.59 -7.90 10.38
C ALA A 47 31.04 -6.85 11.32
N LEU A 48 31.96 -6.18 12.02
CA LEU A 48 31.61 -5.24 13.07
C LEU A 48 31.57 -3.83 12.51
N ARG A 49 30.52 -3.11 12.81
CA ARG A 49 30.39 -1.72 12.35
C ARG A 49 31.22 -0.84 13.26
N THR A 50 32.29 -0.27 12.71
CA THR A 50 33.13 0.63 13.50
C THR A 50 32.70 2.08 13.34
N GLY A 51 32.18 2.44 12.16
CA GLY A 51 31.81 3.82 11.89
C GLY A 51 30.56 3.94 11.05
N TRP A 52 30.31 5.13 10.50
CA TRP A 52 29.12 5.40 9.71
C TRP A 52 29.50 6.19 8.47
N TYR A 53 28.76 5.97 7.40
CA TYR A 53 28.80 6.80 6.21
C TYR A 53 27.45 7.48 6.01
N THR A 54 27.48 8.76 5.71
CA THR A 54 26.26 9.53 5.47
C THR A 54 26.03 9.72 3.98
N SER A 55 24.78 9.56 3.56
CA SER A 55 24.39 9.71 2.17
C SER A 55 23.13 10.55 2.06
N VAL A 56 23.07 11.38 1.03
CA VAL A 56 21.99 12.35 0.85
C VAL A 56 21.11 11.90 -0.31
N ILE A 57 19.81 11.83 -0.06
CA ILE A 57 18.79 11.48 -1.04
C ILE A 57 17.96 12.70 -1.37
N THR A 58 17.73 12.95 -2.66
CA THR A 58 16.97 14.10 -3.11
C THR A 58 15.78 13.67 -3.95
N ILE A 59 14.69 14.44 -3.86
CA ILE A 59 13.49 14.24 -4.66
C ILE A 59 13.04 15.60 -5.20
N GLU A 60 12.97 15.72 -6.51
CA GLU A 60 12.58 16.98 -7.14
C GLU A 60 11.07 17.16 -7.01
N LEU A 61 10.65 18.15 -6.23
CA LEU A 61 9.23 18.42 -6.02
C LEU A 61 8.79 19.66 -6.80
N SER A 62 7.47 19.81 -6.91
CA SER A 62 6.85 20.86 -7.71
C SER A 62 6.07 21.80 -6.81
N ASN A 63 6.50 23.06 -6.77
CA ASN A 63 5.81 24.12 -6.03
C ASN A 63 4.47 24.37 -6.71
N ILE A 64 3.42 23.71 -6.21
CA ILE A 64 2.08 23.77 -6.77
C ILE A 64 1.17 24.60 -5.88
N LYS A 65 0.26 25.29 -6.52
CA LYS A 65 -0.72 26.16 -5.89
C LYS A 65 -2.11 25.60 -6.18
N GLU A 66 -3.13 26.37 -5.80
CA GLU A 66 -4.50 25.88 -5.83
C GLU A 66 -4.92 25.47 -7.23
N ILE A 67 -5.55 24.31 -7.31
CA ILE A 67 -6.12 23.80 -8.55
C ILE A 67 -7.17 24.80 -9.05
N LYS A 68 -6.93 25.35 -10.24
CA LYS A 68 -7.86 26.32 -10.81
C LYS A 68 -9.08 25.61 -11.39
N CYS A 69 -8.87 24.51 -12.10
CA CYS A 69 -9.95 23.79 -12.75
C CYS A 69 -10.92 23.24 -11.70
N ASN A 70 -12.21 23.31 -12.00
CA ASN A 70 -13.26 22.73 -11.16
C ASN A 70 -14.21 21.90 -11.99
N GLY A 71 -13.67 21.17 -12.98
CA GLY A 71 -14.50 20.43 -13.90
C GLY A 71 -15.25 19.29 -13.23
N THR A 72 -16.34 18.88 -13.88
CA THR A 72 -17.23 17.86 -13.35
C THR A 72 -17.05 16.53 -14.09
N ASP A 73 -15.81 16.05 -14.11
CA ASP A 73 -15.49 14.79 -14.77
C ASP A 73 -14.95 13.80 -13.75
N ALA A 74 -15.36 12.55 -13.87
CA ALA A 74 -14.95 11.52 -12.92
C ALA A 74 -13.44 11.27 -12.97
N LYS A 75 -12.91 11.14 -14.18
CA LYS A 75 -11.46 10.94 -14.34
C LYS A 75 -10.66 12.13 -13.84
N VAL A 76 -11.15 13.34 -14.11
CA VAL A 76 -10.50 14.53 -13.59
C VAL A 76 -10.54 14.54 -12.07
N LYS A 77 -11.70 14.21 -11.49
CA LYS A 77 -11.86 14.15 -10.05
C LYS A 77 -10.80 13.25 -9.41
N LEU A 78 -10.49 12.13 -10.06
CA LEU A 78 -9.46 11.23 -9.54
C LEU A 78 -8.09 11.91 -9.53
N ILE A 79 -7.78 12.66 -10.58
CA ILE A 79 -6.52 13.41 -10.60
C ILE A 79 -6.50 14.43 -9.48
N LYS A 80 -7.62 15.12 -9.28
CA LYS A 80 -7.72 16.12 -8.23
C LYS A 80 -7.40 15.52 -6.87
N GLN A 81 -8.16 14.49 -6.47
CA GLN A 81 -7.98 13.90 -5.15
C GLN A 81 -6.65 13.16 -5.01
N GLU A 82 -6.13 12.61 -6.11
CA GLU A 82 -4.77 12.06 -6.09
C GLU A 82 -3.73 13.17 -5.96
N LEU A 83 -3.98 14.30 -6.61
CA LEU A 83 -3.06 15.43 -6.52
C LEU A 83 -3.03 16.01 -5.11
N ASP A 84 -4.18 16.03 -4.43
CA ASP A 84 -4.23 16.52 -3.06
C ASP A 84 -3.44 15.62 -2.11
N LYS A 85 -3.37 14.32 -2.39
CA LYS A 85 -2.50 13.47 -1.59
C LYS A 85 -1.04 13.92 -1.70
N TYR A 86 -0.64 14.38 -2.89
CA TYR A 86 0.69 14.97 -3.05
C TYR A 86 0.82 16.28 -2.28
N LYS A 87 -0.15 17.19 -2.48
CA LYS A 87 -0.09 18.49 -1.84
C LYS A 87 -0.07 18.38 -0.32
N ASN A 88 -0.88 17.47 0.24
CA ASN A 88 -0.91 17.27 1.69
C ASN A 88 0.35 16.58 2.21
N ALA A 89 0.88 15.62 1.44
CA ALA A 89 2.09 14.93 1.86
C ALA A 89 3.24 15.93 2.04
N VAL A 90 3.41 16.83 1.08
CA VAL A 90 4.43 17.87 1.22
C VAL A 90 4.10 18.77 2.41
N THR A 91 2.84 19.13 2.57
CA THR A 91 2.44 19.95 3.70
C THR A 91 2.69 19.23 5.01
N GLU A 92 2.51 17.90 5.02
CA GLU A 92 2.85 17.12 6.20
C GLU A 92 4.33 17.24 6.54
N LEU A 93 5.20 17.04 5.54
CA LEU A 93 6.64 17.14 5.79
C LEU A 93 7.06 18.57 6.03
N GLN A 94 6.39 19.54 5.38
CA GLN A 94 6.67 20.94 5.63
C GLN A 94 6.47 21.27 7.10
N LEU A 95 5.50 20.63 7.74
CA LEU A 95 5.32 20.77 9.18
C LEU A 95 6.40 20.04 9.96
N LEU A 96 6.99 19.00 9.37
CA LEU A 96 7.91 18.16 10.13
C LEU A 96 9.15 18.94 10.57
N MET A 97 9.59 19.91 9.76
CA MET A 97 10.78 20.70 10.09
C MET A 97 10.58 21.77 11.15
N GLN A 98 9.59 21.62 12.02
CA GLN A 98 9.37 22.57 13.11
C GLN A 98 8.96 21.86 14.39
N PHE A 137 23.93 -9.99 29.67
CA PHE A 137 23.76 -10.07 31.11
C PHE A 137 24.41 -8.85 31.76
N LEU A 138 25.63 -8.56 31.34
CA LEU A 138 26.43 -7.47 31.87
C LEU A 138 26.39 -6.23 31.00
N GLY A 139 25.29 -6.02 30.27
CA GLY A 139 25.15 -4.89 29.38
C GLY A 139 25.27 -3.53 30.05
N PHE A 140 25.05 -3.48 31.37
CA PHE A 140 25.09 -2.22 32.11
C PHE A 140 26.47 -1.59 32.12
N LEU A 141 27.53 -2.31 31.73
CA LEU A 141 28.86 -1.73 31.68
C LEU A 141 29.15 -1.03 30.36
N LEU A 142 28.27 -1.14 29.37
CA LEU A 142 28.56 -0.59 28.06
C LEU A 142 28.53 0.94 28.09
N GLY A 143 29.08 1.53 27.02
CA GLY A 143 29.01 2.96 26.86
C GLY A 143 27.66 3.40 26.33
N VAL A 144 27.47 4.72 26.27
CA VAL A 144 26.21 5.32 25.85
C VAL A 144 26.53 6.43 24.86
N GLY A 145 26.19 6.23 23.60
CA GLY A 145 26.41 7.21 22.57
C GLY A 145 25.21 7.38 21.68
N SER A 146 25.13 8.56 21.06
CA SER A 146 24.05 8.87 20.13
C SER A 146 24.45 8.35 18.75
N ALA A 147 23.80 7.26 18.34
CA ALA A 147 24.20 6.60 17.10
C ALA A 147 23.98 7.49 15.89
N ILE A 148 22.89 8.27 15.88
CA ILE A 148 22.52 9.04 14.70
C ILE A 148 23.10 10.43 14.76
N ALA A 149 24.07 10.66 15.65
CA ALA A 149 24.70 11.96 15.74
C ALA A 149 25.34 12.36 14.41
N SER A 150 25.89 11.38 13.68
CA SER A 150 26.52 11.67 12.40
C SER A 150 25.50 12.18 11.38
N GLY A 151 24.41 11.43 11.19
CA GLY A 151 23.38 11.88 10.26
C GLY A 151 22.75 13.19 10.68
N VAL A 152 22.57 13.39 11.99
CA VAL A 152 21.97 14.62 12.49
C VAL A 152 22.81 15.82 12.08
N ALA A 153 24.12 15.76 12.36
CA ALA A 153 25.01 16.86 12.02
C ALA A 153 24.98 17.18 10.54
N VAL A 154 24.83 16.15 9.70
CA VAL A 154 24.76 16.39 8.26
C VAL A 154 23.48 17.13 7.90
N SER A 155 22.33 16.61 8.33
CA SER A 155 21.06 17.26 8.02
C SER A 155 21.05 18.71 8.49
N LYS A 156 21.76 19.02 9.58
CA LYS A 156 21.88 20.40 10.01
C LYS A 156 22.69 21.21 9.00
N VAL A 157 23.72 20.60 8.41
CA VAL A 157 24.51 21.30 7.40
C VAL A 157 23.65 21.65 6.19
N LEU A 158 22.65 20.80 5.87
CA LEU A 158 21.75 21.11 4.76
C LEU A 158 20.93 22.37 5.00
N HIS A 159 20.58 22.65 6.26
CA HIS A 159 19.84 23.88 6.55
C HIS A 159 20.63 25.14 6.19
N LEU A 160 21.95 25.02 6.04
CA LEU A 160 22.78 26.17 5.70
C LEU A 160 22.41 26.74 4.33
N GLU A 161 22.34 28.07 4.25
CA GLU A 161 21.99 28.72 3.01
C GLU A 161 23.05 28.45 1.95
N GLY A 162 22.61 28.28 0.72
CA GLY A 162 23.50 28.02 -0.40
C GLY A 162 23.86 26.56 -0.58
N GLU A 163 23.85 25.77 0.51
CA GLU A 163 24.16 24.35 0.40
C GLU A 163 23.13 23.63 -0.46
N VAL A 164 21.85 23.95 -0.27
CA VAL A 164 20.80 23.33 -1.05
C VAL A 164 20.96 23.63 -2.54
N ASN A 165 21.35 24.86 -2.87
CA ASN A 165 21.40 25.26 -4.28
C ASN A 165 22.51 24.52 -5.02
N LYS A 166 23.71 24.47 -4.44
CA LYS A 166 24.81 23.75 -5.08
C LYS A 166 24.49 22.27 -5.29
N ILE A 167 23.62 21.70 -4.45
CA ILE A 167 23.18 20.32 -4.66
C ILE A 167 22.35 20.21 -5.93
N LYS A 168 21.27 21.00 -6.01
CA LYS A 168 20.39 20.96 -7.17
C LYS A 168 21.17 21.12 -8.47
N SER A 169 22.22 21.94 -8.46
CA SER A 169 23.10 22.09 -9.63
C SER A 169 23.92 20.82 -9.92
N ALA A 170 24.60 20.27 -8.90
CA ALA A 170 25.54 19.18 -9.13
C ALA A 170 24.87 17.98 -9.79
N LEU A 171 23.61 17.69 -9.45
CA LEU A 171 22.90 16.55 -10.01
C LEU A 171 21.76 16.99 -10.93
N LEU A 172 21.91 18.15 -11.58
CA LEU A 172 20.91 18.61 -12.54
C LEU A 172 20.93 17.76 -13.79
N SER A 173 22.13 17.55 -14.36
CA SER A 173 22.26 16.75 -15.57
C SER A 173 22.22 15.27 -15.24
N THR A 174 23.08 14.83 -14.33
CA THR A 174 23.19 13.42 -13.96
C THR A 174 22.53 13.19 -12.60
N ASN A 175 22.48 11.94 -12.17
CA ASN A 175 21.94 11.65 -10.84
C ASN A 175 23.03 11.53 -9.79
N LYS A 176 23.63 10.35 -9.66
CA LYS A 176 24.64 10.15 -8.64
C LYS A 176 25.86 11.02 -8.93
N ALA A 177 26.29 11.79 -7.93
CA ALA A 177 27.45 12.67 -8.04
C ALA A 177 27.94 13.00 -6.63
N VAL A 178 29.24 13.31 -6.54
CA VAL A 178 29.87 13.66 -5.27
C VAL A 178 29.85 15.18 -5.11
N VAL A 179 29.46 15.65 -3.93
CA VAL A 179 29.34 17.07 -3.65
C VAL A 179 30.17 17.41 -2.41
N SER A 180 30.94 18.48 -2.49
CA SER A 180 31.69 19.00 -1.36
C SER A 180 30.86 20.06 -0.63
N LEU A 181 30.66 19.85 0.66
CA LEU A 181 29.80 20.69 1.48
C LEU A 181 30.55 21.92 1.96
N SER A 182 29.82 22.82 2.62
CA SER A 182 30.43 24.05 3.13
C SER A 182 31.50 23.75 4.17
N ASN A 183 31.32 22.69 4.95
CA ASN A 183 32.32 22.35 5.96
C ASN A 183 33.59 21.80 5.33
N GLY A 184 33.48 21.17 4.17
CA GLY A 184 34.62 20.61 3.47
C GLY A 184 34.66 19.10 3.37
N VAL A 185 33.53 18.41 3.57
CA VAL A 185 33.48 16.96 3.47
C VAL A 185 32.71 16.57 2.23
N SER A 186 33.13 15.46 1.62
CA SER A 186 32.50 14.92 0.43
C SER A 186 31.53 13.81 0.80
N VAL A 187 30.29 13.94 0.33
CA VAL A 187 29.23 12.98 0.60
C VAL A 187 28.60 12.59 -0.73
N LEU A 188 28.06 11.37 -0.77
CA LEU A 188 27.50 10.81 -1.99
C LEU A 188 26.00 11.14 -2.06
N THR A 189 25.56 11.69 -3.19
CA THR A 189 24.20 12.15 -3.38
C THR A 189 23.61 11.52 -4.63
N SER A 190 22.28 11.39 -4.66
CA SER A 190 21.59 10.76 -5.77
C SER A 190 20.16 11.28 -5.84
N LYS A 191 19.67 11.48 -7.07
CA LYS A 191 18.28 11.82 -7.31
C LYS A 191 17.47 10.56 -7.56
N VAL A 192 16.33 10.43 -6.89
CA VAL A 192 15.53 9.21 -6.95
C VAL A 192 14.19 9.39 -7.63
N LEU A 193 13.59 10.58 -7.62
CA LEU A 193 12.30 10.72 -8.26
C LEU A 193 12.07 12.17 -8.67
N ASP A 194 11.53 12.34 -9.88
CA ASP A 194 11.25 13.65 -10.45
C ASP A 194 9.73 13.79 -10.59
N LEU A 195 9.11 14.37 -9.59
CA LEU A 195 7.70 14.71 -9.70
C LEU A 195 7.52 16.13 -10.21
N LYS A 196 8.49 17.00 -9.92
CA LYS A 196 8.47 18.36 -10.43
C LYS A 196 8.33 18.37 -11.95
N ASN A 197 9.14 17.55 -12.62
CA ASN A 197 9.10 17.54 -14.08
C ASN A 197 7.76 17.02 -14.60
N TYR A 198 7.23 15.96 -14.01
CA TYR A 198 5.96 15.41 -14.51
C TYR A 198 4.80 16.34 -14.22
N ILE A 199 4.68 16.81 -12.97
CA ILE A 199 3.53 17.61 -12.58
C ILE A 199 3.54 18.95 -13.31
N ASP A 200 4.66 19.68 -13.22
CA ASP A 200 4.71 21.03 -13.77
C ASP A 200 4.69 21.05 -15.30
N LYS A 201 5.23 20.02 -15.94
CA LYS A 201 5.30 20.01 -17.41
C LYS A 201 4.11 19.32 -18.06
N GLN A 202 3.38 18.47 -17.33
CA GLN A 202 2.30 17.70 -17.92
C GLN A 202 0.94 17.94 -17.29
N LEU A 203 0.88 18.52 -16.09
CA LEU A 203 -0.40 18.63 -15.40
C LEU A 203 -0.71 20.07 -15.02
N LEU A 204 0.27 20.74 -14.41
CA LEU A 204 0.08 22.12 -13.95
C LEU A 204 -0.44 23.05 -15.04
N PRO A 205 0.05 23.02 -16.29
CA PRO A 205 -0.55 23.89 -17.32
C PRO A 205 -2.01 23.56 -17.59
N ILE A 206 -2.41 22.29 -17.47
CA ILE A 206 -3.80 21.92 -17.67
C ILE A 206 -4.67 22.43 -16.53
N VAL A 207 -4.25 22.16 -15.30
CA VAL A 207 -5.06 22.48 -14.14
C VAL A 207 -5.14 24.00 -13.95
N ASN A 208 -4.12 24.74 -14.39
CA ASN A 208 -4.14 26.19 -14.31
C ASN A 208 -5.31 26.82 -15.06
N LYS A 209 -5.99 26.08 -15.92
CA LYS A 209 -7.06 26.62 -16.74
C LYS A 209 -8.44 26.29 -16.19
N GLN A 210 -9.43 27.04 -16.66
CA GLN A 210 -10.80 26.91 -16.17
C GLN A 210 -11.34 25.51 -16.44
N SER A 211 -11.48 25.15 -17.72
CA SER A 211 -12.00 23.85 -18.12
C SER A 211 -10.84 22.96 -18.55
N CYS A 212 -10.67 21.84 -17.85
CA CYS A 212 -9.60 20.89 -18.10
C CYS A 212 -10.20 19.54 -18.49
N SER A 213 -9.44 18.77 -19.28
CA SER A 213 -9.90 17.49 -19.78
C SER A 213 -8.83 16.42 -19.61
N ILE A 214 -9.26 15.22 -19.24
CA ILE A 214 -8.39 14.05 -19.15
C ILE A 214 -8.94 13.00 -20.11
N PRO A 215 -8.19 12.58 -21.12
CA PRO A 215 -8.70 11.58 -22.06
C PRO A 215 -8.38 10.15 -21.66
N ASN A 216 -7.19 9.67 -21.98
CA ASN A 216 -6.83 8.30 -21.61
C ASN A 216 -6.73 8.19 -20.10
N ILE A 217 -7.47 7.24 -19.53
CA ILE A 217 -7.48 7.06 -18.08
C ILE A 217 -6.16 6.46 -17.61
N GLU A 218 -5.43 5.81 -18.52
CA GLU A 218 -4.10 5.30 -18.19
C GLU A 218 -3.21 6.40 -17.62
N THR A 219 -3.42 7.64 -18.08
CA THR A 219 -2.70 8.78 -17.51
C THR A 219 -2.87 8.84 -15.99
N VAL A 220 -4.08 8.59 -15.51
CA VAL A 220 -4.34 8.66 -14.07
C VAL A 220 -3.55 7.58 -13.34
N ILE A 221 -3.53 6.35 -13.87
CA ILE A 221 -2.85 5.26 -13.19
C ILE A 221 -1.36 5.52 -13.11
N GLU A 222 -0.75 5.98 -14.21
CA GLU A 222 0.68 6.27 -14.20
C GLU A 222 1.01 7.32 -13.13
N PHE A 223 0.11 8.28 -12.91
CA PHE A 223 0.31 9.24 -11.82
C PHE A 223 0.20 8.56 -10.47
N GLN A 224 -0.76 7.64 -10.31
CA GLN A 224 -0.88 6.90 -9.06
C GLN A 224 0.39 6.12 -8.75
N GLN A 225 0.98 5.53 -9.78
CA GLN A 225 2.21 4.75 -9.59
C GLN A 225 3.36 5.63 -9.11
N LYS A 226 3.61 6.74 -9.81
CA LYS A 226 4.73 7.61 -9.45
C LYS A 226 4.53 8.24 -8.07
N ASN A 227 3.30 8.63 -7.75
CA ASN A 227 3.00 9.33 -6.52
C ASN A 227 2.93 8.41 -5.31
N ASN A 228 2.72 7.11 -5.52
CA ASN A 228 2.53 6.20 -4.40
C ASN A 228 3.79 6.11 -3.55
N ARG A 229 4.97 6.08 -4.19
CA ARG A 229 6.21 6.00 -3.42
C ARG A 229 6.36 7.17 -2.48
N LEU A 230 5.95 8.37 -2.91
CA LEU A 230 6.06 9.53 -2.04
C LEU A 230 5.16 9.40 -0.82
N LEU A 231 3.95 8.90 -1.01
CA LEU A 231 2.99 8.83 0.08
C LEU A 231 3.45 7.85 1.16
N GLU A 232 4.01 6.71 0.76
CA GLU A 232 4.49 5.73 1.74
C GLU A 232 5.74 6.20 2.47
N ILE A 233 6.61 6.95 1.81
CA ILE A 233 7.77 7.50 2.51
C ILE A 233 7.33 8.54 3.53
N THR A 234 6.40 9.42 3.15
CA THR A 234 5.85 10.39 4.08
C THR A 234 5.21 9.71 5.29
N ARG A 235 4.46 8.63 5.07
CA ARG A 235 3.82 7.94 6.19
C ARG A 235 4.84 7.34 7.15
N GLU A 236 5.93 6.77 6.62
CA GLU A 236 6.96 6.21 7.49
C GLU A 236 7.55 7.26 8.42
N PHE A 237 7.80 8.46 7.90
CA PHE A 237 8.44 9.49 8.72
C PHE A 237 7.49 10.01 9.78
N SER A 238 6.19 10.09 9.48
CA SER A 238 5.24 10.67 10.42
C SER A 238 5.03 9.81 11.65
N VAL A 239 5.39 8.53 11.60
CA VAL A 239 5.26 7.65 12.75
C VAL A 239 6.59 7.38 13.42
N ASN A 240 7.68 7.89 12.86
CA ASN A 240 9.02 7.70 13.44
C ASN A 240 9.73 9.02 13.68
N ALA A 241 9.04 10.15 13.53
CA ALA A 241 9.60 11.48 13.80
C ALA A 241 10.88 11.71 13.00
N GLY A 242 10.92 11.17 11.77
CA GLY A 242 12.05 11.36 10.90
C GLY A 242 13.23 10.45 11.15
N VAL A 243 13.10 9.47 12.04
CA VAL A 243 14.18 8.52 12.34
C VAL A 243 13.58 7.12 12.24
N THR A 244 13.85 6.44 11.12
CA THR A 244 13.36 5.09 10.89
C THR A 244 14.52 4.11 10.82
N THR A 245 14.30 2.90 11.34
CA THR A 245 15.26 1.80 11.20
C THR A 245 14.51 0.50 11.38
N PRO A 246 14.75 -0.53 10.54
CA PRO A 246 15.64 -0.50 9.36
C PRO A 246 15.17 0.38 8.20
N VAL A 247 15.97 0.42 7.14
CA VAL A 247 15.67 1.22 5.97
C VAL A 247 14.82 0.39 5.02
N SER A 248 13.62 0.88 4.72
CA SER A 248 12.66 0.14 3.93
C SER A 248 13.00 0.24 2.44
N THR A 249 12.37 -0.64 1.66
CA THR A 249 12.45 -0.54 0.21
C THR A 249 11.74 0.71 -0.30
N TYR A 250 10.79 1.25 0.46
CA TYR A 250 10.22 2.55 0.13
C TYR A 250 11.27 3.64 0.19
N MET A 251 12.10 3.62 1.23
CA MET A 251 13.14 4.63 1.36
C MET A 251 14.20 4.49 0.27
N LEU A 252 14.54 3.26 -0.11
CA LEU A 252 15.64 3.05 -1.05
C LEU A 252 15.54 1.64 -1.60
N THR A 253 15.32 1.53 -2.92
CA THR A 253 15.30 0.22 -3.54
C THR A 253 16.69 -0.41 -3.55
N ASN A 254 16.71 -1.72 -3.71
CA ASN A 254 17.97 -2.45 -3.73
C ASN A 254 18.85 -2.00 -4.90
N SER A 255 18.23 -1.74 -6.05
CA SER A 255 18.98 -1.20 -7.18
C SER A 255 19.69 0.11 -6.81
N GLU A 256 18.99 0.97 -6.05
CA GLU A 256 19.58 2.23 -5.62
C GLU A 256 20.69 2.03 -4.60
N LEU A 257 20.49 1.13 -3.63
CA LEU A 257 21.46 0.94 -2.56
C LEU A 257 22.79 0.40 -3.10
N LEU A 258 22.73 -0.57 -4.02
CA LEU A 258 23.96 -1.09 -4.60
C LEU A 258 24.70 -0.05 -5.44
N SER A 259 23.97 0.84 -6.10
CA SER A 259 24.64 1.97 -6.76
C SER A 259 25.40 2.80 -5.74
N LEU A 260 24.89 2.87 -4.50
CA LEU A 260 25.63 3.55 -3.45
C LEU A 260 26.82 2.70 -2.98
N ILE A 261 26.57 1.43 -2.64
CA ILE A 261 27.63 0.59 -2.10
C ILE A 261 28.78 0.46 -3.11
N ASN A 262 28.45 0.34 -4.39
CA ASN A 262 29.50 0.27 -5.41
C ASN A 262 30.27 1.58 -5.50
N ASP A 263 29.58 2.71 -5.33
CA ASP A 263 30.20 4.02 -5.41
C ASP A 263 30.69 4.52 -4.04
N MET A 264 30.45 3.77 -2.97
CA MET A 264 30.88 4.18 -1.65
C MET A 264 32.40 4.13 -1.52
N PRO A 265 32.96 5.01 -0.73
CA PRO A 265 34.43 4.97 -0.46
C PRO A 265 34.77 3.88 0.55
N ILE A 266 34.63 2.62 0.13
CA ILE A 266 34.93 1.48 0.98
C ILE A 266 35.81 0.52 0.20
N THR A 267 36.38 -0.44 0.92
CA THR A 267 37.28 -1.41 0.33
C THR A 267 36.48 -2.44 -0.48
N ASN A 268 37.18 -3.10 -1.41
CA ASN A 268 36.52 -4.10 -2.25
C ASN A 268 35.90 -5.20 -1.41
N ASP A 269 36.60 -5.63 -0.35
CA ASP A 269 36.03 -6.64 0.53
C ASP A 269 34.78 -6.12 1.21
N GLN A 270 34.79 -4.85 1.62
CA GLN A 270 33.59 -4.27 2.22
C GLN A 270 32.44 -4.25 1.22
N LYS A 271 32.73 -3.94 -0.04
CA LYS A 271 31.70 -3.94 -1.07
C LYS A 271 31.05 -5.31 -1.17
N LYS A 272 31.87 -6.35 -1.32
CA LYS A 272 31.34 -7.72 -1.45
C LYS A 272 30.62 -8.15 -0.17
N LEU A 273 31.10 -7.71 0.99
CA LEU A 273 30.45 -8.08 2.24
C LEU A 273 29.04 -7.49 2.30
N MET A 274 28.93 -6.18 2.12
CA MET A 274 27.63 -5.53 2.16
C MET A 274 26.70 -6.07 1.08
N SER A 275 27.22 -6.31 -0.12
CA SER A 275 26.35 -6.68 -1.24
C SER A 275 25.70 -8.04 -1.02
N ASN A 276 26.43 -9.00 -0.47
CA ASN A 276 25.86 -10.33 -0.27
C ASN A 276 24.92 -10.39 0.93
N ASN A 277 24.92 -9.36 1.76
CA ASN A 277 24.09 -9.30 2.96
C ASN A 277 23.49 -7.90 3.11
N VAL A 278 22.79 -7.43 2.06
CA VAL A 278 22.26 -6.06 2.09
C VAL A 278 21.17 -5.93 3.14
N GLN A 279 20.39 -6.99 3.38
CA GLN A 279 19.27 -6.92 4.31
C GLN A 279 19.75 -6.67 5.73
N ILE A 280 20.98 -7.05 6.04
CA ILE A 280 21.58 -6.73 7.34
C ILE A 280 21.98 -5.27 7.38
N VAL A 281 22.56 -4.77 6.29
CA VAL A 281 22.91 -3.35 6.22
C VAL A 281 21.68 -2.49 6.46
N ARG A 282 20.53 -2.90 5.90
CA ARG A 282 19.29 -2.19 6.13
C ARG A 282 18.98 -2.09 7.61
N GLN A 283 19.18 -3.18 8.35
CA GLN A 283 18.82 -3.21 9.76
C GLN A 283 19.75 -2.36 10.61
N GLN A 284 21.00 -2.18 10.17
CA GLN A 284 21.97 -1.36 10.89
C GLN A 284 22.08 0.05 10.31
N SER A 285 21.06 0.49 9.58
CA SER A 285 21.05 1.81 8.97
C SER A 285 19.88 2.62 9.50
N TYR A 286 20.04 3.94 9.49
CA TYR A 286 19.00 4.88 9.87
C TYR A 286 18.69 5.77 8.68
N SER A 287 17.41 6.11 8.52
CA SER A 287 16.99 7.05 7.49
C SER A 287 16.51 8.31 8.21
N ILE A 288 17.27 9.39 8.10
CA ILE A 288 16.99 10.61 8.82
C ILE A 288 16.43 11.65 7.85
N MET A 289 15.24 12.14 8.14
CA MET A 289 14.65 13.23 7.37
C MET A 289 15.40 14.53 7.66
N SER A 290 15.74 15.26 6.60
CA SER A 290 16.60 16.44 6.75
C SER A 290 15.83 17.75 6.58
N ILE A 291 15.59 18.16 5.34
CA ILE A 291 14.90 19.41 5.04
C ILE A 291 13.97 19.19 3.85
N ILE A 292 13.19 20.22 3.54
CA ILE A 292 12.38 20.24 2.33
C ILE A 292 12.06 21.68 1.93
N LYS A 293 12.80 22.20 0.94
CA LYS A 293 12.64 23.58 0.49
C LYS A 293 13.10 23.69 -0.96
N GLU A 294 12.84 24.84 -1.57
CA GLU A 294 13.27 25.18 -2.93
C GLU A 294 12.90 24.09 -3.94
N GLU A 295 11.65 23.64 -3.87
CA GLU A 295 11.12 22.62 -4.79
C GLU A 295 11.98 21.37 -4.80
N VAL A 296 12.53 21.00 -3.65
CA VAL A 296 13.34 19.79 -3.49
C VAL A 296 13.06 19.20 -2.11
N LEU A 297 12.97 17.87 -2.05
CA LEU A 297 12.91 17.15 -0.79
C LEU A 297 14.18 16.35 -0.62
N ALA A 298 14.78 16.42 0.56
CA ALA A 298 16.01 15.70 0.83
C ALA A 298 15.97 15.06 2.20
N TYR A 299 16.57 13.88 2.30
CA TYR A 299 16.75 13.22 3.58
C TYR A 299 18.04 12.41 3.55
N VAL A 300 18.74 12.40 4.67
CA VAL A 300 20.05 11.75 4.77
C VAL A 300 19.86 10.31 5.23
N VAL A 301 20.69 9.41 4.72
CA VAL A 301 20.67 8.00 5.08
C VAL A 301 22.00 7.64 5.71
N GLN A 302 21.96 7.15 6.95
CA GLN A 302 23.15 6.76 7.69
C GLN A 302 23.41 5.28 7.45
N LEU A 303 24.56 4.96 6.87
CA LEU A 303 24.93 3.61 6.49
C LEU A 303 26.05 3.08 7.36
N PRO A 304 25.99 1.82 7.78
CA PRO A 304 27.11 1.24 8.53
C PRO A 304 28.23 0.88 7.57
N LEU A 305 29.47 1.16 7.99
CA LEU A 305 30.64 0.72 7.25
C LEU A 305 31.50 -0.12 8.18
N TYR A 306 31.89 -1.29 7.70
CA TYR A 306 32.46 -2.34 8.54
C TYR A 306 33.99 -2.27 8.43
N GLY A 307 34.61 -1.60 9.41
CA GLY A 307 36.06 -1.47 9.41
C GLY A 307 36.80 -2.72 9.83
N VAL A 308 36.10 -3.65 10.49
CA VAL A 308 36.70 -4.88 10.97
C VAL A 308 35.91 -6.03 10.37
N ILE A 309 36.59 -6.90 9.63
CA ILE A 309 35.95 -7.97 8.87
C ILE A 309 36.79 -9.24 8.98
N ASP A 310 36.11 -10.37 9.13
CA ASP A 310 36.70 -11.71 9.05
C ASP A 310 37.65 -12.02 10.21
N THR A 311 37.59 -11.29 11.31
CA THR A 311 38.35 -11.78 12.45
C THR A 311 37.57 -12.91 13.12
N PRO A 312 38.27 -13.88 13.73
CA PRO A 312 37.56 -15.00 14.37
C PRO A 312 36.67 -14.52 15.50
N CYS A 313 35.39 -14.84 15.41
CA CYS A 313 34.42 -14.53 16.43
C CYS A 313 34.00 -15.82 17.14
N TRP A 314 33.57 -15.69 18.39
CA TRP A 314 33.07 -16.84 19.13
C TRP A 314 31.97 -16.41 20.09
N LYS A 315 30.98 -17.29 20.27
CA LYS A 315 29.83 -17.02 21.12
C LYS A 315 29.85 -17.89 22.36
N LEU A 316 29.59 -17.28 23.51
CA LEU A 316 29.67 -17.95 24.81
C LEU A 316 28.28 -18.14 25.39
N HIS A 317 27.90 -19.38 25.64
CA HIS A 317 26.64 -19.70 26.30
C HIS A 317 26.95 -20.09 27.75
N THR A 318 26.17 -19.54 28.69
CA THR A 318 26.34 -19.86 30.10
C THR A 318 25.00 -20.24 30.73
N SER A 319 25.09 -20.99 31.82
CA SER A 319 23.95 -21.49 32.56
C SER A 319 24.37 -21.69 34.01
N PRO A 320 23.42 -21.74 34.95
CA PRO A 320 23.80 -21.84 36.36
C PRO A 320 24.39 -23.19 36.72
N LEU A 321 25.34 -23.17 37.65
CA LEU A 321 25.99 -24.37 38.16
C LEU A 321 25.79 -24.41 39.67
N CYS A 322 25.14 -25.47 40.16
CA CYS A 322 24.76 -25.58 41.55
C CYS A 322 25.18 -26.94 42.11
N THR A 323 25.06 -27.06 43.43
CA THR A 323 25.28 -28.31 44.12
C THR A 323 24.03 -29.18 43.97
N THR A 324 24.10 -30.42 44.48
CA THR A 324 23.04 -31.39 44.27
C THR A 324 22.61 -32.03 45.57
N ASN A 325 22.46 -31.24 46.64
CA ASN A 325 21.93 -31.77 47.87
C ASN A 325 20.43 -32.02 47.74
N THR A 326 19.94 -33.01 48.50
CA THR A 326 18.52 -33.32 48.50
C THR A 326 17.71 -32.23 49.21
N LYS A 327 18.23 -31.70 50.32
CA LYS A 327 17.51 -30.70 51.11
C LYS A 327 17.41 -29.38 50.35
N GLU A 328 16.18 -28.90 50.20
CA GLU A 328 15.94 -27.66 49.49
C GLU A 328 16.52 -26.48 50.25
N GLY A 329 16.97 -25.46 49.51
CA GLY A 329 17.60 -24.30 50.09
C GLY A 329 18.98 -24.53 50.66
N SER A 330 19.45 -25.78 50.75
CA SER A 330 20.79 -26.06 51.23
C SER A 330 21.81 -26.00 50.11
N ASN A 331 21.36 -25.86 48.87
CA ASN A 331 22.24 -25.80 47.72
C ASN A 331 22.80 -24.39 47.54
N ILE A 332 23.99 -24.32 46.95
CA ILE A 332 24.62 -23.07 46.60
C ILE A 332 24.93 -23.07 45.11
N CYS A 333 24.80 -21.91 44.48
CA CYS A 333 24.87 -21.81 43.04
C CYS A 333 25.92 -20.81 42.60
N LEU A 334 26.40 -21.01 41.39
CA LEU A 334 27.39 -20.14 40.76
C LEU A 334 27.12 -20.13 39.27
N THR A 335 27.13 -18.94 38.66
CA THR A 335 26.79 -18.81 37.26
C THR A 335 27.78 -17.87 36.58
N ARG A 336 28.34 -18.30 35.45
CA ARG A 336 29.19 -17.42 34.66
C ARG A 336 28.34 -16.35 33.98
N THR A 337 28.72 -15.08 34.16
CA THR A 337 27.91 -13.97 33.71
C THR A 337 28.36 -13.36 32.39
N ASP A 338 29.55 -13.71 31.90
CA ASP A 338 30.13 -13.04 30.75
C ASP A 338 29.64 -13.56 29.41
N ARG A 339 28.41 -14.07 29.35
CA ARG A 339 27.89 -14.58 28.08
C ARG A 339 27.65 -13.45 27.09
N GLY A 340 27.77 -13.79 25.80
CA GLY A 340 27.63 -12.86 24.69
C GLY A 340 28.63 -13.18 23.60
N TRP A 341 28.83 -12.20 22.72
CA TRP A 341 29.68 -12.34 21.54
C TRP A 341 31.07 -11.76 21.78
N TYR A 342 32.09 -12.47 21.26
CA TYR A 342 33.47 -12.04 21.32
C TYR A 342 34.08 -12.11 19.93
N CYS A 343 34.84 -11.08 19.55
CA CYS A 343 35.52 -11.07 18.26
C CYS A 343 36.90 -10.47 18.42
N ASP A 344 37.89 -11.10 17.80
CA ASP A 344 39.23 -10.55 17.80
C ASP A 344 39.23 -9.19 17.12
N ASN A 345 40.12 -8.31 17.57
CA ASN A 345 40.15 -6.94 17.09
C ASN A 345 41.44 -6.24 17.53
N ALA A 346 42.42 -6.16 16.63
CA ALA A 346 43.65 -5.43 16.86
C ALA A 346 44.37 -5.92 18.12
N GLY A 347 44.59 -7.23 18.18
CA GLY A 347 45.20 -7.84 19.35
C GLY A 347 44.38 -7.77 20.62
N SER A 348 43.31 -6.99 20.62
CA SER A 348 42.35 -6.92 21.71
C SER A 348 41.13 -7.74 21.32
N VAL A 349 40.08 -7.67 22.14
CA VAL A 349 38.85 -8.42 21.90
C VAL A 349 37.67 -7.49 22.09
N SER A 350 36.86 -7.31 21.05
CA SER A 350 35.62 -6.58 21.19
C SER A 350 34.55 -7.52 21.72
N PHE A 351 33.89 -7.11 22.79
CA PHE A 351 32.91 -7.93 23.49
C PHE A 351 31.53 -7.29 23.42
N PHE A 352 30.52 -8.12 23.18
CA PHE A 352 29.15 -7.65 23.01
C PHE A 352 28.27 -8.41 23.98
N PRO A 353 27.90 -7.81 25.13
CA PRO A 353 27.12 -8.56 26.12
C PRO A 353 25.70 -8.84 25.69
N GLN A 354 25.12 -8.00 24.84
CA GLN A 354 23.76 -8.17 24.35
C GLN A 354 23.87 -8.73 22.93
N ALA A 355 23.82 -10.07 22.82
CA ALA A 355 23.90 -10.73 21.52
C ALA A 355 22.72 -10.41 20.62
N GLU A 356 21.67 -9.79 21.16
CA GLU A 356 20.53 -9.40 20.35
C GLU A 356 20.87 -8.25 19.42
N THR A 357 21.84 -7.41 19.80
CA THR A 357 22.29 -6.35 18.91
C THR A 357 23.16 -6.88 17.78
N CYS A 358 23.39 -8.20 17.74
CA CYS A 358 24.20 -8.83 16.70
C CYS A 358 23.33 -9.72 15.83
N LYS A 359 23.57 -9.68 14.53
CA LYS A 359 22.85 -10.48 13.55
C LYS A 359 23.81 -11.50 12.95
N VAL A 360 23.28 -12.67 12.63
CA VAL A 360 24.06 -13.76 12.07
C VAL A 360 23.47 -14.12 10.71
N GLN A 361 24.31 -14.06 9.68
CA GLN A 361 23.97 -14.51 8.34
C GLN A 361 24.95 -15.60 7.97
N SER A 362 24.46 -16.83 7.80
CA SER A 362 25.33 -17.99 7.60
C SER A 362 26.32 -18.07 8.76
N ASN A 363 27.62 -18.06 8.46
CA ASN A 363 28.65 -18.07 9.50
C ASN A 363 29.25 -16.69 9.72
N ARG A 364 28.59 -15.64 9.29
CA ARG A 364 29.04 -14.27 9.51
C ARG A 364 28.33 -13.66 10.71
N VAL A 365 29.01 -12.73 11.38
CA VAL A 365 28.51 -12.08 12.58
C VAL A 365 28.55 -10.57 12.34
N PHE A 366 27.40 -9.91 12.47
CA PHE A 366 27.29 -8.46 12.29
C PHE A 366 26.95 -7.84 13.64
N CYS A 367 27.88 -7.07 14.20
CA CYS A 367 27.64 -6.38 15.47
C CYS A 367 27.94 -4.90 15.32
N ASP A 368 27.78 -4.18 16.42
CA ASP A 368 28.03 -2.75 16.47
C ASP A 368 28.99 -2.46 17.61
N THR A 369 30.11 -1.80 17.31
CA THR A 369 31.04 -1.42 18.35
C THR A 369 30.42 -0.44 19.32
N MET A 370 29.34 0.24 18.93
CA MET A 370 28.62 1.11 19.85
C MET A 370 28.25 0.36 21.12
N ASN A 371 27.77 -0.87 20.97
CA ASN A 371 27.43 -1.75 22.09
C ASN A 371 28.53 -2.76 22.36
N SER A 372 29.80 -2.37 22.24
CA SER A 372 30.92 -3.25 22.51
C SER A 372 31.79 -2.70 23.63
N LEU A 373 32.59 -3.59 24.21
CA LEU A 373 33.71 -3.22 25.04
C LEU A 373 34.98 -3.77 24.42
N THR A 374 36.06 -3.00 24.49
CA THR A 374 37.34 -3.43 23.94
C THR A 374 38.17 -3.99 25.08
N LEU A 375 38.32 -5.31 25.10
CA LEU A 375 39.00 -6.02 26.17
C LEU A 375 40.33 -6.57 25.71
N PRO A 376 41.26 -6.80 26.62
CA PRO A 376 42.54 -7.41 26.24
C PRO A 376 42.36 -8.87 25.84
N SER A 377 43.32 -9.37 25.08
CA SER A 377 43.27 -10.74 24.59
C SER A 377 43.26 -11.78 25.70
N GLU A 378 43.77 -11.44 26.89
CA GLU A 378 43.85 -12.40 27.99
C GLU A 378 42.49 -12.74 28.58
N VAL A 379 41.42 -12.05 28.18
CA VAL A 379 40.10 -12.32 28.76
C VAL A 379 39.64 -13.74 28.43
N ASN A 380 40.13 -14.30 27.33
CA ASN A 380 39.67 -15.61 26.87
C ASN A 380 39.96 -16.74 27.85
N LEU A 381 40.87 -16.53 28.81
CA LEU A 381 41.23 -17.61 29.73
C LEU A 381 40.06 -18.09 30.57
N CYS A 382 39.02 -17.26 30.73
CA CYS A 382 37.89 -17.63 31.58
C CYS A 382 37.24 -18.95 31.17
N ASN A 383 37.35 -19.33 29.89
CA ASN A 383 36.77 -20.60 29.46
C ASN A 383 37.67 -21.77 29.83
N VAL A 384 38.98 -21.64 29.62
CA VAL A 384 39.92 -22.73 29.87
C VAL A 384 40.63 -22.62 31.22
N ASP A 385 40.51 -21.48 31.91
CA ASP A 385 41.02 -21.37 33.28
C ASP A 385 40.38 -20.13 33.92
N ILE A 386 39.28 -20.37 34.63
CA ILE A 386 38.58 -19.29 35.32
C ILE A 386 39.39 -18.80 36.52
N PHE A 387 40.37 -19.59 36.98
CA PHE A 387 41.21 -19.23 38.11
C PHE A 387 42.58 -18.68 37.69
N ASN A 388 42.71 -18.19 36.46
CA ASN A 388 43.96 -17.58 36.03
C ASN A 388 44.23 -16.31 36.83
N PRO A 389 45.49 -15.90 36.93
CA PRO A 389 45.82 -14.68 37.69
C PRO A 389 45.76 -13.38 36.89
N LYS A 390 45.45 -13.43 35.59
CA LYS A 390 45.51 -12.24 34.74
C LYS A 390 44.15 -11.61 34.43
N TYR A 391 43.05 -12.37 34.47
CA TYR A 391 41.73 -11.78 34.29
C TYR A 391 40.77 -12.35 35.32
N ASP A 392 40.15 -11.47 36.09
CA ASP A 392 39.16 -11.88 37.09
C ASP A 392 37.84 -12.10 36.38
N CYS A 393 37.44 -13.36 36.23
CA CYS A 393 36.26 -13.71 35.45
C CYS A 393 34.98 -13.41 36.21
N LYS A 394 34.08 -12.66 35.58
CA LYS A 394 32.87 -12.21 36.24
C LYS A 394 31.85 -13.33 36.33
N ILE A 395 31.18 -13.41 37.49
CA ILE A 395 30.16 -14.43 37.78
C ILE A 395 29.13 -13.82 38.72
N MET A 396 28.12 -14.62 39.10
CA MET A 396 27.19 -14.22 40.13
C MET A 396 26.83 -15.45 40.96
N THR A 397 26.41 -15.19 42.19
CA THR A 397 26.11 -16.24 43.15
C THR A 397 24.66 -16.12 43.61
N SER A 398 24.11 -17.26 44.03
CA SER A 398 22.77 -17.29 44.60
C SER A 398 22.55 -18.66 45.24
N LYS A 399 21.50 -18.75 46.03
CA LYS A 399 21.00 -20.02 46.54
C LYS A 399 19.79 -20.47 45.73
N THR A 400 19.73 -20.05 44.47
CA THR A 400 18.60 -20.27 43.59
C THR A 400 18.90 -21.47 42.70
N ASP A 401 18.71 -22.66 43.25
CA ASP A 401 18.97 -23.90 42.53
C ASP A 401 17.72 -24.28 41.72
N VAL A 402 17.47 -23.49 40.68
CA VAL A 402 16.31 -23.66 39.82
C VAL A 402 16.75 -24.26 38.49
N SER A 403 15.94 -25.17 37.96
CA SER A 403 16.27 -25.85 36.71
C SER A 403 15.96 -24.99 35.51
N SER A 404 16.90 -24.98 34.56
CA SER A 404 16.80 -24.17 33.34
C SER A 404 17.71 -24.79 32.29
N SER A 405 17.61 -24.30 31.06
CA SER A 405 18.42 -24.80 29.96
C SER A 405 18.80 -23.68 29.01
N VAL A 406 19.93 -23.86 28.33
CA VAL A 406 20.48 -22.89 27.39
C VAL A 406 20.79 -23.61 26.09
N ILE A 407 20.27 -23.09 25.00
CA ILE A 407 20.52 -23.66 23.68
C ILE A 407 21.75 -22.98 23.09
N THR A 408 22.71 -23.80 22.68
CA THR A 408 23.92 -23.31 22.04
C THR A 408 23.73 -23.29 20.52
N SER A 409 24.82 -23.09 19.79
CA SER A 409 24.75 -23.08 18.33
C SER A 409 24.80 -24.50 17.76
N LEU A 410 25.56 -25.38 18.40
CA LEU A 410 25.69 -26.77 17.97
C LEU A 410 25.15 -27.76 19.00
N GLY A 411 24.41 -27.30 20.00
CA GLY A 411 23.89 -28.19 21.02
C GLY A 411 23.05 -27.49 22.07
N ALA A 412 23.04 -28.04 23.28
CA ALA A 412 22.24 -27.48 24.36
C ALA A 412 22.90 -27.81 25.69
N ILE A 413 22.87 -26.85 26.60
CA ILE A 413 23.29 -27.06 27.98
C ILE A 413 22.04 -27.22 28.83
N VAL A 414 22.14 -28.04 29.87
CA VAL A 414 21.01 -28.33 30.73
C VAL A 414 21.44 -28.16 32.18
N SER A 415 20.71 -27.35 32.93
CA SER A 415 20.89 -27.21 34.37
C SER A 415 19.70 -27.87 35.04
N CYS A 416 19.93 -29.04 35.63
CA CYS A 416 18.87 -29.86 36.21
C CYS A 416 19.15 -30.01 37.70
N TYR A 417 18.30 -29.43 38.54
CA TYR A 417 18.47 -29.48 39.98
C TYR A 417 17.14 -29.80 40.64
N GLY A 418 17.21 -30.28 41.88
CA GLY A 418 15.99 -30.67 42.54
C GLY A 418 15.33 -31.87 41.88
N LYS A 419 14.00 -31.93 41.99
CA LYS A 419 13.21 -33.04 41.49
C LYS A 419 12.77 -32.84 40.04
N THR A 420 13.39 -31.90 39.32
CA THR A 420 12.97 -31.58 37.96
C THR A 420 13.31 -32.70 36.98
N LYS A 421 12.39 -32.94 36.05
CA LYS A 421 12.57 -33.89 34.95
C LYS A 421 13.24 -33.19 33.78
N CYS A 422 14.41 -33.70 33.36
CA CYS A 422 15.18 -33.10 32.27
C CYS A 422 15.61 -34.18 31.30
N THR A 423 15.07 -34.13 30.08
CA THR A 423 15.39 -35.11 29.04
C THR A 423 15.53 -34.41 27.69
N ALA A 424 16.22 -35.10 26.78
CA ALA A 424 16.40 -34.64 25.42
C ALA A 424 15.99 -35.77 24.48
N SER A 425 15.38 -35.42 23.35
CA SER A 425 14.77 -36.41 22.49
C SER A 425 15.11 -36.16 21.04
N ASN A 426 14.88 -37.20 20.23
CA ASN A 426 15.05 -37.16 18.79
C ASN A 426 13.67 -37.11 18.14
N LYS A 427 13.59 -36.43 16.99
CA LYS A 427 12.32 -36.32 16.28
C LYS A 427 11.78 -37.66 15.85
N ASN A 428 12.66 -38.66 15.68
CA ASN A 428 12.25 -39.96 15.18
C ASN A 428 12.09 -40.99 16.29
N ARG A 429 13.02 -41.05 17.23
CA ARG A 429 13.03 -42.11 18.23
C ARG A 429 12.56 -41.65 19.60
N GLY A 430 12.20 -40.37 19.75
CA GLY A 430 11.76 -39.93 21.07
C GLY A 430 12.93 -39.76 22.03
N ILE A 431 12.69 -40.09 23.30
CA ILE A 431 13.70 -39.88 24.33
C ILE A 431 14.94 -40.72 24.05
N ILE A 432 16.11 -40.08 24.11
CA ILE A 432 17.39 -40.72 23.82
C ILE A 432 18.30 -40.67 25.04
N LYS A 433 18.21 -39.60 25.84
CA LYS A 433 19.06 -39.41 27.01
C LYS A 433 18.25 -38.80 28.15
N THR A 434 18.49 -39.30 29.36
CA THR A 434 17.96 -38.74 30.59
C THR A 434 19.13 -38.17 31.39
N PHE A 435 18.99 -36.92 31.83
CA PHE A 435 20.07 -36.22 32.49
C PHE A 435 20.10 -36.51 33.99
N SER A 436 21.31 -36.52 34.54
CA SER A 436 21.49 -36.53 35.99
C SER A 436 21.34 -35.12 36.55
N ASN A 437 21.15 -35.05 37.86
CA ASN A 437 21.12 -33.76 38.53
C ASN A 437 22.49 -33.09 38.44
N GLY A 438 22.49 -31.81 38.06
CA GLY A 438 23.70 -31.06 37.85
C GLY A 438 23.69 -30.44 36.47
N CYS A 439 24.87 -30.05 36.01
CA CYS A 439 25.06 -29.38 34.74
C CYS A 439 25.68 -30.36 33.74
N ASP A 440 24.94 -30.65 32.67
CA ASP A 440 25.35 -31.61 31.65
C ASP A 440 25.22 -30.95 30.29
N TYR A 441 25.49 -31.74 29.25
CA TYR A 441 25.46 -31.21 27.89
C TYR A 441 25.16 -32.34 26.91
N VAL A 442 24.63 -31.96 25.75
CA VAL A 442 24.37 -32.89 24.67
C VAL A 442 24.49 -32.13 23.35
N SER A 443 24.99 -32.80 22.33
CA SER A 443 25.18 -32.20 21.02
C SER A 443 23.93 -32.33 20.18
N ASN A 444 23.81 -31.46 19.17
CA ASN A 444 22.64 -31.47 18.29
C ASN A 444 22.68 -32.59 17.26
N LYS A 445 23.81 -33.26 17.08
CA LYS A 445 23.88 -34.35 16.11
C LYS A 445 22.94 -35.47 16.54
N GLY A 446 21.84 -35.65 15.79
CA GLY A 446 20.86 -36.68 16.07
C GLY A 446 19.90 -36.35 17.19
N VAL A 447 20.01 -35.19 17.82
CA VAL A 447 19.08 -34.76 18.86
C VAL A 447 18.40 -33.49 18.39
N ASP A 448 17.09 -33.41 18.61
CA ASP A 448 16.30 -32.30 18.10
C ASP A 448 15.59 -31.49 19.17
N THR A 449 15.16 -32.11 20.25
CA THR A 449 14.41 -31.42 21.29
C THR A 449 15.11 -31.58 22.63
N VAL A 450 14.67 -30.75 23.57
CA VAL A 450 15.15 -30.75 24.95
C VAL A 450 14.00 -30.34 25.84
N SER A 451 13.77 -31.10 26.91
CA SER A 451 12.65 -30.87 27.81
C SER A 451 13.15 -30.63 29.23
N VAL A 452 12.70 -29.54 29.83
CA VAL A 452 12.98 -29.24 31.23
C VAL A 452 11.62 -29.24 31.92
N GLY A 453 11.28 -30.36 32.53
CA GLY A 453 9.95 -30.52 33.08
C GLY A 453 8.94 -30.52 31.95
N ASN A 454 8.01 -29.56 31.99
CA ASN A 454 7.04 -29.37 30.92
C ASN A 454 7.51 -28.34 29.90
N THR A 455 8.57 -27.60 30.20
CA THR A 455 9.10 -26.62 29.26
C THR A 455 9.95 -27.34 28.22
N LEU A 456 9.74 -26.99 26.96
CA LEU A 456 10.38 -27.67 25.85
C LEU A 456 11.11 -26.67 24.96
N TYR A 457 12.31 -27.06 24.51
CA TYR A 457 13.10 -26.24 23.61
C TYR A 457 13.45 -27.06 22.37
N TYR A 458 13.64 -26.36 21.26
CA TYR A 458 14.20 -26.95 20.06
C TYR A 458 15.67 -26.56 19.94
N VAL A 459 16.41 -27.35 19.19
CA VAL A 459 17.84 -27.14 19.03
C VAL A 459 18.14 -26.77 17.59
N ASN A 460 19.14 -25.91 17.42
CA ASN A 460 19.58 -25.56 16.08
C ASN A 460 20.13 -26.81 15.39
N LYS A 461 19.78 -26.98 14.12
CA LYS A 461 20.23 -28.12 13.35
C LYS A 461 21.35 -27.77 12.38
N GLN A 462 22.20 -26.81 12.76
CA GLN A 462 23.41 -26.56 12.00
C GLN A 462 24.43 -27.66 12.32
N GLU A 463 25.08 -28.18 11.27
CA GLU A 463 26.01 -29.27 11.48
C GLU A 463 27.34 -28.74 12.02
N GLY A 464 28.10 -29.65 12.62
CA GLY A 464 29.34 -29.30 13.26
C GLY A 464 29.65 -30.27 14.39
N LYS A 465 30.91 -30.30 14.77
CA LYS A 465 31.37 -31.23 15.80
C LYS A 465 31.35 -30.54 17.15
N SER A 466 30.80 -31.24 18.15
CA SER A 466 30.74 -30.76 19.51
C SER A 466 31.62 -31.65 20.39
N LEU A 467 32.20 -31.05 21.43
CA LEU A 467 33.13 -31.76 22.30
C LEU A 467 32.78 -31.53 23.76
N TYR A 468 32.62 -32.62 24.50
CA TYR A 468 32.35 -32.57 25.93
C TYR A 468 33.71 -32.65 26.64
N VAL A 469 34.10 -31.56 27.29
CA VAL A 469 35.37 -31.47 27.99
C VAL A 469 35.08 -31.70 29.46
N LYS A 470 35.35 -32.92 29.93
CA LYS A 470 35.05 -33.25 31.31
C LYS A 470 36.03 -32.60 32.27
N GLY A 471 35.54 -32.35 33.48
CA GLY A 471 36.30 -31.74 34.54
C GLY A 471 35.39 -31.56 35.71
N GLU A 472 35.88 -31.67 36.92
CA GLU A 472 35.00 -31.66 38.08
C GLU A 472 34.36 -30.29 38.20
N PRO A 473 33.05 -30.21 38.40
CA PRO A 473 32.38 -28.91 38.53
C PRO A 473 32.99 -28.07 39.64
N ILE A 474 33.31 -26.82 39.30
CA ILE A 474 34.10 -25.99 40.19
C ILE A 474 33.34 -25.62 41.47
N ILE A 475 32.01 -25.69 41.44
CA ILE A 475 31.22 -25.34 42.60
C ILE A 475 31.52 -26.27 43.77
N ASN A 476 32.00 -27.50 43.49
CA ASN A 476 32.30 -28.49 44.52
C ASN A 476 33.50 -28.12 45.38
N PHE A 477 34.26 -27.10 45.01
CA PHE A 477 35.45 -26.69 45.75
C PHE A 477 35.18 -25.58 46.77
N TYR A 478 33.94 -25.14 46.91
CA TYR A 478 33.61 -24.01 47.76
C TYR A 478 32.97 -24.50 49.05
N ASP A 479 33.46 -23.97 50.18
CA ASP A 479 32.90 -24.34 51.47
C ASP A 479 31.56 -23.62 51.63
N PRO A 480 30.44 -24.35 51.70
CA PRO A 480 29.14 -23.69 51.79
C PRO A 480 28.96 -22.88 53.05
N LEU A 481 29.75 -23.14 54.09
CA LEU A 481 29.64 -22.37 55.32
C LEU A 481 30.07 -20.92 55.12
N VAL A 482 30.89 -20.63 54.10
CA VAL A 482 31.44 -19.31 53.89
C VAL A 482 31.15 -18.79 52.48
N PHE A 483 30.33 -19.49 51.74
CA PHE A 483 30.02 -19.06 50.38
C PHE A 483 29.14 -17.81 50.38
N PRO A 484 29.58 -16.70 49.78
CA PRO A 484 28.73 -15.51 49.72
C PRO A 484 27.61 -15.66 48.70
N SER A 485 26.48 -16.20 49.14
CA SER A 485 25.35 -16.49 48.25
C SER A 485 24.46 -15.29 48.01
N ASP A 486 24.90 -14.07 48.34
CA ASP A 486 24.08 -12.88 48.22
C ASP A 486 24.75 -11.83 47.34
N GLU A 487 25.73 -12.23 46.54
CA GLU A 487 26.43 -11.31 45.65
C GLU A 487 25.95 -11.50 44.22
N PHE A 488 25.64 -10.39 43.55
CA PHE A 488 24.98 -10.41 42.26
C PHE A 488 25.85 -9.97 41.10
N ASP A 489 26.82 -9.08 41.32
CA ASP A 489 27.76 -8.65 40.29
C ASP A 489 29.16 -8.78 40.88
N ALA A 490 29.70 -9.99 40.88
CA ALA A 490 30.98 -10.27 41.51
C ALA A 490 31.92 -10.93 40.51
N SER A 491 32.98 -11.53 41.02
CA SER A 491 34.01 -12.17 40.19
C SER A 491 34.83 -13.09 41.08
N ILE A 492 35.73 -13.85 40.44
CA ILE A 492 36.51 -14.87 41.15
C ILE A 492 37.29 -14.27 42.31
N SER A 493 38.16 -13.30 42.03
CA SER A 493 38.94 -12.70 43.11
C SER A 493 38.03 -12.00 44.11
N GLN A 494 36.97 -11.34 43.62
CA GLN A 494 36.05 -10.63 44.49
C GLN A 494 35.35 -11.57 45.46
N VAL A 495 35.03 -12.80 45.02
CA VAL A 495 34.46 -13.77 45.96
C VAL A 495 35.56 -14.44 46.75
N ASN A 496 36.69 -14.72 46.10
CA ASN A 496 37.79 -15.37 46.80
C ASN A 496 38.31 -14.50 47.94
N GLU A 497 38.42 -13.19 47.68
CA GLU A 497 38.81 -12.27 48.75
C GLU A 497 37.68 -12.15 49.78
N LYS A 498 36.42 -12.18 49.33
CA LYS A 498 35.31 -12.11 50.27
C LYS A 498 35.26 -13.37 51.15
N ILE A 499 35.60 -14.53 50.58
CA ILE A 499 35.67 -15.74 51.38
C ILE A 499 36.87 -15.68 52.32
N ASN A 500 38.05 -15.35 51.79
CA ASN A 500 39.26 -15.27 52.61
C ASN A 500 39.12 -14.21 53.71
N GLN A 501 38.47 -13.09 53.40
CA GLN A 501 38.24 -12.08 54.43
C GLN A 501 37.24 -12.56 55.48
N SER A 502 36.15 -13.18 55.03
CA SER A 502 35.16 -13.69 55.99
C SER A 502 35.64 -14.94 56.71
N LEU A 503 36.51 -15.74 56.10
CA LEU A 503 36.96 -16.96 56.77
C LEU A 503 37.92 -16.67 57.92
N ALA A 504 38.75 -15.64 57.78
CA ALA A 504 39.79 -15.39 58.76
C ALA A 504 39.26 -14.95 60.13
N PHE A 505 38.12 -14.27 60.19
CA PHE A 505 37.72 -13.65 61.45
C PHE A 505 37.25 -14.68 62.47
N ILE A 506 36.42 -15.63 62.06
CA ILE A 506 35.97 -16.65 63.02
C ILE A 506 37.16 -17.42 63.57
N ARG A 507 38.22 -17.58 62.77
CA ARG A 507 39.36 -18.38 63.22
C ARG A 507 40.05 -17.72 64.41
N LYS A 508 40.28 -16.42 64.36
CA LYS A 508 40.83 -15.72 65.51
C LYS A 508 39.80 -15.60 66.63
N SER A 509 38.54 -15.36 66.29
CA SER A 509 37.48 -15.22 67.29
C SER A 509 37.31 -16.52 68.09
N ASP A 510 37.40 -17.67 67.44
CA ASP A 510 37.26 -18.94 68.15
C ASP A 510 38.39 -19.18 69.14
N GLU A 511 39.63 -18.86 68.75
CA GLU A 511 40.77 -19.05 69.65
C GLU A 511 40.65 -18.20 70.91
N LEU A 512 40.07 -17.00 70.78
CA LEU A 512 39.87 -16.15 71.96
C LEU A 512 39.00 -16.84 73.00
N LEU A 513 37.98 -17.58 72.55
CA LEU A 513 37.10 -18.31 73.47
C LEU A 513 37.80 -19.36 74.31
N SER A 514 38.98 -19.85 73.88
CA SER A 514 39.60 -20.97 74.59
C SER A 514 40.30 -20.54 75.88
N ALA A 515 40.75 -19.29 75.98
CA ALA A 515 41.48 -18.85 77.16
C ALA A 515 41.46 -17.34 77.29
N ASN B 27 19.38 28.31 23.28
CA ASN B 27 19.70 28.50 24.69
C ASN B 27 19.96 27.18 25.38
N ILE B 28 21.13 26.59 25.14
CA ILE B 28 21.52 25.31 25.72
C ILE B 28 22.84 25.47 26.44
N THR B 29 22.97 24.84 27.61
CA THR B 29 24.21 24.84 28.36
C THR B 29 24.57 23.41 28.72
N GLU B 30 25.77 23.25 29.28
CA GLU B 30 26.19 21.94 29.76
C GLU B 30 27.39 22.13 30.68
N GLU B 31 27.39 21.40 31.80
CA GLU B 31 28.45 21.43 32.80
C GLU B 31 28.94 20.02 33.08
N PHE B 32 30.25 19.86 33.16
CA PHE B 32 30.87 18.58 33.50
C PHE B 32 31.62 18.71 34.81
N TYR B 33 31.36 17.79 35.74
CA TYR B 33 32.02 17.76 37.04
C TYR B 33 33.12 16.72 37.00
N GLN B 34 34.38 17.17 37.07
CA GLN B 34 35.50 16.26 36.93
C GLN B 34 35.54 15.22 38.04
N SER B 35 35.06 15.59 39.23
CA SER B 35 35.20 14.72 40.39
C SER B 35 34.16 13.61 40.43
N THR B 36 32.99 13.80 39.82
CA THR B 36 31.94 12.79 39.83
C THR B 36 31.79 12.07 38.50
N CYS B 37 32.62 12.39 37.51
CA CYS B 37 32.59 11.73 36.20
C CYS B 37 31.18 11.76 35.62
N SER B 38 30.57 12.94 35.66
CA SER B 38 29.20 13.10 35.24
C SER B 38 29.00 14.51 34.68
N ALA B 39 27.96 14.67 33.88
CA ALA B 39 27.71 15.94 33.22
C ALA B 39 26.22 16.25 33.27
N VAL B 40 25.90 17.54 33.43
CA VAL B 40 24.53 18.02 33.48
C VAL B 40 24.31 18.99 32.34
N SER B 41 23.25 18.77 31.56
CA SER B 41 22.89 19.65 30.46
C SER B 41 21.64 20.43 30.87
N LYS B 42 21.74 21.75 30.85
CA LYS B 42 20.65 22.62 31.27
C LYS B 42 20.18 23.49 30.11
N GLY B 43 19.01 24.09 30.29
CA GLY B 43 18.42 24.98 29.31
C GLY B 43 17.20 24.43 28.61
N TYR B 44 16.85 23.16 28.82
CA TYR B 44 15.74 22.54 28.12
C TYR B 44 14.39 22.96 28.71
N LEU B 45 13.34 22.72 27.92
CA LEU B 45 11.97 23.06 28.28
C LEU B 45 11.12 21.79 28.37
N SER B 46 10.07 21.86 29.16
CA SER B 46 9.28 20.69 29.52
C SER B 46 8.07 20.50 28.60
N ALA B 47 7.65 19.24 28.49
CA ALA B 47 6.36 18.87 27.91
C ALA B 47 5.99 17.49 28.41
N LEU B 48 5.50 17.41 29.64
CA LEU B 48 5.26 16.14 30.32
C LEU B 48 3.81 15.72 30.17
N ARG B 49 3.60 14.44 29.88
CA ARG B 49 2.25 13.89 29.73
C ARG B 49 1.67 13.67 31.12
N THR B 50 0.66 14.47 31.47
CA THR B 50 0.00 14.35 32.77
C THR B 50 -1.23 13.46 32.74
N GLY B 51 -2.03 13.55 31.68
CA GLY B 51 -3.31 12.85 31.62
C GLY B 51 -3.69 12.33 30.24
N TRP B 52 -4.97 11.98 30.06
CA TRP B 52 -5.44 11.43 28.80
C TRP B 52 -6.77 12.06 28.44
N TYR B 53 -7.01 12.21 27.13
CA TYR B 53 -8.33 12.49 26.58
C TYR B 53 -8.74 11.37 25.63
N THR B 54 -9.96 10.89 25.76
CA THR B 54 -10.45 9.84 24.89
C THR B 54 -11.37 10.44 23.82
N SER B 55 -11.21 9.93 22.60
CA SER B 55 -11.99 10.37 21.45
C SER B 55 -12.47 9.14 20.71
N VAL B 56 -13.68 9.21 20.17
CA VAL B 56 -14.32 8.09 19.50
C VAL B 56 -14.30 8.35 18.00
N ILE B 57 -13.76 7.39 17.25
CA ILE B 57 -13.70 7.48 15.80
C ILE B 57 -14.67 6.47 15.23
N THR B 58 -15.52 6.91 14.30
CA THR B 58 -16.54 6.07 13.71
C THR B 58 -16.40 6.06 12.19
N ILE B 59 -16.76 4.92 11.59
CA ILE B 59 -16.81 4.76 10.15
C ILE B 59 -18.14 4.09 9.83
N GLU B 60 -18.94 4.75 9.01
CA GLU B 60 -20.27 4.25 8.69
C GLU B 60 -20.15 3.09 7.72
N LEU B 61 -20.52 1.89 8.18
CA LEU B 61 -20.46 0.70 7.37
C LEU B 61 -21.84 0.31 6.86
N SER B 62 -21.85 -0.55 5.85
CA SER B 62 -23.07 -1.05 5.25
C SER B 62 -23.10 -2.55 5.46
N ASN B 63 -24.03 -3.02 6.28
CA ASN B 63 -24.16 -4.46 6.50
C ASN B 63 -24.67 -5.11 5.22
N ILE B 64 -23.75 -5.52 4.35
CA ILE B 64 -24.09 -6.12 3.06
C ILE B 64 -23.73 -7.59 3.11
N LYS B 65 -24.63 -8.43 2.56
CA LYS B 65 -24.46 -9.84 2.56
C LYS B 65 -24.57 -10.34 1.12
N GLU B 66 -25.54 -11.18 0.80
CA GLU B 66 -25.53 -11.91 -0.47
C GLU B 66 -25.47 -10.99 -1.68
N ILE B 67 -24.45 -11.18 -2.53
CA ILE B 67 -24.41 -10.56 -3.84
C ILE B 67 -25.30 -11.37 -4.76
N LYS B 68 -26.33 -10.75 -5.30
CA LYS B 68 -27.26 -11.47 -6.15
C LYS B 68 -26.71 -11.65 -7.58
N CYS B 69 -26.13 -10.58 -8.12
CA CYS B 69 -25.61 -10.61 -9.48
C CYS B 69 -24.46 -11.61 -9.61
N ASN B 70 -24.45 -12.32 -10.74
CA ASN B 70 -23.34 -13.21 -11.12
C ASN B 70 -22.92 -12.92 -12.55
N GLY B 71 -22.97 -11.65 -12.95
CA GLY B 71 -22.71 -11.29 -14.33
C GLY B 71 -21.25 -11.48 -14.73
N THR B 72 -21.05 -11.59 -16.04
CA THR B 72 -19.72 -11.80 -16.61
C THR B 72 -19.27 -10.48 -17.23
N ASP B 73 -18.27 -9.85 -16.63
CA ASP B 73 -17.72 -8.59 -17.13
C ASP B 73 -16.50 -8.21 -16.31
N ALA B 74 -15.47 -7.69 -16.98
CA ALA B 74 -14.23 -7.37 -16.28
C ALA B 74 -14.44 -6.29 -15.22
N LYS B 75 -15.15 -5.21 -15.56
CA LYS B 75 -15.41 -4.15 -14.59
C LYS B 75 -16.23 -4.68 -13.42
N VAL B 76 -17.21 -5.54 -13.68
CA VAL B 76 -18.02 -6.12 -12.62
C VAL B 76 -17.16 -6.98 -11.70
N LYS B 77 -16.30 -7.82 -12.28
CA LYS B 77 -15.43 -8.68 -11.49
C LYS B 77 -14.60 -7.89 -10.49
N LEU B 78 -14.09 -6.73 -10.90
CA LEU B 78 -13.26 -5.95 -10.00
C LEU B 78 -14.07 -5.43 -8.80
N ILE B 79 -15.30 -4.98 -9.03
CA ILE B 79 -16.12 -4.51 -7.92
C ILE B 79 -16.48 -5.65 -6.98
N LYS B 80 -16.82 -6.82 -7.54
CA LYS B 80 -17.13 -7.98 -6.70
C LYS B 80 -15.96 -8.34 -5.80
N GLN B 81 -14.79 -8.59 -6.38
CA GLN B 81 -13.66 -9.03 -5.57
C GLN B 81 -13.19 -7.94 -4.62
N GLU B 82 -13.38 -6.67 -4.99
CA GLU B 82 -13.13 -5.58 -4.04
C GLU B 82 -14.19 -5.57 -2.94
N LEU B 83 -15.44 -5.90 -3.29
CA LEU B 83 -16.48 -5.95 -2.28
C LEU B 83 -16.24 -7.09 -1.30
N ASP B 84 -15.70 -8.22 -1.78
CA ASP B 84 -15.37 -9.32 -0.88
C ASP B 84 -14.27 -8.93 0.10
N LYS B 85 -13.33 -8.09 -0.33
CA LYS B 85 -12.33 -7.57 0.60
C LYS B 85 -12.99 -6.74 1.70
N TYR B 86 -14.03 -6.00 1.35
CA TYR B 86 -14.79 -5.27 2.36
C TYR B 86 -15.50 -6.24 3.31
N LYS B 87 -16.24 -7.20 2.75
CA LYS B 87 -16.94 -8.18 3.58
C LYS B 87 -15.96 -9.00 4.43
N ASN B 88 -14.81 -9.34 3.87
CA ASN B 88 -13.83 -10.08 4.65
C ASN B 88 -13.24 -9.22 5.76
N ALA B 89 -12.99 -7.95 5.45
CA ALA B 89 -12.42 -7.03 6.45
C ALA B 89 -13.35 -6.87 7.65
N VAL B 90 -14.65 -6.67 7.40
CA VAL B 90 -15.59 -6.54 8.51
C VAL B 90 -15.64 -7.83 9.32
N THR B 91 -15.57 -8.99 8.64
CA THR B 91 -15.61 -10.25 9.36
C THR B 91 -14.40 -10.39 10.28
N GLU B 92 -13.23 -9.91 9.87
CA GLU B 92 -12.07 -9.90 10.75
C GLU B 92 -12.34 -9.06 12.00
N LEU B 93 -12.87 -7.86 11.80
CA LEU B 93 -13.09 -6.93 12.91
C LEU B 93 -14.20 -7.42 13.83
N GLN B 94 -15.20 -8.11 13.27
CA GLN B 94 -16.25 -8.69 14.10
C GLN B 94 -15.69 -9.70 15.09
N LEU B 95 -14.62 -10.42 14.72
CA LEU B 95 -13.98 -11.32 15.68
C LEU B 95 -13.19 -10.55 16.73
N LEU B 96 -12.67 -9.37 16.37
CA LEU B 96 -11.85 -8.57 17.27
C LEU B 96 -12.62 -8.00 18.44
N MET B 97 -13.95 -7.88 18.33
CA MET B 97 -14.74 -7.21 19.36
C MET B 97 -14.63 -7.91 20.70
N GLN B 98 -14.86 -9.22 20.74
CA GLN B 98 -14.68 -9.95 21.97
C GLN B 98 -13.36 -10.74 21.94
N PHE B 137 18.40 3.62 34.35
CA PHE B 137 19.25 2.82 35.21
C PHE B 137 18.47 2.33 36.42
N LEU B 138 17.73 3.24 37.05
CA LEU B 138 16.96 2.94 38.24
C LEU B 138 15.48 2.69 37.93
N GLY B 139 15.19 2.17 36.73
CA GLY B 139 13.81 1.93 36.34
C GLY B 139 13.09 0.95 37.25
N PHE B 140 13.82 0.12 37.99
CA PHE B 140 13.22 -0.88 38.87
C PHE B 140 12.44 -0.28 40.02
N LEU B 141 12.59 1.02 40.30
CA LEU B 141 11.84 1.67 41.35
C LEU B 141 10.52 2.27 40.86
N LEU B 142 10.27 2.27 39.56
CA LEU B 142 9.10 2.95 39.00
C LEU B 142 7.82 2.17 39.29
N GLY B 143 6.68 2.86 39.10
CA GLY B 143 5.38 2.24 39.23
C GLY B 143 4.96 1.45 38.00
N VAL B 144 3.82 0.77 38.13
CA VAL B 144 3.26 -0.10 37.09
C VAL B 144 1.77 0.22 36.96
N GLY B 145 1.38 0.81 35.84
CA GLY B 145 -0.01 1.14 35.59
C GLY B 145 -0.40 0.76 34.18
N SER B 146 -1.70 0.56 33.98
CA SER B 146 -2.22 0.20 32.66
C SER B 146 -2.42 1.48 31.86
N ALA B 147 -1.57 1.68 30.86
CA ALA B 147 -1.60 2.94 30.13
C ALA B 147 -2.93 3.12 29.40
N ILE B 148 -3.46 2.03 28.85
CA ILE B 148 -4.68 2.09 28.06
C ILE B 148 -5.92 1.79 28.91
N ALA B 149 -5.78 1.86 30.23
CA ALA B 149 -6.94 1.68 31.11
C ALA B 149 -8.02 2.72 30.84
N SER B 150 -7.62 3.94 30.45
CA SER B 150 -8.59 4.97 30.15
C SER B 150 -9.44 4.59 28.93
N GLY B 151 -8.79 4.17 27.84
CA GLY B 151 -9.53 3.72 26.67
C GLY B 151 -10.41 2.52 26.97
N VAL B 152 -9.93 1.61 27.81
CA VAL B 152 -10.69 0.41 28.15
C VAL B 152 -12.04 0.78 28.77
N ALA B 153 -12.01 1.64 29.79
CA ALA B 153 -13.27 2.04 30.44
C ALA B 153 -14.21 2.67 29.43
N VAL B 154 -13.67 3.43 28.47
CA VAL B 154 -14.50 4.07 27.45
C VAL B 154 -15.11 3.01 26.52
N SER B 155 -14.25 2.19 25.90
CA SER B 155 -14.75 1.17 24.97
C SER B 155 -15.74 0.23 25.64
N LYS B 156 -15.59 0.01 26.95
CA LYS B 156 -16.59 -0.78 27.66
C LYS B 156 -17.92 -0.03 27.74
N VAL B 157 -17.87 1.29 27.90
CA VAL B 157 -19.10 2.09 27.88
C VAL B 157 -19.75 2.03 26.49
N LEU B 158 -18.94 1.93 25.43
CA LEU B 158 -19.50 1.78 24.09
C LEU B 158 -20.27 0.47 23.95
N HIS B 159 -19.89 -0.57 24.70
CA HIS B 159 -20.64 -1.82 24.65
C HIS B 159 -22.08 -1.67 25.10
N LEU B 160 -22.42 -0.59 25.82
CA LEU B 160 -23.81 -0.34 26.16
C LEU B 160 -24.63 -0.13 24.90
N GLU B 161 -25.81 -0.74 24.86
CA GLU B 161 -26.64 -0.72 23.65
C GLU B 161 -27.08 0.70 23.29
N GLY B 162 -27.51 1.48 24.28
CA GLY B 162 -27.93 2.83 23.99
C GLY B 162 -26.76 3.73 23.61
N GLU B 163 -25.56 3.41 24.10
CA GLU B 163 -24.41 4.26 23.84
C GLU B 163 -24.07 4.33 22.34
N VAL B 164 -24.11 3.20 21.65
CA VAL B 164 -23.84 3.19 20.22
C VAL B 164 -24.84 4.07 19.49
N ASN B 165 -26.11 4.02 19.89
CA ASN B 165 -27.15 4.76 19.21
C ASN B 165 -26.97 6.26 19.38
N LYS B 166 -26.67 6.71 20.60
CA LYS B 166 -26.45 8.12 20.86
C LYS B 166 -25.34 8.68 19.98
N ILE B 167 -24.38 7.84 19.59
CA ILE B 167 -23.32 8.28 18.68
C ILE B 167 -23.90 8.58 17.30
N LYS B 168 -24.57 7.59 16.70
CA LYS B 168 -25.15 7.78 15.37
C LYS B 168 -26.09 8.98 15.33
N SER B 169 -26.84 9.20 16.41
CA SER B 169 -27.73 10.35 16.45
C SER B 169 -26.92 11.65 16.42
N ALA B 170 -25.92 11.75 17.29
CA ALA B 170 -25.14 12.98 17.40
C ALA B 170 -24.46 13.35 16.09
N LEU B 171 -24.12 12.36 15.27
CA LEU B 171 -23.40 12.60 14.03
C LEU B 171 -24.27 12.37 12.79
N LEU B 172 -25.57 12.63 12.91
CA LEU B 172 -26.45 12.50 11.75
C LEU B 172 -26.23 13.62 10.75
N SER B 173 -26.27 14.88 11.20
CA SER B 173 -26.13 16.00 10.28
C SER B 173 -24.67 16.30 9.95
N THR B 174 -23.84 16.50 10.97
CA THR B 174 -22.44 16.88 10.77
C THR B 174 -21.52 15.68 11.02
N ASN B 175 -20.23 15.89 10.74
CA ASN B 175 -19.21 14.86 10.90
C ASN B 175 -18.47 14.93 12.22
N LYS B 176 -18.90 15.77 13.16
CA LYS B 176 -18.13 15.92 14.40
C LYS B 176 -19.04 16.50 15.46
N ALA B 177 -19.09 15.87 16.62
CA ALA B 177 -19.92 16.34 17.72
C ALA B 177 -19.42 15.75 19.04
N VAL B 178 -19.70 16.47 20.12
CA VAL B 178 -19.37 16.01 21.46
C VAL B 178 -20.58 15.27 22.01
N VAL B 179 -20.34 14.11 22.63
CA VAL B 179 -21.40 13.24 23.11
C VAL B 179 -21.20 13.01 24.60
N SER B 180 -22.28 13.13 25.36
CA SER B 180 -22.27 12.78 26.77
C SER B 180 -22.72 11.34 26.90
N LEU B 181 -21.86 10.51 27.50
CA LEU B 181 -22.14 9.10 27.61
C LEU B 181 -23.04 8.82 28.81
N SER B 182 -23.46 7.55 28.93
CA SER B 182 -24.33 7.16 30.05
C SER B 182 -23.63 7.38 31.39
N ASN B 183 -22.31 7.29 31.42
CA ASN B 183 -21.58 7.51 32.67
C ASN B 183 -21.61 8.97 33.08
N GLY B 184 -21.70 9.87 32.11
CA GLY B 184 -21.76 11.29 32.37
C GLY B 184 -20.54 12.09 31.95
N VAL B 185 -19.71 11.58 31.06
CA VAL B 185 -18.53 12.29 30.59
C VAL B 185 -18.74 12.74 29.16
N SER B 186 -18.18 13.89 28.84
CA SER B 186 -18.27 14.44 27.50
C SER B 186 -17.01 14.04 26.74
N VAL B 187 -17.20 13.37 25.61
CA VAL B 187 -16.10 12.92 24.77
C VAL B 187 -16.39 13.36 23.35
N LEU B 188 -15.33 13.62 22.60
CA LEU B 188 -15.46 14.11 21.25
C LEU B 188 -15.49 12.91 20.30
N THR B 189 -16.48 12.86 19.43
CA THR B 189 -16.63 11.76 18.50
C THR B 189 -16.75 12.33 17.09
N SER B 190 -16.32 11.55 16.11
CA SER B 190 -16.34 12.03 14.74
C SER B 190 -16.37 10.86 13.78
N LYS B 191 -17.11 11.01 12.69
CA LYS B 191 -17.10 10.07 11.59
C LYS B 191 -16.08 10.53 10.56
N VAL B 192 -15.26 9.59 10.09
CA VAL B 192 -14.16 9.91 9.19
C VAL B 192 -14.39 9.39 7.77
N LEU B 193 -15.20 8.35 7.59
CA LEU B 193 -15.41 7.82 6.26
C LEU B 193 -16.79 7.17 6.20
N ASP B 194 -17.50 7.44 5.10
CA ASP B 194 -18.86 6.96 4.89
C ASP B 194 -18.87 5.98 3.73
N LEU B 195 -18.80 4.69 4.05
CA LEU B 195 -18.98 3.65 3.04
C LEU B 195 -20.42 3.19 2.94
N LYS B 196 -21.17 3.25 4.04
CA LYS B 196 -22.58 2.88 4.01
C LYS B 196 -23.34 3.65 2.94
N ASN B 197 -23.16 4.97 2.90
CA ASN B 197 -23.89 5.79 1.94
C ASN B 197 -23.44 5.51 0.50
N TYR B 198 -22.14 5.34 0.27
CA TYR B 198 -21.67 5.06 -1.09
C TYR B 198 -22.14 3.69 -1.56
N ILE B 199 -21.95 2.66 -0.73
CA ILE B 199 -22.29 1.30 -1.13
C ILE B 199 -23.80 1.15 -1.31
N ASP B 200 -24.58 1.52 -0.29
CA ASP B 200 -26.01 1.23 -0.33
C ASP B 200 -26.73 2.06 -1.39
N LYS B 201 -26.26 3.28 -1.67
CA LYS B 201 -26.96 4.15 -2.61
C LYS B 201 -26.47 4.01 -4.03
N GLN B 202 -25.27 3.45 -4.25
CA GLN B 202 -24.70 3.39 -5.58
C GLN B 202 -24.40 1.98 -6.06
N LEU B 203 -24.38 0.99 -5.18
CA LEU B 203 -23.93 -0.36 -5.53
C LEU B 203 -24.97 -1.42 -5.20
N LEU B 204 -25.53 -1.41 -3.99
CA LEU B 204 -26.52 -2.41 -3.59
C LEU B 204 -27.70 -2.55 -4.55
N PRO B 205 -28.31 -1.47 -5.07
CA PRO B 205 -29.39 -1.67 -6.06
C PRO B 205 -28.92 -2.37 -7.33
N ILE B 206 -27.67 -2.15 -7.73
CA ILE B 206 -27.13 -2.82 -8.92
C ILE B 206 -26.86 -4.30 -8.64
N VAL B 207 -26.16 -4.59 -7.56
CA VAL B 207 -25.73 -5.95 -7.30
C VAL B 207 -26.91 -6.86 -6.93
N ASN B 208 -27.91 -6.30 -6.25
CA ASN B 208 -29.10 -7.07 -5.90
C ASN B 208 -29.87 -7.59 -7.11
N LYS B 209 -29.55 -7.12 -8.31
CA LYS B 209 -30.32 -7.47 -9.49
C LYS B 209 -29.63 -8.62 -10.24
N GLN B 210 -30.41 -9.28 -11.10
CA GLN B 210 -29.89 -10.45 -11.81
C GLN B 210 -28.71 -10.09 -12.71
N SER B 211 -28.96 -9.24 -13.70
CA SER B 211 -27.93 -8.80 -14.63
C SER B 211 -27.51 -7.39 -14.27
N CYS B 212 -26.23 -7.21 -13.94
CA CYS B 212 -25.70 -5.92 -13.53
C CYS B 212 -24.63 -5.46 -14.51
N SER B 213 -24.50 -4.15 -14.65
CA SER B 213 -23.57 -3.55 -15.60
C SER B 213 -22.80 -2.41 -14.94
N ILE B 214 -21.53 -2.30 -15.27
CA ILE B 214 -20.72 -1.16 -14.82
C ILE B 214 -20.17 -0.42 -16.02
N PRO B 215 -20.59 0.82 -16.26
CA PRO B 215 -20.00 1.61 -17.34
C PRO B 215 -18.89 2.49 -16.78
N ASN B 216 -17.83 2.62 -17.57
CA ASN B 216 -16.65 3.40 -17.22
C ASN B 216 -15.90 2.74 -16.07
N ILE B 217 -14.61 2.47 -16.28
CA ILE B 217 -13.81 1.79 -15.28
C ILE B 217 -13.51 2.69 -14.10
N GLU B 218 -13.60 4.01 -14.28
CA GLU B 218 -13.38 4.95 -13.19
C GLU B 218 -14.25 4.63 -11.97
N THR B 219 -15.46 4.10 -12.19
CA THR B 219 -16.30 3.68 -11.07
C THR B 219 -15.56 2.69 -10.18
N VAL B 220 -14.80 1.77 -10.78
CA VAL B 220 -14.03 0.80 -10.00
C VAL B 220 -12.94 1.49 -9.19
N ILE B 221 -12.24 2.45 -9.81
CA ILE B 221 -11.15 3.13 -9.11
C ILE B 221 -11.68 3.92 -7.92
N GLU B 222 -12.78 4.64 -8.13
CA GLU B 222 -13.37 5.44 -7.06
C GLU B 222 -13.74 4.56 -5.86
N PHE B 223 -14.23 3.34 -6.12
CA PHE B 223 -14.55 2.43 -5.03
C PHE B 223 -13.31 1.94 -4.32
N GLN B 224 -12.26 1.59 -5.06
CA GLN B 224 -11.02 1.11 -4.44
C GLN B 224 -10.43 2.17 -3.53
N GLN B 225 -10.47 3.44 -3.95
CA GLN B 225 -9.90 4.51 -3.14
C GLN B 225 -10.63 4.62 -1.81
N LYS B 226 -11.97 4.68 -1.84
CA LYS B 226 -12.73 4.81 -0.60
C LYS B 226 -12.55 3.59 0.29
N ASN B 227 -12.49 2.40 -0.31
CA ASN B 227 -12.37 1.18 0.47
C ASN B 227 -10.96 0.92 0.96
N ASN B 228 -9.95 1.51 0.32
CA ASN B 228 -8.56 1.20 0.65
C ASN B 228 -8.23 1.58 2.09
N ARG B 229 -8.72 2.74 2.55
CA ARG B 229 -8.41 3.17 3.91
C ARG B 229 -8.87 2.13 4.94
N LEU B 230 -10.00 1.48 4.68
CA LEU B 230 -10.51 0.51 5.64
C LEU B 230 -9.58 -0.70 5.77
N LEU B 231 -9.07 -1.19 4.63
CA LEU B 231 -8.26 -2.41 4.68
C LEU B 231 -6.95 -2.18 5.43
N GLU B 232 -6.32 -1.02 5.24
CA GLU B 232 -5.08 -0.75 5.98
C GLU B 232 -5.37 -0.56 7.46
N ILE B 233 -6.52 0.02 7.80
CA ILE B 233 -6.93 0.11 9.20
C ILE B 233 -7.19 -1.28 9.77
N THR B 234 -7.93 -2.11 9.02
CA THR B 234 -8.14 -3.49 9.42
C THR B 234 -6.81 -4.22 9.55
N ARG B 235 -5.89 -3.99 8.60
CA ARG B 235 -4.60 -4.66 8.64
C ARG B 235 -3.82 -4.27 9.88
N GLU B 236 -3.83 -2.99 10.24
CA GLU B 236 -3.13 -2.58 11.46
C GLU B 236 -3.71 -3.26 12.69
N PHE B 237 -5.04 -3.34 12.76
CA PHE B 237 -5.68 -3.87 13.97
C PHE B 237 -5.51 -5.37 14.08
N SER B 238 -5.52 -6.10 12.96
CA SER B 238 -5.49 -7.55 13.02
C SER B 238 -4.16 -8.11 13.51
N VAL B 239 -3.08 -7.32 13.45
CA VAL B 239 -1.77 -7.77 13.91
C VAL B 239 -1.40 -7.17 15.25
N ASN B 240 -2.24 -6.30 15.82
CA ASN B 240 -1.93 -5.64 17.08
C ASN B 240 -3.02 -5.83 18.13
N ALA B 241 -3.98 -6.72 17.88
CA ALA B 241 -5.05 -7.07 18.83
C ALA B 241 -5.83 -5.84 19.31
N GLY B 242 -6.04 -4.88 18.41
CA GLY B 242 -6.85 -3.73 18.73
C GLY B 242 -6.17 -2.61 19.50
N VAL B 243 -4.87 -2.70 19.74
CA VAL B 243 -4.12 -1.66 20.44
C VAL B 243 -2.91 -1.33 19.58
N THR B 244 -2.94 -0.19 18.91
CA THR B 244 -1.85 0.25 18.05
C THR B 244 -1.20 1.48 18.64
N THR B 245 0.11 1.57 18.47
CA THR B 245 0.87 2.77 18.81
C THR B 245 2.16 2.75 17.99
N PRO B 246 2.55 3.89 17.38
CA PRO B 246 1.79 5.15 17.33
C PRO B 246 0.50 5.09 16.52
N VAL B 247 -0.22 6.20 16.47
CA VAL B 247 -1.46 6.30 15.72
C VAL B 247 -1.12 6.74 14.30
N SER B 248 -1.46 5.91 13.32
CA SER B 248 -1.05 6.12 11.94
C SER B 248 -1.91 7.18 11.26
N THR B 249 -1.42 7.67 10.11
CA THR B 249 -2.23 8.55 9.27
C THR B 249 -3.40 7.79 8.65
N TYR B 250 -3.27 6.47 8.48
CA TYR B 250 -4.42 5.65 8.14
C TYR B 250 -5.45 5.71 9.26
N MET B 251 -4.99 5.60 10.51
CA MET B 251 -5.87 5.67 11.66
C MET B 251 -6.49 7.05 11.82
N LEU B 252 -5.72 8.10 11.51
CA LEU B 252 -6.19 9.47 11.71
C LEU B 252 -5.28 10.40 10.91
N THR B 253 -5.84 11.06 9.90
CA THR B 253 -5.07 12.01 9.11
C THR B 253 -4.78 13.27 9.92
N ASN B 254 -3.78 14.03 9.46
CA ASN B 254 -3.42 15.27 10.12
C ASN B 254 -4.55 16.29 10.05
N SER B 255 -5.22 16.37 8.91
CA SER B 255 -6.39 17.25 8.84
C SER B 255 -7.44 16.83 9.87
N GLU B 256 -7.65 15.53 10.05
CA GLU B 256 -8.57 15.07 11.09
C GLU B 256 -7.99 15.30 12.48
N LEU B 257 -6.71 15.00 12.66
CA LEU B 257 -6.10 15.08 14.00
C LEU B 257 -6.06 16.51 14.50
N LEU B 258 -5.69 17.46 13.64
CA LEU B 258 -5.66 18.86 14.07
C LEU B 258 -7.06 19.36 14.40
N SER B 259 -8.08 18.88 13.70
CA SER B 259 -9.46 19.19 14.08
C SER B 259 -9.78 18.71 15.47
N LEU B 260 -9.17 17.61 15.92
CA LEU B 260 -9.36 17.17 17.30
C LEU B 260 -8.66 18.12 18.26
N ILE B 261 -7.37 18.39 18.01
CA ILE B 261 -6.60 19.24 18.91
C ILE B 261 -7.24 20.61 19.01
N ASN B 262 -7.70 21.15 17.89
CA ASN B 262 -8.36 22.45 17.90
C ASN B 262 -9.68 22.40 18.69
N ASP B 263 -10.40 21.28 18.59
CA ASP B 263 -11.68 21.12 19.26
C ASP B 263 -11.56 20.48 20.64
N MET B 264 -10.36 20.09 21.05
CA MET B 264 -10.18 19.48 22.34
C MET B 264 -10.38 20.51 23.45
N PRO B 265 -10.91 20.08 24.61
CA PRO B 265 -11.09 21.00 25.76
C PRO B 265 -9.77 21.25 26.51
N ILE B 266 -8.85 21.94 25.85
CA ILE B 266 -7.54 22.23 26.40
C ILE B 266 -7.22 23.72 26.21
N THR B 267 -6.18 24.17 26.90
CA THR B 267 -5.75 25.55 26.87
C THR B 267 -5.01 25.86 25.56
N ASN B 268 -4.99 27.15 25.19
CA ASN B 268 -4.37 27.55 23.93
C ASN B 268 -2.90 27.16 23.87
N ASP B 269 -2.15 27.31 24.97
CA ASP B 269 -0.75 26.90 24.94
C ASP B 269 -0.64 25.41 24.71
N GLN B 270 -1.53 24.60 25.30
CA GLN B 270 -1.52 23.17 25.03
C GLN B 270 -1.82 22.89 23.56
N LYS B 271 -2.77 23.64 22.98
CA LYS B 271 -3.10 23.49 21.56
C LYS B 271 -1.90 23.78 20.68
N LYS B 272 -1.24 24.92 20.91
CA LYS B 272 -0.11 25.32 20.08
C LYS B 272 1.04 24.31 20.18
N LEU B 273 1.25 23.75 21.36
CA LEU B 273 2.32 22.77 21.52
C LEU B 273 2.04 21.51 20.72
N MET B 274 0.86 20.90 20.92
CA MET B 274 0.51 19.67 20.21
C MET B 274 0.54 19.88 18.70
N SER B 275 0.05 21.03 18.24
CA SER B 275 -0.06 21.24 16.80
C SER B 275 1.30 21.32 16.12
N ASN B 276 2.28 21.95 16.77
CA ASN B 276 3.59 22.07 16.15
C ASN B 276 4.41 20.79 16.24
N ASN B 277 3.97 19.82 17.04
CA ASN B 277 4.69 18.58 17.25
C ASN B 277 3.71 17.40 17.23
N VAL B 278 2.97 17.28 16.12
CA VAL B 278 1.95 16.24 16.04
C VAL B 278 2.59 14.86 16.02
N GLN B 279 3.76 14.73 15.37
CA GLN B 279 4.40 13.43 15.23
C GLN B 279 4.80 12.85 16.58
N ILE B 280 5.07 13.73 17.56
CA ILE B 280 5.38 13.24 18.90
C ILE B 280 4.11 12.75 19.58
N VAL B 281 3.02 13.52 19.45
CA VAL B 281 1.75 13.12 20.05
C VAL B 281 1.32 11.76 19.53
N ARG B 282 1.52 11.51 18.24
CA ARG B 282 1.16 10.23 17.66
C ARG B 282 1.82 9.07 18.40
N GLN B 283 3.10 9.21 18.74
CA GLN B 283 3.83 8.11 19.36
C GLN B 283 3.39 7.86 20.80
N GLN B 284 2.89 8.89 21.49
CA GLN B 284 2.39 8.75 22.84
C GLN B 284 0.90 8.53 22.88
N SER B 285 0.30 8.11 21.77
CA SER B 285 -1.12 7.90 21.69
C SER B 285 -1.41 6.44 21.35
N TYR B 286 -2.56 5.98 21.81
CA TYR B 286 -3.03 4.63 21.54
C TYR B 286 -4.36 4.68 20.78
N SER B 287 -4.51 3.77 19.83
CA SER B 287 -5.75 3.59 19.08
C SER B 287 -6.37 2.29 19.56
N ILE B 288 -7.49 2.40 20.25
CA ILE B 288 -8.13 1.28 20.90
C ILE B 288 -9.33 0.85 20.06
N MET B 289 -9.32 -0.40 19.61
CA MET B 289 -10.50 -0.94 18.96
C MET B 289 -11.58 -1.15 20.01
N SER B 290 -12.79 -0.68 19.73
CA SER B 290 -13.86 -0.72 20.73
C SER B 290 -14.92 -1.74 20.34
N ILE B 291 -15.82 -1.37 19.44
CA ILE B 291 -16.93 -2.22 19.00
C ILE B 291 -17.14 -2.04 17.51
N ILE B 292 -18.05 -2.84 16.97
CA ILE B 292 -18.55 -2.72 15.61
C ILE B 292 -19.94 -3.35 15.61
N LYS B 293 -20.97 -2.51 15.57
CA LYS B 293 -22.33 -2.99 15.75
C LYS B 293 -23.27 -2.18 14.87
N GLU B 294 -24.51 -2.64 14.81
CA GLU B 294 -25.56 -2.01 14.03
C GLU B 294 -25.06 -1.84 12.61
N GLU B 295 -24.77 -0.61 12.20
CA GLU B 295 -24.21 -0.36 10.88
C GLU B 295 -23.12 0.69 10.98
N VAL B 296 -22.33 0.62 12.06
CA VAL B 296 -21.22 1.55 12.30
C VAL B 296 -20.08 0.80 12.94
N LEU B 297 -18.86 1.18 12.57
CA LEU B 297 -17.64 0.71 13.20
C LEU B 297 -17.06 1.85 14.03
N ALA B 298 -16.65 1.55 15.26
CA ALA B 298 -16.10 2.56 16.13
C ALA B 298 -14.85 2.03 16.82
N TYR B 299 -13.89 2.92 17.01
CA TYR B 299 -12.69 2.63 17.78
C TYR B 299 -12.26 3.90 18.49
N VAL B 300 -11.76 3.75 19.71
CA VAL B 300 -11.42 4.87 20.58
C VAL B 300 -9.97 5.25 20.37
N VAL B 301 -9.68 6.54 20.41
CA VAL B 301 -8.32 7.07 20.25
C VAL B 301 -7.93 7.75 21.55
N GLN B 302 -6.88 7.23 22.19
CA GLN B 302 -6.38 7.73 23.47
C GLN B 302 -5.28 8.75 23.22
N LEU B 303 -5.50 9.98 23.63
CA LEU B 303 -4.55 11.06 23.38
C LEU B 303 -3.89 11.53 24.68
N PRO B 304 -2.61 11.88 24.62
CA PRO B 304 -1.92 12.37 25.80
C PRO B 304 -2.31 13.81 26.13
N LEU B 305 -2.34 14.11 27.42
CA LEU B 305 -2.59 15.47 27.92
C LEU B 305 -1.41 15.98 28.71
N TYR B 306 -0.92 17.16 28.31
CA TYR B 306 0.30 17.71 28.90
C TYR B 306 -0.11 18.80 29.88
N GLY B 307 -0.22 18.42 31.16
CA GLY B 307 -0.61 19.37 32.19
C GLY B 307 0.50 20.30 32.64
N VAL B 308 1.74 19.93 32.35
CA VAL B 308 2.93 20.67 32.78
C VAL B 308 3.77 21.00 31.54
N ILE B 309 4.04 22.28 31.34
CA ILE B 309 4.71 22.77 30.15
C ILE B 309 5.71 23.84 30.56
N ASP B 310 6.88 23.85 29.89
CA ASP B 310 7.89 24.88 30.01
C ASP B 310 8.56 24.95 31.38
N THR B 311 8.49 23.91 32.19
CA THR B 311 9.34 24.02 33.36
C THR B 311 10.78 23.70 32.98
N PRO B 312 11.76 24.34 33.63
CA PRO B 312 13.16 24.08 33.27
C PRO B 312 13.50 22.61 33.47
N CYS B 313 13.97 21.97 32.41
CA CYS B 313 14.41 20.58 32.44
C CYS B 313 15.93 20.50 32.30
N TRP B 314 16.50 19.42 32.85
CA TRP B 314 17.94 19.18 32.72
C TRP B 314 18.22 17.69 32.66
N LYS B 315 19.25 17.34 31.91
CA LYS B 315 19.65 15.94 31.66
C LYS B 315 20.97 15.63 32.35
N LEU B 316 21.04 14.46 32.98
CA LEU B 316 22.21 14.03 33.73
C LEU B 316 22.89 12.88 32.99
N HIS B 317 24.13 13.09 32.57
CA HIS B 317 24.96 12.03 32.00
C HIS B 317 25.97 11.60 33.05
N THR B 318 26.15 10.28 33.21
CA THR B 318 27.12 9.76 34.16
C THR B 318 28.00 8.73 33.47
N SER B 319 29.16 8.48 34.07
CA SER B 319 30.16 7.57 33.55
C SER B 319 30.97 7.03 34.72
N PRO B 320 31.58 5.85 34.58
CA PRO B 320 32.29 5.25 35.72
C PRO B 320 33.58 5.99 36.07
N LEU B 321 33.87 6.05 37.37
CA LEU B 321 35.07 6.72 37.89
C LEU B 321 35.87 5.70 38.70
N CYS B 322 37.12 5.47 38.31
CA CYS B 322 37.97 4.47 38.91
C CYS B 322 39.36 5.03 39.21
N THR B 323 40.13 4.25 39.94
CA THR B 323 41.53 4.54 40.20
C THR B 323 42.39 4.09 39.01
N THR B 324 43.68 4.42 39.08
CA THR B 324 44.61 4.19 37.97
C THR B 324 45.91 3.56 38.45
N ASN B 325 45.82 2.54 39.30
CA ASN B 325 47.02 1.80 39.69
C ASN B 325 47.54 0.97 38.52
N THR B 326 48.85 0.71 38.54
CA THR B 326 49.46 -0.07 37.46
C THR B 326 48.96 -1.51 37.50
N LYS B 327 48.87 -2.09 38.69
CA LYS B 327 48.32 -3.44 38.82
C LYS B 327 46.82 -3.39 38.59
N GLU B 328 46.33 -4.20 37.66
CA GLU B 328 44.93 -4.12 37.26
C GLU B 328 43.98 -4.51 38.37
N GLY B 329 44.22 -5.65 39.03
CA GLY B 329 43.31 -6.13 40.04
C GLY B 329 43.18 -5.28 41.29
N SER B 330 44.02 -4.25 41.44
CA SER B 330 43.99 -3.38 42.60
C SER B 330 43.07 -2.17 42.48
N ASN B 331 42.47 -1.93 41.31
CA ASN B 331 41.67 -0.72 41.14
C ASN B 331 40.25 -0.88 41.69
N ILE B 332 39.67 0.24 42.16
CA ILE B 332 38.30 0.29 42.65
C ILE B 332 37.53 1.37 41.91
N CYS B 333 36.23 1.12 41.69
CA CYS B 333 35.39 1.97 40.85
C CYS B 333 34.12 2.42 41.55
N LEU B 334 33.60 3.55 41.10
CA LEU B 334 32.35 4.09 41.60
C LEU B 334 31.68 4.85 40.47
N THR B 335 30.37 4.66 40.31
CA THR B 335 29.63 5.28 39.23
C THR B 335 28.31 5.85 39.74
N ARG B 336 28.03 7.10 39.38
CA ARG B 336 26.75 7.70 39.71
C ARG B 336 25.64 7.04 38.90
N THR B 337 24.58 6.62 39.58
CA THR B 337 23.52 5.83 38.96
C THR B 337 22.31 6.65 38.56
N ASP B 338 22.17 7.88 39.03
CA ASP B 338 20.93 8.62 38.82
C ASP B 338 20.89 9.34 37.48
N ARG B 339 21.55 8.80 36.46
CA ARG B 339 21.51 9.46 35.16
C ARG B 339 20.11 9.39 34.58
N GLY B 340 19.75 10.40 33.81
CA GLY B 340 18.43 10.52 33.22
C GLY B 340 17.98 11.96 33.23
N TRP B 341 16.67 12.13 33.03
CA TRP B 341 16.04 13.45 32.87
C TRP B 341 15.43 13.93 34.19
N TYR B 342 15.57 15.24 34.44
CA TYR B 342 14.97 15.89 35.59
C TYR B 342 14.22 17.13 35.12
N CYS B 343 13.00 17.32 35.64
CA CYS B 343 12.21 18.49 35.30
C CYS B 343 11.51 19.04 36.53
N ASP B 344 11.59 20.36 36.71
CA ASP B 344 10.89 21.00 37.80
C ASP B 344 9.39 20.84 37.64
N ASN B 345 8.68 20.80 38.76
CA ASN B 345 7.24 20.55 38.74
C ASN B 345 6.67 20.88 40.12
N ALA B 346 6.08 22.07 40.25
CA ALA B 346 5.40 22.46 41.48
C ALA B 346 6.34 22.35 42.68
N GLY B 347 7.51 22.97 42.56
CA GLY B 347 8.52 22.90 43.59
C GLY B 347 9.12 21.53 43.82
N SER B 348 8.56 20.48 43.20
CA SER B 348 9.14 19.16 43.24
C SER B 348 9.87 18.91 41.92
N VAL B 349 10.41 17.71 41.77
CA VAL B 349 11.19 17.33 40.59
C VAL B 349 10.72 15.97 40.13
N SER B 350 10.20 15.90 38.90
CA SER B 350 9.88 14.63 38.27
C SER B 350 11.13 14.07 37.60
N PHE B 351 11.44 12.81 37.90
CA PHE B 351 12.67 12.17 37.46
C PHE B 351 12.37 11.00 36.53
N PHE B 352 13.14 10.88 35.45
CA PHE B 352 12.95 9.84 34.45
C PHE B 352 14.25 9.09 34.24
N PRO B 353 14.40 7.91 34.84
CA PRO B 353 15.69 7.21 34.76
C PRO B 353 16.01 6.67 33.38
N GLN B 354 15.00 6.34 32.59
CA GLN B 354 15.21 5.78 31.24
C GLN B 354 14.96 6.88 30.22
N ALA B 355 16.05 7.53 29.79
CA ALA B 355 15.94 8.60 28.79
C ALA B 355 15.46 8.08 27.44
N GLU B 356 15.39 6.77 27.24
CA GLU B 356 14.91 6.23 25.98
C GLU B 356 13.41 6.43 25.81
N THR B 357 12.67 6.44 26.91
CA THR B 357 11.23 6.69 26.89
C THR B 357 10.86 8.14 26.68
N CYS B 358 11.85 9.03 26.56
CA CYS B 358 11.61 10.45 26.34
C CYS B 358 12.08 10.84 24.95
N LYS B 359 11.30 11.68 24.28
CA LYS B 359 11.64 12.18 22.97
C LYS B 359 11.93 13.67 23.04
N VAL B 360 12.88 14.12 22.22
CA VAL B 360 13.28 15.52 22.19
C VAL B 360 13.09 16.03 20.78
N GLN B 361 12.31 17.11 20.63
CA GLN B 361 12.15 17.82 19.38
C GLN B 361 12.59 19.26 19.60
N SER B 362 13.65 19.67 18.89
CA SER B 362 14.33 20.96 19.10
C SER B 362 14.83 20.97 20.54
N ASN B 363 14.53 22.00 21.34
CA ASN B 363 14.97 22.05 22.73
C ASN B 363 13.87 21.69 23.72
N ARG B 364 12.78 21.07 23.25
CA ARG B 364 11.69 20.63 24.09
C ARG B 364 11.84 19.16 24.44
N VAL B 365 11.29 18.78 25.58
CA VAL B 365 11.40 17.41 26.11
C VAL B 365 10.00 16.87 26.36
N PHE B 366 9.69 15.71 25.76
CA PHE B 366 8.42 15.04 25.94
C PHE B 366 8.67 13.74 26.70
N CYS B 367 8.15 13.67 27.93
CA CYS B 367 8.24 12.47 28.75
C CYS B 367 6.85 12.09 29.24
N ASP B 368 6.80 11.02 30.03
CA ASP B 368 5.55 10.52 30.60
C ASP B 368 5.72 10.40 32.11
N THR B 369 4.83 11.05 32.86
CA THR B 369 4.89 10.94 34.32
C THR B 369 4.63 9.52 34.79
N MET B 370 4.06 8.67 33.93
CA MET B 370 3.84 7.25 34.26
C MET B 370 5.11 6.56 34.74
N ASN B 371 6.23 6.78 34.05
CA ASN B 371 7.51 6.22 34.44
C ASN B 371 8.39 7.25 35.14
N SER B 372 7.80 8.07 36.01
CA SER B 372 8.54 9.11 36.73
C SER B 372 8.47 8.85 38.22
N LEU B 373 9.40 9.49 38.93
CA LEU B 373 9.35 9.61 40.38
C LEU B 373 9.30 11.08 40.76
N THR B 374 8.57 11.36 41.83
CA THR B 374 8.45 12.72 42.34
C THR B 374 9.49 12.88 43.45
N LEU B 375 10.51 13.68 43.18
CA LEU B 375 11.65 13.93 44.05
C LEU B 375 11.65 15.36 44.58
N PRO B 376 12.28 15.58 45.73
CA PRO B 376 12.42 16.95 46.23
C PRO B 376 13.40 17.73 45.40
N SER B 377 13.28 19.06 45.46
CA SER B 377 14.19 19.90 44.69
C SER B 377 15.64 19.68 45.11
N GLU B 378 15.88 19.15 46.32
CA GLU B 378 17.22 18.93 46.83
C GLU B 378 17.96 17.81 46.10
N VAL B 379 17.29 17.06 45.22
CA VAL B 379 18.01 16.04 44.46
C VAL B 379 19.03 16.72 43.55
N ASN B 380 18.79 17.98 43.19
CA ASN B 380 19.71 18.73 42.35
C ASN B 380 21.06 18.90 43.03
N LEU B 381 21.12 18.74 44.35
CA LEU B 381 22.38 18.93 45.07
C LEU B 381 23.40 17.85 44.70
N CYS B 382 22.95 16.68 44.25
CA CYS B 382 23.89 15.60 43.93
C CYS B 382 24.89 16.01 42.85
N ASN B 383 24.51 16.93 41.97
CA ASN B 383 25.47 17.44 40.99
C ASN B 383 26.36 18.50 41.62
N VAL B 384 25.78 19.37 42.44
CA VAL B 384 26.50 20.51 43.00
C VAL B 384 27.06 20.24 44.39
N ASP B 385 26.73 19.12 45.02
CA ASP B 385 27.41 18.68 46.25
C ASP B 385 27.02 17.23 46.54
N ILE B 386 27.84 16.27 46.13
CA ILE B 386 27.50 14.87 46.33
C ILE B 386 27.55 14.45 47.79
N PHE B 387 28.27 15.19 48.63
CA PHE B 387 28.34 14.91 50.07
C PHE B 387 27.44 15.83 50.87
N ASN B 388 26.40 16.38 50.25
CA ASN B 388 25.44 17.18 50.99
C ASN B 388 24.74 16.32 52.03
N PRO B 389 24.27 16.90 53.13
CA PRO B 389 23.58 16.12 54.16
C PRO B 389 22.08 15.96 53.96
N LYS B 390 21.50 16.57 52.92
CA LYS B 390 20.05 16.62 52.77
C LYS B 390 19.49 15.59 51.79
N TYR B 391 20.27 15.16 50.80
CA TYR B 391 19.82 14.14 49.86
C TYR B 391 20.93 13.12 49.68
N ASP B 392 20.62 11.85 49.95
CA ASP B 392 21.58 10.76 49.82
C ASP B 392 21.69 10.35 48.36
N CYS B 393 22.79 10.69 47.71
CA CYS B 393 22.92 10.46 46.28
C CYS B 393 23.22 9.00 45.97
N LYS B 394 22.40 8.40 45.10
CA LYS B 394 22.49 6.99 44.82
C LYS B 394 23.66 6.69 43.90
N ILE B 395 24.39 5.61 44.18
CA ILE B 395 25.56 5.20 43.41
C ILE B 395 25.72 3.69 43.47
N MET B 396 26.73 3.17 42.77
CA MET B 396 27.08 1.75 42.87
C MET B 396 28.59 1.60 42.77
N THR B 397 29.09 0.50 43.33
CA THR B 397 30.51 0.22 43.37
C THR B 397 30.82 -1.10 42.69
N SER B 398 32.04 -1.21 42.16
CA SER B 398 32.53 -2.43 41.53
C SER B 398 34.03 -2.27 41.34
N LYS B 399 34.69 -3.37 41.01
CA LYS B 399 36.10 -3.37 40.65
C LYS B 399 36.32 -3.54 39.14
N THR B 400 35.34 -3.14 38.33
CA THR B 400 35.39 -3.35 36.88
C THR B 400 35.80 -2.06 36.18
N ASP B 401 37.12 -1.82 36.16
CA ASP B 401 37.69 -0.59 35.57
C ASP B 401 37.91 -0.78 34.07
N VAL B 402 36.80 -0.80 33.34
CA VAL B 402 36.81 -1.02 31.90
C VAL B 402 36.56 0.30 31.18
N SER B 403 37.20 0.45 30.03
CA SER B 403 37.11 1.68 29.27
C SER B 403 35.77 1.77 28.56
N SER B 404 35.15 2.95 28.64
CA SER B 404 33.84 3.20 28.07
C SER B 404 33.71 4.70 27.86
N SER B 405 32.67 5.09 27.15
CA SER B 405 32.45 6.50 26.90
C SER B 405 30.95 6.81 26.87
N VAL B 406 30.63 8.06 27.22
CA VAL B 406 29.26 8.56 27.26
C VAL B 406 29.22 9.87 26.49
N ILE B 407 28.31 9.98 25.55
CA ILE B 407 28.14 11.20 24.78
C ILE B 407 27.15 12.08 25.52
N THR B 408 27.52 13.33 25.76
CA THR B 408 26.62 14.27 26.39
C THR B 408 25.83 15.02 25.32
N SER B 409 25.14 16.08 25.74
CA SER B 409 24.34 16.86 24.80
C SER B 409 25.20 17.86 24.02
N LEU B 410 26.23 18.42 24.65
CA LEU B 410 27.13 19.36 23.98
C LEU B 410 28.56 18.82 23.91
N GLY B 411 28.77 17.55 24.23
CA GLY B 411 30.10 16.99 24.24
C GLY B 411 30.14 15.51 24.58
N ALA B 412 31.22 15.06 25.19
CA ALA B 412 31.38 13.66 25.52
C ALA B 412 32.23 13.48 26.77
N ILE B 413 31.87 12.51 27.59
CA ILE B 413 32.66 12.07 28.73
C ILE B 413 33.41 10.82 28.32
N VAL B 414 34.63 10.66 28.83
CA VAL B 414 35.46 9.52 28.48
C VAL B 414 36.04 8.94 29.76
N SER B 415 35.83 7.64 29.95
CA SER B 415 36.43 6.90 31.06
C SER B 415 37.50 5.99 30.46
N CYS B 416 38.76 6.33 30.67
CA CYS B 416 39.87 5.63 30.04
C CYS B 416 40.71 4.98 31.14
N TYR B 417 40.73 3.66 31.17
CA TYR B 417 41.46 2.90 32.17
C TYR B 417 42.29 1.82 31.50
N GLY B 418 43.31 1.37 32.21
CA GLY B 418 44.25 0.41 31.66
C GLY B 418 44.99 1.04 30.49
N LYS B 419 45.48 0.17 29.61
CA LYS B 419 46.24 0.62 28.45
C LYS B 419 45.38 0.84 27.20
N THR B 420 44.07 0.98 27.36
CA THR B 420 43.20 1.20 26.21
C THR B 420 43.49 2.57 25.61
N LYS B 421 43.46 2.65 24.28
CA LYS B 421 43.70 3.90 23.58
C LYS B 421 42.40 4.70 23.48
N CYS B 422 42.42 5.93 23.99
CA CYS B 422 41.26 6.81 24.01
C CYS B 422 41.67 8.16 23.43
N THR B 423 41.11 8.52 22.27
CA THR B 423 41.44 9.78 21.61
C THR B 423 40.18 10.40 21.01
N ALA B 424 40.28 11.70 20.73
CA ALA B 424 39.23 12.46 20.07
C ALA B 424 39.84 13.23 18.91
N SER B 425 39.09 13.33 17.82
CA SER B 425 39.66 13.82 16.57
C SER B 425 38.72 14.79 15.89
N ASN B 426 39.30 15.54 14.94
CA ASN B 426 38.61 16.50 14.10
C ASN B 426 38.47 15.93 12.69
N LYS B 427 37.38 16.30 12.02
CA LYS B 427 37.16 15.82 10.66
C LYS B 427 38.23 16.30 9.70
N ASN B 428 38.86 17.45 9.99
CA ASN B 428 39.83 18.07 9.09
C ASN B 428 41.28 17.86 9.50
N ARG B 429 41.60 17.99 10.80
CA ARG B 429 42.97 17.97 11.26
C ARG B 429 43.37 16.66 11.94
N GLY B 430 42.47 15.70 12.01
CA GLY B 430 42.78 14.44 12.65
C GLY B 430 42.78 14.55 14.18
N ILE B 431 43.65 13.75 14.81
CA ILE B 431 43.69 13.70 16.26
C ILE B 431 44.11 15.05 16.82
N ILE B 432 43.36 15.54 17.81
CA ILE B 432 43.66 16.82 18.43
C ILE B 432 44.00 16.62 19.90
N LYS B 433 43.39 15.62 20.54
CA LYS B 433 43.66 15.38 21.95
C LYS B 433 43.68 13.88 22.24
N THR B 434 44.65 13.47 23.04
CA THR B 434 44.76 12.12 23.59
C THR B 434 44.53 12.19 25.09
N PHE B 435 43.66 11.32 25.59
CA PHE B 435 43.23 11.37 26.98
C PHE B 435 44.20 10.64 27.90
N SER B 436 44.30 11.13 29.13
CA SER B 436 44.98 10.44 30.20
C SER B 436 44.07 9.35 30.77
N ASN B 437 44.68 8.45 31.56
CA ASN B 437 43.89 7.46 32.28
C ASN B 437 42.97 8.17 33.26
N GLY B 438 41.68 7.79 33.24
CA GLY B 438 40.73 8.41 34.12
C GLY B 438 39.54 8.96 33.33
N CYS B 439 38.81 9.86 33.98
CA CYS B 439 37.58 10.44 33.46
C CYS B 439 37.82 11.89 33.06
N ASP B 440 37.62 12.21 31.78
CA ASP B 440 37.84 13.54 31.22
C ASP B 440 36.58 13.96 30.46
N TYR B 441 36.66 15.12 29.80
CA TYR B 441 35.53 15.66 29.05
C TYR B 441 36.05 16.54 27.92
N VAL B 442 35.23 16.69 26.88
CA VAL B 442 35.54 17.57 25.77
C VAL B 442 34.24 18.10 25.17
N SER B 443 34.27 19.35 24.72
CA SER B 443 33.10 20.01 24.14
C SER B 443 33.03 19.78 22.64
N ASN B 444 31.83 19.93 22.09
CA ASN B 444 31.60 19.69 20.67
C ASN B 444 32.17 20.79 19.78
N LYS B 445 32.61 21.91 20.33
CA LYS B 445 33.21 22.97 19.52
C LYS B 445 34.49 22.50 18.85
N GLY B 446 34.45 22.32 17.53
CA GLY B 446 35.62 21.90 16.79
C GLY B 446 35.99 20.44 16.90
N VAL B 447 35.22 19.64 17.63
CA VAL B 447 35.47 18.21 17.75
C VAL B 447 34.27 17.46 17.18
N ASP B 448 34.55 16.42 16.41
CA ASP B 448 33.50 15.70 15.72
C ASP B 448 33.42 14.23 16.08
N THR B 449 34.55 13.58 16.34
CA THR B 449 34.58 12.16 16.62
C THR B 449 35.28 11.90 17.95
N VAL B 450 35.07 10.69 18.47
CA VAL B 450 35.72 10.22 19.69
C VAL B 450 35.89 8.71 19.58
N SER B 451 37.09 8.23 19.88
CA SER B 451 37.45 6.82 19.77
C SER B 451 37.93 6.30 21.10
N VAL B 452 37.37 5.18 21.55
CA VAL B 452 37.81 4.48 22.75
C VAL B 452 38.28 3.09 22.31
N GLY B 453 39.57 2.92 22.10
CA GLY B 453 40.07 1.67 21.57
C GLY B 453 39.57 1.45 20.14
N ASN B 454 38.83 0.36 19.94
CA ASN B 454 38.23 0.03 18.64
C ASN B 454 36.81 0.56 18.49
N THR B 455 36.21 1.00 19.58
CA THR B 455 34.87 1.57 19.58
C THR B 455 34.94 3.04 19.17
N LEU B 456 34.05 3.44 18.28
CA LEU B 456 34.03 4.80 17.75
C LEU B 456 32.64 5.40 17.94
N TYR B 457 32.59 6.66 18.39
CA TYR B 457 31.34 7.37 18.57
C TYR B 457 31.39 8.69 17.83
N TYR B 458 30.21 9.17 17.44
CA TYR B 458 30.06 10.53 16.95
C TYR B 458 29.45 11.39 18.06
N VAL B 459 29.66 12.70 17.95
CA VAL B 459 29.17 13.64 18.95
C VAL B 459 28.11 14.53 18.34
N ASN B 460 27.14 14.90 19.16
CA ASN B 460 26.09 15.79 18.72
C ASN B 460 26.65 17.15 18.35
N LYS B 461 26.15 17.71 17.24
CA LYS B 461 26.57 19.03 16.77
C LYS B 461 25.53 20.10 17.09
N GLN B 462 24.83 19.97 18.21
CA GLN B 462 23.99 21.05 18.70
C GLN B 462 24.85 22.13 19.32
N GLU B 463 24.55 23.39 19.00
CA GLU B 463 25.37 24.49 19.48
C GLU B 463 25.05 24.82 20.93
N GLY B 464 25.99 25.45 21.59
CA GLY B 464 25.88 25.82 22.98
C GLY B 464 27.24 25.84 23.63
N LYS B 465 27.32 26.56 24.75
CA LYS B 465 28.57 26.71 25.47
C LYS B 465 28.65 25.68 26.60
N SER B 466 29.81 25.04 26.72
CA SER B 466 30.08 24.05 27.74
C SER B 466 31.14 24.58 28.70
N LEU B 467 31.07 24.13 29.96
CA LEU B 467 31.97 24.60 31.00
C LEU B 467 32.56 23.42 31.75
N TYR B 468 33.88 23.42 31.86
CA TYR B 468 34.62 22.37 32.56
C TYR B 468 34.79 22.78 34.03
N VAL B 469 34.18 22.02 34.93
CA VAL B 469 34.28 22.27 36.37
C VAL B 469 35.35 21.33 36.91
N LYS B 470 36.54 21.86 37.15
CA LYS B 470 37.67 21.03 37.56
C LYS B 470 37.52 20.59 39.02
N GLY B 471 38.06 19.41 39.33
CA GLY B 471 38.00 18.89 40.67
C GLY B 471 38.57 17.49 40.85
N GLU B 472 39.17 17.23 42.02
CA GLU B 472 39.85 15.96 42.24
C GLU B 472 38.85 14.81 42.27
N PRO B 473 39.10 13.72 41.54
CA PRO B 473 38.18 12.58 41.56
C PRO B 473 37.93 12.07 42.97
N ILE B 474 36.65 11.90 43.30
CA ILE B 474 36.28 11.60 44.67
C ILE B 474 36.73 10.21 45.12
N ILE B 475 36.96 9.30 44.18
CA ILE B 475 37.35 7.95 44.54
C ILE B 475 38.67 7.93 45.30
N ASN B 476 39.48 8.98 45.17
CA ASN B 476 40.77 9.05 45.86
C ASN B 476 40.65 9.13 47.37
N PHE B 477 39.43 9.32 47.89
CA PHE B 477 39.22 9.45 49.33
C PHE B 477 38.81 8.15 50.01
N TYR B 478 38.71 7.05 49.27
CA TYR B 478 38.25 5.78 49.83
C TYR B 478 39.42 4.83 49.99
N ASP B 479 39.55 4.24 51.18
CA ASP B 479 40.60 3.26 51.40
C ASP B 479 40.19 1.92 50.80
N PRO B 480 40.90 1.42 49.79
CA PRO B 480 40.49 0.17 49.16
C PRO B 480 40.54 -1.03 50.08
N LEU B 481 41.27 -0.95 51.20
CA LEU B 481 41.32 -2.07 52.15
C LEU B 481 39.95 -2.34 52.77
N VAL B 482 39.09 -1.33 52.80
CA VAL B 482 37.78 -1.45 53.43
C VAL B 482 36.68 -1.01 52.48
N PHE B 483 37.03 -0.78 51.23
CA PHE B 483 36.04 -0.34 50.26
C PHE B 483 35.07 -1.46 49.91
N PRO B 484 33.77 -1.27 50.13
CA PRO B 484 32.80 -2.30 49.76
C PRO B 484 32.56 -2.36 48.26
N SER B 485 33.34 -3.17 47.57
CA SER B 485 33.28 -3.23 46.12
C SER B 485 32.17 -4.13 45.58
N ASP B 486 31.21 -4.55 46.41
CA ASP B 486 30.18 -5.48 45.98
C ASP B 486 28.77 -4.91 46.16
N GLU B 487 28.63 -3.60 46.27
CA GLU B 487 27.33 -2.97 46.43
C GLU B 487 26.86 -2.47 45.08
N PHE B 488 25.63 -2.83 44.70
CA PHE B 488 25.12 -2.59 43.36
C PHE B 488 24.00 -1.56 43.30
N ASP B 489 23.19 -1.45 44.37
CA ASP B 489 22.17 -0.41 44.48
C ASP B 489 22.39 0.25 45.84
N ALA B 490 23.36 1.14 45.89
CA ALA B 490 23.76 1.78 47.13
C ALA B 490 23.69 3.29 46.98
N SER B 491 24.32 3.99 47.91
CA SER B 491 24.33 5.45 47.95
C SER B 491 25.47 5.88 48.87
N ILE B 492 25.65 7.20 48.98
CA ILE B 492 26.76 7.76 49.76
C ILE B 492 26.74 7.19 51.18
N SER B 493 25.64 7.41 51.89
CA SER B 493 25.53 6.92 53.26
C SER B 493 25.60 5.40 53.31
N GLN B 494 24.95 4.73 52.34
CA GLN B 494 24.99 3.26 52.32
C GLN B 494 26.41 2.74 52.17
N VAL B 495 27.28 3.51 51.49
CA VAL B 495 28.67 3.07 51.36
C VAL B 495 29.44 3.38 52.64
N ASN B 496 29.21 4.57 53.21
CA ASN B 496 29.95 4.96 54.41
C ASN B 496 29.65 4.05 55.59
N GLU B 497 28.38 3.67 55.76
CA GLU B 497 28.04 2.74 56.84
C GLU B 497 28.63 1.36 56.59
N LYS B 498 28.71 0.93 55.33
CA LYS B 498 29.38 -0.34 55.03
C LYS B 498 30.86 -0.28 55.37
N ILE B 499 31.50 0.87 55.12
CA ILE B 499 32.89 1.05 55.55
C ILE B 499 32.97 1.15 57.07
N ASN B 500 32.12 1.98 57.68
CA ASN B 500 32.10 2.09 59.13
C ASN B 500 31.81 0.75 59.78
N GLN B 501 30.99 -0.08 59.14
CA GLN B 501 30.74 -1.43 59.66
C GLN B 501 32.00 -2.27 59.56
N SER B 502 32.73 -2.17 58.44
CA SER B 502 33.97 -2.91 58.30
C SER B 502 35.10 -2.29 59.12
N LEU B 503 35.06 -0.97 59.35
CA LEU B 503 36.12 -0.36 60.15
C LEU B 503 36.00 -0.77 61.61
N ALA B 504 34.77 -0.85 62.11
CA ALA B 504 34.55 -1.30 63.47
C ALA B 504 34.91 -2.77 63.63
N PHE B 505 34.87 -3.52 62.52
CA PHE B 505 35.05 -4.96 62.57
C PHE B 505 36.48 -5.32 62.94
N ILE B 506 37.44 -4.79 62.17
CA ILE B 506 38.85 -5.01 62.49
C ILE B 506 39.22 -4.31 63.79
N ARG B 507 38.59 -3.17 64.06
CA ARG B 507 38.98 -2.34 65.20
C ARG B 507 38.65 -3.01 66.53
N LYS B 508 37.45 -3.59 66.66
CA LYS B 508 37.16 -4.37 67.86
C LYS B 508 38.00 -5.64 67.89
N SER B 509 38.19 -6.28 66.74
CA SER B 509 39.08 -7.44 66.68
C SER B 509 40.47 -7.02 67.13
N ASP B 510 40.91 -5.83 66.71
CA ASP B 510 42.17 -5.28 67.19
C ASP B 510 42.08 -4.98 68.68
N GLU B 511 40.96 -4.41 69.13
CA GLU B 511 40.79 -4.11 70.55
C GLU B 511 40.75 -5.39 71.38
N LEU B 512 40.05 -6.41 70.90
CA LEU B 512 40.09 -7.70 71.59
C LEU B 512 41.51 -8.26 71.55
N LEU B 513 42.19 -8.12 70.42
CA LEU B 513 43.59 -8.53 70.33
C LEU B 513 44.47 -7.70 71.24
N SER B 514 44.06 -6.46 71.54
CA SER B 514 44.87 -5.55 72.34
C SER B 514 44.71 -5.77 73.83
N ALA B 515 43.56 -6.31 74.27
CA ALA B 515 43.27 -6.44 75.70
C ALA B 515 43.20 -7.89 76.14
N ILE B 516 43.83 -8.81 75.40
CA ILE B 516 43.95 -10.17 75.88
C ILE B 516 44.97 -10.24 77.01
N GLY B 517 44.87 -11.31 77.81
CA GLY B 517 45.78 -11.53 78.91
C GLY B 517 45.67 -10.50 80.03
N ASN C 27 -15.65 -13.18 35.52
CA ASN C 27 -15.63 -13.92 36.78
C ASN C 27 -14.22 -13.91 37.38
N ILE C 28 -13.82 -12.78 37.96
CA ILE C 28 -12.48 -12.59 38.52
C ILE C 28 -12.58 -12.12 39.96
N THR C 29 -11.63 -12.55 40.78
CA THR C 29 -11.53 -12.15 42.17
C THR C 29 -10.14 -11.56 42.39
N GLU C 30 -9.91 -11.02 43.60
CA GLU C 30 -8.60 -10.48 43.94
C GLU C 30 -8.46 -10.31 45.45
N GLU C 31 -7.27 -10.63 45.96
CA GLU C 31 -6.94 -10.46 47.37
C GLU C 31 -5.66 -9.65 47.49
N PHE C 32 -5.66 -8.72 48.44
CA PHE C 32 -4.49 -7.90 48.76
C PHE C 32 -3.99 -8.24 50.16
N TYR C 33 -2.70 -8.51 50.27
CA TYR C 33 -2.07 -8.86 51.54
C TYR C 33 -1.34 -7.62 52.05
N GLN C 34 -1.87 -7.04 53.13
CA GLN C 34 -1.27 -5.81 53.65
C GLN C 34 0.15 -6.03 54.13
N SER C 35 0.47 -7.25 54.59
CA SER C 35 1.72 -7.48 55.30
C SER C 35 2.92 -7.52 54.36
N THR C 36 2.74 -7.92 53.11
CA THR C 36 3.81 -7.97 52.15
C THR C 36 3.73 -6.85 51.11
N CYS C 37 2.74 -5.96 51.23
CA CYS C 37 2.58 -4.85 50.29
C CYS C 37 2.50 -5.38 48.85
N SER C 38 1.66 -6.41 48.66
CA SER C 38 1.55 -7.09 47.39
C SER C 38 0.12 -7.63 47.22
N ALA C 39 -0.24 -7.90 45.97
CA ALA C 39 -1.59 -8.34 45.63
C ALA C 39 -1.58 -9.46 44.61
N VAL C 40 -2.52 -10.40 44.75
CA VAL C 40 -2.68 -11.54 43.86
C VAL C 40 -4.06 -11.47 43.22
N SER C 41 -4.11 -11.60 41.91
CA SER C 41 -5.38 -11.63 41.17
C SER C 41 -5.63 -13.06 40.73
N LYS C 42 -6.75 -13.64 41.14
CA LYS C 42 -7.05 -15.04 40.91
C LYS C 42 -8.29 -15.18 40.05
N GLY C 43 -8.48 -16.39 39.52
CA GLY C 43 -9.64 -16.73 38.73
C GLY C 43 -9.36 -16.87 37.25
N TYR C 44 -8.17 -16.54 36.79
CA TYR C 44 -7.85 -16.59 35.38
C TYR C 44 -7.58 -18.01 34.94
N LEU C 45 -7.60 -18.22 33.61
CA LEU C 45 -7.40 -19.53 33.01
C LEU C 45 -6.16 -19.55 32.15
N SER C 46 -5.58 -20.74 31.99
CA SER C 46 -4.28 -20.91 31.35
C SER C 46 -4.43 -21.21 29.87
N ALA C 47 -3.40 -20.81 29.12
CA ALA C 47 -3.21 -21.27 27.75
C ALA C 47 -1.75 -21.03 27.37
N LEU C 48 -0.87 -21.91 27.83
CA LEU C 48 0.57 -21.75 27.67
C LEU C 48 1.03 -22.49 26.43
N ARG C 49 1.84 -21.84 25.60
CA ARG C 49 2.36 -22.49 24.40
C ARG C 49 3.54 -23.36 24.81
N THR C 50 3.38 -24.67 24.70
CA THR C 50 4.47 -25.57 25.05
C THR C 50 5.36 -25.91 23.86
N GLY C 51 4.79 -25.97 22.67
CA GLY C 51 5.54 -26.42 21.51
C GLY C 51 5.23 -25.66 20.24
N TRP C 52 5.64 -26.20 19.10
CA TRP C 52 5.48 -25.52 17.82
C TRP C 52 5.03 -26.50 16.75
N TYR C 53 4.27 -25.99 15.78
CA TYR C 53 3.97 -26.68 14.54
C TYR C 53 4.49 -25.89 13.36
N THR C 54 5.12 -26.58 12.41
CA THR C 54 5.67 -25.96 11.22
C THR C 54 4.74 -26.15 10.03
N SER C 55 4.57 -25.08 9.25
CA SER C 55 3.73 -25.12 8.06
C SER C 55 4.45 -24.43 6.92
N VAL C 56 4.24 -24.95 5.72
CA VAL C 56 4.90 -24.46 4.51
C VAL C 56 3.88 -23.74 3.64
N ILE C 57 4.19 -22.51 3.27
CA ILE C 57 3.34 -21.71 2.41
C ILE C 57 4.05 -21.55 1.07
N THR C 58 3.33 -21.81 -0.01
CA THR C 58 3.93 -21.79 -1.34
C THR C 58 3.23 -20.79 -2.25
N ILE C 59 4.01 -20.23 -3.18
CA ILE C 59 3.51 -19.35 -4.22
C ILE C 59 4.13 -19.80 -5.54
N GLU C 60 3.29 -20.16 -6.50
CA GLU C 60 3.77 -20.65 -7.78
C GLU C 60 4.20 -19.44 -8.62
N LEU C 61 5.49 -19.35 -8.88
CA LEU C 61 6.06 -18.24 -9.64
C LEU C 61 6.40 -18.69 -11.05
N SER C 62 6.64 -17.72 -11.92
CA SER C 62 7.03 -18.01 -13.30
C SER C 62 8.42 -17.41 -13.51
N ASN C 63 9.43 -18.27 -13.64
CA ASN C 63 10.77 -17.78 -13.92
C ASN C 63 10.82 -17.31 -15.37
N ILE C 64 10.36 -16.08 -15.57
CA ILE C 64 10.39 -15.44 -16.88
C ILE C 64 11.27 -14.21 -16.77
N LYS C 65 12.03 -13.95 -17.83
CA LYS C 65 12.89 -12.78 -17.80
C LYS C 65 12.65 -11.88 -19.00
N GLU C 66 13.36 -12.14 -20.10
CA GLU C 66 13.43 -11.19 -21.20
C GLU C 66 12.04 -10.89 -21.78
N ILE C 67 11.68 -9.61 -21.77
CA ILE C 67 10.49 -9.11 -22.46
C ILE C 67 10.84 -8.79 -23.91
N LYS C 68 10.17 -9.46 -24.84
CA LYS C 68 10.42 -9.22 -26.26
C LYS C 68 9.71 -7.95 -26.74
N CYS C 69 8.44 -7.80 -26.39
CA CYS C 69 7.65 -6.68 -26.90
C CYS C 69 8.22 -5.34 -26.42
N ASN C 70 8.19 -4.35 -27.32
CA ASN C 70 8.57 -2.97 -27.05
C ASN C 70 7.50 -2.01 -27.57
N GLY C 71 6.23 -2.37 -27.41
CA GLY C 71 5.15 -1.56 -27.95
C GLY C 71 5.04 -0.20 -27.26
N THR C 72 4.36 0.71 -27.94
CA THR C 72 4.22 2.09 -27.49
C THR C 72 2.88 2.38 -26.82
N ASP C 73 1.97 1.41 -26.78
CA ASP C 73 0.67 1.62 -26.16
C ASP C 73 0.83 1.88 -24.67
N ALA C 74 0.00 2.79 -24.15
CA ALA C 74 0.11 3.19 -22.74
C ALA C 74 -0.20 2.02 -21.81
N LYS C 75 -1.24 1.24 -22.11
CA LYS C 75 -1.58 0.09 -21.27
C LYS C 75 -0.44 -0.92 -21.22
N VAL C 76 0.26 -1.09 -22.35
CA VAL C 76 1.39 -2.01 -22.39
C VAL C 76 2.48 -1.55 -21.41
N LYS C 77 2.80 -0.25 -21.45
CA LYS C 77 3.81 0.29 -20.54
C LYS C 77 3.46 0.00 -19.08
N LEU C 78 2.18 0.12 -18.74
CA LEU C 78 1.76 -0.16 -17.37
C LEU C 78 1.96 -1.63 -17.02
N ILE C 79 1.63 -2.53 -17.95
CA ILE C 79 1.87 -3.95 -17.71
C ILE C 79 3.36 -4.23 -17.61
N LYS C 80 4.15 -3.61 -18.49
CA LYS C 80 5.59 -3.80 -18.48
C LYS C 80 6.18 -3.46 -17.11
N GLN C 81 5.99 -2.23 -16.66
CA GLN C 81 6.58 -1.81 -15.40
C GLN C 81 5.95 -2.54 -14.21
N GLU C 82 4.68 -2.96 -14.34
CA GLU C 82 4.09 -3.85 -13.33
C GLU C 82 4.74 -5.23 -13.37
N LEU C 83 5.07 -5.71 -14.58
CA LEU C 83 5.77 -6.98 -14.69
C LEU C 83 7.19 -6.88 -14.15
N ASP C 84 7.83 -5.73 -14.33
CA ASP C 84 9.17 -5.51 -13.79
C ASP C 84 9.16 -5.52 -12.27
N LYS C 85 8.07 -5.06 -11.65
CA LYS C 85 7.93 -5.17 -10.20
C LYS C 85 7.95 -6.63 -9.77
N TYR C 86 7.34 -7.51 -10.57
CA TYR C 86 7.38 -8.94 -10.29
C TYR C 86 8.80 -9.48 -10.40
N LYS C 87 9.48 -9.18 -11.51
CA LYS C 87 10.85 -9.66 -11.70
C LYS C 87 11.78 -9.12 -10.61
N ASN C 88 11.60 -7.86 -10.22
CA ASN C 88 12.43 -7.26 -9.18
C ASN C 88 12.16 -7.89 -7.81
N ALA C 89 10.88 -8.14 -7.50
CA ALA C 89 10.54 -8.74 -6.22
C ALA C 89 11.18 -10.11 -6.05
N VAL C 90 11.09 -10.94 -7.10
CA VAL C 90 11.72 -12.26 -7.05
C VAL C 90 13.22 -12.13 -6.91
N THR C 91 13.82 -11.20 -7.63
CA THR C 91 15.27 -11.03 -7.56
C THR C 91 15.71 -10.63 -6.16
N GLU C 92 14.90 -9.82 -5.47
CA GLU C 92 15.20 -9.50 -4.08
C GLU C 92 15.24 -10.76 -3.23
N LEU C 93 14.27 -11.65 -3.41
CA LEU C 93 14.18 -12.82 -2.56
C LEU C 93 15.33 -13.79 -2.82
N GLN C 94 15.71 -13.94 -4.09
CA GLN C 94 16.87 -14.77 -4.43
C GLN C 94 18.16 -14.26 -3.81
N LEU C 95 18.26 -12.93 -3.61
CA LEU C 95 19.45 -12.37 -2.99
C LEU C 95 19.57 -12.78 -1.53
N LEU C 96 18.44 -13.12 -0.88
CA LEU C 96 18.49 -13.44 0.54
C LEU C 96 19.32 -14.68 0.82
N MET C 97 19.34 -15.63 -0.12
CA MET C 97 20.06 -16.88 0.08
C MET C 97 21.58 -16.68 0.01
N PHE C 137 11.26 -9.27 36.37
CA PHE C 137 12.09 -8.80 37.47
C PHE C 137 13.27 -9.74 37.63
N LEU C 138 12.97 -11.03 37.67
CA LEU C 138 13.98 -12.06 37.84
C LEU C 138 14.36 -12.73 36.52
N GLY C 139 14.28 -11.97 35.42
CA GLY C 139 14.54 -12.53 34.10
C GLY C 139 15.93 -13.13 33.96
N PHE C 140 16.87 -12.73 34.82
CA PHE C 140 18.22 -13.29 34.75
C PHE C 140 18.25 -14.77 35.13
N LEU C 141 17.18 -15.29 35.71
CA LEU C 141 17.11 -16.70 36.08
C LEU C 141 16.58 -17.57 34.95
N LEU C 142 16.11 -16.95 33.86
CA LEU C 142 15.46 -17.66 32.77
C LEU C 142 16.47 -18.45 31.93
N GLY C 143 15.93 -19.40 31.18
CA GLY C 143 16.71 -20.11 30.20
C GLY C 143 16.86 -19.30 28.93
N VAL C 144 17.68 -19.81 28.01
CA VAL C 144 17.98 -19.14 26.75
C VAL C 144 17.87 -20.20 25.65
N GLY C 145 16.84 -20.10 24.83
CA GLY C 145 16.65 -21.04 23.74
C GLY C 145 16.25 -20.32 22.47
N SER C 146 16.60 -20.93 21.34
CA SER C 146 16.23 -20.40 20.03
C SER C 146 14.86 -20.93 19.67
N ALA C 147 13.86 -20.06 19.72
CA ALA C 147 12.47 -20.50 19.53
C ALA C 147 12.23 -21.02 18.11
N ILE C 148 12.86 -20.39 17.11
CA ILE C 148 12.55 -20.69 15.72
C ILE C 148 13.48 -21.76 15.17
N ALA C 149 14.14 -22.50 16.06
CA ALA C 149 14.99 -23.61 15.61
C ALA C 149 14.17 -24.63 14.83
N SER C 150 12.91 -24.83 15.21
CA SER C 150 12.05 -25.75 14.50
C SER C 150 11.79 -25.30 13.06
N GLY C 151 11.38 -24.03 12.89
CA GLY C 151 11.16 -23.51 11.55
C GLY C 151 12.42 -23.50 10.70
N VAL C 152 13.57 -23.23 11.33
CA VAL C 152 14.84 -23.21 10.61
C VAL C 152 15.10 -24.58 9.99
N ALA C 153 14.97 -25.63 10.80
CA ALA C 153 15.24 -26.98 10.30
C ALA C 153 14.37 -27.31 9.09
N VAL C 154 13.12 -26.85 9.09
CA VAL C 154 12.23 -27.13 7.97
C VAL C 154 12.71 -26.42 6.72
N SER C 155 12.88 -25.10 6.79
CA SER C 155 13.35 -24.35 5.62
C SER C 155 14.69 -24.88 5.13
N LYS C 156 15.53 -25.40 6.02
CA LYS C 156 16.79 -26.02 5.60
C LYS C 156 16.53 -27.32 4.84
N VAL C 157 15.54 -28.10 5.27
CA VAL C 157 15.19 -29.33 4.56
C VAL C 157 14.71 -29.02 3.15
N LEU C 158 14.10 -27.85 2.95
CA LEU C 158 13.62 -27.47 1.63
C LEU C 158 14.75 -27.37 0.62
N HIS C 159 15.96 -26.99 1.06
CA HIS C 159 17.08 -26.89 0.14
C HIS C 159 17.42 -28.23 -0.49
N LEU C 160 16.99 -29.34 0.10
CA LEU C 160 17.21 -30.66 -0.49
C LEU C 160 16.49 -30.75 -1.83
N GLU C 161 17.18 -31.31 -2.83
CA GLU C 161 16.59 -31.44 -4.15
C GLU C 161 15.40 -32.41 -4.09
N GLY C 162 14.47 -32.22 -5.01
CA GLY C 162 13.32 -33.10 -5.07
C GLY C 162 12.26 -32.77 -4.04
N GLU C 163 12.66 -32.17 -2.92
CA GLU C 163 11.70 -31.81 -1.88
C GLU C 163 10.69 -30.79 -2.42
N VAL C 164 11.18 -29.82 -3.20
CA VAL C 164 10.28 -28.85 -3.82
C VAL C 164 9.28 -29.56 -4.73
N ASN C 165 9.73 -30.60 -5.45
CA ASN C 165 8.83 -31.29 -6.38
C ASN C 165 7.74 -32.04 -5.63
N LYS C 166 8.11 -32.75 -4.55
CA LYS C 166 7.09 -33.47 -3.78
C LYS C 166 6.00 -32.53 -3.30
N ILE C 167 6.36 -31.28 -3.01
CA ILE C 167 5.34 -30.28 -2.71
C ILE C 167 4.56 -29.95 -3.97
N LYS C 168 5.29 -29.54 -5.01
CA LYS C 168 4.65 -29.22 -6.28
C LYS C 168 3.82 -30.39 -6.79
N SER C 169 4.30 -31.62 -6.55
CA SER C 169 3.52 -32.79 -6.95
C SER C 169 2.24 -32.89 -6.13
N ALA C 170 2.37 -32.83 -4.80
CA ALA C 170 1.21 -32.98 -3.93
C ALA C 170 0.18 -31.88 -4.18
N LEU C 171 0.63 -30.72 -4.63
CA LEU C 171 -0.23 -29.55 -4.82
C LEU C 171 -0.49 -29.27 -6.29
N LEU C 172 -0.46 -30.30 -7.13
CA LEU C 172 -0.78 -30.11 -8.54
C LEU C 172 -2.27 -29.85 -8.72
N SER C 173 -3.10 -30.71 -8.13
CA SER C 173 -4.55 -30.59 -8.26
C SER C 173 -5.13 -29.56 -7.31
N THR C 174 -4.85 -29.70 -6.00
CA THR C 174 -5.47 -28.88 -4.98
C THR C 174 -4.51 -27.80 -4.46
N ASN C 175 -5.04 -26.95 -3.57
CA ASN C 175 -4.30 -25.88 -2.92
C ASN C 175 -3.74 -26.31 -1.57
N LYS C 176 -4.48 -27.11 -0.81
CA LYS C 176 -4.08 -27.56 0.51
C LYS C 176 -3.82 -29.05 0.47
N ALA C 177 -2.68 -29.47 1.04
CA ALA C 177 -2.33 -30.88 1.08
C ALA C 177 -1.29 -31.10 2.17
N VAL C 178 -1.30 -32.32 2.72
CA VAL C 178 -0.33 -32.74 3.73
C VAL C 178 0.82 -33.45 3.03
N VAL C 179 2.05 -33.10 3.40
CA VAL C 179 3.22 -33.68 2.76
C VAL C 179 4.11 -34.30 3.84
N SER C 180 4.53 -35.54 3.61
CA SER C 180 5.51 -36.20 4.45
C SER C 180 6.89 -35.97 3.85
N LEU C 181 7.80 -35.41 4.63
CA LEU C 181 9.10 -35.01 4.12
C LEU C 181 10.07 -36.19 4.09
N SER C 182 11.24 -35.96 3.50
CA SER C 182 12.24 -37.02 3.37
C SER C 182 12.75 -37.49 4.73
N ASN C 183 12.82 -36.59 5.71
CA ASN C 183 13.32 -36.96 7.02
C ASN C 183 12.34 -37.84 7.79
N GLY C 184 11.05 -37.71 7.51
CA GLY C 184 10.03 -38.50 8.16
C GLY C 184 9.07 -37.74 9.05
N VAL C 185 8.96 -36.42 8.90
CA VAL C 185 8.01 -35.62 9.65
C VAL C 185 6.93 -35.14 8.69
N SER C 186 5.71 -35.04 9.19
CA SER C 186 4.57 -34.60 8.40
C SER C 186 4.31 -33.12 8.67
N VAL C 187 4.26 -32.33 7.59
CA VAL C 187 4.03 -30.90 7.67
C VAL C 187 2.92 -30.49 6.70
N LEU C 188 2.21 -29.42 7.07
CA LEU C 188 1.08 -28.92 6.29
C LEU C 188 1.54 -27.86 5.29
N THR C 189 1.14 -28.03 4.03
CA THR C 189 1.54 -27.13 2.96
C THR C 189 0.29 -26.62 2.25
N SER C 190 0.40 -25.43 1.67
CA SER C 190 -0.74 -24.83 0.99
C SER C 190 -0.28 -23.83 -0.05
N LYS C 191 -1.02 -23.77 -1.16
CA LYS C 191 -0.82 -22.75 -2.18
C LYS C 191 -1.71 -21.56 -1.85
N VAL C 192 -1.17 -20.36 -1.90
CA VAL C 192 -1.91 -19.18 -1.52
C VAL C 192 -2.21 -18.27 -2.71
N LEU C 193 -1.38 -18.31 -3.75
CA LEU C 193 -1.64 -17.49 -4.93
C LEU C 193 -0.94 -18.13 -6.12
N ASP C 194 -1.63 -18.16 -7.25
CA ASP C 194 -1.11 -18.77 -8.48
C ASP C 194 -0.85 -17.65 -9.48
N LEU C 195 0.39 -17.15 -9.49
CA LEU C 195 0.81 -16.17 -10.48
C LEU C 195 1.47 -16.81 -11.68
N LYS C 196 2.14 -17.95 -11.50
CA LYS C 196 2.76 -18.65 -12.61
C LYS C 196 1.76 -18.92 -13.73
N ASN C 197 0.59 -19.43 -13.37
CA ASN C 197 -0.42 -19.75 -14.38
C ASN C 197 -0.90 -18.50 -15.09
N TYR C 198 -1.11 -17.41 -14.36
CA TYR C 198 -1.59 -16.19 -15.01
C TYR C 198 -0.55 -15.60 -15.94
N ILE C 199 0.69 -15.48 -15.47
CA ILE C 199 1.73 -14.82 -16.26
C ILE C 199 2.06 -15.65 -17.51
N ASP C 200 2.39 -16.93 -17.32
CA ASP C 200 2.85 -17.74 -18.45
C ASP C 200 1.74 -18.06 -19.44
N LYS C 201 0.49 -18.17 -18.98
CA LYS C 201 -0.59 -18.57 -19.87
C LYS C 201 -1.32 -17.39 -20.51
N GLN C 202 -1.18 -16.20 -19.96
CA GLN C 202 -1.91 -15.04 -20.46
C GLN C 202 -1.03 -13.89 -20.90
N LEU C 203 0.25 -13.88 -20.55
CA LEU C 203 1.08 -12.71 -20.80
C LEU C 203 2.34 -13.03 -21.60
N LEU C 204 3.11 -14.03 -21.19
CA LEU C 204 4.34 -14.35 -21.91
C LEU C 204 4.13 -14.65 -23.40
N PRO C 205 3.12 -15.42 -23.82
CA PRO C 205 2.93 -15.62 -25.27
C PRO C 205 2.62 -14.34 -26.03
N ILE C 206 1.92 -13.39 -25.40
CA ILE C 206 1.66 -12.11 -26.06
C ILE C 206 2.93 -11.27 -26.13
N VAL C 207 3.60 -11.10 -24.99
CA VAL C 207 4.75 -10.21 -24.91
C VAL C 207 5.94 -10.80 -25.65
N ASN C 208 6.00 -12.13 -25.78
CA ASN C 208 7.08 -12.79 -26.53
C ASN C 208 7.17 -12.32 -27.97
N LYS C 209 6.16 -11.62 -28.46
CA LYS C 209 6.08 -11.20 -29.85
C LYS C 209 6.48 -9.74 -30.03
N GLN C 210 6.76 -9.38 -31.29
CA GLN C 210 7.24 -8.04 -31.62
C GLN C 210 6.23 -6.97 -31.20
N SER C 211 5.05 -6.98 -31.82
CA SER C 211 4.00 -6.02 -31.50
C SER C 211 2.94 -6.71 -30.65
N CYS C 212 2.72 -6.21 -29.44
CA CYS C 212 1.72 -6.75 -28.53
C CYS C 212 0.69 -5.66 -28.26
N SER C 213 -0.55 -6.07 -28.04
CA SER C 213 -1.65 -5.14 -27.81
C SER C 213 -2.49 -5.59 -26.64
N ILE C 214 -2.90 -4.65 -25.80
CA ILE C 214 -3.84 -4.88 -24.71
C ILE C 214 -5.01 -3.93 -24.90
N PRO C 215 -6.24 -4.42 -25.02
CA PRO C 215 -7.37 -3.51 -25.21
C PRO C 215 -8.03 -3.07 -23.90
N ASN C 216 -8.74 -3.97 -23.23
CA ASN C 216 -9.42 -3.62 -21.99
C ASN C 216 -8.43 -3.30 -20.88
N ILE C 217 -8.58 -2.12 -20.27
CA ILE C 217 -7.69 -1.67 -19.21
C ILE C 217 -7.95 -2.41 -17.90
N GLU C 218 -9.16 -2.96 -17.73
CA GLU C 218 -9.46 -3.76 -16.55
C GLU C 218 -8.49 -4.91 -16.38
N THR C 219 -7.99 -5.48 -17.48
CA THR C 219 -6.97 -6.53 -17.40
C THR C 219 -5.74 -6.05 -16.63
N VAL C 220 -5.33 -4.79 -16.85
CA VAL C 220 -4.18 -4.25 -16.14
C VAL C 220 -4.47 -4.18 -14.64
N ILE C 221 -5.67 -3.74 -14.28
CA ILE C 221 -6.05 -3.62 -12.88
C ILE C 221 -6.12 -4.99 -12.23
N GLU C 222 -6.74 -5.95 -12.91
CA GLU C 222 -6.80 -7.31 -12.39
C GLU C 222 -5.41 -7.87 -12.13
N PHE C 223 -4.46 -7.53 -13.01
CA PHE C 223 -3.07 -7.94 -12.81
C PHE C 223 -2.46 -7.28 -11.59
N GLN C 224 -2.73 -5.98 -11.40
CA GLN C 224 -2.23 -5.28 -10.23
C GLN C 224 -2.77 -5.89 -8.94
N GLN C 225 -4.05 -6.29 -8.95
CA GLN C 225 -4.68 -6.84 -7.75
C GLN C 225 -3.97 -8.12 -7.31
N LYS C 226 -3.80 -9.07 -8.23
CA LYS C 226 -3.14 -10.32 -7.88
C LYS C 226 -1.68 -10.10 -7.53
N ASN C 227 -1.00 -9.17 -8.21
CA ASN C 227 0.43 -8.97 -8.02
C ASN C 227 0.79 -8.23 -6.74
N ASN C 228 -0.12 -7.45 -6.17
CA ASN C 228 0.23 -6.63 -5.00
C ASN C 228 0.60 -7.49 -3.79
N ARG C 229 -0.14 -8.58 -3.56
CA ARG C 229 0.12 -9.40 -2.39
C ARG C 229 1.56 -9.92 -2.35
N LEU C 230 2.10 -10.26 -3.51
CA LEU C 230 3.49 -10.71 -3.57
C LEU C 230 4.43 -9.58 -3.19
N LEU C 231 4.16 -8.39 -3.69
CA LEU C 231 5.04 -7.25 -3.47
C LEU C 231 5.07 -6.87 -1.99
N GLU C 232 3.92 -6.93 -1.32
CA GLU C 232 3.87 -6.63 0.10
C GLU C 232 4.58 -7.69 0.92
N ILE C 233 4.52 -8.96 0.49
CA ILE C 233 5.27 -10.02 1.16
C ILE C 233 6.76 -9.78 1.01
N THR C 234 7.20 -9.42 -0.20
CA THR C 234 8.60 -9.08 -0.42
C THR C 234 9.04 -7.92 0.47
N ARG C 235 8.21 -6.90 0.62
CA ARG C 235 8.58 -5.76 1.44
C ARG C 235 8.79 -6.16 2.90
N GLU C 236 7.90 -7.01 3.43
CA GLU C 236 8.06 -7.46 4.81
C GLU C 236 9.38 -8.18 5.03
N PHE C 237 9.75 -9.06 4.10
CA PHE C 237 10.95 -9.88 4.32
C PHE C 237 12.22 -9.05 4.22
N SER C 238 12.26 -8.06 3.33
CA SER C 238 13.48 -7.30 3.08
C SER C 238 13.89 -6.42 4.27
N VAL C 239 12.96 -6.11 5.17
CA VAL C 239 13.27 -5.27 6.33
C VAL C 239 13.43 -6.08 7.61
N ASN C 240 13.20 -7.39 7.56
CA ASN C 240 13.33 -8.24 8.74
C ASN C 240 14.26 -9.42 8.50
N ALA C 241 15.04 -9.40 7.41
CA ALA C 241 16.01 -10.45 7.11
C ALA C 241 15.37 -11.83 7.05
N GLY C 242 14.14 -11.87 6.51
CA GLY C 242 13.43 -13.12 6.29
C GLY C 242 12.72 -13.71 7.49
N VAL C 243 12.66 -13.01 8.61
CA VAL C 243 11.98 -13.49 9.81
C VAL C 243 11.07 -12.38 10.30
N THR C 244 9.77 -12.55 10.08
CA THR C 244 8.78 -11.55 10.49
C THR C 244 7.91 -12.12 11.61
N THR C 245 7.52 -11.22 12.53
CA THR C 245 6.53 -11.50 13.56
C THR C 245 5.97 -10.15 14.00
N PRO C 246 4.64 -10.02 14.18
CA PRO C 246 3.61 -11.03 13.88
C PRO C 246 3.42 -11.30 12.39
N VAL C 247 2.54 -12.25 12.09
CA VAL C 247 2.25 -12.65 10.71
C VAL C 247 1.08 -11.81 10.19
N SER C 248 1.32 -11.05 9.13
CA SER C 248 0.35 -10.12 8.59
C SER C 248 -0.69 -10.84 7.73
N THR C 249 -1.77 -10.12 7.42
CA THR C 249 -2.75 -10.61 6.45
C THR C 249 -2.15 -10.71 5.06
N TYR C 250 -1.09 -9.96 4.77
CA TYR C 250 -0.34 -10.17 3.54
C TYR C 250 0.27 -11.56 3.50
N MET C 251 0.92 -11.97 4.59
CA MET C 251 1.51 -13.31 4.67
C MET C 251 0.44 -14.39 4.75
N LEU C 252 -0.68 -14.09 5.41
CA LEU C 252 -1.72 -15.11 5.62
C LEU C 252 -3.02 -14.41 5.98
N THR C 253 -4.01 -14.48 5.07
CA THR C 253 -5.32 -13.94 5.41
C THR C 253 -5.99 -14.85 6.43
N ASN C 254 -7.00 -14.29 7.12
CA ASN C 254 -7.69 -15.08 8.13
C ASN C 254 -8.36 -16.29 7.53
N SER C 255 -8.93 -16.15 6.32
CA SER C 255 -9.50 -17.31 5.64
C SER C 255 -8.46 -18.40 5.48
N GLU C 256 -7.23 -18.02 5.15
CA GLU C 256 -6.15 -19.01 5.04
C GLU C 256 -5.76 -19.55 6.41
N LEU C 257 -5.62 -18.67 7.39
CA LEU C 257 -5.15 -19.10 8.70
C LEU C 257 -6.16 -20.03 9.37
N LEU C 258 -7.44 -19.68 9.29
CA LEU C 258 -8.47 -20.56 9.86
C LEU C 258 -8.57 -21.88 9.10
N SER C 259 -8.37 -21.85 7.79
CA SER C 259 -8.28 -23.09 7.02
C SER C 259 -7.14 -23.97 7.52
N LEU C 260 -6.06 -23.36 8.01
CA LEU C 260 -4.95 -24.13 8.57
C LEU C 260 -5.32 -24.74 9.92
N ILE C 261 -5.87 -23.92 10.81
CA ILE C 261 -6.16 -24.38 12.17
C ILE C 261 -7.10 -25.57 12.16
N ASN C 262 -8.11 -25.55 11.29
CA ASN C 262 -9.05 -26.67 11.23
C ASN C 262 -8.37 -27.95 10.78
N ASP C 263 -7.41 -27.83 9.85
CA ASP C 263 -6.70 -28.98 9.31
C ASP C 263 -5.44 -29.33 10.08
N MET C 264 -5.08 -28.54 11.09
CA MET C 264 -3.89 -28.81 11.87
C MET C 264 -4.08 -30.06 12.72
N PRO C 265 -3.01 -30.83 12.94
CA PRO C 265 -3.09 -32.01 13.81
C PRO C 265 -3.05 -31.64 15.29
N ILE C 266 -4.12 -31.00 15.76
CA ILE C 266 -4.22 -30.56 17.13
C ILE C 266 -5.54 -31.08 17.71
N THR C 267 -5.68 -30.97 19.02
CA THR C 267 -6.86 -31.50 19.69
C THR C 267 -8.09 -30.65 19.39
N ASN C 268 -9.26 -31.26 19.60
CA ASN C 268 -10.51 -30.57 19.33
C ASN C 268 -10.65 -29.31 20.20
N ASP C 269 -10.22 -29.39 21.46
CA ASP C 269 -10.28 -28.22 22.35
C ASP C 269 -9.40 -27.09 21.85
N GLN C 270 -8.20 -27.41 21.37
CA GLN C 270 -7.30 -26.38 20.87
C GLN C 270 -7.86 -25.66 19.65
N LYS C 271 -8.54 -26.39 18.75
CA LYS C 271 -9.10 -25.76 17.56
C LYS C 271 -10.04 -24.62 17.94
N LYS C 272 -10.96 -24.87 18.87
CA LYS C 272 -11.87 -23.82 19.31
C LYS C 272 -11.10 -22.67 19.96
N LEU C 273 -10.04 -22.98 20.70
CA LEU C 273 -9.26 -21.95 21.39
C LEU C 273 -8.52 -21.06 20.40
N MET C 274 -7.72 -21.66 19.51
CA MET C 274 -6.96 -20.89 18.54
C MET C 274 -7.88 -20.06 17.66
N SER C 275 -9.01 -20.64 17.26
CA SER C 275 -9.90 -19.96 16.32
C SER C 275 -10.51 -18.71 16.94
N ASN C 276 -10.84 -18.75 18.23
CA ASN C 276 -11.47 -17.60 18.86
C ASN C 276 -10.48 -16.49 19.17
N ASN C 277 -9.17 -16.76 19.07
CA ASN C 277 -8.15 -15.77 19.39
C ASN C 277 -7.05 -15.81 18.34
N VAL C 278 -7.45 -15.65 17.07
CA VAL C 278 -6.51 -15.75 15.96
C VAL C 278 -5.50 -14.62 15.98
N GLN C 279 -5.94 -13.42 16.38
CA GLN C 279 -5.05 -12.27 16.36
C GLN C 279 -3.88 -12.44 17.32
N ILE C 280 -4.06 -13.22 18.39
CA ILE C 280 -2.96 -13.46 19.31
C ILE C 280 -1.98 -14.46 18.73
N VAL C 281 -2.48 -15.54 18.13
CA VAL C 281 -1.60 -16.52 17.50
C VAL C 281 -0.72 -15.85 16.46
N ARG C 282 -1.29 -14.91 15.70
CA ARG C 282 -0.50 -14.12 14.75
C ARG C 282 0.68 -13.46 15.44
N GLN C 283 0.46 -12.91 16.63
CA GLN C 283 1.51 -12.22 17.35
C GLN C 283 2.56 -13.18 17.87
N GLN C 284 2.15 -14.43 18.14
CA GLN C 284 3.07 -15.47 18.60
C GLN C 284 3.55 -16.38 17.47
N SER C 285 3.45 -15.96 16.22
CA SER C 285 3.89 -16.77 15.09
C SER C 285 5.01 -16.06 14.35
N TYR C 286 5.86 -16.85 13.72
CA TYR C 286 6.96 -16.33 12.91
C TYR C 286 6.76 -16.79 11.48
N SER C 287 7.07 -15.92 10.52
CA SER C 287 7.03 -16.25 9.11
C SER C 287 8.47 -16.28 8.62
N ILE C 288 8.97 -17.47 8.31
CA ILE C 288 10.37 -17.67 7.96
C ILE C 288 10.48 -17.85 6.46
N MET C 289 11.23 -16.97 5.80
CA MET C 289 11.52 -17.15 4.38
C MET C 289 12.50 -18.31 4.21
N SER C 290 12.20 -19.22 3.28
CA SER C 290 13.01 -20.43 3.13
C SER C 290 13.83 -20.41 1.85
N ILE C 291 13.23 -20.79 0.72
CA ILE C 291 13.91 -20.89 -0.57
C ILE C 291 13.00 -20.39 -1.68
N ILE C 292 13.56 -20.32 -2.88
CA ILE C 292 12.81 -20.03 -4.10
C ILE C 292 13.54 -20.59 -5.30
N LYS C 293 13.07 -21.73 -5.82
CA LYS C 293 13.71 -22.38 -6.96
C LYS C 293 12.64 -23.17 -7.71
N GLU C 294 13.01 -23.66 -8.89
CA GLU C 294 12.12 -24.46 -9.72
C GLU C 294 10.78 -23.74 -9.91
N GLU C 295 10.88 -22.48 -10.34
CA GLU C 295 9.73 -21.62 -10.60
C GLU C 295 8.65 -21.75 -9.52
N VAL C 296 9.07 -21.89 -8.26
CA VAL C 296 8.18 -21.93 -7.11
C VAL C 296 8.85 -21.21 -5.95
N LEU C 297 8.06 -20.44 -5.21
CA LEU C 297 8.50 -19.81 -3.97
C LEU C 297 7.78 -20.43 -2.78
N ALA C 298 8.53 -20.72 -1.73
CA ALA C 298 7.96 -21.30 -0.52
C ALA C 298 8.54 -20.60 0.69
N TYR C 299 7.73 -20.48 1.74
CA TYR C 299 8.19 -19.96 3.02
C TYR C 299 7.46 -20.65 4.16
N VAL C 300 8.19 -20.90 5.24
CA VAL C 300 7.70 -21.66 6.39
C VAL C 300 7.07 -20.70 7.40
N VAL C 301 5.98 -21.14 8.01
CA VAL C 301 5.29 -20.37 9.03
C VAL C 301 5.31 -21.20 10.31
N GLN C 302 5.90 -20.65 11.36
CA GLN C 302 5.99 -21.34 12.64
C GLN C 302 4.78 -20.99 13.47
N LEU C 303 3.96 -21.97 13.78
CA LEU C 303 2.74 -21.71 14.49
C LEU C 303 2.82 -22.21 15.92
N PRO C 304 2.34 -21.43 16.88
CA PRO C 304 2.32 -21.88 18.26
C PRO C 304 1.17 -22.84 18.52
N LEU C 305 1.45 -23.87 19.30
CA LEU C 305 0.44 -24.80 19.77
C LEU C 305 0.48 -24.84 21.30
N TYR C 306 -0.69 -24.67 21.92
CA TYR C 306 -0.82 -24.46 23.36
C TYR C 306 -1.18 -25.79 24.01
N GLY C 307 -0.17 -26.47 24.57
CA GLY C 307 -0.39 -27.79 25.16
C GLY C 307 -1.08 -27.81 26.50
N VAL C 308 -1.08 -26.69 27.23
CA VAL C 308 -1.69 -26.64 28.56
C VAL C 308 -2.70 -25.51 28.58
N ILE C 309 -3.97 -25.84 28.86
CA ILE C 309 -5.08 -24.89 28.81
C ILE C 309 -6.01 -25.12 30.00
N ASP C 310 -6.57 -24.04 30.53
CA ASP C 310 -7.57 -24.01 31.60
C ASP C 310 -7.02 -24.39 32.97
N THR C 311 -5.72 -24.38 33.16
CA THR C 311 -5.34 -24.49 34.55
C THR C 311 -5.44 -23.10 35.19
N PRO C 312 -5.76 -23.03 36.48
CA PRO C 312 -5.92 -21.72 37.12
C PRO C 312 -4.63 -20.92 37.14
N CYS C 313 -4.70 -19.69 36.62
CA CYS C 313 -3.60 -18.74 36.67
C CYS C 313 -3.87 -17.67 37.72
N TRP C 314 -2.80 -17.09 38.24
CA TRP C 314 -2.92 -15.96 39.15
C TRP C 314 -1.73 -15.05 38.98
N LYS C 315 -1.97 -13.74 39.09
CA LYS C 315 -0.97 -12.72 38.86
C LYS C 315 -0.63 -12.03 40.18
N LEU C 316 0.67 -11.84 40.41
CA LEU C 316 1.18 -11.28 41.65
C LEU C 316 1.73 -9.88 41.39
N HIS C 317 1.13 -8.88 42.04
CA HIS C 317 1.62 -7.51 42.00
C HIS C 317 2.33 -7.20 43.31
N THR C 318 3.51 -6.58 43.22
CA THR C 318 4.27 -6.19 44.41
C THR C 318 4.67 -4.72 44.31
N SER C 319 4.97 -4.14 45.47
CA SER C 319 5.32 -2.73 45.58
C SER C 319 6.23 -2.57 46.79
N PRO C 320 7.01 -1.49 46.85
CA PRO C 320 7.97 -1.35 47.95
C PRO C 320 7.29 -1.09 49.29
N LEU C 321 7.87 -1.65 50.34
CA LEU C 321 7.39 -1.51 51.71
C LEU C 321 8.50 -0.92 52.57
N CYS C 322 8.25 0.25 53.15
CA CYS C 322 9.26 0.93 53.94
C CYS C 322 8.67 1.33 55.28
N THR C 323 9.56 1.71 56.20
CA THR C 323 9.11 2.23 57.48
C THR C 323 8.76 3.71 57.36
N THR C 324 8.26 4.26 58.46
CA THR C 324 7.75 5.62 58.50
C THR C 324 8.31 6.37 59.71
N ASN C 325 9.61 6.24 59.95
CA ASN C 325 10.26 7.03 60.99
C ASN C 325 10.34 8.48 60.57
N THR C 326 10.40 9.37 61.57
CA THR C 326 10.47 10.80 61.30
C THR C 326 11.79 11.16 60.63
N LYS C 327 12.88 10.54 61.06
CA LYS C 327 14.19 10.85 60.48
C LYS C 327 14.28 10.36 59.05
N GLU C 328 14.55 11.28 58.13
CA GLU C 328 14.68 10.91 56.73
C GLU C 328 15.94 10.09 56.51
N GLY C 329 15.89 9.17 55.55
CA GLY C 329 17.00 8.28 55.28
C GLY C 329 17.25 7.21 56.32
N SER C 330 16.58 7.28 57.47
CA SER C 330 16.69 6.27 58.51
C SER C 330 15.72 5.12 58.27
N ASN C 331 14.91 5.22 57.23
CA ASN C 331 13.90 4.21 56.93
C ASN C 331 14.54 3.03 56.23
N ILE C 332 13.93 1.85 56.40
CA ILE C 332 14.38 0.63 55.75
C ILE C 332 13.25 0.10 54.88
N CYS C 333 13.61 -0.46 53.74
CA CYS C 333 12.64 -0.85 52.74
C CYS C 333 12.81 -2.32 52.38
N LEU C 334 11.71 -2.93 51.98
CA LEU C 334 11.69 -4.33 51.58
C LEU C 334 10.61 -4.50 50.52
N THR C 335 10.95 -5.19 49.44
CA THR C 335 10.03 -5.36 48.33
C THR C 335 10.08 -6.81 47.87
N ARG C 336 8.92 -7.40 47.70
CA ARG C 336 8.84 -8.75 47.17
C ARG C 336 9.19 -8.75 45.68
N THR C 337 10.12 -9.62 45.29
CA THR C 337 10.69 -9.60 43.94
C THR C 337 10.03 -10.57 42.98
N ASP C 338 9.19 -11.48 43.49
CA ASP C 338 8.66 -12.57 42.67
C ASP C 338 7.42 -12.15 41.87
N ARG C 339 7.35 -10.88 41.48
CA ARG C 339 6.20 -10.43 40.71
C ARG C 339 6.19 -11.08 39.34
N GLY C 340 4.98 -11.27 38.82
CA GLY C 340 4.79 -11.89 37.53
C GLY C 340 3.60 -12.82 37.57
N TRP C 341 3.51 -13.68 36.56
CA TRP C 341 2.40 -14.59 36.38
C TRP C 341 2.72 -15.98 36.90
N TYR C 342 1.74 -16.59 37.56
CA TYR C 342 1.85 -17.96 38.06
C TYR C 342 0.66 -18.74 37.54
N CYS C 343 0.92 -19.96 37.06
CA CYS C 343 -0.16 -20.80 36.58
C CYS C 343 0.11 -22.26 36.92
N ASP C 344 -0.94 -22.95 37.37
CA ASP C 344 -0.84 -24.36 37.71
C ASP C 344 -0.40 -25.18 36.50
N ASN C 345 0.33 -26.26 36.78
CA ASN C 345 0.88 -27.09 35.72
C ASN C 345 1.40 -28.42 36.28
N ALA C 346 0.60 -29.48 36.18
CA ALA C 346 1.01 -30.84 36.56
C ALA C 346 1.49 -30.89 38.01
N GLY C 347 0.65 -30.38 38.92
CA GLY C 347 1.02 -30.29 40.32
C GLY C 347 2.16 -29.35 40.62
N SER C 348 2.85 -28.85 39.61
CA SER C 348 3.86 -27.80 39.73
C SER C 348 3.23 -26.48 39.25
N VAL C 349 4.05 -25.43 39.23
CA VAL C 349 3.58 -24.10 38.88
C VAL C 349 4.57 -23.48 37.89
N SER C 350 4.08 -23.12 36.70
CA SER C 350 4.90 -22.39 35.75
C SER C 350 4.85 -20.90 36.08
N PHE C 351 6.02 -20.29 36.19
CA PHE C 351 6.16 -18.91 36.61
C PHE C 351 6.74 -18.06 35.49
N PHE C 352 6.21 -16.86 35.34
CA PHE C 352 6.61 -15.96 34.26
C PHE C 352 7.01 -14.62 34.87
N PRO C 353 8.31 -14.36 35.03
CA PRO C 353 8.72 -13.13 35.72
C PRO C 353 8.41 -11.87 34.94
N GLN C 354 8.42 -11.93 33.63
CA GLN C 354 8.15 -10.77 32.80
C GLN C 354 6.72 -10.90 32.27
N ALA C 355 5.78 -10.27 32.98
CA ALA C 355 4.38 -10.32 32.58
C ALA C 355 4.12 -9.61 31.26
N GLU C 356 5.12 -8.89 30.73
CA GLU C 356 4.96 -8.23 29.44
C GLU C 356 4.94 -9.24 28.29
N THR C 357 5.59 -10.39 28.47
CA THR C 357 5.58 -11.44 27.46
C THR C 357 4.25 -12.19 27.42
N CYS C 358 3.30 -11.84 28.27
CA CYS C 358 2.01 -12.49 28.31
C CYS C 358 0.92 -11.52 27.86
N LYS C 359 0.00 -12.02 27.04
CA LYS C 359 -1.16 -11.27 26.60
C LYS C 359 -2.42 -11.91 27.17
N VAL C 360 -3.39 -11.09 27.53
CA VAL C 360 -4.64 -11.54 28.12
C VAL C 360 -5.80 -11.05 27.27
N GLN C 361 -6.66 -11.98 26.87
CA GLN C 361 -7.92 -11.67 26.20
C GLN C 361 -9.03 -12.19 27.10
N SER C 362 -9.89 -11.29 27.56
CA SER C 362 -10.94 -11.58 28.54
C SER C 362 -10.25 -12.14 29.78
N ASN C 363 -10.65 -13.30 30.30
CA ASN C 363 -10.01 -13.89 31.47
C ASN C 363 -9.07 -15.05 31.10
N ARG C 364 -8.67 -15.15 29.83
CA ARG C 364 -7.72 -16.17 29.41
C ARG C 364 -6.31 -15.58 29.39
N VAL C 365 -5.32 -16.44 29.59
CA VAL C 365 -3.92 -16.04 29.69
C VAL C 365 -3.10 -16.80 28.66
N PHE C 366 -2.37 -16.06 27.82
CA PHE C 366 -1.47 -16.63 26.81
C PHE C 366 -0.05 -16.27 27.19
N CYS C 367 0.75 -17.26 27.57
CA CYS C 367 2.15 -17.03 27.88
C CYS C 367 3.02 -18.01 27.11
N ASP C 368 4.32 -17.94 27.38
CA ASP C 368 5.30 -18.78 26.73
C ASP C 368 6.12 -19.51 27.78
N THR C 369 6.13 -20.84 27.72
CA THR C 369 6.94 -21.61 28.66
C THR C 369 8.43 -21.39 28.44
N MET C 370 8.82 -20.89 27.25
CA MET C 370 10.21 -20.53 27.01
C MET C 370 10.71 -19.54 28.05
N ASN C 371 9.88 -18.56 28.41
CA ASN C 371 10.23 -17.57 29.42
C ASN C 371 9.66 -17.96 30.78
N SER C 372 9.66 -19.25 31.09
CA SER C 372 9.12 -19.74 32.34
C SER C 372 10.16 -20.49 33.15
N LEU C 373 9.89 -20.61 34.44
CA LEU C 373 10.54 -21.55 35.33
C LEU C 373 9.45 -22.42 35.95
N THR C 374 9.74 -23.71 36.13
CA THR C 374 8.78 -24.63 36.72
C THR C 374 9.10 -24.73 38.21
N LEU C 375 8.20 -24.21 39.04
CA LEU C 375 8.40 -24.10 40.47
C LEU C 375 7.54 -25.11 41.22
N PRO C 376 7.93 -25.50 42.43
CA PRO C 376 7.10 -26.42 43.21
C PRO C 376 5.80 -25.76 43.66
N SER C 377 4.83 -26.60 44.00
CA SER C 377 3.51 -26.11 44.39
C SER C 377 3.55 -25.26 45.66
N GLU C 378 4.56 -25.44 46.51
CA GLU C 378 4.61 -24.69 47.77
C GLU C 378 4.92 -23.20 47.58
N VAL C 379 5.25 -22.75 46.37
CA VAL C 379 5.61 -21.35 46.17
C VAL C 379 4.44 -20.43 46.50
N ASN C 380 3.21 -20.94 46.41
CA ASN C 380 2.04 -20.11 46.73
C ASN C 380 2.05 -19.66 48.19
N LEU C 381 2.82 -20.34 49.04
CA LEU C 381 2.84 -19.99 50.46
C LEU C 381 3.35 -18.58 50.69
N CYS C 382 4.14 -18.04 49.75
CA CYS C 382 4.70 -16.70 49.92
C CYS C 382 3.61 -15.65 50.12
N ASN C 383 2.41 -15.90 49.60
CA ASN C 383 1.29 -14.97 49.79
C ASN C 383 0.66 -15.12 51.16
N VAL C 384 0.55 -16.34 51.68
CA VAL C 384 -0.14 -16.57 52.94
C VAL C 384 0.82 -16.61 54.15
N ASP C 385 2.12 -16.76 53.91
CA ASP C 385 3.13 -16.67 54.96
C ASP C 385 4.51 -16.56 54.34
N ILE C 386 5.02 -15.33 54.20
CA ILE C 386 6.32 -15.16 53.57
C ILE C 386 7.44 -15.74 54.45
N PHE C 387 7.15 -15.99 55.73
CA PHE C 387 8.10 -16.62 56.65
C PHE C 387 7.84 -18.11 56.81
N ASN C 388 7.22 -18.73 55.82
CA ASN C 388 7.01 -20.17 55.86
C ASN C 388 8.36 -20.90 55.84
N PRO C 389 8.42 -22.10 56.40
CA PRO C 389 9.67 -22.87 56.41
C PRO C 389 9.94 -23.72 55.18
N LYS C 390 9.01 -23.76 54.21
CA LYS C 390 9.12 -24.69 53.09
C LYS C 390 9.60 -24.05 51.80
N TYR C 391 9.37 -22.75 51.60
CA TYR C 391 9.86 -22.05 50.42
C TYR C 391 10.43 -20.71 50.86
N ASP C 392 11.69 -20.46 50.51
CA ASP C 392 12.33 -19.20 50.84
C ASP C 392 11.92 -18.17 49.79
N CYS C 393 11.05 -17.23 50.17
CA CYS C 393 10.48 -16.29 49.23
C CYS C 393 11.48 -15.22 48.85
N LYS C 394 11.68 -15.02 47.55
CA LYS C 394 12.69 -14.09 47.09
C LYS C 394 12.22 -12.65 47.28
N ILE C 395 13.13 -11.80 47.75
CA ILE C 395 12.85 -10.42 48.09
C ILE C 395 14.10 -9.59 47.81
N MET C 396 14.00 -8.28 48.02
CA MET C 396 15.16 -7.41 47.99
C MET C 396 14.97 -6.31 49.02
N THR C 397 16.10 -5.76 49.48
CA THR C 397 16.11 -4.74 50.50
C THR C 397 16.84 -3.51 49.98
N SER C 398 16.49 -2.35 50.55
CA SER C 398 17.15 -1.09 50.22
C SER C 398 16.72 -0.04 51.25
N LYS C 399 17.42 1.09 51.25
CA LYS C 399 17.02 2.27 52.02
C LYS C 399 16.41 3.34 51.12
N THR C 400 15.80 2.93 50.01
CA THR C 400 15.27 3.85 49.01
C THR C 400 13.77 3.99 49.24
N ASP C 401 13.41 4.85 50.20
CA ASP C 401 12.02 5.06 50.59
C ASP C 401 11.37 6.12 49.69
N VAL C 402 11.13 5.71 48.45
CA VAL C 402 10.55 6.59 47.43
C VAL C 402 9.09 6.18 47.23
N SER C 403 8.23 7.18 47.05
CA SER C 403 6.81 6.94 46.89
C SER C 403 6.49 6.49 45.47
N SER C 404 5.66 5.45 45.37
CA SER C 404 5.27 4.89 44.09
C SER C 404 3.99 4.11 44.31
N SER C 405 3.35 3.72 43.21
CA SER C 405 2.13 2.94 43.30
C SER C 405 2.05 2.00 42.10
N VAL C 406 1.30 0.91 42.29
CA VAL C 406 1.19 -0.16 41.30
C VAL C 406 -0.28 -0.46 41.07
N ILE C 407 -0.68 -0.52 39.80
CA ILE C 407 -2.06 -0.83 39.40
C ILE C 407 -2.24 -2.33 39.29
N THR C 408 -3.23 -2.85 39.98
CA THR C 408 -3.56 -4.27 39.91
C THR C 408 -4.61 -4.50 38.83
N SER C 409 -5.19 -5.69 38.81
CA SER C 409 -6.23 -6.00 37.84
C SER C 409 -7.59 -5.47 38.28
N LEU C 410 -7.88 -5.51 39.58
CA LEU C 410 -9.15 -5.03 40.11
C LEU C 410 -8.99 -3.83 41.05
N GLY C 411 -7.81 -3.21 41.09
CA GLY C 411 -7.58 -2.10 41.99
C GLY C 411 -6.19 -1.51 41.89
N ALA C 412 -5.67 -0.97 42.99
CA ALA C 412 -4.37 -0.32 42.97
C ALA C 412 -3.71 -0.44 44.33
N ILE C 413 -2.37 -0.62 44.32
CA ILE C 413 -1.52 -0.60 45.51
C ILE C 413 -0.86 0.76 45.57
N VAL C 414 -0.65 1.28 46.77
CA VAL C 414 -0.05 2.60 46.95
C VAL C 414 1.06 2.53 47.99
N SER C 415 2.25 2.98 47.62
CA SER C 415 3.37 3.14 48.53
C SER C 415 3.61 4.64 48.67
N CYS C 416 3.24 5.20 49.83
CA CYS C 416 3.31 6.64 50.06
C CYS C 416 4.28 6.88 51.22
N TYR C 417 5.41 7.51 50.94
CA TYR C 417 6.43 7.77 51.94
C TYR C 417 6.89 9.22 51.83
N GLY C 418 7.50 9.71 52.91
CA GLY C 418 7.96 11.10 52.89
C GLY C 418 6.83 12.09 52.74
N LYS C 419 7.16 13.24 52.14
CA LYS C 419 6.22 14.34 51.97
C LYS C 419 5.40 14.22 50.70
N THR C 420 5.37 13.04 50.08
CA THR C 420 4.63 12.88 48.84
C THR C 420 3.12 12.92 49.10
N LYS C 421 2.40 13.61 48.21
CA LYS C 421 0.95 13.69 48.27
C LYS C 421 0.35 12.53 47.47
N CYS C 422 -0.45 11.69 48.13
CA CYS C 422 -1.03 10.51 47.53
C CYS C 422 -2.53 10.48 47.79
N THR C 423 -3.33 10.61 46.73
CA THR C 423 -4.78 10.64 46.82
C THR C 423 -5.40 9.85 45.68
N ALA C 424 -6.65 9.46 45.88
CA ALA C 424 -7.45 8.76 44.88
C ALA C 424 -8.80 9.46 44.74
N SER C 425 -9.31 9.53 43.52
CA SER C 425 -10.46 10.36 43.23
C SER C 425 -11.47 9.60 42.37
N ASN C 426 -12.69 10.14 42.31
CA ASN C 426 -13.77 9.63 41.49
C ASN C 426 -14.00 10.56 40.29
N LYS C 427 -14.40 9.96 39.16
CA LYS C 427 -14.66 10.76 37.97
C LYS C 427 -15.80 11.75 38.20
N ASN C 428 -16.71 11.43 39.12
CA ASN C 428 -17.89 12.23 39.37
C ASN C 428 -17.76 13.11 40.60
N ARG C 429 -17.23 12.58 41.70
CA ARG C 429 -17.25 13.22 43.00
C ARG C 429 -15.90 13.82 43.40
N GLY C 430 -14.89 13.71 42.54
CA GLY C 430 -13.56 14.21 42.87
C GLY C 430 -12.83 13.29 43.84
N ILE C 431 -11.98 13.90 44.67
CA ILE C 431 -11.13 13.15 45.58
C ILE C 431 -11.98 12.38 46.59
N ILE C 432 -11.65 11.11 46.80
CA ILE C 432 -12.42 10.24 47.68
C ILE C 432 -11.64 9.84 48.92
N LYS C 433 -10.34 9.60 48.79
CA LYS C 433 -9.56 9.15 49.94
C LYS C 433 -8.16 9.76 49.89
N THR C 434 -7.66 10.16 51.05
CA THR C 434 -6.28 10.60 51.21
C THR C 434 -5.54 9.53 52.00
N PHE C 435 -4.38 9.11 51.49
CA PHE C 435 -3.65 8.00 52.07
C PHE C 435 -2.76 8.44 53.23
N SER C 436 -2.61 7.55 54.20
CA SER C 436 -1.56 7.76 55.19
C SER C 436 -0.23 7.31 54.60
N ASN C 437 0.85 7.72 55.24
CA ASN C 437 2.16 7.24 54.83
C ASN C 437 2.27 5.74 55.08
N GLY C 438 2.78 5.02 54.07
CA GLY C 438 2.90 3.59 54.12
C GLY C 438 2.27 2.93 52.91
N CYS C 439 1.99 1.63 53.05
CA CYS C 439 1.46 0.82 51.97
C CYS C 439 -0.01 0.53 52.25
N ASP C 440 -0.89 0.99 51.36
CA ASP C 440 -2.34 0.87 51.47
C ASP C 440 -2.88 0.28 50.17
N TYR C 441 -4.20 0.17 50.09
CA TYR C 441 -4.85 -0.36 48.90
C TYR C 441 -6.24 0.22 48.78
N VAL C 442 -6.74 0.28 47.53
CA VAL C 442 -8.09 0.75 47.26
C VAL C 442 -8.60 0.03 46.02
N SER C 443 -9.90 -0.26 46.00
CA SER C 443 -10.55 -0.96 44.90
C SER C 443 -11.03 0.01 43.83
N ASN C 444 -11.20 -0.53 42.63
CA ASN C 444 -11.69 0.26 41.51
C ASN C 444 -13.18 0.53 41.58
N LYS C 445 -13.89 -0.15 42.49
CA LYS C 445 -15.32 0.07 42.65
C LYS C 445 -15.56 1.50 43.10
N GLY C 446 -16.11 2.34 42.21
CA GLY C 446 -16.37 3.73 42.53
C GLY C 446 -15.17 4.64 42.50
N VAL C 447 -13.98 4.13 42.16
CA VAL C 447 -12.78 4.93 42.03
C VAL C 447 -12.28 4.82 40.59
N ASP C 448 -11.87 5.96 40.03
CA ASP C 448 -11.47 5.99 38.62
C ASP C 448 -10.04 6.45 38.40
N THR C 449 -9.53 7.39 39.19
CA THR C 449 -8.18 7.91 39.01
C THR C 449 -7.41 7.77 40.30
N VAL C 450 -6.08 7.92 40.20
CA VAL C 450 -5.19 7.88 41.35
C VAL C 450 -3.99 8.77 41.07
N SER C 451 -3.63 9.62 42.05
CA SER C 451 -2.53 10.57 41.90
C SER C 451 -1.52 10.34 43.02
N VAL C 452 -0.25 10.16 42.64
CA VAL C 452 0.87 10.06 43.58
C VAL C 452 1.82 11.20 43.25
N GLY C 453 1.72 12.30 44.00
CA GLY C 453 2.52 13.47 43.69
C GLY C 453 2.17 14.10 42.37
N ASN C 454 3.12 14.13 41.44
CA ASN C 454 2.84 14.68 40.13
C ASN C 454 2.42 13.64 39.11
N THR C 455 2.69 12.36 39.35
CA THR C 455 2.28 11.32 38.41
C THR C 455 0.87 10.82 38.73
N LEU C 456 0.02 10.78 37.71
CA LEU C 456 -1.34 10.27 37.85
C LEU C 456 -1.65 9.32 36.70
N TYR C 457 -2.24 8.18 37.02
CA TYR C 457 -2.68 7.19 36.05
C TYR C 457 -4.11 6.75 36.33
N TYR C 458 -4.69 6.09 35.33
CA TYR C 458 -6.04 5.54 35.46
C TYR C 458 -5.98 4.08 35.90
N VAL C 459 -7.12 3.60 36.42
CA VAL C 459 -7.25 2.26 36.97
C VAL C 459 -8.16 1.45 36.07
N ASN C 460 -7.90 0.14 36.01
CA ASN C 460 -8.74 -0.74 35.23
C ASN C 460 -10.16 -0.74 35.76
N LYS C 461 -11.13 -0.67 34.85
CA LYS C 461 -12.54 -0.66 35.21
C LYS C 461 -13.22 -2.00 34.89
N GLN C 462 -12.48 -3.10 34.98
CA GLN C 462 -13.09 -4.42 34.90
C GLN C 462 -13.76 -4.77 36.22
N GLU C 463 -14.97 -5.32 36.14
CA GLU C 463 -15.71 -5.65 37.35
C GLU C 463 -15.16 -6.94 37.97
N GLY C 464 -15.43 -7.10 39.25
CA GLY C 464 -14.93 -8.22 40.03
C GLY C 464 -14.78 -7.82 41.48
N LYS C 465 -14.68 -8.82 42.34
CA LYS C 465 -14.59 -8.59 43.78
C LYS C 465 -13.14 -8.55 44.24
N SER C 466 -12.79 -7.52 44.99
CA SER C 466 -11.47 -7.36 45.59
C SER C 466 -11.61 -7.42 47.11
N LEU C 467 -10.56 -7.90 47.78
CA LEU C 467 -10.61 -8.12 49.23
C LEU C 467 -9.38 -7.51 49.88
N TYR C 468 -9.60 -6.68 50.90
CA TYR C 468 -8.52 -6.08 51.67
C TYR C 468 -8.28 -6.94 52.91
N VAL C 469 -7.13 -7.61 52.93
CA VAL C 469 -6.74 -8.48 54.05
C VAL C 469 -5.70 -7.73 54.87
N LYS C 470 -6.10 -7.22 56.03
CA LYS C 470 -5.20 -6.44 56.87
C LYS C 470 -4.14 -7.33 57.51
N GLY C 471 -2.99 -6.74 57.81
CA GLY C 471 -1.87 -7.44 58.41
C GLY C 471 -0.66 -6.57 58.62
N GLU C 472 0.12 -6.85 59.66
CA GLU C 472 1.23 -5.97 60.03
C GLU C 472 2.33 -6.03 58.99
N PRO C 473 2.83 -4.88 58.53
CA PRO C 473 3.97 -4.88 57.60
C PRO C 473 5.16 -5.59 58.21
N ILE C 474 5.74 -6.52 57.44
CA ILE C 474 6.73 -7.43 58.00
C ILE C 474 8.04 -6.75 58.37
N ILE C 475 8.35 -5.58 57.79
CA ILE C 475 9.62 -4.91 58.09
C ILE C 475 9.69 -4.53 59.55
N ASN C 476 8.55 -4.43 60.23
CA ASN C 476 8.53 -4.07 61.64
C ASN C 476 9.17 -5.12 62.52
N PHE C 477 9.49 -6.30 61.98
CA PHE C 477 10.19 -7.32 62.75
C PHE C 477 11.70 -7.23 62.58
N TYR C 478 12.17 -6.28 61.76
CA TYR C 478 13.59 -6.16 61.44
C TYR C 478 14.14 -4.93 62.13
N ASP C 479 15.22 -5.11 62.88
CA ASP C 479 15.90 -3.99 63.54
C ASP C 479 16.78 -3.27 62.53
N PRO C 480 16.57 -1.97 62.29
CA PRO C 480 17.40 -1.28 61.28
C PRO C 480 18.89 -1.31 61.58
N LEU C 481 19.29 -1.62 62.81
CA LEU C 481 20.72 -1.73 63.11
C LEU C 481 21.36 -2.92 62.40
N VAL C 482 20.59 -3.96 62.09
CA VAL C 482 21.18 -5.17 61.49
C VAL C 482 20.48 -5.51 60.19
N PHE C 483 19.59 -4.64 59.73
CA PHE C 483 18.87 -4.89 58.50
C PHE C 483 19.83 -4.72 57.32
N PRO C 484 20.10 -5.76 56.55
CA PRO C 484 20.99 -5.61 55.40
C PRO C 484 20.29 -4.89 54.25
N SER C 485 20.39 -3.56 54.25
CA SER C 485 19.67 -2.74 53.28
C SER C 485 20.40 -2.63 51.95
N ASP C 486 21.38 -3.50 51.69
CA ASP C 486 22.16 -3.45 50.46
C ASP C 486 22.10 -4.77 49.69
N GLU C 487 21.09 -5.59 49.96
CA GLU C 487 20.93 -6.87 49.29
C GLU C 487 19.94 -6.71 48.15
N PHE C 488 20.31 -7.21 46.98
CA PHE C 488 19.59 -6.94 45.75
C PHE C 488 18.85 -8.14 45.19
N ASP C 489 19.35 -9.36 45.39
CA ASP C 489 18.64 -10.60 45.03
C ASP C 489 18.75 -11.52 46.24
N ALA C 490 17.87 -11.32 47.21
CA ALA C 490 17.96 -12.08 48.45
C ALA C 490 16.66 -12.80 48.75
N SER C 491 16.50 -13.24 50.00
CA SER C 491 15.31 -13.97 50.41
C SER C 491 15.22 -13.95 51.93
N ILE C 492 14.10 -14.46 52.44
CA ILE C 492 13.84 -14.41 53.87
C ILE C 492 14.96 -15.08 54.66
N SER C 493 15.19 -16.37 54.38
CA SER C 493 16.25 -17.09 55.09
C SER C 493 17.61 -16.48 54.79
N GLN C 494 17.82 -16.04 53.55
CA GLN C 494 19.10 -15.43 53.17
C GLN C 494 19.39 -14.18 53.99
N VAL C 495 18.34 -13.45 54.39
CA VAL C 495 18.52 -12.27 55.24
C VAL C 495 18.65 -12.67 56.71
N ASN C 496 17.82 -13.61 57.16
CA ASN C 496 17.81 -13.97 58.58
C ASN C 496 19.13 -14.57 59.03
N GLU C 497 19.73 -15.47 58.23
CA GLU C 497 21.04 -15.98 58.61
C GLU C 497 22.09 -14.89 58.52
N LYS C 498 21.94 -13.97 57.56
CA LYS C 498 22.84 -12.83 57.48
C LYS C 498 22.70 -11.93 58.71
N ILE C 499 21.49 -11.81 59.25
CA ILE C 499 21.29 -11.13 60.52
C ILE C 499 21.90 -11.92 61.66
N ASN C 500 21.62 -13.24 61.71
CA ASN C 500 22.23 -14.10 62.72
C ASN C 500 23.74 -14.06 62.65
N GLN C 501 24.30 -13.89 61.46
CA GLN C 501 25.75 -13.75 61.30
C GLN C 501 26.25 -12.47 61.96
N SER C 502 25.52 -11.37 61.79
CA SER C 502 25.87 -10.10 62.42
C SER C 502 25.59 -10.12 63.92
N LEU C 503 24.63 -10.95 64.35
CA LEU C 503 24.26 -11.07 65.75
C LEU C 503 25.34 -11.75 66.59
N ALA C 504 26.24 -12.51 65.97
CA ALA C 504 27.30 -13.18 66.72
C ALA C 504 28.18 -12.19 67.47
N PHE C 505 28.22 -10.94 67.00
CA PHE C 505 29.12 -9.96 67.60
C PHE C 505 28.67 -9.56 69.01
N ILE C 506 27.40 -9.19 69.17
CA ILE C 506 26.92 -8.84 70.50
C ILE C 506 27.01 -10.03 71.44
N ARG C 507 26.85 -11.24 70.92
CA ARG C 507 26.97 -12.44 71.74
C ARG C 507 28.41 -12.61 72.22
N LYS C 508 29.37 -12.31 71.35
CA LYS C 508 30.78 -12.29 71.71
C LYS C 508 31.11 -11.16 72.67
N SER C 509 30.56 -9.96 72.43
CA SER C 509 30.90 -8.80 73.25
C SER C 509 30.47 -8.94 74.71
N ASP C 510 29.27 -9.47 74.95
CA ASP C 510 28.81 -9.59 76.33
C ASP C 510 29.64 -10.62 77.11
N GLU C 511 29.89 -11.78 76.52
CA GLU C 511 30.69 -12.79 77.18
C GLU C 511 32.14 -12.34 77.36
N LEU C 512 32.70 -11.70 76.33
CA LEU C 512 34.06 -11.20 76.41
C LEU C 512 34.21 -10.09 77.46
N LEU C 513 33.22 -9.20 77.57
CA LEU C 513 33.32 -8.10 78.52
C LEU C 513 33.38 -8.58 79.96
N SER C 514 32.76 -9.72 80.27
CA SER C 514 32.72 -10.20 81.65
C SER C 514 33.98 -10.97 82.03
N ALA C 515 34.62 -11.62 81.06
CA ALA C 515 35.78 -12.46 81.36
C ALA C 515 37.01 -11.62 81.69
N ILE C 516 37.24 -10.55 80.93
CA ILE C 516 38.35 -9.64 81.22
C ILE C 516 38.19 -9.05 82.62
N GLY C 517 36.96 -8.72 83.00
CA GLY C 517 36.67 -8.23 84.33
C GLY C 517 36.58 -9.34 85.35
N GLN D 1 -13.31 35.27 -8.66
CA GLN D 1 -14.13 35.88 -9.71
C GLN D 1 -13.26 36.60 -10.73
N VAL D 2 -13.06 35.95 -11.87
CA VAL D 2 -12.28 36.52 -12.97
C VAL D 2 -13.21 37.29 -13.88
N GLN D 3 -12.81 38.50 -14.24
CA GLN D 3 -13.63 39.35 -15.10
C GLN D 3 -12.74 40.10 -16.08
N LEU D 4 -13.24 40.27 -17.31
CA LEU D 4 -12.56 41.03 -18.35
C LEU D 4 -13.36 42.28 -18.67
N VAL D 5 -12.68 43.42 -18.72
CA VAL D 5 -13.32 44.71 -18.94
C VAL D 5 -12.67 45.37 -20.16
N GLN D 6 -13.49 45.72 -21.14
CA GLN D 6 -13.02 46.32 -22.39
C GLN D 6 -13.27 47.83 -22.39
N SER D 7 -12.62 48.51 -23.33
CA SER D 7 -12.77 49.95 -23.43
C SER D 7 -14.18 50.33 -23.90
N GLY D 8 -14.51 51.59 -23.69
CA GLY D 8 -15.82 52.08 -24.08
C GLY D 8 -15.99 52.15 -25.58
N ALA D 9 -17.24 52.42 -25.98
CA ALA D 9 -17.56 52.55 -27.39
C ALA D 9 -16.75 53.69 -28.00
N GLU D 10 -16.27 53.48 -29.22
CA GLU D 10 -15.46 54.46 -29.92
C GLU D 10 -16.04 54.71 -31.31
N VAL D 11 -15.91 55.96 -31.75
CA VAL D 11 -16.30 56.36 -33.11
C VAL D 11 -15.10 57.07 -33.73
N LYS D 12 -14.65 56.60 -34.88
CA LYS D 12 -13.51 57.16 -35.58
C LYS D 12 -13.83 57.31 -37.06
N LYS D 13 -13.34 58.38 -37.67
CA LYS D 13 -13.62 58.68 -39.06
C LYS D 13 -12.77 57.81 -39.96
N PRO D 14 -13.15 57.67 -41.24
CA PRO D 14 -12.37 56.80 -42.14
C PRO D 14 -10.92 57.24 -42.19
N GLY D 15 -10.02 56.26 -42.29
CA GLY D 15 -8.59 56.52 -42.31
C GLY D 15 -7.94 56.72 -40.97
N ALA D 16 -8.72 56.84 -39.90
CA ALA D 16 -8.18 57.10 -38.57
C ALA D 16 -7.63 55.81 -37.97
N THR D 17 -7.36 55.84 -36.66
CA THR D 17 -6.85 54.71 -35.90
C THR D 17 -7.67 54.56 -34.62
N VAL D 18 -7.95 53.31 -34.23
CA VAL D 18 -8.79 53.02 -33.07
C VAL D 18 -8.02 52.13 -32.11
N LYS D 19 -8.15 52.44 -30.80
CA LYS D 19 -7.49 51.70 -29.74
C LYS D 19 -8.52 51.15 -28.77
N VAL D 20 -8.44 49.84 -28.51
CA VAL D 20 -9.33 49.16 -27.57
C VAL D 20 -8.48 48.44 -26.53
N SER D 21 -8.85 48.59 -25.27
CA SER D 21 -8.15 47.94 -24.16
C SER D 21 -8.95 46.74 -23.66
N CYS D 22 -8.28 45.87 -22.91
CA CYS D 22 -8.92 44.70 -22.31
C CYS D 22 -8.26 44.45 -20.96
N LYS D 23 -8.90 44.91 -19.88
CA LYS D 23 -8.32 44.84 -18.55
C LYS D 23 -8.76 43.57 -17.84
N ILE D 24 -7.79 42.90 -17.20
CA ILE D 24 -8.01 41.66 -16.48
C ILE D 24 -8.08 41.95 -15.00
N SER D 25 -9.07 41.38 -14.33
CA SER D 25 -9.21 41.49 -12.88
C SER D 25 -9.32 40.08 -12.31
N GLY D 26 -8.76 39.90 -11.12
CA GLY D 26 -8.76 38.60 -10.48
C GLY D 26 -7.87 37.55 -11.10
N HIS D 27 -6.97 37.93 -12.00
CA HIS D 27 -6.07 36.96 -12.61
C HIS D 27 -4.91 37.69 -13.28
N THR D 28 -3.79 36.99 -13.39
CA THR D 28 -2.57 37.54 -13.98
C THR D 28 -2.55 37.29 -15.49
N LEU D 29 -1.89 38.20 -16.20
CA LEU D 29 -1.82 38.11 -17.66
C LEU D 29 -0.84 37.04 -18.13
N ILE D 30 0.25 36.85 -17.39
CA ILE D 30 1.32 35.97 -17.84
C ILE D 30 0.92 34.51 -17.88
N LYS D 31 -0.19 34.12 -17.25
CA LYS D 31 -0.64 32.73 -17.23
C LYS D 31 -1.89 32.48 -18.07
N LEU D 32 -2.37 33.48 -18.80
CA LEU D 32 -3.58 33.37 -19.60
C LEU D 32 -3.27 33.67 -21.06
N SER D 33 -4.24 33.39 -21.92
CA SER D 33 -4.18 33.75 -23.32
C SER D 33 -5.27 34.77 -23.62
N ILE D 34 -4.96 35.75 -24.47
CA ILE D 34 -5.88 36.85 -24.76
C ILE D 34 -5.88 37.06 -26.26
N HIS D 35 -7.03 36.88 -26.90
CA HIS D 35 -7.18 37.03 -28.33
C HIS D 35 -8.27 38.04 -28.66
N TRP D 36 -8.14 38.66 -29.83
CA TRP D 36 -9.11 39.63 -30.35
C TRP D 36 -9.90 39.02 -31.49
N VAL D 37 -11.23 39.04 -31.38
CA VAL D 37 -12.14 38.60 -32.43
C VAL D 37 -13.19 39.67 -32.60
N ARG D 38 -13.51 40.00 -33.85
CA ARG D 38 -14.46 41.06 -34.15
C ARG D 38 -15.68 40.48 -34.84
N GLN D 39 -16.79 41.22 -34.73
CA GLN D 39 -18.06 40.82 -35.33
C GLN D 39 -18.69 42.03 -35.99
N ALA D 40 -18.67 42.04 -37.32
CA ALA D 40 -19.44 43.05 -38.04
C ALA D 40 -20.93 42.87 -37.73
N PRO D 41 -21.70 43.96 -37.78
CA PRO D 41 -23.13 43.85 -37.46
C PRO D 41 -23.82 42.85 -38.35
N GLY D 42 -24.38 41.81 -37.74
CA GLY D 42 -25.15 40.79 -38.43
C GLY D 42 -24.36 39.77 -39.21
N LYS D 43 -23.04 39.77 -39.10
CA LYS D 43 -22.19 38.83 -39.83
C LYS D 43 -21.53 37.87 -38.84
N GLY D 44 -20.72 36.97 -39.37
CA GLY D 44 -20.06 35.97 -38.56
C GLY D 44 -18.93 36.58 -37.74
N LEU D 45 -18.20 35.71 -37.07
CA LEU D 45 -17.06 36.12 -36.27
C LEU D 45 -15.77 35.99 -37.08
N GLU D 46 -14.83 36.88 -36.82
CA GLU D 46 -13.58 36.93 -37.57
C GLU D 46 -12.43 37.13 -36.60
N TRP D 47 -11.45 36.22 -36.66
CA TRP D 47 -10.28 36.34 -35.81
C TRP D 47 -9.34 37.40 -36.36
N MET D 48 -8.67 38.11 -35.47
CA MET D 48 -7.71 39.14 -35.85
C MET D 48 -6.31 38.85 -35.33
N GLY D 49 -6.18 38.64 -34.03
CA GLY D 49 -4.88 38.41 -33.42
C GLY D 49 -5.05 37.97 -31.99
N GLY D 50 -3.92 37.79 -31.31
CA GLY D 50 -3.96 37.30 -29.95
C GLY D 50 -2.62 37.43 -29.27
N TYR D 51 -2.61 37.07 -27.99
CA TYR D 51 -1.43 37.11 -27.15
C TYR D 51 -1.39 35.88 -26.26
N GLU D 52 -0.21 35.26 -26.17
CA GLU D 52 -0.01 34.07 -25.35
C GLU D 52 0.95 34.41 -24.21
N GLY D 53 0.39 34.63 -23.01
CA GLY D 53 1.23 34.93 -21.87
C GLY D 53 2.16 33.79 -21.49
N GLU D 54 1.78 32.55 -21.83
CA GLU D 54 2.62 31.40 -21.54
C GLU D 54 3.96 31.50 -22.24
N VAL D 55 3.98 32.02 -23.46
CA VAL D 55 5.18 32.09 -24.27
C VAL D 55 5.63 33.50 -24.58
N ASP D 56 4.79 34.51 -24.32
CA ASP D 56 5.07 35.90 -24.68
C ASP D 56 5.28 36.02 -26.19
N GLU D 57 4.28 35.54 -26.94
CA GLU D 57 4.29 35.61 -28.39
C GLU D 57 2.96 36.15 -28.88
N ILE D 58 3.03 36.97 -29.92
CA ILE D 58 1.87 37.65 -30.50
C ILE D 58 1.60 37.06 -31.88
N PHE D 59 0.33 36.89 -32.21
CA PHE D 59 -0.10 36.30 -33.48
C PHE D 59 -1.03 37.24 -34.21
N TYR D 60 -0.87 37.33 -35.53
CA TYR D 60 -1.74 38.14 -36.37
C TYR D 60 -2.37 37.28 -37.46
N ALA D 61 -3.58 37.64 -37.86
CA ALA D 61 -4.18 37.06 -39.05
C ALA D 61 -3.58 37.74 -40.26
N GLN D 62 -3.22 36.94 -41.28
CA GLN D 62 -2.51 37.49 -42.42
C GLN D 62 -3.31 38.59 -43.13
N LYS D 63 -4.64 38.58 -43.00
CA LYS D 63 -5.44 39.61 -43.65
C LYS D 63 -5.16 40.99 -43.07
N PHE D 64 -4.78 41.08 -41.79
CA PHE D 64 -4.55 42.36 -41.13
C PHE D 64 -3.12 42.51 -40.63
N GLN D 65 -2.21 41.62 -41.03
CA GLN D 65 -0.85 41.66 -40.51
C GLN D 65 -0.13 42.95 -40.88
N HIS D 66 -0.49 43.56 -42.01
CA HIS D 66 0.23 44.72 -42.50
C HIS D 66 -0.24 46.03 -41.87
N ARG D 67 -1.38 46.02 -41.17
CA ARG D 67 -1.95 47.25 -40.65
C ARG D 67 -2.51 47.10 -39.22
N LEU D 68 -2.18 46.01 -38.53
CA LEU D 68 -2.65 45.80 -37.17
C LEU D 68 -1.46 45.55 -36.25
N THR D 69 -1.55 46.08 -35.02
CA THR D 69 -0.52 45.91 -34.01
C THR D 69 -1.19 45.62 -32.69
N VAL D 70 -0.61 44.71 -31.90
CA VAL D 70 -1.14 44.30 -30.61
C VAL D 70 -0.04 44.44 -29.56
N ILE D 71 -0.37 45.06 -28.43
CA ILE D 71 0.57 45.29 -27.33
C ILE D 71 -0.02 44.75 -26.04
N ALA D 72 0.82 44.13 -25.22
CA ALA D 72 0.42 43.57 -23.93
C ALA D 72 1.29 44.15 -22.82
N ASP D 73 0.64 44.69 -21.80
CA ASP D 73 1.32 45.21 -20.61
C ASP D 73 1.11 44.23 -19.47
N THR D 74 2.17 43.50 -19.11
CA THR D 74 2.05 42.54 -18.02
C THR D 74 1.95 43.23 -16.67
N ALA D 75 2.51 44.44 -16.55
CA ALA D 75 2.52 45.13 -15.26
C ALA D 75 1.14 45.65 -14.89
N THR D 76 0.32 46.01 -15.87
CA THR D 76 -1.03 46.49 -15.61
C THR D 76 -2.08 45.40 -15.84
N ASP D 77 -1.66 44.19 -16.23
CA ASP D 77 -2.57 43.10 -16.55
C ASP D 77 -3.60 43.53 -17.60
N THR D 78 -3.13 44.29 -18.60
CA THR D 78 -3.99 44.89 -19.60
C THR D 78 -3.45 44.58 -20.99
N VAL D 79 -4.35 44.29 -21.93
CA VAL D 79 -4.03 44.07 -23.33
C VAL D 79 -4.72 45.14 -24.15
N TYR D 80 -3.99 45.71 -25.11
CA TYR D 80 -4.53 46.72 -26.01
C TYR D 80 -4.47 46.19 -27.44
N MET D 81 -5.39 46.65 -28.27
CA MET D 81 -5.36 46.42 -29.71
C MET D 81 -5.51 47.73 -30.46
N GLU D 82 -4.83 47.83 -31.60
CA GLU D 82 -4.82 49.06 -32.39
C GLU D 82 -4.86 48.71 -33.86
N LEU D 83 -5.88 49.20 -34.57
CA LEU D 83 -6.01 48.98 -36.00
C LEU D 83 -6.11 50.34 -36.66
N GLY D 84 -5.22 50.58 -37.63
CA GLY D 84 -5.19 51.82 -38.37
C GLY D 84 -5.69 51.66 -39.80
N ARG D 85 -5.72 52.79 -40.50
CA ARG D 85 -6.23 52.88 -41.86
C ARG D 85 -7.65 52.32 -41.93
N LEU D 86 -8.51 52.90 -41.09
CA LEU D 86 -9.89 52.44 -40.96
C LEU D 86 -10.75 52.86 -42.15
N THR D 87 -11.57 51.93 -42.62
CA THR D 87 -12.56 52.15 -43.66
C THR D 87 -13.90 51.68 -43.13
N SER D 88 -14.97 51.96 -43.88
CA SER D 88 -16.31 51.60 -43.45
C SER D 88 -16.48 50.09 -43.26
N ASP D 89 -15.60 49.28 -43.86
CA ASP D 89 -15.62 47.83 -43.64
C ASP D 89 -15.07 47.42 -42.28
N ASP D 90 -14.45 48.33 -41.54
CA ASP D 90 -13.93 48.03 -40.21
C ASP D 90 -14.96 48.24 -39.10
N THR D 91 -16.10 48.84 -39.41
CA THR D 91 -17.17 49.04 -38.44
C THR D 91 -17.68 47.71 -37.90
N ALA D 92 -17.45 47.44 -36.62
CA ALA D 92 -17.82 46.16 -36.03
C ALA D 92 -17.73 46.28 -34.51
N VAL D 93 -18.09 45.18 -33.83
CA VAL D 93 -17.94 45.03 -32.39
C VAL D 93 -16.70 44.17 -32.12
N TYR D 94 -15.93 44.53 -31.09
CA TYR D 94 -14.64 43.91 -30.85
C TYR D 94 -14.63 43.29 -29.46
N PHE D 95 -14.15 42.04 -29.38
CA PHE D 95 -14.13 41.27 -28.15
C PHE D 95 -12.72 40.80 -27.85
N CYS D 96 -12.43 40.61 -26.57
CA CYS D 96 -11.24 39.90 -26.13
C CYS D 96 -11.64 38.62 -25.42
N GLY D 97 -10.95 37.52 -25.76
CA GLY D 97 -11.31 36.21 -25.25
C GLY D 97 -10.09 35.32 -25.11
N THR D 98 -10.30 34.21 -24.40
CA THR D 98 -9.24 33.26 -24.07
C THR D 98 -9.44 31.99 -24.90
N LEU D 99 -8.86 31.99 -26.10
CA LEU D 99 -8.95 30.86 -27.02
C LEU D 99 -7.77 29.90 -26.90
N GLY D 100 -6.83 30.19 -25.99
CA GLY D 100 -5.62 29.40 -25.86
C GLY D 100 -5.84 27.93 -25.51
N VAL D 101 -5.26 27.05 -26.30
CA VAL D 101 -5.38 25.62 -26.11
C VAL D 101 -4.03 25.11 -25.60
N THR D 102 -4.03 24.57 -24.38
CA THR D 102 -2.84 23.97 -23.81
C THR D 102 -2.83 22.47 -24.08
N VAL D 103 -1.71 21.96 -24.57
CA VAL D 103 -1.61 20.58 -25.04
C VAL D 103 -0.50 19.89 -24.27
N THR D 104 -0.84 18.81 -23.57
CA THR D 104 0.14 17.92 -22.96
C THR D 104 -0.22 16.48 -23.27
N GLU D 105 0.68 15.57 -22.90
CA GLU D 105 0.42 14.15 -23.09
C GLU D 105 -0.72 13.68 -22.18
N ALA D 106 -0.89 14.34 -21.03
CA ALA D 106 -1.89 13.90 -20.06
C ALA D 106 -3.29 14.35 -20.45
N GLY D 107 -3.43 15.52 -21.07
CA GLY D 107 -4.74 16.00 -21.45
C GLY D 107 -4.67 17.41 -22.02
N LEU D 108 -5.82 18.09 -21.99
CA LEU D 108 -5.95 19.45 -22.51
C LEU D 108 -6.52 20.36 -21.44
N GLY D 109 -6.29 21.65 -21.62
CA GLY D 109 -6.84 22.66 -20.74
C GLY D 109 -7.09 23.94 -21.49
N ILE D 110 -8.09 24.70 -21.04
CA ILE D 110 -8.46 25.94 -21.71
C ILE D 110 -9.25 26.80 -20.74
N ASP D 111 -9.13 28.11 -20.91
CA ASP D 111 -9.93 29.09 -20.18
C ASP D 111 -11.08 29.55 -21.07
N ASP D 112 -12.11 30.12 -20.44
CA ASP D 112 -13.22 30.69 -21.19
C ASP D 112 -13.69 31.94 -20.46
N TYR D 113 -12.99 33.04 -20.72
CA TYR D 113 -13.34 34.34 -20.16
C TYR D 113 -13.42 35.36 -21.28
N TRP D 114 -14.45 36.21 -21.23
CA TRP D 114 -14.72 37.16 -22.28
C TRP D 114 -15.12 38.51 -21.69
N GLY D 115 -14.84 39.57 -22.45
CA GLY D 115 -15.32 40.89 -22.12
C GLY D 115 -16.77 41.09 -22.50
N GLN D 116 -17.23 42.32 -22.31
CA GLN D 116 -18.60 42.72 -22.61
C GLN D 116 -18.80 43.16 -24.05
N GLY D 117 -17.74 43.29 -24.83
CA GLY D 117 -17.87 43.78 -26.19
C GLY D 117 -17.68 45.28 -26.29
N THR D 118 -17.07 45.74 -27.37
CA THR D 118 -16.80 47.15 -27.59
C THR D 118 -17.38 47.56 -28.93
N LEU D 119 -18.38 48.43 -28.91
CA LEU D 119 -18.98 48.92 -30.14
C LEU D 119 -18.05 49.95 -30.77
N VAL D 120 -17.64 49.70 -32.02
CA VAL D 120 -16.82 50.64 -32.77
C VAL D 120 -17.55 50.96 -34.07
N THR D 121 -17.87 52.23 -34.27
CA THR D 121 -18.55 52.69 -35.48
C THR D 121 -17.61 53.58 -36.25
N VAL D 122 -17.35 53.24 -37.51
CA VAL D 122 -16.48 54.00 -38.39
C VAL D 122 -17.34 54.59 -39.51
N SER D 123 -17.30 55.91 -39.66
CA SER D 123 -18.02 56.59 -40.72
C SER D 123 -17.54 58.04 -40.74
N SER D 124 -17.79 58.71 -41.87
CA SER D 124 -17.39 60.10 -42.06
C SER D 124 -18.44 61.09 -41.55
N ALA D 125 -19.58 60.61 -41.08
CA ALA D 125 -20.62 61.50 -40.57
C ALA D 125 -20.27 61.98 -39.17
N SER D 126 -20.73 63.19 -38.86
CA SER D 126 -20.55 63.78 -37.54
C SER D 126 -21.75 63.46 -36.65
N THR D 127 -21.61 63.79 -35.37
CA THR D 127 -22.69 63.55 -34.41
C THR D 127 -23.94 64.33 -34.81
N LYS D 128 -25.08 63.63 -34.85
CA LYS D 128 -26.33 64.24 -35.24
C LYS D 128 -27.47 63.60 -34.44
N GLY D 129 -28.44 64.42 -34.04
CA GLY D 129 -29.59 63.96 -33.31
C GLY D 129 -30.62 63.30 -34.19
N PRO D 130 -31.55 62.55 -33.60
CA PRO D 130 -32.57 61.86 -34.38
C PRO D 130 -33.82 62.72 -34.59
N SER D 131 -34.56 62.37 -35.64
CA SER D 131 -35.90 62.87 -35.88
C SER D 131 -36.91 61.77 -35.58
N VAL D 132 -38.03 62.15 -34.93
CA VAL D 132 -39.06 61.20 -34.51
C VAL D 132 -40.38 61.58 -35.18
N PHE D 133 -40.97 60.63 -35.91
CA PHE D 133 -42.26 60.80 -36.56
C PHE D 133 -43.25 59.75 -36.06
N PRO D 134 -44.51 60.13 -35.81
CA PRO D 134 -45.49 59.17 -35.30
C PRO D 134 -46.06 58.30 -36.40
N LEU D 135 -46.32 57.04 -36.06
CA LEU D 135 -47.02 56.10 -36.94
C LEU D 135 -48.36 55.75 -36.30
N ALA D 136 -49.42 56.40 -36.78
CA ALA D 136 -50.82 56.48 -36.35
C ALA D 136 -51.64 55.34 -36.96
N PRO D 137 -52.59 54.77 -36.19
CA PRO D 137 -53.45 53.70 -36.75
C PRO D 137 -54.70 54.25 -37.43
N SER D 138 -55.50 53.34 -38.01
CA SER D 138 -56.73 53.75 -38.70
C SER D 138 -57.98 53.26 -37.97
N GLY D 144 -57.00 44.48 -38.74
CA GLY D 144 -58.44 44.41 -38.77
C GLY D 144 -59.10 44.56 -37.42
N GLY D 145 -59.06 43.49 -36.62
CA GLY D 145 -59.65 43.49 -35.30
C GLY D 145 -58.71 43.97 -34.21
N THR D 146 -57.42 43.73 -34.40
CA THR D 146 -56.37 44.23 -33.52
C THR D 146 -55.49 45.17 -34.32
N ALA D 147 -55.24 46.36 -33.77
CA ALA D 147 -54.53 47.42 -34.48
C ALA D 147 -53.13 47.61 -33.91
N ALA D 148 -52.26 48.17 -34.75
CA ALA D 148 -50.87 48.42 -34.38
C ALA D 148 -50.51 49.89 -34.62
N LEU D 149 -49.60 50.39 -33.77
CA LEU D 149 -49.11 51.77 -33.86
C LEU D 149 -47.66 51.78 -33.38
N GLY D 150 -46.94 52.82 -33.79
CA GLY D 150 -45.53 52.88 -33.42
C GLY D 150 -44.92 54.23 -33.74
N CYS D 151 -43.58 54.26 -33.65
CA CYS D 151 -42.80 55.47 -33.88
C CYS D 151 -41.62 55.16 -34.81
N LEU D 152 -41.30 56.11 -35.68
CA LEU D 152 -40.17 56.01 -36.60
C LEU D 152 -39.03 56.90 -36.12
N VAL D 153 -37.85 56.32 -35.92
CA VAL D 153 -36.64 57.04 -35.52
C VAL D 153 -35.71 57.04 -36.72
N LYS D 154 -35.70 58.13 -37.49
CA LYS D 154 -34.97 58.20 -38.75
C LYS D 154 -33.92 59.31 -38.68
N ASP D 155 -32.80 59.08 -39.38
CA ASP D 155 -31.74 60.07 -39.57
C ASP D 155 -31.07 60.47 -38.27
N TYR D 156 -30.20 59.60 -37.74
CA TYR D 156 -29.36 59.93 -36.60
C TYR D 156 -28.00 59.26 -36.76
N PHE D 157 -27.07 59.66 -35.90
CA PHE D 157 -25.73 59.09 -35.85
C PHE D 157 -25.02 59.48 -34.56
N PRO D 158 -24.28 58.57 -33.92
CA PRO D 158 -24.21 57.15 -34.27
C PRO D 158 -25.04 56.25 -33.36
N GLU D 159 -24.82 54.94 -33.48
CA GLU D 159 -25.43 53.99 -32.56
C GLU D 159 -24.94 54.24 -31.14
N PRO D 160 -25.73 53.88 -30.12
CA PRO D 160 -27.06 53.26 -30.13
C PRO D 160 -28.19 54.20 -29.70
N VAL D 161 -29.44 53.74 -29.84
CA VAL D 161 -30.60 54.43 -29.28
C VAL D 161 -31.41 53.45 -28.45
N THR D 162 -32.14 54.00 -27.48
CA THR D 162 -33.02 53.22 -26.59
C THR D 162 -34.46 53.65 -26.81
N VAL D 163 -35.38 52.68 -26.83
CA VAL D 163 -36.80 52.94 -27.05
C VAL D 163 -37.62 52.17 -26.03
N SER D 164 -38.46 52.88 -25.28
CA SER D 164 -39.46 52.29 -24.39
C SER D 164 -40.81 52.89 -24.73
N TRP D 165 -41.85 52.45 -24.02
CA TRP D 165 -43.23 52.91 -24.26
C TRP D 165 -43.93 53.24 -22.96
N ASN D 166 -44.37 54.50 -22.83
CA ASN D 166 -45.02 55.02 -21.62
C ASN D 166 -44.17 54.81 -20.38
N SER D 167 -42.87 55.09 -20.51
CA SER D 167 -41.91 55.02 -19.40
C SER D 167 -41.85 53.60 -18.82
N GLY D 168 -41.88 52.60 -19.71
CA GLY D 168 -41.77 51.22 -19.30
C GLY D 168 -43.07 50.54 -18.97
N ALA D 169 -44.21 51.20 -19.20
CA ALA D 169 -45.51 50.63 -18.83
C ALA D 169 -46.03 49.60 -19.83
N LEU D 170 -45.50 49.57 -21.05
CA LEU D 170 -46.02 48.71 -22.10
C LEU D 170 -44.94 47.71 -22.50
N THR D 171 -45.23 46.41 -22.33
CA THR D 171 -44.30 45.35 -22.68
C THR D 171 -44.93 44.29 -23.59
N SER D 172 -46.20 43.95 -23.39
CA SER D 172 -46.85 42.93 -24.19
C SER D 172 -47.05 43.44 -25.61
N GLY D 173 -46.60 42.67 -26.60
CA GLY D 173 -46.74 43.05 -27.99
C GLY D 173 -45.73 44.06 -28.50
N VAL D 174 -44.76 44.45 -27.68
CA VAL D 174 -43.77 45.45 -28.09
C VAL D 174 -42.70 44.77 -28.92
N HIS D 175 -42.47 45.29 -30.13
CA HIS D 175 -41.43 44.79 -31.02
C HIS D 175 -40.61 45.97 -31.53
N THR D 176 -39.38 46.11 -31.04
CA THR D 176 -38.48 47.18 -31.44
C THR D 176 -37.50 46.63 -32.48
N PHE D 177 -37.49 47.23 -33.68
CA PHE D 177 -36.77 46.74 -34.85
C PHE D 177 -35.32 47.20 -34.85
N PRO D 178 -34.41 46.36 -35.32
CA PRO D 178 -33.02 46.78 -35.49
C PRO D 178 -32.85 47.85 -36.55
N ALA D 179 -31.84 48.70 -36.35
CA ALA D 179 -31.56 49.81 -37.25
C ALA D 179 -31.01 49.32 -38.59
N VAL D 180 -31.24 50.13 -39.62
CA VAL D 180 -30.64 49.94 -40.93
C VAL D 180 -29.79 51.16 -41.25
N LEU D 181 -28.71 50.95 -42.01
CA LEU D 181 -27.81 52.03 -42.39
C LEU D 181 -28.23 52.58 -43.74
N GLN D 182 -28.65 53.85 -43.76
CA GLN D 182 -29.04 54.51 -45.00
C GLN D 182 -27.80 54.90 -45.80
N SER D 183 -28.02 55.19 -47.09
CA SER D 183 -26.92 55.62 -47.96
C SER D 183 -26.28 56.93 -47.50
N SER D 184 -27.01 57.74 -46.73
CA SER D 184 -26.48 59.00 -46.20
C SER D 184 -25.50 58.80 -45.05
N GLY D 185 -25.26 57.56 -44.62
CA GLY D 185 -24.41 57.31 -43.48
C GLY D 185 -25.10 57.41 -42.14
N LEU D 186 -26.40 57.69 -42.12
CA LEU D 186 -27.20 57.83 -40.90
C LEU D 186 -28.09 56.60 -40.74
N TYR D 187 -28.38 56.26 -39.48
CA TYR D 187 -29.20 55.10 -39.17
C TYR D 187 -30.68 55.46 -39.12
N SER D 188 -31.52 54.44 -39.34
CA SER D 188 -32.97 54.58 -39.32
C SER D 188 -33.56 53.27 -38.79
N LEU D 189 -34.59 53.38 -37.95
CA LEU D 189 -35.22 52.20 -37.36
C LEU D 189 -36.68 52.50 -37.02
N SER D 190 -37.41 51.41 -36.73
CA SER D 190 -38.83 51.47 -36.39
C SER D 190 -39.08 50.72 -35.09
N SER D 191 -40.15 51.08 -34.39
CA SER D 191 -40.60 50.34 -33.21
C SER D 191 -42.12 50.38 -33.14
N VAL D 192 -42.76 49.21 -33.09
CA VAL D 192 -44.21 49.11 -33.16
C VAL D 192 -44.72 48.33 -31.95
N VAL D 193 -46.05 48.32 -31.80
CA VAL D 193 -46.72 47.56 -30.76
C VAL D 193 -48.17 47.33 -31.17
N THR D 194 -48.69 46.15 -30.88
CA THR D 194 -50.07 45.81 -31.15
C THR D 194 -50.95 46.09 -29.93
N VAL D 195 -52.03 46.85 -30.15
CA VAL D 195 -52.93 47.23 -29.07
C VAL D 195 -54.36 46.97 -29.51
N PRO D 196 -55.27 46.79 -28.56
CA PRO D 196 -56.68 46.61 -28.91
C PRO D 196 -57.25 47.85 -29.57
N SER D 197 -58.10 47.63 -30.58
CA SER D 197 -58.77 48.75 -31.26
C SER D 197 -59.77 49.45 -30.37
N SER D 198 -60.17 48.84 -29.24
CA SER D 198 -61.05 49.52 -28.30
C SER D 198 -60.33 50.63 -27.53
N SER D 199 -59.00 50.60 -27.48
CA SER D 199 -58.22 51.61 -26.76
C SER D 199 -57.71 52.72 -27.68
N LEU D 200 -58.16 52.75 -28.94
CA LEU D 200 -57.68 53.78 -29.86
C LEU D 200 -58.10 55.17 -29.38
N GLY D 201 -59.28 55.28 -28.78
CA GLY D 201 -59.80 56.56 -28.37
C GLY D 201 -59.39 56.94 -26.96
N THR D 202 -59.09 55.94 -26.12
CA THR D 202 -58.91 56.18 -24.69
C THR D 202 -57.46 56.36 -24.28
N GLN D 203 -56.66 55.31 -24.40
CA GLN D 203 -55.33 55.31 -23.80
C GLN D 203 -54.36 56.11 -24.65
N THR D 204 -53.58 56.98 -23.99
CA THR D 204 -52.53 57.73 -24.66
C THR D 204 -51.27 56.87 -24.80
N TYR D 205 -50.74 56.78 -26.03
CA TYR D 205 -49.54 56.02 -26.33
C TYR D 205 -48.43 57.00 -26.70
N ILE D 206 -47.39 57.08 -25.88
CA ILE D 206 -46.25 57.95 -26.11
C ILE D 206 -44.98 57.11 -26.08
N CYS D 207 -44.18 57.20 -27.14
CA CYS D 207 -42.93 56.46 -27.25
C CYS D 207 -41.77 57.25 -26.66
N ASN D 208 -40.94 56.59 -25.86
CA ASN D 208 -39.80 57.21 -25.19
C ASN D 208 -38.52 56.77 -25.89
N VAL D 209 -37.86 57.73 -26.53
CA VAL D 209 -36.62 57.48 -27.27
C VAL D 209 -35.51 58.31 -26.62
N ASN D 210 -34.36 57.69 -26.41
CA ASN D 210 -33.19 58.37 -25.85
C ASN D 210 -31.98 58.03 -26.69
N HIS D 211 -31.40 59.05 -27.34
CA HIS D 211 -30.19 58.89 -28.14
C HIS D 211 -29.04 59.51 -27.35
N LYS D 212 -28.18 58.64 -26.80
CA LYS D 212 -27.16 59.10 -25.87
C LYS D 212 -26.06 59.94 -26.52
N PRO D 213 -25.50 59.57 -27.69
CA PRO D 213 -24.44 60.40 -28.28
C PRO D 213 -24.82 61.85 -28.54
N SER D 214 -26.11 62.14 -28.75
CA SER D 214 -26.57 63.49 -29.01
C SER D 214 -27.27 64.13 -27.82
N ASN D 215 -27.46 63.39 -26.73
CA ASN D 215 -28.19 63.88 -25.55
C ASN D 215 -29.59 64.36 -25.91
N THR D 216 -30.20 63.72 -26.90
CA THR D 216 -31.55 64.05 -27.33
C THR D 216 -32.51 63.01 -26.78
N LYS D 217 -33.44 63.45 -25.93
CA LYS D 217 -34.45 62.59 -25.33
C LYS D 217 -35.80 63.16 -25.73
N VAL D 218 -36.63 62.33 -26.36
CA VAL D 218 -37.90 62.80 -26.90
C VAL D 218 -39.00 61.81 -26.55
N ASP D 219 -40.09 62.33 -25.98
CA ASP D 219 -41.32 61.58 -25.73
C ASP D 219 -42.35 62.09 -26.74
N LYS D 220 -42.75 61.24 -27.67
CA LYS D 220 -43.59 61.65 -28.80
C LYS D 220 -44.94 60.95 -28.72
N LYS D 221 -46.01 61.75 -28.69
CA LYS D 221 -47.36 61.21 -28.64
C LYS D 221 -47.81 60.78 -30.05
N VAL D 222 -48.48 59.63 -30.12
CA VAL D 222 -49.03 59.10 -31.36
C VAL D 222 -50.54 59.03 -31.22
N GLU D 223 -51.27 59.74 -32.10
CA GLU D 223 -52.71 59.74 -31.99
C GLU D 223 -53.36 59.21 -33.28
N PRO D 224 -54.47 58.47 -33.17
CA PRO D 224 -55.22 58.09 -34.37
C PRO D 224 -55.97 59.29 -34.94
N LYS D 225 -56.30 59.20 -36.23
CA LYS D 225 -57.00 60.32 -36.84
C LYS D 225 -58.27 59.89 -37.57
N SER D 226 -58.54 60.51 -38.71
CA SER D 226 -59.73 60.22 -39.52
C SER D 226 -59.87 58.72 -39.81
N GLU E 1 -4.27 28.16 -46.14
CA GLU E 1 -5.58 28.82 -45.98
C GLU E 1 -6.64 27.83 -45.49
N ILE E 2 -6.86 27.84 -44.18
CA ILE E 2 -7.85 26.96 -43.56
C ILE E 2 -9.24 27.53 -43.81
N VAL E 3 -10.10 26.75 -44.47
CA VAL E 3 -11.47 27.13 -44.76
C VAL E 3 -12.41 26.21 -44.00
N LEU E 4 -13.43 26.80 -43.37
CA LEU E 4 -14.41 26.04 -42.59
C LEU E 4 -15.80 26.18 -43.20
N THR E 5 -16.60 25.11 -43.11
CA THR E 5 -17.99 25.12 -43.54
C THR E 5 -18.87 24.52 -42.46
N GLN E 6 -20.11 25.01 -42.38
CA GLN E 6 -21.12 24.51 -41.45
C GLN E 6 -22.43 24.30 -42.20
N SER E 7 -23.14 23.24 -41.85
CA SER E 7 -24.42 22.91 -42.48
C SER E 7 -25.38 22.39 -41.40
N PRO E 8 -26.63 22.87 -41.38
CA PRO E 8 -27.19 23.89 -42.28
C PRO E 8 -26.83 25.31 -41.86
N GLY E 9 -27.26 26.29 -42.65
CA GLY E 9 -27.05 27.66 -42.26
C GLY E 9 -28.03 28.06 -41.18
N THR E 10 -29.28 27.63 -41.32
CA THR E 10 -30.33 27.87 -40.34
C THR E 10 -31.05 26.56 -40.09
N LEU E 11 -31.20 26.20 -38.82
CA LEU E 11 -31.87 24.97 -38.42
C LEU E 11 -33.02 25.33 -37.49
N SER E 12 -34.21 24.80 -37.78
CA SER E 12 -35.41 25.05 -37.00
C SER E 12 -35.91 23.72 -36.44
N LEU E 13 -35.92 23.61 -35.12
CA LEU E 13 -36.34 22.38 -34.46
C LEU E 13 -37.08 22.72 -33.17
N SER E 14 -37.86 21.75 -32.69
CA SER E 14 -38.70 21.95 -31.52
C SER E 14 -37.95 21.58 -30.25
N PRO E 15 -38.29 22.20 -29.12
CA PRO E 15 -37.65 21.84 -27.86
C PRO E 15 -37.91 20.39 -27.52
N GLY E 16 -36.87 19.72 -27.00
CA GLY E 16 -36.96 18.32 -26.69
C GLY E 16 -36.50 17.41 -27.81
N GLU E 17 -36.29 17.96 -29.01
CA GLU E 17 -35.78 17.21 -30.14
C GLU E 17 -34.26 17.36 -30.23
N ARG E 18 -33.64 16.46 -30.99
CA ARG E 18 -32.18 16.41 -31.11
C ARG E 18 -31.71 17.31 -32.25
N ALA E 19 -30.77 18.19 -31.95
CA ALA E 19 -30.15 19.06 -32.94
C ALA E 19 -28.78 18.53 -33.32
N THR E 20 -28.54 18.37 -34.62
CA THR E 20 -27.29 17.84 -35.15
C THR E 20 -26.65 18.88 -36.07
N LEU E 21 -25.48 19.38 -35.68
CA LEU E 21 -24.80 20.44 -36.40
C LEU E 21 -23.47 19.92 -36.93
N SER E 22 -23.20 20.19 -38.19
CA SER E 22 -21.99 19.73 -38.87
C SER E 22 -20.99 20.87 -39.05
N CYS E 23 -19.71 20.51 -39.01
CA CYS E 23 -18.60 21.43 -39.27
C CYS E 23 -17.58 20.67 -40.10
N ARG E 24 -17.28 21.16 -41.30
CA ARG E 24 -16.35 20.52 -42.21
C ARG E 24 -15.26 21.50 -42.63
N ALA E 25 -14.02 21.01 -42.65
CA ALA E 25 -12.86 21.84 -42.94
C ALA E 25 -12.25 21.47 -44.30
N SER E 26 -11.59 22.46 -44.91
CA SER E 26 -10.94 22.24 -46.20
C SER E 26 -9.76 21.29 -46.10
N GLN E 27 -9.20 21.12 -44.90
CA GLN E 27 -8.07 20.22 -44.70
C GLN E 27 -8.15 19.65 -43.29
N ILE E 28 -7.24 18.73 -42.99
CA ILE E 28 -7.23 18.07 -41.70
C ILE E 28 -6.77 19.05 -40.62
N VAL E 29 -7.47 19.03 -39.48
CA VAL E 29 -7.08 19.82 -38.32
C VAL E 29 -6.86 18.86 -37.16
N SER E 30 -5.97 19.24 -36.26
CA SER E 30 -5.74 18.43 -35.05
C SER E 30 -6.96 18.52 -34.16
N ARG E 31 -7.44 17.36 -33.69
CA ARG E 31 -8.66 17.35 -32.89
C ARG E 31 -8.52 18.15 -31.60
N ASN E 32 -7.33 18.18 -31.00
CA ASN E 32 -7.16 18.96 -29.76
C ASN E 32 -7.38 20.45 -30.01
N HIS E 33 -7.10 20.92 -31.21
CA HIS E 33 -7.13 22.34 -31.50
C HIS E 33 -8.48 22.81 -32.00
N LEU E 34 -9.43 21.89 -32.17
CA LEU E 34 -10.79 22.21 -32.56
C LEU E 34 -11.62 22.55 -31.32
N ALA E 35 -12.58 23.45 -31.49
CA ALA E 35 -13.42 23.91 -30.39
C ALA E 35 -14.78 24.33 -30.92
N TRP E 36 -15.77 24.34 -30.04
CA TRP E 36 -17.12 24.78 -30.35
C TRP E 36 -17.55 25.85 -29.37
N TYR E 37 -18.13 26.93 -29.90
CA TYR E 37 -18.61 28.03 -29.07
C TYR E 37 -20.07 28.32 -29.43
N GLN E 38 -20.78 28.89 -28.45
CA GLN E 38 -22.18 29.28 -28.60
C GLN E 38 -22.29 30.77 -28.36
N GLN E 39 -23.10 31.44 -29.18
CA GLN E 39 -23.33 32.88 -29.04
C GLN E 39 -24.83 33.15 -29.10
N LYS E 40 -25.33 33.86 -28.10
CA LYS E 40 -26.66 34.40 -28.08
C LYS E 40 -26.64 35.86 -28.50
N PRO E 41 -27.76 36.38 -29.01
CA PRO E 41 -27.78 37.77 -29.47
C PRO E 41 -27.40 38.75 -28.36
N GLY E 42 -26.45 39.62 -28.66
CA GLY E 42 -26.03 40.63 -27.71
C GLY E 42 -25.06 40.16 -26.66
N GLN E 43 -24.60 38.91 -26.72
CA GLN E 43 -23.68 38.35 -25.75
C GLN E 43 -22.33 38.06 -26.40
N ALA E 44 -21.29 38.01 -25.56
CA ALA E 44 -20.03 37.46 -25.97
C ALA E 44 -20.16 35.95 -26.15
N PRO E 45 -19.29 35.34 -26.96
CA PRO E 45 -19.39 33.88 -27.15
C PRO E 45 -19.16 33.14 -25.84
N ARG E 46 -19.75 31.96 -25.75
CA ARG E 46 -19.53 31.03 -24.64
C ARG E 46 -18.93 29.75 -25.22
N LEU E 47 -17.92 29.22 -24.55
CA LEU E 47 -17.29 27.99 -25.01
C LEU E 47 -18.10 26.78 -24.53
N LEU E 48 -18.48 25.93 -25.48
CA LEU E 48 -19.24 24.73 -25.12
C LEU E 48 -18.30 23.56 -24.99
N ILE E 49 -17.82 23.05 -26.13
CA ILE E 49 -16.94 21.89 -26.18
C ILE E 49 -15.67 22.25 -26.91
N PHE E 50 -14.59 21.56 -26.55
CA PHE E 50 -13.28 21.74 -27.16
C PHE E 50 -12.61 20.37 -27.28
N GLY E 51 -11.68 20.26 -28.20
CA GLY E 51 -11.06 18.97 -28.46
C GLY E 51 -12.09 17.91 -28.79
N ALA E 52 -13.06 18.25 -29.64
CA ALA E 52 -14.14 17.35 -30.05
C ALA E 52 -15.02 16.94 -28.88
N SER E 53 -14.59 15.94 -28.10
CA SER E 53 -15.48 15.32 -27.13
C SER E 53 -15.15 15.68 -25.69
N SER E 54 -15.02 16.97 -25.39
CA SER E 54 -14.75 17.41 -24.01
C SER E 54 -15.61 18.62 -23.71
N ARG E 55 -16.49 18.49 -22.72
CA ARG E 55 -17.38 19.58 -22.35
C ARG E 55 -16.68 20.50 -21.36
N ALA E 56 -16.98 21.78 -21.43
CA ALA E 56 -16.38 22.72 -20.51
C ALA E 56 -17.01 22.58 -19.12
N THR E 57 -16.36 23.21 -18.14
CA THR E 57 -16.88 23.15 -16.77
C THR E 57 -18.24 23.84 -16.69
N GLY E 58 -19.21 23.15 -16.10
CA GLY E 58 -20.51 23.74 -15.89
C GLY E 58 -21.45 23.67 -17.08
N ILE E 59 -21.05 23.04 -18.17
CA ILE E 59 -21.91 22.90 -19.34
C ILE E 59 -22.75 21.64 -19.17
N PRO E 60 -24.06 21.69 -19.40
CA PRO E 60 -24.90 20.50 -19.18
C PRO E 60 -24.47 19.33 -20.06
N VAL E 61 -24.73 18.13 -19.56
CA VAL E 61 -24.27 16.91 -20.22
C VAL E 61 -25.04 16.60 -21.50
N ARG E 62 -26.14 17.31 -21.77
CA ARG E 62 -26.88 17.07 -23.00
C ARG E 62 -26.09 17.47 -24.24
N PHE E 63 -25.09 18.33 -24.09
CA PHE E 63 -24.20 18.68 -25.19
C PHE E 63 -23.09 17.65 -25.32
N SER E 64 -22.79 17.27 -26.56
CA SER E 64 -21.75 16.29 -26.83
C SER E 64 -21.16 16.56 -28.21
N GLY E 65 -19.83 16.49 -28.30
CA GLY E 65 -19.14 16.71 -29.56
C GLY E 65 -18.41 15.47 -30.03
N SER E 66 -18.23 15.37 -31.34
CA SER E 66 -17.54 14.27 -31.96
C SER E 66 -17.00 14.73 -33.32
N GLY E 67 -16.11 13.94 -33.89
CA GLY E 67 -15.55 14.22 -35.19
C GLY E 67 -14.08 13.91 -35.30
N SER E 68 -13.55 13.94 -36.53
CA SER E 68 -12.14 13.64 -36.77
C SER E 68 -11.77 14.11 -38.17
N GLY E 69 -10.48 14.35 -38.36
CA GLY E 69 -9.93 14.68 -39.67
C GLY E 69 -10.47 15.97 -40.25
N THR E 70 -11.50 15.86 -41.09
CA THR E 70 -12.06 17.01 -41.79
C THR E 70 -13.52 17.28 -41.45
N ASP E 71 -14.26 16.32 -40.90
CA ASP E 71 -15.67 16.48 -40.58
C ASP E 71 -15.87 16.35 -39.09
N PHE E 72 -16.52 17.35 -38.48
CA PHE E 72 -16.79 17.40 -37.05
C PHE E 72 -18.27 17.70 -36.85
N THR E 73 -18.82 17.21 -35.73
CA THR E 73 -20.25 17.30 -35.49
C THR E 73 -20.53 17.60 -34.02
N LEU E 74 -21.27 18.68 -33.77
CA LEU E 74 -21.80 18.99 -32.44
C LEU E 74 -23.24 18.49 -32.36
N THR E 75 -23.52 17.65 -31.36
CA THR E 75 -24.83 17.08 -31.15
C THR E 75 -25.42 17.59 -29.85
N ILE E 76 -26.68 18.01 -29.88
CA ILE E 76 -27.42 18.41 -28.69
C ILE E 76 -28.52 17.40 -28.47
N ASN E 77 -28.41 16.61 -27.40
CA ASN E 77 -29.37 15.57 -27.08
C ASN E 77 -30.49 16.17 -26.24
N GLY E 78 -31.53 16.66 -26.91
CA GLY E 78 -32.65 17.28 -26.22
C GLY E 78 -32.49 18.78 -26.10
N LEU E 79 -33.09 19.50 -27.03
CA LEU E 79 -32.93 20.96 -27.03
C LEU E 79 -33.68 21.58 -25.86
N ALA E 80 -32.99 22.48 -25.17
CA ALA E 80 -33.54 23.29 -24.10
C ALA E 80 -33.92 24.66 -24.64
N PRO E 81 -34.81 25.38 -23.95
CA PRO E 81 -35.18 26.72 -24.44
C PRO E 81 -34.00 27.65 -24.61
N GLU E 82 -33.05 27.64 -23.68
CA GLU E 82 -31.90 28.53 -23.72
C GLU E 82 -30.83 28.09 -24.71
N ASP E 83 -31.07 27.01 -25.46
CA ASP E 83 -30.13 26.56 -26.47
C ASP E 83 -30.36 27.20 -27.82
N PHE E 84 -31.51 27.83 -28.04
CA PHE E 84 -31.82 28.44 -29.34
C PHE E 84 -30.95 29.67 -29.51
N ALA E 85 -29.92 29.56 -30.34
CA ALA E 85 -28.97 30.64 -30.57
C ALA E 85 -28.11 30.34 -31.79
N VAL E 86 -26.96 31.03 -31.91
CA VAL E 86 -26.03 30.79 -33.00
C VAL E 86 -24.89 29.93 -32.48
N TYR E 87 -24.42 29.00 -33.31
CA TYR E 87 -23.38 28.04 -32.94
C TYR E 87 -22.26 28.11 -33.95
N TYR E 88 -21.07 28.50 -33.48
CA TYR E 88 -19.87 28.55 -34.29
C TYR E 88 -18.92 27.43 -33.88
N CYS E 89 -18.29 26.80 -34.87
CA CYS E 89 -17.17 25.91 -34.63
C CYS E 89 -15.87 26.66 -34.91
N LEU E 90 -14.84 26.32 -34.15
CA LEU E 90 -13.57 27.04 -34.20
C LEU E 90 -12.43 26.06 -34.39
N SER E 91 -11.67 26.26 -35.45
CA SER E 91 -10.45 25.50 -35.68
C SER E 91 -9.23 26.34 -35.35
N SER E 92 -8.12 25.65 -35.11
CA SER E 92 -6.86 26.33 -34.88
C SER E 92 -5.73 25.40 -35.29
N ASP E 93 -4.65 26.00 -35.79
CA ASP E 93 -3.48 25.23 -36.21
C ASP E 93 -2.29 26.18 -36.18
N SER E 94 -1.22 25.76 -35.51
CA SER E 94 -0.06 26.62 -35.29
C SER E 94 -0.47 27.92 -34.62
N SER E 95 -1.42 27.82 -33.70
CA SER E 95 -1.96 28.96 -32.96
C SER E 95 -2.57 30.00 -33.90
N ILE E 96 -3.06 29.56 -35.06
CA ILE E 96 -3.75 30.43 -36.01
C ILE E 96 -5.21 30.00 -36.00
N PHE E 97 -6.06 30.79 -35.37
CA PHE E 97 -7.45 30.43 -35.16
C PHE E 97 -8.31 30.86 -36.35
N THR E 98 -9.33 30.07 -36.63
CA THR E 98 -10.20 30.29 -37.77
C THR E 98 -11.63 29.89 -37.42
N PHE E 99 -12.57 30.80 -37.66
CA PHE E 99 -13.96 30.63 -37.25
C PHE E 99 -14.82 30.22 -38.44
N GLY E 100 -15.81 29.35 -38.18
CA GLY E 100 -16.86 29.11 -39.14
C GLY E 100 -17.89 30.23 -39.17
N GLN E 101 -18.75 30.19 -40.18
CA GLN E 101 -19.74 31.24 -40.36
C GLN E 101 -20.92 31.14 -39.41
N GLY E 102 -21.06 30.03 -38.70
CA GLY E 102 -22.12 29.88 -37.71
C GLY E 102 -23.40 29.28 -38.23
N THR E 103 -24.03 28.46 -37.39
CA THR E 103 -25.34 27.86 -37.66
C THR E 103 -26.36 28.44 -36.69
N LYS E 104 -27.43 29.02 -37.23
CA LYS E 104 -28.50 29.59 -36.42
C LYS E 104 -29.52 28.50 -36.06
N VAL E 105 -29.99 28.53 -34.82
CA VAL E 105 -30.98 27.57 -34.33
C VAL E 105 -32.28 28.33 -34.07
N ASP E 106 -33.38 27.78 -34.56
CA ASP E 106 -34.68 28.43 -34.53
C ASP E 106 -35.69 27.50 -33.87
N PHE E 107 -36.74 28.09 -33.29
CA PHE E 107 -37.83 27.29 -32.78
C PHE E 107 -38.60 26.72 -33.95
N LYS E 108 -38.81 25.42 -33.96
CA LYS E 108 -39.76 24.87 -34.92
C LYS E 108 -41.14 25.31 -34.45
N ARG E 109 -41.74 26.20 -35.21
CA ARG E 109 -42.99 26.85 -34.87
C ARG E 109 -44.03 26.44 -35.89
N THR E 110 -45.26 26.24 -35.41
CA THR E 110 -46.36 25.98 -36.30
C THR E 110 -46.51 27.13 -37.27
N VAL E 111 -46.73 26.80 -38.55
CA VAL E 111 -46.78 27.83 -39.58
C VAL E 111 -47.89 28.81 -39.22
N ALA E 112 -47.55 30.10 -39.23
CA ALA E 112 -48.47 31.16 -38.80
C ALA E 112 -48.47 32.29 -39.83
N ALA E 113 -49.67 32.77 -40.16
CA ALA E 113 -49.79 33.84 -41.14
C ALA E 113 -49.57 35.19 -40.47
N PRO E 114 -48.80 36.10 -41.06
CA PRO E 114 -48.58 37.40 -40.42
C PRO E 114 -49.81 38.28 -40.50
N SER E 115 -49.99 39.12 -39.48
CA SER E 115 -50.99 40.17 -39.50
C SER E 115 -50.39 41.40 -40.16
N VAL E 116 -50.95 41.82 -41.28
CA VAL E 116 -50.34 42.80 -42.16
C VAL E 116 -50.98 44.16 -41.92
N PHE E 117 -50.13 45.19 -41.77
CA PHE E 117 -50.56 46.56 -41.62
C PHE E 117 -49.59 47.45 -42.38
N ILE E 118 -50.07 48.60 -42.82
CA ILE E 118 -49.25 49.54 -43.58
C ILE E 118 -49.41 50.93 -42.97
N PHE E 119 -48.32 51.70 -43.00
CA PHE E 119 -48.28 52.99 -42.36
C PHE E 119 -47.94 54.05 -43.41
N PRO E 120 -48.83 55.00 -43.69
CA PRO E 120 -48.47 56.12 -44.55
C PRO E 120 -47.46 57.01 -43.85
N PRO E 121 -46.69 57.81 -44.59
CA PRO E 121 -45.81 58.77 -43.91
C PRO E 121 -46.64 59.78 -43.15
N SER E 122 -46.18 60.11 -41.94
CA SER E 122 -46.92 61.04 -41.11
C SER E 122 -46.96 62.41 -41.75
N ASP E 123 -48.04 63.14 -41.47
CA ASP E 123 -48.17 64.50 -42.02
C ASP E 123 -47.06 65.39 -41.48
N GLU E 124 -46.57 65.11 -40.28
CA GLU E 124 -45.39 65.79 -39.76
C GLU E 124 -44.15 65.44 -40.56
N GLN E 125 -44.08 64.22 -41.10
CA GLN E 125 -42.88 63.79 -41.82
C GLN E 125 -42.77 64.46 -43.18
N LEU E 126 -43.89 64.66 -43.88
CA LEU E 126 -43.84 65.36 -45.15
C LEU E 126 -43.37 66.79 -44.97
N LYS E 127 -43.59 67.37 -43.78
CA LYS E 127 -43.12 68.70 -43.46
C LYS E 127 -41.61 68.80 -43.37
N SER E 128 -40.90 67.67 -43.39
CA SER E 128 -39.44 67.65 -43.34
C SER E 128 -38.80 67.45 -44.71
N GLY E 129 -39.59 67.15 -45.73
CA GLY E 129 -39.07 66.95 -47.07
C GLY E 129 -38.70 65.52 -47.42
N THR E 130 -39.00 64.56 -46.55
CA THR E 130 -38.69 63.16 -46.78
C THR E 130 -39.92 62.31 -46.44
N ALA E 131 -40.18 61.28 -47.24
CA ALA E 131 -41.33 60.41 -47.05
C ALA E 131 -40.86 58.97 -46.86
N SER E 132 -41.27 58.36 -45.74
CA SER E 132 -40.96 56.97 -45.44
C SER E 132 -42.25 56.22 -45.14
N VAL E 133 -42.60 55.26 -45.99
CA VAL E 133 -43.79 54.44 -45.81
C VAL E 133 -43.38 53.15 -45.13
N VAL E 134 -44.15 52.71 -44.13
CA VAL E 134 -43.82 51.57 -43.30
C VAL E 134 -44.90 50.51 -43.46
N CYS E 135 -44.47 49.24 -43.62
CA CYS E 135 -45.36 48.09 -43.71
C CYS E 135 -44.88 47.04 -42.72
N LEU E 136 -45.80 46.51 -41.90
CA LEU E 136 -45.45 45.66 -40.77
C LEU E 136 -46.03 44.26 -40.96
N LEU E 137 -45.22 43.24 -40.72
CA LEU E 137 -45.65 41.83 -40.65
C LEU E 137 -45.36 41.30 -39.26
N ASN E 138 -46.38 41.21 -38.41
CA ASN E 138 -46.22 40.85 -37.00
C ASN E 138 -46.65 39.40 -36.76
N ASN E 139 -45.81 38.66 -36.01
CA ASN E 139 -46.09 37.30 -35.55
C ASN E 139 -46.37 36.35 -36.72
N PHE E 140 -45.28 35.99 -37.41
CA PHE E 140 -45.34 35.02 -38.48
C PHE E 140 -44.25 33.97 -38.29
N TYR E 141 -44.35 32.90 -39.08
CA TYR E 141 -43.37 31.83 -39.12
C TYR E 141 -43.63 30.91 -40.32
N PRO E 142 -42.59 30.47 -41.04
CA PRO E 142 -41.17 30.73 -40.76
C PRO E 142 -40.69 32.13 -41.14
N ARG E 143 -39.41 32.39 -40.92
CA ARG E 143 -38.87 33.72 -41.14
C ARG E 143 -38.91 34.13 -42.61
N GLU E 144 -38.72 33.18 -43.52
CA GLU E 144 -38.57 33.52 -44.94
C GLU E 144 -39.88 34.06 -45.50
N ALA E 145 -39.82 35.31 -45.98
CA ALA E 145 -40.98 35.97 -46.59
C ALA E 145 -40.48 37.08 -47.50
N LYS E 146 -41.37 37.57 -48.36
CA LYS E 146 -41.06 38.63 -49.33
C LYS E 146 -42.07 39.76 -49.24
N VAL E 147 -41.59 41.00 -49.34
CA VAL E 147 -42.43 42.20 -49.33
C VAL E 147 -42.04 43.06 -50.52
N GLN E 148 -43.01 43.36 -51.39
CA GLN E 148 -42.78 44.15 -52.59
C GLN E 148 -43.65 45.40 -52.59
N TRP E 149 -43.07 46.51 -53.02
CA TRP E 149 -43.74 47.81 -53.04
C TRP E 149 -44.28 48.12 -54.44
N LYS E 150 -45.48 48.70 -54.49
CA LYS E 150 -46.08 49.17 -55.74
C LYS E 150 -46.81 50.48 -55.48
N VAL E 151 -46.42 51.54 -56.19
CA VAL E 151 -47.02 52.86 -56.07
C VAL E 151 -47.76 53.15 -57.37
N ASP E 152 -49.10 53.23 -57.28
CA ASP E 152 -49.98 53.20 -58.45
C ASP E 152 -49.66 52.00 -59.35
N ASN E 153 -49.51 50.85 -58.72
CA ASN E 153 -49.22 49.57 -59.35
C ASN E 153 -47.88 49.57 -60.09
N ALA E 154 -47.05 50.58 -59.89
CA ALA E 154 -45.72 50.61 -60.49
C ALA E 154 -44.73 50.01 -59.48
N LEU E 155 -44.09 48.91 -59.87
CA LEU E 155 -43.20 48.22 -58.96
C LEU E 155 -41.95 49.06 -58.69
N GLN E 156 -41.58 49.16 -57.42
CA GLN E 156 -40.40 49.92 -56.98
C GLN E 156 -39.37 48.95 -56.42
N SER E 157 -38.10 49.17 -56.78
CA SER E 157 -37.01 48.33 -56.32
C SER E 157 -35.78 49.18 -56.04
N GLY E 158 -34.89 48.64 -55.20
CA GLY E 158 -33.67 49.32 -54.83
C GLY E 158 -33.84 50.47 -53.86
N ASN E 159 -35.06 50.87 -53.55
CA ASN E 159 -35.34 51.97 -52.63
C ASN E 159 -35.98 51.49 -51.34
N SER E 160 -35.96 50.19 -51.06
CA SER E 160 -36.59 49.63 -49.87
C SER E 160 -35.58 48.81 -49.09
N GLN E 161 -35.63 48.94 -47.76
CA GLN E 161 -34.79 48.16 -46.85
C GLN E 161 -35.68 47.53 -45.79
N GLU E 162 -35.36 46.30 -45.41
CA GLU E 162 -36.18 45.51 -44.50
C GLU E 162 -35.40 45.13 -43.25
N SER E 163 -36.07 45.19 -42.11
CA SER E 163 -35.50 44.81 -40.82
C SER E 163 -36.31 43.67 -40.21
N VAL E 164 -35.62 42.76 -39.53
CA VAL E 164 -36.22 41.54 -38.99
C VAL E 164 -35.99 41.51 -37.48
N THR E 165 -37.04 41.19 -36.73
CA THR E 165 -36.92 40.98 -35.30
C THR E 165 -36.39 39.58 -35.01
N GLU E 166 -35.72 39.44 -33.86
CA GLU E 166 -35.40 38.12 -33.36
C GLU E 166 -36.65 37.43 -32.84
N GLN E 167 -36.57 36.10 -32.75
CA GLN E 167 -37.69 35.29 -32.30
C GLN E 167 -38.09 35.66 -30.87
N ASP E 168 -39.31 36.17 -30.71
CA ASP E 168 -39.78 36.58 -29.39
C ASP E 168 -39.80 35.38 -28.46
N SER E 169 -39.40 35.61 -27.20
CA SER E 169 -39.16 34.51 -26.27
C SER E 169 -40.44 33.74 -25.91
N LYS E 170 -41.62 34.29 -26.16
CA LYS E 170 -42.88 33.69 -25.71
C LYS E 170 -43.64 32.99 -26.83
N ASP E 171 -43.88 33.69 -27.94
CA ASP E 171 -44.69 33.14 -29.03
C ASP E 171 -43.87 32.43 -30.09
N SER E 172 -42.54 32.53 -30.04
CA SER E 172 -41.64 31.90 -31.01
C SER E 172 -41.93 32.38 -32.43
N THR E 173 -42.38 33.62 -32.58
CA THR E 173 -42.68 34.18 -33.89
C THR E 173 -41.66 35.26 -34.24
N TYR E 174 -41.66 35.62 -35.52
CA TYR E 174 -40.82 36.69 -36.07
C TYR E 174 -41.70 37.87 -36.47
N SER E 175 -41.05 39.01 -36.69
CA SER E 175 -41.72 40.21 -37.18
C SER E 175 -40.79 40.95 -38.13
N LEU E 176 -41.37 41.67 -39.09
CA LEU E 176 -40.60 42.37 -40.11
C LEU E 176 -41.25 43.71 -40.41
N SER E 177 -40.43 44.72 -40.67
CA SER E 177 -40.87 46.07 -41.01
C SER E 177 -40.14 46.52 -42.26
N SER E 178 -40.89 46.74 -43.34
CA SER E 178 -40.34 47.26 -44.59
C SER E 178 -40.56 48.77 -44.66
N THR E 179 -39.47 49.53 -44.73
CA THR E 179 -39.52 50.99 -44.77
C THR E 179 -39.08 51.44 -46.16
N LEU E 180 -40.01 52.00 -46.93
CA LEU E 180 -39.74 52.47 -48.29
C LEU E 180 -39.40 53.96 -48.25
N THR E 181 -38.26 54.32 -48.86
CA THR E 181 -37.76 55.69 -48.83
C THR E 181 -37.94 56.29 -50.22
N LEU E 182 -38.70 57.39 -50.29
CA LEU E 182 -38.89 58.14 -51.52
C LEU E 182 -38.79 59.62 -51.21
N SER E 183 -38.49 60.41 -52.22
CA SER E 183 -38.53 61.85 -52.08
C SER E 183 -39.97 62.34 -52.06
N LYS E 184 -40.15 63.60 -51.63
CA LYS E 184 -41.48 64.19 -51.65
C LYS E 184 -42.03 64.29 -53.07
N ALA E 185 -41.15 64.52 -54.05
CA ALA E 185 -41.59 64.60 -55.43
C ALA E 185 -42.16 63.29 -55.92
N ASP E 186 -41.39 62.20 -55.82
CA ASP E 186 -41.87 60.90 -56.27
C ASP E 186 -43.03 60.38 -55.42
N TYR E 187 -43.18 60.86 -54.19
CA TYR E 187 -44.31 60.44 -53.37
C TYR E 187 -45.62 61.01 -53.90
N GLU E 188 -45.64 62.32 -54.16
CA GLU E 188 -46.86 63.02 -54.58
C GLU E 188 -47.11 62.93 -56.09
N LYS E 189 -46.47 62.00 -56.80
CA LYS E 189 -46.72 61.79 -58.23
C LYS E 189 -47.79 60.75 -58.50
N HIS E 190 -48.20 59.99 -57.49
CA HIS E 190 -49.10 58.86 -57.70
C HIS E 190 -50.15 58.83 -56.59
N LYS E 191 -51.14 57.98 -56.79
CA LYS E 191 -52.30 57.91 -55.92
C LYS E 191 -52.26 56.67 -55.01
N VAL E 192 -52.23 55.48 -55.58
CA VAL E 192 -52.37 54.25 -54.78
C VAL E 192 -50.98 53.76 -54.37
N TYR E 193 -50.80 53.55 -53.07
CA TYR E 193 -49.59 52.99 -52.50
C TYR E 193 -49.91 51.63 -51.90
N ALA E 194 -49.30 50.56 -52.44
CA ALA E 194 -49.62 49.20 -52.06
C ALA E 194 -48.41 48.47 -51.48
N CYS E 195 -48.66 47.60 -50.50
CA CYS E 195 -47.63 46.75 -49.88
C CYS E 195 -48.07 45.30 -50.07
N GLU E 196 -47.34 44.57 -50.92
CA GLU E 196 -47.68 43.20 -51.28
C GLU E 196 -46.94 42.21 -50.37
N VAL E 197 -47.69 41.38 -49.66
CA VAL E 197 -47.13 40.45 -48.67
C VAL E 197 -47.35 39.02 -49.14
N THR E 198 -46.26 38.28 -49.31
CA THR E 198 -46.26 36.85 -49.63
C THR E 198 -45.47 36.09 -48.58
N HIS E 199 -45.98 34.94 -48.14
CA HIS E 199 -45.33 34.20 -47.07
C HIS E 199 -45.81 32.74 -47.08
N GLN E 200 -45.00 31.89 -46.45
CA GLN E 200 -45.30 30.46 -46.38
C GLN E 200 -46.65 30.20 -45.74
N GLY E 201 -46.96 30.94 -44.67
CA GLY E 201 -48.21 30.81 -43.93
C GLY E 201 -49.43 31.34 -44.65
N LEU E 202 -49.24 32.00 -45.80
CA LEU E 202 -50.33 32.58 -46.56
C LEU E 202 -50.65 31.68 -47.76
N SER E 203 -51.91 31.26 -47.86
CA SER E 203 -52.33 30.52 -49.04
C SER E 203 -52.33 31.39 -50.29
N SER E 204 -52.53 32.69 -50.14
CA SER E 204 -52.51 33.64 -51.24
C SER E 204 -51.90 34.96 -50.78
N PRO E 205 -51.25 35.70 -51.70
CA PRO E 205 -50.63 36.98 -51.32
C PRO E 205 -51.65 37.98 -50.82
N VAL E 206 -51.29 38.72 -49.78
CA VAL E 206 -52.14 39.73 -49.15
C VAL E 206 -51.57 41.11 -49.46
N THR E 207 -52.41 41.98 -50.01
CA THR E 207 -52.01 43.32 -50.39
C THR E 207 -52.85 44.34 -49.64
N LYS E 208 -52.19 45.28 -48.96
CA LYS E 208 -52.82 46.39 -48.27
C LYS E 208 -52.40 47.70 -48.93
N SER E 209 -53.37 48.55 -49.25
CA SER E 209 -53.10 49.77 -49.99
C SER E 209 -53.91 50.93 -49.44
N PHE E 210 -53.54 52.13 -49.86
CA PHE E 210 -54.23 53.36 -49.49
C PHE E 210 -53.96 54.39 -50.58
N ASN E 211 -54.82 55.39 -50.68
CA ASN E 211 -54.67 56.42 -51.71
C ASN E 211 -53.78 57.56 -51.22
N ARG E 212 -54.21 58.81 -51.44
CA ARG E 212 -53.43 59.95 -50.99
C ARG E 212 -53.72 60.30 -49.54
N GLY E 213 -54.80 59.78 -48.98
CA GLY E 213 -55.15 60.02 -47.60
C GLY E 213 -56.40 59.27 -47.16
N GLN F 1 17.41 -9.71 -32.16
CA GLN F 1 18.26 -9.90 -33.33
C GLN F 1 17.73 -11.04 -34.18
N VAL F 2 16.49 -10.89 -34.64
CA VAL F 2 15.85 -11.90 -35.47
C VAL F 2 16.16 -11.61 -36.93
N GLN F 3 16.57 -12.65 -37.66
CA GLN F 3 16.91 -12.51 -39.07
C GLN F 3 16.41 -13.73 -39.82
N LEU F 4 15.89 -13.51 -41.01
CA LEU F 4 15.43 -14.57 -41.89
C LEU F 4 16.29 -14.60 -43.15
N VAL F 5 16.79 -15.78 -43.49
CA VAL F 5 17.68 -15.97 -44.63
C VAL F 5 17.07 -17.04 -45.53
N GLN F 6 16.86 -16.69 -46.80
CA GLN F 6 16.28 -17.60 -47.77
C GLN F 6 17.34 -18.16 -48.71
N SER F 7 16.99 -19.23 -49.42
CA SER F 7 17.90 -19.82 -50.38
C SER F 7 18.08 -18.90 -51.58
N GLY F 8 19.13 -19.17 -52.35
CA GLY F 8 19.42 -18.38 -53.52
C GLY F 8 18.37 -18.55 -54.59
N ALA F 9 18.46 -17.69 -55.60
CA ALA F 9 17.53 -17.76 -56.73
C ALA F 9 17.63 -19.11 -57.42
N GLU F 10 16.47 -19.65 -57.80
CA GLU F 10 16.39 -20.96 -58.45
C GLU F 10 15.58 -20.83 -59.74
N VAL F 11 15.97 -21.62 -60.74
CA VAL F 11 15.22 -21.73 -62.00
C VAL F 11 14.96 -23.21 -62.23
N LYS F 12 13.69 -23.58 -62.38
CA LYS F 12 13.32 -24.97 -62.60
C LYS F 12 12.30 -25.06 -63.72
N LYS F 13 12.44 -26.09 -64.56
CA LYS F 13 11.58 -26.29 -65.72
C LYS F 13 10.25 -26.93 -65.30
N PRO F 14 9.22 -26.87 -66.16
CA PRO F 14 7.91 -27.40 -65.77
C PRO F 14 7.95 -28.86 -65.35
N GLY F 15 7.12 -29.19 -64.37
CA GLY F 15 7.05 -30.53 -63.82
C GLY F 15 8.08 -30.88 -62.77
N ALA F 16 9.09 -30.03 -62.57
CA ALA F 16 10.17 -30.32 -61.63
C ALA F 16 9.71 -30.05 -60.20
N THR F 17 10.66 -30.04 -59.28
CA THR F 17 10.42 -29.77 -57.87
C THR F 17 11.44 -28.76 -57.39
N VAL F 18 11.00 -27.81 -56.57
CA VAL F 18 11.85 -26.72 -56.09
C VAL F 18 11.83 -26.70 -54.57
N LYS F 19 13.01 -26.50 -53.97
CA LYS F 19 13.17 -26.40 -52.53
C LYS F 19 13.75 -25.05 -52.20
N VAL F 20 13.08 -24.31 -51.31
CA VAL F 20 13.51 -22.99 -50.87
C VAL F 20 13.65 -23.03 -49.36
N SER F 21 14.77 -22.50 -48.86
CA SER F 21 15.03 -22.52 -47.43
C SER F 21 14.70 -21.16 -46.81
N CYS F 22 14.54 -21.16 -45.49
CA CYS F 22 14.30 -19.95 -44.73
C CYS F 22 14.96 -20.16 -43.37
N LYS F 23 16.18 -19.64 -43.23
CA LYS F 23 16.98 -19.88 -42.04
C LYS F 23 16.72 -18.80 -41.01
N ILE F 24 16.53 -19.20 -39.76
CA ILE F 24 16.33 -18.28 -38.66
C ILE F 24 17.64 -18.19 -37.88
N SER F 25 18.09 -16.98 -37.61
CA SER F 25 19.29 -16.74 -36.82
C SER F 25 18.98 -15.78 -35.69
N GLY F 26 19.64 -16.01 -34.55
CA GLY F 26 19.39 -15.16 -33.40
C GLY F 26 18.03 -15.36 -32.78
N HIS F 27 17.34 -16.43 -33.11
CA HIS F 27 16.00 -16.65 -32.58
C HIS F 27 15.66 -18.12 -32.74
N THR F 28 14.81 -18.62 -31.86
CA THR F 28 14.42 -20.03 -31.90
C THR F 28 13.21 -20.24 -32.79
N LEU F 29 13.18 -21.39 -33.46
CA LEU F 29 12.07 -21.71 -34.35
C LEU F 29 10.85 -22.21 -33.58
N ILE F 30 11.08 -22.96 -32.50
CA ILE F 30 10.00 -23.67 -31.84
C ILE F 30 8.96 -22.76 -31.22
N LYS F 31 9.26 -21.47 -31.01
CA LYS F 31 8.29 -20.58 -30.38
C LYS F 31 7.73 -19.50 -31.30
N LEU F 32 8.04 -19.55 -32.60
CA LEU F 32 7.57 -18.54 -33.55
C LEU F 32 6.78 -19.21 -34.68
N SER F 33 6.19 -18.38 -35.53
CA SER F 33 5.44 -18.85 -36.70
C SER F 33 6.13 -18.42 -37.99
N ILE F 34 6.08 -19.30 -39.00
CA ILE F 34 6.71 -19.11 -40.30
C ILE F 34 5.73 -19.52 -41.40
N HIS F 35 5.36 -18.57 -42.27
CA HIS F 35 4.43 -18.81 -43.37
C HIS F 35 5.08 -18.47 -44.70
N TRP F 36 4.64 -19.14 -45.76
CA TRP F 36 5.13 -18.90 -47.12
C TRP F 36 4.03 -18.19 -47.92
N VAL F 37 4.37 -17.03 -48.50
CA VAL F 37 3.46 -16.29 -49.36
C VAL F 37 4.19 -15.83 -50.61
N ARG F 38 3.52 -15.95 -51.77
CA ARG F 38 4.07 -15.60 -53.06
C ARG F 38 3.33 -14.41 -53.69
N GLN F 39 3.99 -13.77 -54.65
CA GLN F 39 3.42 -12.65 -55.39
C GLN F 39 3.70 -12.84 -56.87
N ALA F 40 2.67 -13.16 -57.63
CA ALA F 40 2.79 -13.18 -59.08
C ALA F 40 3.16 -11.79 -59.59
N PRO F 41 3.86 -11.70 -60.71
CA PRO F 41 4.28 -10.39 -61.25
C PRO F 41 3.08 -9.48 -61.51
N GLY F 42 3.07 -8.35 -60.81
CA GLY F 42 2.05 -7.32 -61.00
C GLY F 42 0.70 -7.63 -60.38
N LYS F 43 0.55 -8.74 -59.67
CA LYS F 43 -0.71 -9.11 -59.05
C LYS F 43 -0.57 -9.07 -57.53
N GLY F 44 -1.65 -9.45 -56.86
CA GLY F 44 -1.72 -9.42 -55.42
C GLY F 44 -0.92 -10.54 -54.78
N LEU F 45 -1.08 -10.65 -53.47
CA LEU F 45 -0.40 -11.65 -52.68
C LEU F 45 -1.32 -12.85 -52.52
N GLU F 46 -0.72 -14.03 -52.39
CA GLU F 46 -1.46 -15.29 -52.31
C GLU F 46 -0.84 -16.15 -51.22
N TRP F 47 -1.65 -16.58 -50.26
CA TRP F 47 -1.17 -17.46 -49.19
C TRP F 47 -1.05 -18.89 -49.68
N MET F 48 -0.05 -19.59 -49.16
CA MET F 48 0.18 -20.99 -49.50
C MET F 48 0.13 -21.91 -48.29
N GLY F 49 0.94 -21.66 -47.27
CA GLY F 49 0.95 -22.52 -46.11
C GLY F 49 1.81 -21.92 -45.02
N GLY F 50 1.91 -22.63 -43.91
CA GLY F 50 2.64 -22.09 -42.79
C GLY F 50 2.90 -23.12 -41.71
N TYR F 51 3.64 -22.68 -40.70
CA TYR F 51 4.03 -23.48 -39.55
C TYR F 51 3.91 -22.63 -38.30
N GLU F 52 3.32 -23.21 -37.25
CA GLU F 52 3.11 -22.53 -35.96
C GLU F 52 3.91 -23.25 -34.90
N GLY F 53 5.05 -22.69 -34.52
CA GLY F 53 5.88 -23.33 -33.51
C GLY F 53 5.21 -23.44 -32.15
N GLU F 54 4.29 -22.52 -31.85
CA GLU F 54 3.59 -22.57 -30.57
C GLU F 54 2.85 -23.88 -30.38
N VAL F 55 2.31 -24.43 -31.46
CA VAL F 55 1.55 -25.68 -31.40
C VAL F 55 2.20 -26.80 -32.19
N ASP F 56 3.19 -26.50 -33.04
CA ASP F 56 3.84 -27.49 -33.91
C ASP F 56 2.79 -28.20 -34.79
N GLU F 57 2.04 -27.38 -35.52
CA GLU F 57 1.05 -27.87 -36.47
C GLU F 57 1.22 -27.10 -37.78
N ILE F 58 1.00 -27.80 -38.90
CA ILE F 58 1.22 -27.24 -40.23
C ILE F 58 -0.13 -27.00 -40.90
N PHE F 59 -0.25 -25.88 -41.61
CA PHE F 59 -1.48 -25.54 -42.31
C PHE F 59 -1.19 -25.27 -43.78
N TYR F 60 -2.05 -25.81 -44.64
CA TYR F 60 -1.97 -25.63 -46.08
C TYR F 60 -3.28 -25.05 -46.62
N ALA F 61 -3.17 -24.26 -47.69
CA ALA F 61 -4.34 -23.79 -48.41
C ALA F 61 -4.85 -24.88 -49.36
N GLN F 62 -6.19 -25.02 -49.40
CA GLN F 62 -6.79 -26.10 -50.18
C GLN F 62 -6.39 -26.04 -51.65
N LYS F 63 -6.01 -24.86 -52.15
CA LYS F 63 -5.60 -24.74 -53.55
C LYS F 63 -4.33 -25.52 -53.84
N PHE F 64 -3.45 -25.67 -52.86
CA PHE F 64 -2.17 -26.33 -53.05
C PHE F 64 -2.01 -27.56 -52.16
N GLN F 65 -3.12 -28.03 -51.58
CA GLN F 65 -3.06 -29.13 -50.62
C GLN F 65 -2.44 -30.39 -51.22
N HIS F 66 -2.57 -30.58 -52.53
CA HIS F 66 -2.12 -31.82 -53.17
C HIS F 66 -0.66 -31.81 -53.58
N ARG F 67 -0.02 -30.64 -53.63
CA ARG F 67 1.32 -30.56 -54.22
C ARG F 67 2.31 -29.66 -53.48
N LEU F 68 2.02 -29.26 -52.25
CA LEU F 68 2.93 -28.41 -51.49
C LEU F 68 3.27 -29.09 -50.16
N THR F 69 4.52 -28.94 -49.73
CA THR F 69 4.99 -29.56 -48.50
C THR F 69 5.82 -28.54 -47.73
N VAL F 70 5.69 -28.57 -46.40
CA VAL F 70 6.39 -27.63 -45.52
C VAL F 70 7.16 -28.45 -44.48
N ILE F 71 8.43 -28.09 -44.27
CA ILE F 71 9.31 -28.79 -43.35
C ILE F 71 9.91 -27.78 -42.38
N ALA F 72 10.00 -28.16 -41.10
CA ALA F 72 10.60 -27.32 -40.07
C ALA F 72 11.70 -28.10 -39.38
N ASP F 73 12.90 -27.52 -39.34
CA ASP F 73 14.04 -28.11 -38.63
C ASP F 73 14.27 -27.28 -37.39
N THR F 74 13.89 -27.82 -36.24
CA THR F 74 14.10 -27.09 -34.99
C THR F 74 15.57 -27.07 -34.60
N ALA F 75 16.34 -28.07 -35.04
CA ALA F 75 17.75 -28.16 -34.65
C ALA F 75 18.63 -27.18 -35.42
N THR F 76 18.28 -26.87 -36.67
CA THR F 76 19.04 -25.92 -37.46
C THR F 76 18.40 -24.54 -37.52
N ASP F 77 17.25 -24.35 -36.87
CA ASP F 77 16.49 -23.10 -36.94
C ASP F 77 16.21 -22.71 -38.39
N THR F 78 15.86 -23.71 -39.20
CA THR F 78 15.67 -23.52 -40.63
C THR F 78 14.33 -24.10 -41.03
N VAL F 79 13.62 -23.38 -41.91
CA VAL F 79 12.36 -23.84 -42.49
C VAL F 79 12.53 -23.96 -43.99
N TYR F 80 12.05 -25.07 -44.55
CA TYR F 80 12.05 -25.31 -45.98
C TYR F 80 10.63 -25.42 -46.50
N MET F 81 10.44 -25.09 -47.77
CA MET F 81 9.20 -25.36 -48.50
C MET F 81 9.56 -26.10 -49.78
N GLU F 82 8.67 -27.01 -50.20
CA GLU F 82 8.94 -27.91 -51.31
C GLU F 82 7.69 -28.03 -52.16
N LEU F 83 7.79 -27.64 -53.42
CA LEU F 83 6.67 -27.63 -54.35
C LEU F 83 7.03 -28.41 -55.61
N GLY F 84 6.18 -29.39 -55.96
CA GLY F 84 6.35 -30.18 -57.16
C GLY F 84 5.32 -29.80 -58.22
N ARG F 85 5.49 -30.41 -59.40
CA ARG F 85 4.68 -30.12 -60.57
C ARG F 85 4.64 -28.62 -60.87
N LEU F 86 5.82 -28.05 -61.08
CA LEU F 86 5.91 -26.62 -61.31
C LEU F 86 5.33 -26.28 -62.68
N THR F 87 4.54 -25.21 -62.73
CA THR F 87 3.93 -24.73 -63.95
C THR F 87 4.28 -23.26 -64.15
N SER F 88 4.01 -22.77 -65.37
CA SER F 88 4.36 -21.41 -65.72
C SER F 88 3.61 -20.36 -64.90
N ASP F 89 2.46 -20.72 -64.32
CA ASP F 89 1.75 -19.80 -63.44
C ASP F 89 2.38 -19.66 -62.06
N ASP F 90 3.32 -20.52 -61.71
CA ASP F 90 3.98 -20.44 -60.42
C ASP F 90 5.20 -19.53 -60.42
N THR F 91 5.66 -19.08 -61.58
CA THR F 91 6.80 -18.16 -61.65
C THR F 91 6.45 -16.86 -60.93
N ALA F 92 7.10 -16.62 -59.79
CA ALA F 92 6.79 -15.48 -58.93
C ALA F 92 7.93 -15.33 -57.92
N VAL F 93 7.78 -14.35 -57.05
CA VAL F 93 8.71 -14.13 -55.94
C VAL F 93 8.06 -14.73 -54.71
N TYR F 94 8.87 -15.38 -53.87
CA TYR F 94 8.39 -16.15 -52.73
C TYR F 94 9.05 -15.66 -51.45
N PHE F 95 8.23 -15.46 -50.41
CA PHE F 95 8.70 -14.95 -49.13
C PHE F 95 8.32 -15.88 -48.00
N CYS F 96 9.12 -15.86 -46.94
CA CYS F 96 8.74 -16.49 -45.67
C CYS F 96 8.54 -15.40 -44.63
N GLY F 97 7.45 -15.49 -43.87
CA GLY F 97 7.09 -14.45 -42.93
C GLY F 97 6.39 -15.01 -41.71
N THR F 98 6.27 -14.17 -40.69
CA THR F 98 5.73 -14.55 -39.39
C THR F 98 4.36 -13.91 -39.24
N LEU F 99 3.34 -14.59 -39.74
CA LEU F 99 1.97 -14.10 -39.64
C LEU F 99 1.22 -14.66 -38.45
N GLY F 100 1.84 -15.55 -37.67
CA GLY F 100 1.17 -16.18 -36.57
C GLY F 100 0.72 -15.19 -35.51
N VAL F 101 -0.58 -15.21 -35.20
CA VAL F 101 -1.16 -14.33 -34.19
C VAL F 101 -1.52 -15.18 -32.98
N THR F 102 -0.90 -14.88 -31.85
CA THR F 102 -1.22 -15.57 -30.61
C THR F 102 -2.28 -14.77 -29.86
N VAL F 103 -3.32 -15.47 -29.41
CA VAL F 103 -4.50 -14.84 -28.84
C VAL F 103 -4.73 -15.42 -27.45
N THR F 104 -4.79 -14.53 -26.45
CA THR F 104 -5.23 -14.86 -25.10
C THR F 104 -6.25 -13.82 -24.65
N GLU F 105 -6.77 -14.01 -23.43
CA GLU F 105 -7.78 -13.09 -22.89
C GLU F 105 -7.22 -11.69 -22.69
N ALA F 106 -5.91 -11.56 -22.45
CA ALA F 106 -5.34 -10.26 -22.14
C ALA F 106 -5.16 -9.39 -23.39
N GLY F 107 -4.84 -10.01 -24.53
CA GLY F 107 -4.63 -9.24 -25.73
C GLY F 107 -4.11 -10.11 -26.86
N LEU F 108 -3.44 -9.47 -27.80
CA LEU F 108 -2.89 -10.15 -28.97
C LEU F 108 -1.40 -9.83 -29.08
N GLY F 109 -0.69 -10.68 -29.81
CA GLY F 109 0.72 -10.46 -30.09
C GLY F 109 1.05 -11.04 -31.44
N ILE F 110 2.02 -10.43 -32.11
CA ILE F 110 2.38 -10.86 -33.46
C ILE F 110 3.79 -10.37 -33.78
N ASP F 111 4.51 -11.14 -34.60
CA ASP F 111 5.81 -10.78 -35.13
C ASP F 111 5.67 -10.27 -36.55
N ASP F 112 6.69 -9.56 -37.02
CA ASP F 112 6.75 -9.08 -38.40
C ASP F 112 8.20 -9.16 -38.86
N TYR F 113 8.62 -10.36 -39.24
CA TYR F 113 9.96 -10.61 -39.73
C TYR F 113 9.87 -11.34 -41.07
N TRP F 114 10.73 -10.94 -42.01
CA TRP F 114 10.66 -11.46 -43.37
C TRP F 114 12.06 -11.77 -43.89
N GLY F 115 12.13 -12.72 -44.82
CA GLY F 115 13.32 -12.96 -45.58
C GLY F 115 13.47 -11.94 -46.69
N GLN F 116 14.49 -12.14 -47.51
CA GLN F 116 14.78 -11.22 -48.60
C GLN F 116 13.98 -11.54 -49.86
N GLY F 117 13.32 -12.68 -49.91
CA GLY F 117 12.61 -13.11 -51.09
C GLY F 117 13.51 -13.90 -52.01
N THR F 118 12.96 -14.95 -52.62
CA THR F 118 13.72 -15.79 -53.55
C THR F 118 12.94 -15.88 -54.84
N LEU F 119 13.49 -15.32 -55.91
CA LEU F 119 12.84 -15.40 -57.21
C LEU F 119 13.04 -16.79 -57.80
N VAL F 120 11.93 -17.43 -58.16
CA VAL F 120 11.95 -18.73 -58.82
C VAL F 120 11.28 -18.55 -60.16
N THR F 121 12.01 -18.87 -61.23
CA THR F 121 11.52 -18.71 -62.59
C THR F 121 11.32 -20.09 -63.19
N VAL F 122 10.11 -20.35 -63.67
CA VAL F 122 9.74 -21.62 -64.28
C VAL F 122 9.53 -21.38 -65.76
N SER F 123 10.29 -22.09 -66.59
CA SER F 123 10.19 -21.97 -68.03
C SER F 123 11.02 -23.08 -68.66
N SER F 124 10.72 -23.37 -69.93
CA SER F 124 11.47 -24.37 -70.69
C SER F 124 12.68 -23.79 -71.40
N ALA F 125 12.87 -22.48 -71.37
CA ALA F 125 14.00 -21.85 -72.04
C ALA F 125 15.28 -22.02 -71.23
N SER F 126 16.41 -22.07 -71.94
CA SER F 126 17.72 -22.13 -71.32
C SER F 126 18.32 -20.74 -71.18
N THR F 127 19.40 -20.65 -70.40
CA THR F 127 20.09 -19.39 -70.19
C THR F 127 20.63 -18.84 -71.51
N LYS F 128 20.31 -17.58 -71.80
CA LYS F 128 20.74 -16.95 -73.04
C LYS F 128 20.97 -15.47 -72.81
N GLY F 129 21.98 -14.92 -73.49
CA GLY F 129 22.31 -13.52 -73.37
C GLY F 129 21.35 -12.64 -74.12
N PRO F 130 21.40 -11.35 -73.82
CA PRO F 130 20.47 -10.40 -74.43
C PRO F 130 20.96 -9.88 -75.79
N SER F 131 20.01 -9.40 -76.57
CA SER F 131 20.27 -8.67 -77.81
C SER F 131 20.02 -7.18 -77.60
N VAL F 132 20.91 -6.35 -78.15
CA VAL F 132 20.84 -4.90 -77.99
C VAL F 132 20.70 -4.27 -79.37
N PHE F 133 19.62 -3.50 -79.56
CA PHE F 133 19.37 -2.76 -80.78
C PHE F 133 19.26 -1.28 -80.48
N PRO F 134 19.83 -0.40 -81.31
CA PRO F 134 19.75 1.04 -81.03
C PRO F 134 18.41 1.63 -81.46
N LEU F 135 17.93 2.57 -80.65
CA LEU F 135 16.73 3.36 -80.93
C LEU F 135 17.16 4.81 -81.13
N ALA F 136 17.22 5.25 -82.39
CA ALA F 136 17.82 6.53 -82.75
C ALA F 136 16.83 7.68 -82.59
N PRO F 137 17.29 8.86 -82.10
CA PRO F 137 16.39 10.03 -81.97
C PRO F 137 16.34 10.90 -83.22
N SER F 138 15.50 11.94 -83.18
CA SER F 138 15.36 12.86 -84.31
C SER F 138 15.89 14.24 -83.97
N GLY F 144 11.13 16.44 -81.47
CA GLY F 144 11.49 17.54 -82.36
C GLY F 144 12.50 18.48 -81.76
N GLY F 145 12.04 19.35 -80.87
CA GLY F 145 12.93 20.30 -80.21
C GLY F 145 13.56 19.66 -79.00
N THR F 146 12.82 18.75 -78.38
CA THR F 146 13.34 17.88 -77.32
C THR F 146 13.22 16.46 -77.84
N ALA F 147 14.32 15.72 -77.79
CA ALA F 147 14.39 14.39 -78.37
C ALA F 147 14.52 13.32 -77.29
N ALA F 148 14.12 12.11 -77.65
CA ALA F 148 14.24 10.95 -76.78
C ALA F 148 15.04 9.87 -77.49
N LEU F 149 15.85 9.13 -76.73
CA LEU F 149 16.67 8.08 -77.30
C LEU F 149 16.82 6.96 -76.29
N GLY F 150 17.12 5.77 -76.81
CA GLY F 150 17.24 4.62 -75.96
C GLY F 150 17.76 3.41 -76.71
N CYS F 151 17.69 2.27 -76.04
CA CYS F 151 18.12 0.98 -76.59
C CYS F 151 17.04 -0.04 -76.31
N LEU F 152 16.88 -0.98 -77.25
CA LEU F 152 15.91 -2.05 -77.11
C LEU F 152 16.64 -3.31 -76.68
N VAL F 153 16.24 -3.88 -75.54
CA VAL F 153 16.82 -5.10 -75.01
C VAL F 153 15.77 -6.18 -75.18
N LYS F 154 15.89 -6.96 -76.25
CA LYS F 154 14.92 -7.96 -76.63
C LYS F 154 15.57 -9.34 -76.63
N ASP F 155 14.78 -10.35 -76.24
CA ASP F 155 15.18 -11.75 -76.34
C ASP F 155 16.36 -12.11 -75.44
N TYR F 156 16.11 -12.30 -74.15
CA TYR F 156 17.09 -12.87 -73.23
C TYR F 156 16.36 -13.76 -72.23
N PHE F 157 17.15 -14.55 -71.50
CA PHE F 157 16.59 -15.42 -70.46
C PHE F 157 17.72 -15.95 -69.58
N PRO F 158 17.53 -16.01 -68.26
CA PRO F 158 16.33 -15.46 -67.62
C PRO F 158 16.61 -14.12 -66.94
N GLU F 159 15.65 -13.65 -66.16
CA GLU F 159 15.86 -12.46 -65.35
C GLU F 159 16.97 -12.71 -64.34
N PRO F 160 17.69 -11.66 -63.91
CA PRO F 160 17.53 -10.28 -64.35
C PRO F 160 18.66 -9.78 -65.24
N VAL F 161 18.47 -8.58 -65.80
CA VAL F 161 19.52 -7.85 -66.48
C VAL F 161 19.57 -6.45 -65.88
N THR F 162 20.73 -5.82 -65.97
CA THR F 162 20.93 -4.47 -65.47
C THR F 162 21.24 -3.56 -66.66
N VAL F 163 20.68 -2.35 -66.61
CA VAL F 163 20.84 -1.38 -67.69
C VAL F 163 21.24 -0.05 -67.07
N SER F 164 22.37 0.48 -67.52
CA SER F 164 22.82 1.82 -67.18
C SER F 164 23.12 2.58 -68.46
N TRP F 165 23.52 3.84 -68.32
CA TRP F 165 23.84 4.71 -69.44
C TRP F 165 25.15 5.42 -69.15
N ASN F 166 26.15 5.17 -70.00
CA ASN F 166 27.52 5.67 -69.79
C ASN F 166 28.05 5.23 -68.43
N SER F 167 27.80 3.97 -68.07
CA SER F 167 28.30 3.37 -66.84
C SER F 167 27.81 4.11 -65.60
N GLY F 168 26.54 4.51 -65.63
CA GLY F 168 25.93 5.19 -64.51
C GLY F 168 26.05 6.70 -64.53
N ALA F 169 26.55 7.28 -65.62
CA ALA F 169 26.75 8.71 -65.70
C ALA F 169 25.48 9.48 -66.04
N LEU F 170 24.43 8.80 -66.50
CA LEU F 170 23.21 9.46 -66.97
C LEU F 170 22.06 9.08 -66.05
N THR F 171 21.45 10.09 -65.42
CA THR F 171 20.33 9.89 -64.52
C THR F 171 19.14 10.77 -64.93
N SER F 172 19.43 11.95 -65.46
CA SER F 172 18.37 12.88 -65.82
C SER F 172 17.57 12.38 -67.03
N GLY F 173 16.26 12.29 -66.87
CA GLY F 173 15.35 11.89 -67.92
C GLY F 173 15.28 10.41 -68.20
N VAL F 174 15.97 9.57 -67.43
CA VAL F 174 16.02 8.14 -67.69
C VAL F 174 14.76 7.46 -67.17
N HIS F 175 14.10 6.71 -68.04
CA HIS F 175 12.95 5.88 -67.69
C HIS F 175 13.24 4.49 -68.24
N THR F 176 13.59 3.55 -67.36
CA THR F 176 13.89 2.18 -67.73
C THR F 176 12.68 1.31 -67.44
N PHE F 177 12.16 0.66 -68.49
CA PHE F 177 10.89 -0.06 -68.43
C PHE F 177 11.09 -1.47 -67.88
N PRO F 178 10.16 -1.98 -67.09
CA PRO F 178 10.24 -3.39 -66.66
C PRO F 178 10.08 -4.33 -67.84
N ALA F 179 10.74 -5.48 -67.74
CA ALA F 179 10.72 -6.46 -68.81
C ALA F 179 9.35 -7.12 -68.92
N VAL F 180 9.01 -7.54 -70.14
CA VAL F 180 7.81 -8.35 -70.39
C VAL F 180 8.26 -9.68 -70.96
N LEU F 181 7.50 -10.73 -70.65
CA LEU F 181 7.80 -12.07 -71.12
C LEU F 181 7.03 -12.34 -72.42
N GLN F 182 7.77 -12.57 -73.51
CA GLN F 182 7.14 -12.89 -74.78
C GLN F 182 6.60 -14.32 -74.77
N SER F 183 5.71 -14.59 -75.73
CA SER F 183 5.22 -15.94 -75.90
C SER F 183 6.34 -16.91 -76.26
N SER F 184 7.45 -16.41 -76.81
CA SER F 184 8.61 -17.22 -77.15
C SER F 184 9.42 -17.64 -75.93
N GLY F 185 9.05 -17.22 -74.72
CA GLY F 185 9.77 -17.56 -73.52
C GLY F 185 10.96 -16.67 -73.18
N LEU F 186 11.23 -15.64 -73.98
CA LEU F 186 12.33 -14.73 -73.73
C LEU F 186 11.81 -13.37 -73.27
N TYR F 187 12.62 -12.68 -72.48
CA TYR F 187 12.25 -11.38 -71.94
C TYR F 187 12.66 -10.26 -72.89
N SER F 188 11.96 -9.13 -72.78
CA SER F 188 12.23 -7.95 -73.58
C SER F 188 11.89 -6.73 -72.76
N LEU F 189 12.73 -5.69 -72.84
CA LEU F 189 12.53 -4.49 -72.05
C LEU F 189 13.11 -3.30 -72.80
N SER F 190 12.75 -2.11 -72.33
CA SER F 190 13.22 -0.85 -72.92
C SER F 190 13.83 0.04 -71.84
N SER F 191 14.74 0.90 -72.28
CA SER F 191 15.32 1.92 -71.42
C SER F 191 15.55 3.16 -72.26
N VAL F 192 14.93 4.28 -71.85
CA VAL F 192 14.93 5.51 -72.63
C VAL F 192 15.46 6.65 -71.76
N VAL F 193 15.64 7.81 -72.39
CA VAL F 193 16.05 9.02 -71.69
C VAL F 193 15.59 10.23 -72.50
N THR F 194 15.07 11.23 -71.79
CA THR F 194 14.65 12.48 -72.43
C THR F 194 15.77 13.49 -72.34
N VAL F 195 16.19 14.00 -73.48
CA VAL F 195 17.27 14.99 -73.57
C VAL F 195 16.88 16.07 -74.56
N PRO F 196 17.46 17.26 -74.43
CA PRO F 196 17.23 18.29 -75.45
C PRO F 196 17.82 17.84 -76.78
N SER F 197 17.10 18.14 -77.87
CA SER F 197 17.57 17.80 -79.20
C SER F 197 18.84 18.57 -79.60
N SER F 198 19.22 19.59 -78.82
CA SER F 198 20.45 20.31 -79.08
C SER F 198 21.69 19.46 -78.83
N SER F 199 21.54 18.33 -78.12
CA SER F 199 22.65 17.44 -77.84
C SER F 199 22.77 16.30 -78.83
N LEU F 200 22.04 16.34 -79.95
CA LEU F 200 22.08 15.26 -80.93
C LEU F 200 23.46 15.12 -81.56
N GLY F 201 24.14 16.23 -81.81
CA GLY F 201 25.38 16.19 -82.55
C GLY F 201 26.64 15.99 -81.74
N THR F 202 26.63 16.37 -80.47
CA THR F 202 27.87 16.39 -79.70
C THR F 202 28.05 15.16 -78.82
N GLN F 203 27.17 15.00 -77.82
CA GLN F 203 27.40 14.03 -76.77
C GLN F 203 27.11 12.61 -77.26
N THR F 204 28.03 11.69 -76.96
CA THR F 204 27.85 10.29 -77.29
C THR F 204 27.01 9.58 -76.22
N TYR F 205 25.97 8.88 -76.67
CA TYR F 205 25.09 8.11 -75.80
C TYR F 205 25.32 6.63 -76.08
N ILE F 206 25.82 5.90 -75.08
CA ILE F 206 26.06 4.47 -75.20
C ILE F 206 25.35 3.76 -74.05
N CYS F 207 24.52 2.77 -74.38
CA CYS F 207 23.79 2.02 -73.37
C CYS F 207 24.57 0.78 -72.94
N ASN F 208 24.64 0.57 -71.62
CA ASN F 208 25.39 -0.52 -71.02
C ASN F 208 24.42 -1.56 -70.47
N VAL F 209 24.45 -2.76 -71.05
CA VAL F 209 23.57 -3.86 -70.63
C VAL F 209 24.47 -4.97 -70.09
N ASN F 210 24.09 -5.52 -68.93
CA ASN F 210 24.83 -6.62 -68.32
C ASN F 210 23.85 -7.70 -67.88
N HIS F 211 23.96 -8.88 -68.48
CA HIS F 211 23.15 -10.03 -68.12
C HIS F 211 24.06 -11.01 -67.37
N LYS F 212 23.89 -11.08 -66.05
CA LYS F 212 24.80 -11.81 -65.17
C LYS F 212 24.73 -13.33 -65.35
N PRO F 213 23.54 -13.95 -65.45
CA PRO F 213 23.52 -15.42 -65.64
C PRO F 213 24.30 -15.88 -66.85
N SER F 214 24.42 -15.05 -67.90
CA SER F 214 25.24 -15.38 -69.05
C SER F 214 26.51 -14.55 -69.14
N ASN F 215 26.65 -13.53 -68.30
CA ASN F 215 27.83 -12.65 -68.30
C ASN F 215 28.07 -12.04 -69.68
N THR F 216 26.99 -11.73 -70.40
CA THR F 216 27.08 -11.14 -71.72
C THR F 216 26.85 -9.63 -71.59
N LYS F 217 27.87 -8.85 -71.93
CA LYS F 217 27.86 -7.40 -71.83
C LYS F 217 28.16 -6.78 -73.18
N VAL F 218 27.29 -5.87 -73.62
CA VAL F 218 27.40 -5.23 -74.93
C VAL F 218 27.19 -3.73 -74.75
N ASP F 219 28.10 -2.93 -75.30
CA ASP F 219 28.00 -1.48 -75.30
C ASP F 219 27.64 -1.00 -76.71
N LYS F 220 26.47 -0.40 -76.86
CA LYS F 220 25.94 -0.02 -78.17
C LYS F 220 25.84 1.49 -78.22
N LYS F 221 26.46 2.10 -79.21
CA LYS F 221 26.44 3.55 -79.39
C LYS F 221 25.12 3.99 -79.99
N VAL F 222 24.63 5.16 -79.54
CA VAL F 222 23.37 5.73 -80.00
C VAL F 222 23.66 7.00 -80.79
N GLU F 223 23.22 7.01 -82.05
CA GLU F 223 23.36 8.09 -83.02
C GLU F 223 21.96 8.57 -83.41
N PRO F 224 21.81 9.85 -83.77
CA PRO F 224 20.48 10.33 -84.20
C PRO F 224 20.04 9.77 -85.53
N LYS F 225 20.84 9.97 -86.58
CA LYS F 225 20.47 9.46 -87.90
C LYS F 225 21.58 8.61 -88.48
N SER F 226 22.79 9.18 -88.57
CA SER F 226 23.96 8.49 -89.12
C SER F 226 23.71 7.99 -90.54
N CYS F 227 22.93 8.73 -91.32
CA CYS F 227 22.59 8.32 -92.67
C CYS F 227 23.28 9.20 -93.70
N GLU G 1 -15.14 -20.46 -50.16
CA GLU G 1 -14.38 -20.16 -48.95
C GLU G 1 -14.37 -18.66 -48.64
N ILE G 2 -13.36 -18.22 -47.91
CA ILE G 2 -13.25 -16.81 -47.55
C ILE G 2 -12.75 -16.01 -48.74
N VAL G 3 -13.56 -15.06 -49.20
CA VAL G 3 -13.23 -14.19 -50.33
C VAL G 3 -13.15 -12.76 -49.82
N LEU G 4 -12.11 -12.04 -50.23
CA LEU G 4 -11.93 -10.66 -49.82
C LEU G 4 -11.96 -9.74 -51.04
N THR G 5 -12.54 -8.57 -50.84
CA THR G 5 -12.59 -7.52 -51.85
C THR G 5 -12.11 -6.21 -51.23
N GLN G 6 -11.52 -5.35 -52.04
CA GLN G 6 -11.04 -4.05 -51.59
C GLN G 6 -11.52 -2.96 -52.53
N SER G 7 -11.88 -1.81 -51.97
CA SER G 7 -12.36 -0.68 -52.74
C SER G 7 -11.75 0.58 -52.15
N PRO G 8 -11.18 1.47 -52.99
CA PRO G 8 -11.08 1.27 -54.43
C PRO G 8 -9.92 0.36 -54.80
N GLY G 9 -9.77 0.05 -56.07
CA GLY G 9 -8.61 -0.70 -56.51
C GLY G 9 -7.37 0.16 -56.55
N THR G 10 -7.53 1.39 -57.03
CA THR G 10 -6.46 2.38 -57.11
C THR G 10 -6.96 3.70 -56.53
N LEU G 11 -6.17 4.29 -55.65
CA LEU G 11 -6.50 5.56 -55.01
C LEU G 11 -5.41 6.56 -55.32
N SER G 12 -5.82 7.75 -55.79
CA SER G 12 -4.89 8.82 -56.14
C SER G 12 -5.18 10.02 -55.25
N LEU G 13 -4.21 10.37 -54.41
CA LEU G 13 -4.38 11.45 -53.45
C LEU G 13 -3.06 12.19 -53.25
N SER G 14 -3.17 13.45 -52.71
CA SER G 14 -2.06 14.33 -52.39
C SER G 14 -1.63 14.14 -50.94
N PRO G 15 -0.37 14.40 -50.62
CA PRO G 15 0.09 14.27 -49.23
C PRO G 15 -0.65 15.22 -48.31
N GLY G 16 -0.96 14.75 -47.11
CA GLY G 16 -1.67 15.53 -46.12
C GLY G 16 -3.17 15.36 -46.10
N GLU G 17 -3.75 14.69 -47.09
CA GLU G 17 -5.18 14.41 -47.07
C GLU G 17 -5.43 13.04 -46.46
N ARG G 18 -6.69 12.81 -46.08
CA ARG G 18 -7.06 11.58 -45.39
C ARG G 18 -7.38 10.49 -46.41
N ALA G 19 -6.72 9.34 -46.28
CA ALA G 19 -6.94 8.20 -47.14
C ALA G 19 -7.77 7.16 -46.41
N THR G 20 -8.87 6.74 -47.03
CA THR G 20 -9.76 5.74 -46.46
C THR G 20 -9.85 4.56 -47.42
N LEU G 21 -9.40 3.39 -46.96
CA LEU G 21 -9.33 2.18 -47.76
C LEU G 21 -10.28 1.13 -47.21
N SER G 22 -11.08 0.54 -48.07
CA SER G 22 -12.10 -0.42 -47.65
C SER G 22 -11.66 -1.85 -47.93
N CYS G 23 -12.06 -2.76 -47.04
CA CYS G 23 -11.82 -4.19 -47.18
C CYS G 23 -13.06 -4.94 -46.72
N ARG G 24 -13.65 -5.75 -47.60
CA ARG G 24 -14.85 -6.50 -47.29
C ARG G 24 -14.64 -7.97 -47.61
N ALA G 25 -15.09 -8.84 -46.71
CA ALA G 25 -14.90 -10.28 -46.80
C ALA G 25 -16.23 -10.98 -47.06
N SER G 26 -16.14 -12.18 -47.65
CA SER G 26 -17.32 -12.95 -47.99
C SER G 26 -18.10 -13.43 -46.76
N GLN G 27 -17.47 -13.47 -45.59
CA GLN G 27 -18.15 -13.92 -44.39
C GLN G 27 -17.58 -13.18 -43.19
N ILE G 28 -18.15 -13.43 -42.02
CA ILE G 28 -17.70 -12.77 -40.80
C ILE G 28 -16.34 -13.31 -40.38
N VAL G 29 -15.44 -12.42 -40.00
CA VAL G 29 -14.14 -12.81 -39.45
C VAL G 29 -14.01 -12.22 -38.05
N SER G 30 -13.27 -12.94 -37.20
CA SER G 30 -13.00 -12.46 -35.86
C SER G 30 -12.10 -11.24 -35.91
N ARG G 31 -12.44 -10.23 -35.11
CA ARG G 31 -11.68 -8.98 -35.14
C ARG G 31 -10.22 -9.20 -34.78
N ASN G 32 -9.92 -10.16 -33.91
CA ASN G 32 -8.54 -10.44 -33.53
C ASN G 32 -7.71 -10.99 -34.69
N HIS G 33 -8.33 -11.71 -35.63
CA HIS G 33 -7.59 -12.41 -36.67
C HIS G 33 -7.48 -11.65 -37.98
N LEU G 34 -8.09 -10.48 -38.11
CA LEU G 34 -7.93 -9.65 -39.31
C LEU G 34 -6.68 -8.78 -39.18
N ALA G 35 -6.06 -8.48 -40.32
CA ALA G 35 -4.79 -7.75 -40.32
C ALA G 35 -4.67 -6.90 -41.59
N TRP G 36 -3.81 -5.89 -41.52
CA TRP G 36 -3.51 -5.02 -42.65
C TRP G 36 -2.01 -4.99 -42.89
N TYR G 37 -1.60 -5.12 -44.16
CA TYR G 37 -0.19 -5.07 -44.54
C TYR G 37 0.05 -4.08 -45.68
N GLN G 38 1.29 -3.59 -45.74
CA GLN G 38 1.76 -2.66 -46.76
C GLN G 38 2.94 -3.24 -47.53
N GLN G 39 2.95 -3.02 -48.83
CA GLN G 39 4.07 -3.43 -49.69
C GLN G 39 4.48 -2.29 -50.61
N LYS G 40 5.77 -1.99 -50.60
CA LYS G 40 6.36 -1.12 -51.61
C LYS G 40 7.05 -1.96 -52.67
N PRO G 41 7.22 -1.43 -53.89
CA PRO G 41 7.86 -2.21 -54.95
C PRO G 41 9.26 -2.64 -54.55
N GLY G 42 9.54 -3.94 -54.72
CA GLY G 42 10.84 -4.48 -54.40
C GLY G 42 11.06 -4.80 -52.94
N GLN G 43 10.05 -4.63 -52.10
CA GLN G 43 10.18 -4.94 -50.69
C GLN G 43 9.26 -6.09 -50.29
N ALA G 44 9.61 -6.73 -49.20
CA ALA G 44 8.72 -7.65 -48.51
C ALA G 44 7.57 -6.87 -47.88
N PRO G 45 6.46 -7.54 -47.57
CA PRO G 45 5.33 -6.84 -46.92
C PRO G 45 5.73 -6.27 -45.56
N ARG G 46 5.04 -5.20 -45.18
CA ARG G 46 5.18 -4.57 -43.87
C ARG G 46 3.85 -4.68 -43.12
N LEU G 47 3.92 -5.04 -41.84
CA LEU G 47 2.72 -5.13 -41.01
C LEU G 47 2.36 -3.75 -40.48
N LEU G 48 1.13 -3.32 -40.76
CA LEU G 48 0.62 -2.05 -40.25
C LEU G 48 -0.27 -2.26 -39.03
N ILE G 49 -1.45 -2.81 -39.24
CA ILE G 49 -2.44 -3.01 -38.20
C ILE G 49 -2.75 -4.49 -38.11
N PHE G 50 -3.11 -4.92 -36.90
CA PHE G 50 -3.52 -6.29 -36.65
C PHE G 50 -4.64 -6.26 -35.60
N GLY G 51 -5.45 -7.31 -35.57
CA GLY G 51 -6.59 -7.31 -34.66
C GLY G 51 -7.51 -6.12 -34.85
N ALA G 52 -7.80 -5.78 -36.11
CA ALA G 52 -8.66 -4.65 -36.48
C ALA G 52 -8.05 -3.32 -36.05
N SER G 53 -8.27 -2.92 -34.80
CA SER G 53 -7.90 -1.58 -34.36
C SER G 53 -6.71 -1.60 -33.41
N SER G 54 -5.63 -2.27 -33.78
CA SER G 54 -4.43 -2.33 -32.95
C SER G 54 -3.21 -2.12 -33.83
N ARG G 55 -2.46 -1.06 -33.54
CA ARG G 55 -1.31 -0.70 -34.36
C ARG G 55 -0.07 -1.46 -33.91
N ALA G 56 0.80 -1.77 -34.88
CA ALA G 56 2.04 -2.46 -34.57
C ALA G 56 3.07 -1.50 -33.96
N THR G 57 4.12 -2.09 -33.41
CA THR G 57 5.19 -1.30 -32.77
C THR G 57 5.91 -0.44 -33.80
N GLY G 58 6.05 0.84 -33.49
CA GLY G 58 6.81 1.75 -34.32
C GLY G 58 6.07 2.34 -35.50
N ILE G 59 4.79 2.03 -35.66
CA ILE G 59 3.99 2.58 -36.76
C ILE G 59 3.43 3.92 -36.29
N PRO G 60 3.47 4.97 -37.12
CA PRO G 60 3.00 6.29 -36.67
C PRO G 60 1.53 6.28 -36.26
N VAL G 61 1.19 7.20 -35.34
CA VAL G 61 -0.14 7.23 -34.76
C VAL G 61 -1.20 7.72 -35.73
N ARG G 62 -0.81 8.27 -36.88
CA ARG G 62 -1.78 8.70 -37.87
C ARG G 62 -2.48 7.52 -38.54
N PHE G 63 -1.90 6.33 -38.49
CA PHE G 63 -2.55 5.14 -39.04
C PHE G 63 -3.52 4.57 -38.02
N SER G 64 -4.71 4.19 -38.50
CA SER G 64 -5.73 3.66 -37.61
C SER G 64 -6.64 2.72 -38.40
N GLY G 65 -6.93 1.57 -37.81
CA GLY G 65 -7.83 0.59 -38.41
C GLY G 65 -9.07 0.45 -37.55
N SER G 66 -10.18 0.06 -38.18
CA SER G 66 -11.43 -0.13 -37.48
C SER G 66 -12.29 -1.08 -38.30
N GLY G 67 -13.35 -1.58 -37.67
CA GLY G 67 -14.28 -2.44 -38.38
C GLY G 67 -14.74 -3.63 -37.57
N SER G 68 -15.72 -4.35 -38.12
CA SER G 68 -16.25 -5.55 -37.47
C SER G 68 -17.04 -6.35 -38.50
N GLY G 69 -17.17 -7.64 -38.24
CA GLY G 69 -17.97 -8.52 -39.08
C GLY G 69 -17.51 -8.66 -40.52
N THR G 70 -18.09 -7.87 -41.42
CA THR G 70 -17.81 -7.99 -42.84
C THR G 70 -17.20 -6.75 -43.48
N ASP G 71 -17.28 -5.57 -42.84
CA ASP G 71 -16.76 -4.33 -43.40
C ASP G 71 -15.65 -3.81 -42.51
N PHE G 72 -14.47 -3.60 -43.09
CA PHE G 72 -13.32 -3.08 -42.38
C PHE G 72 -12.71 -1.94 -43.16
N THR G 73 -12.11 -0.99 -42.44
CA THR G 73 -11.59 0.24 -43.04
C THR G 73 -10.27 0.59 -42.41
N LEU G 74 -9.25 0.74 -43.24
CA LEU G 74 -7.96 1.29 -42.83
C LEU G 74 -7.96 2.78 -43.15
N THR G 75 -7.75 3.61 -42.14
CA THR G 75 -7.75 5.05 -42.30
C THR G 75 -6.34 5.58 -42.05
N ILE G 76 -5.88 6.44 -42.95
CA ILE G 76 -4.62 7.15 -42.78
C ILE G 76 -4.98 8.61 -42.62
N ASN G 77 -4.79 9.14 -41.41
CA ASN G 77 -5.15 10.52 -41.09
C ASN G 77 -3.97 11.41 -41.46
N GLY G 78 -3.95 11.85 -42.71
CA GLY G 78 -2.85 12.67 -43.20
C GLY G 78 -1.77 11.85 -43.88
N LEU G 79 -1.84 11.74 -45.21
CA LEU G 79 -0.90 10.91 -45.94
C LEU G 79 0.50 11.53 -45.95
N ALA G 80 1.50 10.70 -45.68
CA ALA G 80 2.90 11.04 -45.77
C ALA G 80 3.48 10.56 -47.10
N PRO G 81 4.62 11.11 -47.52
CA PRO G 81 5.20 10.68 -48.80
C PRO G 81 5.50 9.19 -48.87
N GLU G 82 6.03 8.61 -47.80
CA GLU G 82 6.41 7.20 -47.77
C GLU G 82 5.23 6.25 -47.61
N ASP G 83 4.00 6.77 -47.60
CA ASP G 83 2.82 5.93 -47.55
C ASP G 83 2.34 5.47 -48.92
N PHE G 84 2.83 6.09 -49.99
CA PHE G 84 2.40 5.74 -51.34
C PHE G 84 2.98 4.38 -51.73
N ALA G 85 2.12 3.36 -51.73
CA ALA G 85 2.52 1.99 -52.04
C ALA G 85 1.27 1.14 -52.25
N VAL G 86 1.41 -0.18 -52.13
CA VAL G 86 0.29 -1.09 -52.24
C VAL G 86 -0.13 -1.48 -50.84
N TYR G 87 -1.46 -1.60 -50.63
CA TYR G 87 -2.01 -1.91 -49.32
C TYR G 87 -2.92 -3.13 -49.46
N TYR G 88 -2.53 -4.23 -48.83
CA TYR G 88 -3.33 -5.45 -48.81
C TYR G 88 -3.93 -5.64 -47.42
N CYS G 89 -5.19 -6.04 -47.37
CA CYS G 89 -5.80 -6.51 -46.14
C CYS G 89 -5.78 -8.04 -46.13
N LEU G 90 -5.66 -8.62 -44.93
CA LEU G 90 -5.45 -10.05 -44.78
C LEU G 90 -6.47 -10.63 -43.80
N SER G 91 -7.17 -11.67 -44.23
CA SER G 91 -8.07 -12.42 -43.37
C SER G 91 -7.42 -13.72 -42.91
N SER G 92 -7.91 -14.24 -41.79
CA SER G 92 -7.46 -15.54 -41.30
C SER G 92 -8.57 -16.13 -40.45
N ASP G 93 -8.66 -17.46 -40.50
CA ASP G 93 -9.64 -18.19 -39.69
C ASP G 93 -9.15 -19.61 -39.54
N SER G 94 -8.99 -20.07 -38.31
CA SER G 94 -8.43 -21.39 -38.03
C SER G 94 -7.06 -21.55 -38.70
N SER G 95 -6.25 -20.49 -38.63
CA SER G 95 -4.90 -20.45 -39.24
C SER G 95 -4.94 -20.61 -40.76
N ILE G 96 -6.04 -20.18 -41.40
CA ILE G 96 -6.18 -20.20 -42.85
C ILE G 96 -6.17 -18.75 -43.32
N PHE G 97 -5.05 -18.30 -43.87
CA PHE G 97 -4.89 -16.91 -44.26
C PHE G 97 -5.37 -16.68 -45.69
N THR G 98 -5.92 -15.49 -45.93
CA THR G 98 -6.45 -15.16 -47.25
C THR G 98 -6.25 -13.66 -47.50
N PHE G 99 -5.67 -13.33 -48.65
CA PHE G 99 -5.32 -11.95 -48.99
C PHE G 99 -6.32 -11.35 -49.97
N GLY G 100 -6.61 -10.05 -49.77
CA GLY G 100 -7.33 -9.29 -50.78
C GLY G 100 -6.43 -8.88 -51.94
N GLN G 101 -7.05 -8.35 -52.99
CA GLN G 101 -6.30 -8.01 -54.18
C GLN G 101 -5.48 -6.74 -54.01
N GLY G 102 -5.73 -5.97 -52.96
CA GLY G 102 -4.93 -4.80 -52.68
C GLY G 102 -5.43 -3.50 -53.28
N THR G 103 -5.28 -2.41 -52.53
CA THR G 103 -5.57 -1.07 -53.00
C THR G 103 -4.26 -0.32 -53.13
N LYS G 104 -3.93 0.11 -54.35
CA LYS G 104 -2.71 0.85 -54.59
C LYS G 104 -2.98 2.35 -54.44
N VAL G 105 -2.00 3.06 -53.89
CA VAL G 105 -2.12 4.49 -53.65
C VAL G 105 -1.23 5.21 -54.65
N ASP G 106 -1.79 6.23 -55.30
CA ASP G 106 -1.16 6.90 -56.41
C ASP G 106 -1.07 8.40 -56.12
N PHE G 107 -0.09 9.06 -56.73
CA PHE G 107 0.05 10.50 -56.58
C PHE G 107 -1.03 11.24 -57.36
N LYS G 108 -1.76 12.13 -56.68
CA LYS G 108 -2.66 13.05 -57.36
C LYS G 108 -1.83 14.14 -58.03
N ARG G 109 -1.79 14.13 -59.36
CA ARG G 109 -0.98 15.06 -60.13
C ARG G 109 -1.87 15.86 -61.08
N THR G 110 -1.51 17.12 -61.32
CA THR G 110 -2.20 17.88 -62.35
C THR G 110 -2.03 17.18 -63.70
N VAL G 111 -3.12 17.12 -64.47
CA VAL G 111 -3.12 16.37 -65.72
C VAL G 111 -2.02 16.88 -66.63
N ALA G 112 -1.23 15.96 -67.19
CA ALA G 112 -0.09 16.31 -68.02
C ALA G 112 -0.09 15.48 -69.30
N ALA G 113 0.19 16.14 -70.43
CA ALA G 113 0.22 15.49 -71.73
C ALA G 113 1.57 14.83 -71.98
N PRO G 114 1.59 13.62 -72.53
CA PRO G 114 2.87 12.94 -72.79
C PRO G 114 3.61 13.53 -73.96
N SER G 115 4.94 13.46 -73.89
CA SER G 115 5.81 13.77 -75.02
C SER G 115 5.95 12.50 -75.85
N VAL G 116 5.49 12.55 -77.09
CA VAL G 116 5.29 11.35 -77.91
C VAL G 116 6.44 11.21 -78.91
N PHE G 117 7.01 10.02 -78.98
CA PHE G 117 8.04 9.68 -79.95
C PHE G 117 7.83 8.26 -80.44
N ILE G 118 8.32 7.97 -81.63
CA ILE G 118 8.23 6.64 -82.23
C ILE G 118 9.60 6.27 -82.77
N PHE G 119 9.96 4.99 -82.65
CA PHE G 119 11.29 4.50 -82.97
C PHE G 119 11.22 3.40 -84.03
N PRO G 120 11.83 3.58 -85.20
CA PRO G 120 11.93 2.48 -86.16
C PRO G 120 12.84 1.39 -85.64
N PRO G 121 12.67 0.16 -86.13
CA PRO G 121 13.63 -0.89 -85.78
C PRO G 121 14.98 -0.60 -86.42
N SER G 122 16.05 -0.88 -85.67
CA SER G 122 17.39 -0.62 -86.17
C SER G 122 17.71 -1.53 -87.35
N ASP G 123 18.55 -1.02 -88.26
CA ASP G 123 18.97 -1.81 -89.41
C ASP G 123 19.73 -3.06 -88.98
N GLU G 124 20.38 -3.01 -87.82
CA GLU G 124 21.01 -4.21 -87.29
C GLU G 124 19.98 -5.27 -86.93
N GLN G 125 18.79 -4.85 -86.50
CA GLN G 125 17.74 -5.80 -86.11
C GLN G 125 17.09 -6.43 -87.32
N LEU G 126 16.91 -5.68 -88.41
CA LEU G 126 16.31 -6.25 -89.61
C LEU G 126 17.14 -7.40 -90.17
N LYS G 127 18.46 -7.39 -89.93
CA LYS G 127 19.32 -8.48 -90.34
C LYS G 127 19.06 -9.77 -89.58
N SER G 128 18.21 -9.74 -88.55
CA SER G 128 17.89 -10.94 -87.76
C SER G 128 16.58 -11.59 -88.18
N GLY G 129 15.78 -10.95 -89.03
CA GLY G 129 14.53 -11.52 -89.48
C GLY G 129 13.32 -11.15 -88.65
N THR G 130 13.48 -10.27 -87.67
CA THR G 130 12.39 -9.84 -86.81
C THR G 130 12.46 -8.33 -86.66
N ALA G 131 11.31 -7.67 -86.66
CA ALA G 131 11.23 -6.21 -86.58
C ALA G 131 10.43 -5.81 -85.37
N SER G 132 10.99 -4.92 -84.55
CA SER G 132 10.31 -4.41 -83.37
C SER G 132 10.21 -2.89 -83.47
N VAL G 133 8.99 -2.38 -83.61
CA VAL G 133 8.72 -0.95 -83.69
C VAL G 133 8.31 -0.48 -82.31
N VAL G 134 8.83 0.68 -81.90
CA VAL G 134 8.62 1.18 -80.55
C VAL G 134 7.91 2.53 -80.63
N CYS G 135 6.91 2.71 -79.77
CA CYS G 135 6.20 3.97 -79.61
C CYS G 135 6.18 4.34 -78.14
N LEU G 136 6.56 5.58 -77.83
CA LEU G 136 6.78 6.02 -76.45
C LEU G 136 5.80 7.13 -76.08
N LEU G 137 5.19 6.99 -74.91
CA LEU G 137 4.42 8.05 -74.26
C LEU G 137 5.17 8.35 -72.97
N ASN G 138 5.95 9.42 -72.96
CA ASN G 138 6.85 9.70 -71.86
C ASN G 138 6.26 10.76 -70.95
N ASN G 139 6.24 10.47 -69.65
CA ASN G 139 5.81 11.42 -68.62
C ASN G 139 4.39 11.92 -68.87
N PHE G 140 3.40 11.10 -68.56
CA PHE G 140 2.01 11.50 -68.68
C PHE G 140 1.26 11.28 -67.38
N TYR G 141 0.06 11.87 -67.31
CA TYR G 141 -0.85 11.72 -66.18
C TYR G 141 -2.20 12.29 -66.59
N PRO G 142 -3.33 11.65 -66.22
CA PRO G 142 -3.47 10.47 -65.36
C PRO G 142 -3.07 9.13 -65.97
N ARG G 143 -3.31 8.08 -65.20
CA ARG G 143 -2.84 6.74 -65.55
C ARG G 143 -3.50 6.25 -66.84
N GLU G 144 -4.77 6.58 -67.04
CA GLU G 144 -5.53 6.03 -68.16
C GLU G 144 -5.08 6.62 -69.50
N ALA G 145 -4.65 5.76 -70.41
CA ALA G 145 -4.28 6.16 -71.76
C ALA G 145 -4.39 4.95 -72.67
N LYS G 146 -4.47 5.20 -73.98
CA LYS G 146 -4.60 4.14 -74.97
C LYS G 146 -3.57 4.32 -76.08
N VAL G 147 -3.03 3.21 -76.57
CA VAL G 147 -2.07 3.20 -77.66
C VAL G 147 -2.56 2.23 -78.73
N GLN G 148 -2.76 2.74 -79.94
CA GLN G 148 -3.23 1.94 -81.07
C GLN G 148 -2.21 2.03 -82.21
N TRP G 149 -1.92 0.90 -82.82
CA TRP G 149 -0.96 0.82 -83.91
C TRP G 149 -1.67 0.83 -85.26
N LYS G 150 -1.09 1.54 -86.23
CA LYS G 150 -1.60 1.55 -87.59
C LYS G 150 -0.42 1.51 -88.55
N VAL G 151 -0.36 0.47 -89.39
CA VAL G 151 0.71 0.28 -90.36
C VAL G 151 0.10 0.44 -91.74
N ASP G 152 0.49 1.51 -92.44
CA ASP G 152 -0.20 1.94 -93.66
C ASP G 152 -1.71 2.04 -93.41
N ASN G 153 -2.05 2.67 -92.29
CA ASN G 153 -3.42 2.86 -91.81
C ASN G 153 -4.13 1.55 -91.48
N ALA G 154 -3.40 0.43 -91.43
CA ALA G 154 -3.97 -0.86 -91.05
C ALA G 154 -3.75 -1.08 -89.56
N LEU G 155 -4.84 -1.25 -88.82
CA LEU G 155 -4.77 -1.40 -87.38
C LEU G 155 -4.07 -2.70 -86.99
N GLN G 156 -3.15 -2.62 -86.03
CA GLN G 156 -2.41 -3.77 -85.54
C GLN G 156 -2.82 -4.09 -84.11
N SER G 157 -3.04 -5.37 -83.83
CA SER G 157 -3.42 -5.82 -82.50
C SER G 157 -2.80 -7.18 -82.24
N GLY G 158 -2.61 -7.51 -80.96
CA GLY G 158 -2.05 -8.78 -80.57
C GLY G 158 -0.57 -8.94 -80.80
N ASN G 159 0.06 -8.03 -81.52
CA ASN G 159 1.49 -8.09 -81.81
C ASN G 159 2.27 -7.00 -81.10
N SER G 160 1.63 -6.33 -80.14
CA SER G 160 2.25 -5.25 -79.38
C SER G 160 2.14 -5.56 -77.89
N GLN G 161 3.18 -5.22 -77.14
CA GLN G 161 3.21 -5.39 -75.69
C GLN G 161 3.55 -4.06 -75.05
N GLU G 162 2.95 -3.80 -73.89
CA GLU G 162 3.10 -2.53 -73.20
C GLU G 162 3.69 -2.76 -71.82
N SER G 163 4.62 -1.89 -71.45
CA SER G 163 5.27 -1.90 -70.14
C SER G 163 5.00 -0.57 -69.46
N VAL G 164 4.87 -0.60 -68.14
CA VAL G 164 4.48 0.58 -67.37
C VAL G 164 5.62 0.94 -66.43
N THR G 165 5.96 2.22 -66.40
CA THR G 165 6.95 2.73 -65.46
C THR G 165 6.33 2.90 -64.09
N GLU G 166 7.18 2.85 -63.07
CA GLU G 166 6.74 3.25 -61.75
C GLU G 166 6.52 4.76 -61.74
N GLN G 167 5.65 5.22 -60.83
CA GLN G 167 5.38 6.65 -60.76
C GLN G 167 6.66 7.36 -60.37
N ASP G 168 7.18 8.19 -61.26
CA ASP G 168 8.45 8.86 -61.00
C ASP G 168 8.33 9.79 -59.80
N SER G 169 9.35 9.77 -58.94
CA SER G 169 9.28 10.44 -57.64
C SER G 169 9.25 11.96 -57.77
N LYS G 170 9.62 12.51 -58.92
CA LYS G 170 9.76 13.96 -59.07
C LYS G 170 8.60 14.60 -59.80
N ASP G 171 8.25 14.10 -60.98
CA ASP G 171 7.17 14.68 -61.76
C ASP G 171 5.82 14.03 -61.50
N SER G 172 5.78 12.90 -60.78
CA SER G 172 4.56 12.19 -60.46
C SER G 172 3.80 11.76 -61.72
N THR G 173 4.54 11.52 -62.80
CA THR G 173 3.97 11.09 -64.07
C THR G 173 4.34 9.63 -64.35
N TYR G 174 3.62 9.05 -65.31
CA TYR G 174 3.88 7.70 -65.79
C TYR G 174 4.45 7.76 -67.20
N SER G 175 5.02 6.64 -67.63
CA SER G 175 5.50 6.48 -68.99
C SER G 175 5.23 5.05 -69.42
N LEU G 176 5.01 4.87 -70.73
CA LEU G 176 4.64 3.56 -71.26
C LEU G 176 5.36 3.34 -72.58
N SER G 177 5.71 2.07 -72.83
CA SER G 177 6.44 1.67 -74.03
C SER G 177 5.70 0.54 -74.72
N SER G 178 5.23 0.81 -75.95
CA SER G 178 4.56 -0.19 -76.77
C SER G 178 5.57 -0.79 -77.75
N THR G 179 5.77 -2.10 -77.67
CA THR G 179 6.72 -2.82 -78.52
C THR G 179 5.95 -3.68 -79.51
N LEU G 180 6.03 -3.33 -80.80
CA LEU G 180 5.32 -4.03 -81.86
C LEU G 180 6.20 -5.13 -82.44
N THR G 181 5.66 -6.33 -82.55
CA THR G 181 6.43 -7.49 -82.98
C THR G 181 6.05 -7.87 -84.41
N LEU G 182 7.01 -7.80 -85.31
CA LEU G 182 6.86 -8.24 -86.69
C LEU G 182 8.14 -8.94 -87.12
N SER G 183 8.01 -9.82 -88.11
CA SER G 183 9.19 -10.34 -88.76
C SER G 183 9.71 -9.29 -89.75
N LYS G 184 10.95 -9.46 -90.22
CA LYS G 184 11.44 -8.54 -91.24
C LYS G 184 10.62 -8.67 -92.52
N ALA G 185 10.13 -9.87 -92.83
CA ALA G 185 9.29 -10.08 -93.99
C ALA G 185 7.99 -9.29 -93.86
N ASP G 186 7.28 -9.47 -92.75
CA ASP G 186 6.05 -8.73 -92.51
C ASP G 186 6.31 -7.24 -92.34
N TYR G 187 7.54 -6.85 -92.00
CA TYR G 187 7.87 -5.44 -91.84
C TYR G 187 7.91 -4.74 -93.18
N GLU G 188 8.58 -5.33 -94.18
CA GLU G 188 8.79 -4.72 -95.48
C GLU G 188 7.60 -4.88 -96.42
N LYS G 189 6.41 -5.20 -95.91
CA LYS G 189 5.21 -5.31 -96.73
C LYS G 189 4.44 -4.00 -96.84
N HIS G 190 4.75 -3.01 -96.01
CA HIS G 190 3.97 -1.79 -95.94
C HIS G 190 4.92 -0.60 -95.81
N LYS G 191 4.37 0.60 -95.93
CA LYS G 191 5.18 1.81 -95.98
C LYS G 191 5.13 2.60 -94.68
N VAL G 192 3.94 3.08 -94.30
CA VAL G 192 3.79 4.02 -93.18
C VAL G 192 3.46 3.24 -91.91
N TYR G 193 4.23 3.53 -90.85
CA TYR G 193 3.95 3.00 -89.51
C TYR G 193 3.52 4.16 -88.63
N ALA G 194 2.27 4.12 -88.16
CA ALA G 194 1.69 5.22 -87.40
C ALA G 194 1.29 4.73 -86.02
N CYS G 195 1.48 5.58 -85.02
CA CYS G 195 1.12 5.28 -83.64
C CYS G 195 0.17 6.35 -83.15
N GLU G 196 -1.08 5.98 -82.92
CA GLU G 196 -2.10 6.94 -82.50
C GLU G 196 -2.12 6.97 -80.98
N VAL G 197 -1.91 8.15 -80.40
CA VAL G 197 -1.76 8.32 -78.96
C VAL G 197 -2.97 9.08 -78.47
N THR G 198 -3.73 8.47 -77.56
CA THR G 198 -4.85 9.12 -76.92
C THR G 198 -4.63 9.13 -75.41
N HIS G 199 -4.88 10.27 -74.79
CA HIS G 199 -4.62 10.44 -73.37
C HIS G 199 -5.40 11.64 -72.87
N GLN G 200 -5.65 11.67 -71.56
CA GLN G 200 -6.42 12.74 -70.96
C GLN G 200 -5.75 14.11 -71.17
N GLY G 201 -4.43 14.16 -71.07
CA GLY G 201 -3.74 15.43 -71.19
C GLY G 201 -3.77 16.03 -72.58
N LEU G 202 -4.20 15.28 -73.58
CA LEU G 202 -4.33 15.77 -74.94
C LEU G 202 -5.81 16.01 -75.24
N SER G 203 -6.15 17.23 -75.66
CA SER G 203 -7.52 17.50 -76.10
C SER G 203 -7.86 16.74 -77.36
N SER G 204 -6.85 16.44 -78.18
CA SER G 204 -6.99 15.66 -79.39
C SER G 204 -5.76 14.77 -79.51
N PRO G 205 -5.90 13.59 -80.12
CA PRO G 205 -4.78 12.66 -80.20
C PRO G 205 -3.60 13.24 -80.98
N VAL G 206 -2.40 13.00 -80.46
CA VAL G 206 -1.15 13.44 -81.08
C VAL G 206 -0.46 12.18 -81.58
N THR G 207 -0.14 12.15 -82.87
CA THR G 207 0.41 10.97 -83.52
C THR G 207 1.78 11.27 -84.11
N LYS G 208 2.75 10.42 -83.79
CA LYS G 208 4.08 10.50 -84.38
C LYS G 208 4.29 9.26 -85.26
N SER G 209 4.71 9.48 -86.50
CA SER G 209 4.78 8.39 -87.47
C SER G 209 6.04 8.52 -88.32
N PHE G 210 6.34 7.46 -89.06
CA PHE G 210 7.49 7.39 -89.95
C PHE G 210 7.21 6.39 -91.06
N ASN G 211 7.88 6.56 -92.20
CA ASN G 211 7.71 5.64 -93.32
C ASN G 211 8.76 4.53 -93.24
N ARG G 212 8.78 3.66 -94.26
CA ARG G 212 9.76 2.58 -94.33
C ARG G 212 11.00 3.08 -95.06
N GLY G 213 12.09 3.25 -94.32
CA GLY G 213 13.36 3.67 -94.89
C GLY G 213 13.82 5.05 -94.50
N GLU G 214 12.99 5.82 -93.79
CA GLU G 214 13.37 7.16 -93.38
C GLU G 214 14.47 7.09 -92.32
N CYS G 215 15.60 7.74 -92.61
CA CYS G 215 16.75 7.71 -91.71
C CYS G 215 17.27 9.11 -91.40
N GLN H 1 -34.40 -20.59 -4.83
CA GLN H 1 -34.63 -20.28 -6.25
C GLN H 1 -35.86 -19.40 -6.42
N VAL H 2 -35.81 -18.50 -7.41
CA VAL H 2 -36.93 -17.62 -7.70
C VAL H 2 -37.85 -18.25 -8.73
N GLN H 3 -39.15 -18.21 -8.47
CA GLN H 3 -40.16 -18.79 -9.34
C GLN H 3 -41.37 -17.88 -9.39
N LEU H 4 -41.98 -17.76 -10.58
CA LEU H 4 -43.19 -16.97 -10.76
C LEU H 4 -44.34 -17.91 -11.14
N VAL H 5 -45.46 -17.79 -10.42
CA VAL H 5 -46.61 -18.66 -10.59
C VAL H 5 -47.84 -17.81 -10.84
N GLN H 6 -48.52 -18.04 -11.95
CA GLN H 6 -49.74 -17.32 -12.30
C GLN H 6 -50.97 -18.20 -12.08
N SER H 7 -52.13 -17.56 -12.04
CA SER H 7 -53.38 -18.30 -11.90
C SER H 7 -53.67 -19.07 -13.17
N GLY H 8 -54.59 -20.03 -13.06
CA GLY H 8 -54.94 -20.85 -14.20
C GLY H 8 -55.66 -20.08 -15.27
N ALA H 9 -55.81 -20.73 -16.43
CA ALA H 9 -56.52 -20.12 -17.54
C ALA H 9 -57.95 -19.81 -17.15
N GLU H 10 -58.44 -18.66 -17.61
CA GLU H 10 -59.77 -18.19 -17.25
C GLU H 10 -60.56 -17.86 -18.50
N VAL H 11 -61.87 -18.09 -18.44
CA VAL H 11 -62.80 -17.70 -19.49
C VAL H 11 -63.91 -16.89 -18.84
N LYS H 12 -64.10 -15.67 -19.34
CA LYS H 12 -65.12 -14.76 -18.82
C LYS H 12 -65.85 -14.13 -19.99
N LYS H 13 -67.15 -13.94 -19.83
CA LYS H 13 -67.97 -13.40 -20.90
C LYS H 13 -67.79 -11.88 -21.00
N PRO H 14 -68.14 -11.28 -22.14
CA PRO H 14 -67.93 -9.84 -22.31
C PRO H 14 -68.58 -9.01 -21.21
N GLY H 15 -67.88 -7.93 -20.83
CA GLY H 15 -68.33 -7.05 -19.78
C GLY H 15 -67.99 -7.50 -18.37
N ALA H 16 -67.52 -8.73 -18.19
CA ALA H 16 -67.25 -9.25 -16.85
C ALA H 16 -65.92 -8.69 -16.35
N THR H 17 -65.42 -9.25 -15.25
CA THR H 17 -64.15 -8.87 -14.64
C THR H 17 -63.35 -10.12 -14.34
N VAL H 18 -62.04 -10.06 -14.58
CA VAL H 18 -61.15 -11.20 -14.41
C VAL H 18 -60.01 -10.80 -13.48
N LYS H 19 -59.66 -11.70 -12.56
CA LYS H 19 -58.57 -11.48 -11.64
C LYS H 19 -57.51 -12.55 -11.88
N VAL H 20 -56.27 -12.12 -12.10
CA VAL H 20 -55.14 -13.00 -12.37
C VAL H 20 -54.05 -12.72 -11.35
N SER H 21 -53.50 -13.78 -10.77
CA SER H 21 -52.47 -13.66 -9.74
C SER H 21 -51.09 -13.93 -10.33
N CYS H 22 -50.07 -13.49 -9.60
CA CYS H 22 -48.68 -13.73 -9.97
C CYS H 22 -47.91 -13.86 -8.65
N LYS H 23 -47.69 -15.11 -8.21
CA LYS H 23 -47.09 -15.38 -6.91
C LYS H 23 -45.58 -15.53 -7.02
N ILE H 24 -44.85 -14.89 -6.11
CA ILE H 24 -43.41 -14.98 -6.05
C ILE H 24 -43.02 -15.91 -4.91
N SER H 25 -42.10 -16.83 -5.19
CA SER H 25 -41.58 -17.74 -4.18
C SER H 25 -40.05 -17.65 -4.16
N GLY H 26 -39.48 -17.84 -2.98
CA GLY H 26 -38.05 -17.75 -2.83
C GLY H 26 -37.48 -16.36 -2.95
N HIS H 27 -38.31 -15.33 -2.91
CA HIS H 27 -37.86 -13.95 -3.03
C HIS H 27 -38.94 -13.05 -2.49
N THR H 28 -38.53 -11.89 -1.97
CA THR H 28 -39.46 -10.92 -1.42
C THR H 28 -39.92 -9.96 -2.51
N LEU H 29 -41.15 -9.46 -2.37
CA LEU H 29 -41.72 -8.59 -3.38
C LEU H 29 -41.15 -7.17 -3.29
N ILE H 30 -40.81 -6.71 -2.09
CA ILE H 30 -40.42 -5.33 -1.86
C ILE H 30 -39.14 -4.94 -2.60
N LYS H 31 -38.38 -5.91 -3.10
CA LYS H 31 -37.12 -5.66 -3.79
C LYS H 31 -37.20 -5.90 -5.29
N LEU H 32 -38.39 -6.17 -5.83
CA LEU H 32 -38.55 -6.53 -7.23
C LEU H 32 -39.46 -5.54 -7.95
N SER H 33 -39.47 -5.67 -9.28
CA SER H 33 -40.37 -4.92 -10.15
C SER H 33 -41.29 -5.90 -10.86
N ILE H 34 -42.56 -5.52 -11.03
CA ILE H 34 -43.57 -6.40 -11.60
C ILE H 34 -44.40 -5.60 -12.59
N HIS H 35 -44.37 -5.99 -13.86
CA HIS H 35 -45.14 -5.35 -14.92
C HIS H 35 -46.03 -6.38 -15.62
N TRP H 36 -47.15 -5.91 -16.16
CA TRP H 36 -48.08 -6.74 -16.91
C TRP H 36 -48.01 -6.39 -18.39
N VAL H 37 -47.76 -7.40 -19.23
CA VAL H 37 -47.72 -7.23 -20.68
C VAL H 37 -48.55 -8.35 -21.29
N ARG H 38 -49.37 -8.01 -22.29
CA ARG H 38 -50.27 -8.95 -22.94
C ARG H 38 -49.86 -9.15 -24.39
N GLN H 39 -50.33 -10.26 -24.96
CA GLN H 39 -50.05 -10.62 -26.35
C GLN H 39 -51.34 -11.09 -27.00
N ALA H 40 -51.92 -10.26 -27.87
CA ALA H 40 -53.05 -10.68 -28.67
C ALA H 40 -52.64 -11.84 -29.57
N PRO H 41 -53.58 -12.73 -29.92
CA PRO H 41 -53.22 -13.89 -30.76
C PRO H 41 -52.61 -13.44 -32.07
N GLY H 42 -51.34 -13.80 -32.27
CA GLY H 42 -50.68 -13.51 -33.53
C GLY H 42 -50.33 -12.06 -33.75
N LYS H 43 -50.53 -11.21 -32.75
CA LYS H 43 -50.28 -9.78 -32.88
C LYS H 43 -49.10 -9.38 -32.00
N GLY H 44 -48.78 -8.10 -32.00
CA GLY H 44 -47.63 -7.60 -31.27
C GLY H 44 -47.83 -7.60 -29.77
N LEU H 45 -46.84 -7.05 -29.06
CA LEU H 45 -46.85 -6.93 -27.62
C LEU H 45 -47.32 -5.55 -27.17
N GLU H 46 -48.01 -5.51 -26.03
CA GLU H 46 -48.57 -4.27 -25.51
C GLU H 46 -48.35 -4.19 -24.01
N TRP H 47 -47.75 -3.10 -23.56
CA TRP H 47 -47.56 -2.85 -22.14
C TRP H 47 -48.88 -2.39 -21.53
N MET H 48 -49.11 -2.78 -20.26
CA MET H 48 -50.32 -2.35 -19.56
C MET H 48 -49.99 -1.54 -18.32
N GLY H 49 -49.20 -2.08 -17.41
CA GLY H 49 -48.91 -1.37 -16.18
C GLY H 49 -47.84 -2.10 -15.41
N GLY H 50 -47.54 -1.58 -14.22
CA GLY H 50 -46.47 -2.18 -13.45
C GLY H 50 -46.46 -1.68 -12.02
N TYR H 51 -45.56 -2.29 -11.24
CA TYR H 51 -45.37 -2.02 -9.83
C TYR H 51 -43.88 -2.01 -9.54
N GLU H 52 -43.43 -1.02 -8.78
CA GLU H 52 -42.02 -0.89 -8.41
C GLU H 52 -41.94 -1.02 -6.89
N GLY H 53 -41.52 -2.20 -6.43
CA GLY H 53 -41.44 -2.44 -5.00
C GLY H 53 -40.45 -1.52 -4.30
N GLU H 54 -39.43 -1.06 -5.03
CA GLU H 54 -38.47 -0.13 -4.45
C GLU H 54 -39.13 1.16 -4.03
N VAL H 55 -40.15 1.61 -4.77
CA VAL H 55 -40.80 2.88 -4.50
C VAL H 55 -42.25 2.72 -4.05
N ASP H 56 -42.83 1.53 -4.22
CA ASP H 56 -44.24 1.29 -3.88
C ASP H 56 -45.16 2.28 -4.60
N GLU H 57 -45.02 2.33 -5.92
CA GLU H 57 -45.87 3.15 -6.76
C GLU H 57 -46.34 2.31 -7.94
N ILE H 58 -47.59 2.53 -8.35
CA ILE H 58 -48.21 1.78 -9.42
C ILE H 58 -48.31 2.70 -10.62
N PHE H 59 -48.00 2.18 -11.79
CA PHE H 59 -48.05 2.95 -13.02
C PHE H 59 -48.92 2.24 -14.03
N TYR H 60 -49.75 3.00 -14.73
CA TYR H 60 -50.64 2.47 -15.75
C TYR H 60 -50.38 3.16 -17.08
N ALA H 61 -50.61 2.42 -18.16
CA ALA H 61 -50.57 3.01 -19.50
C ALA H 61 -51.87 3.78 -19.75
N GLN H 62 -51.74 4.96 -20.37
CA GLN H 62 -52.88 5.84 -20.56
C GLN H 62 -54.03 5.14 -21.28
N LYS H 63 -53.72 4.14 -22.10
CA LYS H 63 -54.78 3.42 -22.81
C LYS H 63 -55.68 2.67 -21.84
N PHE H 64 -55.16 2.28 -20.67
CA PHE H 64 -55.91 1.46 -19.72
C PHE H 64 -56.15 2.16 -18.38
N GLN H 65 -55.94 3.47 -18.30
CA GLN H 65 -56.10 4.17 -17.02
C GLN H 65 -57.52 4.08 -16.50
N HIS H 66 -58.51 4.01 -17.38
CA HIS H 66 -59.90 4.08 -16.98
C HIS H 66 -60.50 2.74 -16.56
N ARG H 67 -59.86 1.62 -16.90
CA ARG H 67 -60.50 0.34 -16.68
C ARG H 67 -59.56 -0.76 -16.18
N LEU H 68 -58.36 -0.41 -15.72
CA LEU H 68 -57.41 -1.39 -15.23
C LEU H 68 -56.98 -1.04 -13.81
N THR H 69 -56.84 -2.06 -12.97
CA THR H 69 -56.43 -1.91 -11.58
C THR H 69 -55.43 -2.99 -11.23
N VAL H 70 -54.40 -2.64 -10.45
CA VAL H 70 -53.36 -3.56 -10.02
C VAL H 70 -53.25 -3.51 -8.51
N ILE H 71 -53.17 -4.68 -7.88
CA ILE H 71 -53.08 -4.80 -6.43
C ILE H 71 -51.86 -5.63 -6.09
N ALA H 72 -51.14 -5.22 -5.04
CA ALA H 72 -49.95 -5.92 -4.57
C ALA H 72 -50.11 -6.25 -3.10
N ASP H 73 -49.94 -7.53 -2.77
CA ASP H 73 -49.96 -8.02 -1.39
C ASP H 73 -48.52 -8.33 -1.01
N THR H 74 -47.92 -7.49 -0.17
CA THR H 74 -46.53 -7.68 0.22
C THR H 74 -46.36 -8.87 1.16
N ALA H 75 -47.40 -9.21 1.92
CA ALA H 75 -47.28 -10.29 2.90
C ALA H 75 -47.27 -11.67 2.25
N THR H 76 -47.96 -11.83 1.12
CA THR H 76 -48.02 -13.09 0.41
C THR H 76 -47.06 -13.16 -0.78
N ASP H 77 -46.30 -12.09 -1.02
CA ASP H 77 -45.38 -12.01 -2.17
C ASP H 77 -46.14 -12.29 -3.46
N THR H 78 -47.34 -11.74 -3.56
CA THR H 78 -48.23 -12.01 -4.68
C THR H 78 -48.72 -10.70 -5.29
N VAL H 79 -48.78 -10.65 -6.61
CA VAL H 79 -49.31 -9.51 -7.34
C VAL H 79 -50.53 -9.97 -8.11
N TYR H 80 -51.59 -9.16 -8.06
CA TYR H 80 -52.82 -9.44 -8.78
C TYR H 80 -53.06 -8.33 -9.78
N MET H 81 -53.77 -8.68 -10.86
CA MET H 81 -54.27 -7.70 -11.82
C MET H 81 -55.76 -7.90 -11.99
N GLU H 82 -56.47 -6.80 -12.25
CA GLU H 82 -57.93 -6.80 -12.26
C GLU H 82 -58.39 -5.95 -13.43
N LEU H 83 -59.06 -6.57 -14.40
CA LEU H 83 -59.56 -5.89 -15.58
C LEU H 83 -61.04 -6.16 -15.76
N GLY H 84 -61.83 -5.09 -15.86
CA GLY H 84 -63.24 -5.18 -16.13
C GLY H 84 -63.57 -4.70 -17.54
N ARG H 85 -64.84 -4.86 -17.88
CA ARG H 85 -65.35 -4.51 -19.21
C ARG H 85 -64.53 -5.21 -20.30
N LEU H 86 -64.51 -6.54 -20.22
CA LEU H 86 -63.75 -7.34 -21.17
C LEU H 86 -64.43 -7.36 -22.53
N THR H 87 -63.64 -7.20 -23.59
CA THR H 87 -64.15 -7.25 -24.96
C THR H 87 -63.36 -8.29 -25.74
N SER H 88 -63.89 -8.64 -26.93
CA SER H 88 -63.27 -9.67 -27.74
C SER H 88 -61.87 -9.29 -28.20
N ASP H 89 -61.54 -7.99 -28.19
CA ASP H 89 -60.17 -7.55 -28.46
C ASP H 89 -59.25 -7.79 -27.28
N ASP H 90 -59.80 -8.09 -26.11
CA ASP H 90 -58.99 -8.39 -24.94
C ASP H 90 -58.59 -9.86 -24.87
N THR H 91 -59.18 -10.72 -25.71
CA THR H 91 -58.78 -12.12 -25.74
C THR H 91 -57.30 -12.18 -26.14
N ALA H 92 -56.45 -12.59 -25.21
CA ALA H 92 -55.01 -12.58 -25.44
C ALA H 92 -54.35 -13.42 -24.34
N VAL H 93 -53.03 -13.54 -24.43
CA VAL H 93 -52.22 -14.19 -23.41
C VAL H 93 -51.54 -13.09 -22.58
N TYR H 94 -51.52 -13.28 -21.26
CA TYR H 94 -51.07 -12.25 -20.34
C TYR H 94 -49.94 -12.80 -19.47
N PHE H 95 -48.87 -12.02 -19.36
CA PHE H 95 -47.68 -12.40 -18.60
C PHE H 95 -47.36 -11.34 -17.55
N CYS H 96 -46.73 -11.77 -16.47
CA CYS H 96 -46.13 -10.86 -15.49
C CYS H 96 -44.61 -10.97 -15.58
N GLY H 97 -43.94 -9.81 -15.59
CA GLY H 97 -42.50 -9.76 -15.78
C GLY H 97 -41.86 -8.62 -15.03
N THR H 98 -40.53 -8.69 -14.95
CA THR H 98 -39.70 -7.75 -14.18
C THR H 98 -38.88 -6.89 -15.13
N LEU H 99 -39.47 -5.76 -15.56
CA LEU H 99 -38.80 -4.84 -16.47
C LEU H 99 -38.11 -3.69 -15.74
N GLY H 100 -38.17 -3.65 -14.42
CA GLY H 100 -37.64 -2.54 -13.65
C GLY H 100 -36.17 -2.26 -13.83
N VAL H 101 -35.83 -1.03 -14.18
CA VAL H 101 -34.45 -0.61 -14.39
C VAL H 101 -34.08 0.27 -13.22
N THR H 102 -33.11 -0.19 -12.41
CA THR H 102 -32.60 0.61 -11.31
C THR H 102 -31.35 1.34 -11.79
N VAL H 103 -31.30 2.64 -11.54
CA VAL H 103 -30.27 3.51 -12.11
C VAL H 103 -29.56 4.25 -10.99
N THR H 104 -28.23 4.09 -10.93
CA THR H 104 -27.37 4.89 -10.07
C THR H 104 -26.21 5.42 -10.91
N GLU H 105 -25.38 6.27 -10.28
CA GLU H 105 -24.23 6.83 -10.97
C GLU H 105 -23.21 5.75 -11.33
N ALA H 106 -23.17 4.66 -10.56
CA ALA H 106 -22.18 3.63 -10.78
C ALA H 106 -22.53 2.74 -11.96
N GLY H 107 -23.82 2.49 -12.21
CA GLY H 107 -24.21 1.62 -13.30
C GLY H 107 -25.71 1.37 -13.28
N LEU H 108 -26.08 0.24 -13.90
CA LEU H 108 -27.47 -0.17 -14.03
C LEU H 108 -27.67 -1.58 -13.48
N GLY H 109 -28.93 -1.88 -13.18
CA GLY H 109 -29.30 -3.23 -12.76
C GLY H 109 -30.72 -3.51 -13.20
N ILE H 110 -31.01 -4.79 -13.48
CA ILE H 110 -32.32 -5.19 -13.99
C ILE H 110 -32.50 -6.68 -13.72
N ASP H 111 -33.75 -7.09 -13.53
CA ASP H 111 -34.12 -8.50 -13.37
C ASP H 111 -34.74 -9.05 -14.65
N ASP H 112 -34.78 -10.40 -14.74
CA ASP H 112 -35.43 -11.11 -15.85
C ASP H 112 -36.11 -12.37 -15.28
N TYR H 113 -37.29 -12.18 -14.71
CA TYR H 113 -38.10 -13.28 -14.20
C TYR H 113 -39.53 -13.15 -14.74
N TRP H 114 -40.11 -14.27 -15.15
CA TRP H 114 -41.43 -14.28 -15.80
C TRP H 114 -42.27 -15.42 -15.27
N GLY H 115 -43.59 -15.24 -15.32
CA GLY H 115 -44.52 -16.32 -15.09
C GLY H 115 -44.66 -17.19 -16.33
N GLN H 116 -45.56 -18.17 -16.24
CA GLN H 116 -45.81 -19.08 -17.35
C GLN H 116 -46.86 -18.56 -18.32
N GLY H 117 -47.56 -17.47 -17.99
CA GLY H 117 -48.61 -16.95 -18.85
C GLY H 117 -49.99 -17.51 -18.55
N THR H 118 -51.00 -16.67 -18.65
CA THR H 118 -52.39 -17.07 -18.41
C THR H 118 -53.25 -16.64 -19.60
N LEU H 119 -53.80 -17.63 -20.30
CA LEU H 119 -54.70 -17.37 -21.42
C LEU H 119 -56.10 -17.03 -20.91
N VAL H 120 -56.63 -15.90 -21.37
CA VAL H 120 -57.99 -15.48 -21.05
C VAL H 120 -58.75 -15.31 -22.35
N THR H 121 -59.84 -16.05 -22.50
CA THR H 121 -60.69 -16.01 -23.69
C THR H 121 -62.06 -15.46 -23.30
N VAL H 122 -62.49 -14.41 -24.00
CA VAL H 122 -63.79 -13.78 -23.76
C VAL H 122 -64.70 -14.00 -24.97
N SER H 123 -65.88 -14.56 -24.72
CA SER H 123 -66.88 -14.79 -25.74
C SER H 123 -68.18 -15.19 -25.03
N SER H 124 -69.29 -15.04 -25.73
CA SER H 124 -70.58 -15.41 -25.16
C SER H 124 -70.93 -16.88 -25.38
N ALA H 125 -70.13 -17.60 -26.16
CA ALA H 125 -70.39 -19.02 -26.39
C ALA H 125 -69.89 -19.84 -25.21
N SER H 126 -70.56 -20.96 -24.97
CA SER H 126 -70.13 -21.86 -23.91
C SER H 126 -69.18 -22.92 -24.47
N THR H 127 -68.53 -23.65 -23.58
CA THR H 127 -67.63 -24.71 -24.01
C THR H 127 -68.38 -25.78 -24.78
N LYS H 128 -67.87 -26.11 -25.97
CA LYS H 128 -68.51 -27.08 -26.84
C LYS H 128 -67.43 -27.86 -27.57
N GLY H 129 -67.66 -29.15 -27.75
CA GLY H 129 -66.73 -29.99 -28.47
C GLY H 129 -66.86 -29.77 -29.96
N PRO H 130 -65.85 -30.19 -30.72
CA PRO H 130 -65.88 -30.01 -32.17
C PRO H 130 -66.53 -31.18 -32.89
N SER H 131 -66.91 -30.91 -34.12
CA SER H 131 -67.33 -31.95 -35.05
C SER H 131 -66.14 -32.22 -35.96
N VAL H 132 -65.90 -33.49 -36.27
CA VAL H 132 -64.71 -33.88 -37.03
C VAL H 132 -65.19 -34.49 -38.34
N PHE H 133 -64.72 -33.90 -39.44
CA PHE H 133 -65.04 -34.33 -40.78
C PHE H 133 -63.77 -34.73 -41.50
N PRO H 134 -63.79 -35.82 -42.26
CA PRO H 134 -62.58 -36.29 -42.92
C PRO H 134 -62.28 -35.50 -44.19
N LEU H 135 -60.99 -35.30 -44.43
CA LEU H 135 -60.50 -34.73 -45.68
C LEU H 135 -59.77 -35.87 -46.38
N ALA H 136 -60.49 -36.53 -47.30
CA ALA H 136 -60.20 -37.77 -48.02
C ALA H 136 -59.42 -37.47 -49.30
N PRO H 137 -58.46 -38.33 -49.63
CA PRO H 137 -57.71 -38.15 -50.88
C PRO H 137 -58.37 -38.86 -52.05
N SER H 138 -57.80 -38.71 -53.25
CA SER H 138 -58.35 -39.35 -54.44
C SER H 138 -57.44 -40.46 -54.96
N GLY H 144 -50.82 -37.57 -57.44
CA GLY H 144 -50.22 -38.69 -58.14
C GLY H 144 -49.17 -39.42 -57.34
N GLY H 145 -47.97 -38.84 -57.25
CA GLY H 145 -46.89 -39.45 -56.51
C GLY H 145 -46.85 -39.08 -55.04
N THR H 146 -47.28 -37.86 -54.73
CA THR H 146 -47.40 -37.41 -53.34
C THR H 146 -48.85 -37.10 -53.04
N ALA H 147 -49.40 -37.72 -51.99
CA ALA H 147 -50.79 -37.57 -51.62
C ALA H 147 -50.91 -36.86 -50.28
N ALA H 148 -52.04 -36.19 -50.07
CA ALA H 148 -52.31 -35.51 -48.82
C ALA H 148 -53.67 -35.94 -48.27
N LEU H 149 -53.76 -36.05 -46.95
CA LEU H 149 -55.01 -36.38 -46.28
C LEU H 149 -55.00 -35.72 -44.90
N GLY H 150 -56.18 -35.53 -44.35
CA GLY H 150 -56.25 -34.88 -43.06
C GLY H 150 -57.64 -34.92 -42.45
N CYS H 151 -57.79 -34.14 -41.38
CA CYS H 151 -59.05 -34.04 -40.64
C CYS H 151 -59.36 -32.58 -40.39
N LEU H 152 -60.64 -32.23 -40.46
CA LEU H 152 -61.09 -30.87 -40.19
C LEU H 152 -61.76 -30.84 -38.83
N VAL H 153 -61.27 -29.97 -37.95
CA VAL H 153 -61.81 -29.77 -36.61
C VAL H 153 -62.51 -28.40 -36.61
N LYS H 154 -63.82 -28.39 -36.81
CA LYS H 154 -64.60 -27.18 -36.95
C LYS H 154 -65.67 -27.09 -35.88
N ASP H 155 -65.98 -25.86 -35.47
CA ASP H 155 -67.06 -25.54 -34.54
C ASP H 155 -66.77 -26.10 -33.15
N TYR H 156 -65.85 -25.45 -32.43
CA TYR H 156 -65.58 -25.76 -31.03
C TYR H 156 -65.19 -24.48 -30.32
N PHE H 157 -65.17 -24.56 -28.98
CA PHE H 157 -64.76 -23.46 -28.12
C PHE H 157 -64.55 -23.98 -26.71
N PRO H 158 -63.50 -23.53 -25.99
CA PRO H 158 -62.41 -22.69 -26.48
C PRO H 158 -61.14 -23.49 -26.74
N GLU H 159 -60.01 -22.82 -26.92
CA GLU H 159 -58.74 -23.52 -27.03
C GLU H 159 -58.46 -24.30 -25.75
N PRO H 160 -57.69 -25.40 -25.82
CA PRO H 160 -57.07 -26.00 -27.00
C PRO H 160 -57.70 -27.33 -27.45
N VAL H 161 -57.27 -27.82 -28.60
CA VAL H 161 -57.56 -29.17 -29.05
C VAL H 161 -56.23 -29.83 -29.42
N THR H 162 -56.21 -31.16 -29.33
CA THR H 162 -55.01 -31.94 -29.63
C THR H 162 -55.27 -32.82 -30.84
N VAL H 163 -54.26 -32.94 -31.71
CA VAL H 163 -54.37 -33.77 -32.91
C VAL H 163 -53.10 -34.61 -33.03
N SER H 164 -53.27 -35.92 -33.09
CA SER H 164 -52.20 -36.85 -33.42
C SER H 164 -52.70 -37.72 -34.57
N TRP H 165 -51.84 -38.63 -35.03
CA TRP H 165 -52.21 -39.53 -36.11
C TRP H 165 -51.80 -40.95 -35.71
N ASN H 166 -52.79 -41.82 -35.55
CA ASN H 166 -52.59 -43.19 -35.04
C ASN H 166 -51.84 -43.17 -33.71
N SER H 167 -52.25 -42.25 -32.82
CA SER H 167 -51.73 -42.15 -31.45
C SER H 167 -50.23 -41.90 -31.41
N GLY H 168 -49.74 -41.03 -32.30
CA GLY H 168 -48.35 -40.64 -32.28
C GLY H 168 -47.42 -41.47 -33.14
N ALA H 169 -47.94 -42.39 -33.96
CA ALA H 169 -47.08 -43.24 -34.77
C ALA H 169 -46.58 -42.53 -36.02
N LEU H 170 -47.21 -41.42 -36.41
CA LEU H 170 -46.89 -40.69 -37.63
C LEU H 170 -46.43 -39.29 -37.25
N THR H 171 -45.20 -38.94 -37.62
CA THR H 171 -44.68 -37.61 -37.31
C THR H 171 -44.18 -36.92 -38.58
N SER H 172 -43.66 -37.71 -39.51
CA SER H 172 -43.13 -37.13 -40.74
C SER H 172 -44.27 -36.60 -41.61
N GLY H 173 -44.16 -35.33 -42.01
CA GLY H 173 -45.18 -34.69 -42.83
C GLY H 173 -46.39 -34.19 -42.08
N VAL H 174 -46.41 -34.27 -40.75
CA VAL H 174 -47.56 -33.84 -39.96
C VAL H 174 -47.54 -32.33 -39.81
N HIS H 175 -48.64 -31.68 -40.20
CA HIS H 175 -48.80 -30.23 -40.05
C HIS H 175 -50.15 -29.97 -39.38
N THR H 176 -50.13 -29.63 -38.09
CA THR H 176 -51.32 -29.26 -37.35
C THR H 176 -51.38 -27.75 -37.26
N PHE H 177 -52.42 -27.16 -37.81
CA PHE H 177 -52.55 -25.73 -38.00
C PHE H 177 -53.09 -25.04 -36.75
N PRO H 178 -52.67 -23.82 -36.49
CA PRO H 178 -53.25 -23.05 -35.39
C PRO H 178 -54.72 -22.77 -35.68
N ALA H 179 -55.51 -22.67 -34.61
CA ALA H 179 -56.94 -22.46 -34.76
C ALA H 179 -57.22 -21.07 -35.33
N VAL H 180 -58.35 -20.96 -36.03
CA VAL H 180 -58.86 -19.69 -36.50
C VAL H 180 -60.22 -19.44 -35.86
N LEU H 181 -60.52 -18.18 -35.59
CA LEU H 181 -61.80 -17.81 -34.98
C LEU H 181 -62.78 -17.46 -36.09
N GLN H 182 -63.82 -18.28 -36.23
CA GLN H 182 -64.85 -18.00 -37.21
C GLN H 182 -65.77 -16.89 -36.72
N SER H 183 -66.52 -16.31 -37.65
CA SER H 183 -67.48 -15.27 -37.30
C SER H 183 -68.54 -15.78 -36.33
N SER H 184 -68.76 -17.09 -36.27
CA SER H 184 -69.72 -17.67 -35.34
C SER H 184 -69.24 -17.67 -33.90
N GLY H 185 -68.02 -17.19 -33.63
CA GLY H 185 -67.48 -17.22 -32.29
C GLY H 185 -66.83 -18.52 -31.90
N LEU H 186 -66.76 -19.49 -32.81
CA LEU H 186 -66.16 -20.78 -32.56
C LEU H 186 -64.81 -20.87 -33.29
N TYR H 187 -63.91 -21.67 -32.73
CA TYR H 187 -62.60 -21.85 -33.32
C TYR H 187 -62.63 -22.96 -34.38
N SER H 188 -61.69 -22.87 -35.32
CA SER H 188 -61.60 -23.86 -36.39
C SER H 188 -60.15 -24.04 -36.81
N LEU H 189 -59.76 -25.28 -37.07
CA LEU H 189 -58.41 -25.57 -37.51
C LEU H 189 -58.41 -26.85 -38.33
N SER H 190 -57.28 -27.07 -39.00
CA SER H 190 -57.07 -28.25 -39.82
C SER H 190 -55.76 -28.89 -39.39
N SER H 191 -55.65 -30.20 -39.60
CA SER H 191 -54.41 -30.93 -39.36
C SER H 191 -54.27 -32.02 -40.40
N VAL H 192 -53.18 -31.97 -41.16
CA VAL H 192 -52.97 -32.85 -42.30
C VAL H 192 -51.64 -33.57 -42.14
N VAL H 193 -51.41 -34.53 -43.04
CA VAL H 193 -50.14 -35.25 -43.11
C VAL H 193 -49.97 -35.79 -44.52
N THR H 194 -48.75 -35.74 -45.02
CA THR H 194 -48.43 -36.23 -46.35
C THR H 194 -48.01 -37.68 -46.30
N VAL H 195 -48.66 -38.52 -47.10
CA VAL H 195 -48.38 -39.94 -47.17
C VAL H 195 -48.29 -40.35 -48.64
N PRO H 196 -47.57 -41.42 -48.94
CA PRO H 196 -47.49 -41.91 -50.32
C PRO H 196 -48.85 -42.38 -50.81
N SER H 197 -49.16 -42.06 -52.07
CA SER H 197 -50.40 -42.53 -52.66
C SER H 197 -50.39 -44.05 -52.86
N SER H 198 -49.21 -44.67 -52.83
CA SER H 198 -49.13 -46.12 -52.86
C SER H 198 -49.57 -46.75 -51.55
N SER H 199 -49.59 -45.98 -50.46
CA SER H 199 -50.00 -46.48 -49.16
C SER H 199 -51.47 -46.20 -48.85
N LEU H 200 -52.23 -45.69 -49.84
CA LEU H 200 -53.64 -45.40 -49.62
C LEU H 200 -54.44 -46.67 -49.34
N GLY H 201 -54.03 -47.80 -49.93
CA GLY H 201 -54.82 -49.01 -49.81
C GLY H 201 -54.56 -49.82 -48.56
N THR H 202 -53.38 -49.69 -47.96
CA THR H 202 -53.00 -50.56 -46.86
C THR H 202 -53.25 -49.92 -45.50
N GLN H 203 -52.53 -48.84 -45.20
CA GLN H 203 -52.51 -48.29 -43.84
C GLN H 203 -53.77 -47.49 -43.54
N THR H 204 -54.35 -47.76 -42.37
CA THR H 204 -55.49 -47.00 -41.88
C THR H 204 -55.01 -45.70 -41.24
N TYR H 205 -55.60 -44.58 -41.66
CA TYR H 205 -55.25 -43.27 -41.13
C TYR H 205 -56.42 -42.76 -40.29
N ILE H 206 -56.20 -42.65 -38.98
CA ILE H 206 -57.19 -42.16 -38.04
C ILE H 206 -56.55 -41.04 -37.23
N CYS H 207 -57.19 -39.87 -37.22
CA CYS H 207 -56.71 -38.73 -36.45
C CYS H 207 -57.33 -38.77 -35.07
N ASN H 208 -56.51 -38.57 -34.04
CA ASN H 208 -56.94 -38.66 -32.65
C ASN H 208 -57.06 -37.25 -32.09
N VAL H 209 -58.27 -36.86 -31.76
CA VAL H 209 -58.57 -35.51 -31.28
C VAL H 209 -59.08 -35.60 -29.85
N ASN H 210 -58.55 -34.74 -28.99
CA ASN H 210 -58.99 -34.61 -27.61
C ASN H 210 -59.16 -33.14 -27.30
N HIS H 211 -60.40 -32.72 -27.01
CA HIS H 211 -60.71 -31.35 -26.64
C HIS H 211 -61.00 -31.35 -25.13
N LYS H 212 -60.05 -30.81 -24.37
CA LYS H 212 -60.08 -30.87 -22.92
C LYS H 212 -61.20 -30.04 -22.31
N PRO H 213 -61.45 -28.80 -22.76
CA PRO H 213 -62.56 -28.03 -22.15
C PRO H 213 -63.90 -28.73 -22.19
N SER H 214 -64.15 -29.59 -23.18
CA SER H 214 -65.38 -30.35 -23.26
C SER H 214 -65.21 -31.84 -22.94
N ASN H 215 -63.96 -32.30 -22.78
CA ASN H 215 -63.66 -33.71 -22.51
C ASN H 215 -64.27 -34.63 -23.57
N THR H 216 -64.35 -34.13 -24.80
CA THR H 216 -64.88 -34.88 -25.93
C THR H 216 -63.74 -35.39 -26.80
N LYS H 217 -63.65 -36.70 -26.98
CA LYS H 217 -62.60 -37.32 -27.79
C LYS H 217 -63.25 -38.12 -28.92
N VAL H 218 -62.83 -37.83 -30.15
CA VAL H 218 -63.38 -38.48 -31.34
C VAL H 218 -62.21 -38.88 -32.23
N ASP H 219 -62.20 -40.15 -32.65
CA ASP H 219 -61.21 -40.68 -33.59
C ASP H 219 -61.88 -40.90 -34.94
N LYS H 220 -61.43 -40.16 -35.95
CA LYS H 220 -62.06 -40.17 -37.26
C LYS H 220 -61.11 -40.77 -38.28
N LYS H 221 -61.56 -41.83 -38.94
CA LYS H 221 -60.80 -42.49 -39.99
C LYS H 221 -60.89 -41.71 -41.29
N VAL H 222 -59.81 -41.69 -42.05
CA VAL H 222 -59.77 -41.03 -43.34
C VAL H 222 -59.67 -42.12 -44.39
N GLU H 223 -60.70 -42.24 -45.21
CA GLU H 223 -60.81 -43.27 -46.23
C GLU H 223 -60.96 -42.65 -47.61
N PRO H 224 -60.47 -43.32 -48.65
CA PRO H 224 -60.75 -42.87 -50.01
C PRO H 224 -62.20 -43.12 -50.35
N LYS H 225 -62.81 -42.18 -51.08
CA LYS H 225 -64.21 -42.26 -51.43
C LYS H 225 -64.38 -42.14 -52.93
N SER H 226 -65.31 -42.92 -53.48
CA SER H 226 -65.58 -42.92 -54.92
C SER H 226 -67.03 -43.25 -55.20
N GLU I 1 -47.24 7.07 -25.02
CA GLU I 1 -47.29 8.00 -26.16
C GLU I 1 -46.04 7.85 -27.02
N ILE I 2 -45.05 7.13 -26.51
CA ILE I 2 -43.82 6.89 -27.25
C ILE I 2 -44.13 5.84 -28.31
N VAL I 3 -43.86 6.18 -29.57
CA VAL I 3 -44.14 5.29 -30.69
C VAL I 3 -42.83 4.81 -31.26
N LEU I 4 -42.73 3.51 -31.50
CA LEU I 4 -41.53 2.88 -32.02
C LEU I 4 -41.80 2.24 -33.37
N THR I 5 -40.78 2.29 -34.23
CA THR I 5 -40.83 1.65 -35.53
C THR I 5 -39.61 0.75 -35.65
N GLN I 6 -39.75 -0.34 -36.40
CA GLN I 6 -38.68 -1.28 -36.63
C GLN I 6 -38.59 -1.58 -38.11
N SER I 7 -37.37 -1.71 -38.62
CA SER I 7 -37.16 -2.01 -40.02
C SER I 7 -36.02 -3.02 -40.12
N PRO I 8 -36.22 -4.12 -40.86
CA PRO I 8 -37.50 -4.40 -41.50
C PRO I 8 -38.51 -5.00 -40.52
N GLY I 9 -39.73 -5.24 -40.99
CA GLY I 9 -40.73 -5.91 -40.20
C GLY I 9 -40.44 -7.39 -40.13
N THR I 10 -39.97 -7.95 -41.24
CA THR I 10 -39.59 -9.34 -41.33
C THR I 10 -38.21 -9.43 -41.96
N LEU I 11 -37.32 -10.17 -41.33
CA LEU I 11 -35.96 -10.36 -41.83
C LEU I 11 -35.70 -11.84 -42.00
N SER I 12 -35.26 -12.23 -43.20
CA SER I 12 -34.97 -13.63 -43.53
C SER I 12 -33.50 -13.73 -43.93
N LEU I 13 -32.71 -14.45 -43.13
CA LEU I 13 -31.30 -14.60 -43.37
C LEU I 13 -30.85 -15.99 -42.92
N SER I 14 -29.68 -16.42 -43.44
CA SER I 14 -29.13 -17.74 -43.16
C SER I 14 -28.22 -17.72 -41.93
N PRO I 15 -28.11 -18.85 -41.23
CA PRO I 15 -27.24 -18.91 -40.04
C PRO I 15 -25.80 -18.61 -40.40
N GLY I 16 -25.13 -17.88 -39.51
CA GLY I 16 -23.75 -17.49 -39.71
C GLY I 16 -23.58 -16.12 -40.33
N GLU I 17 -24.65 -15.51 -40.82
CA GLU I 17 -24.58 -14.16 -41.33
C GLU I 17 -24.94 -13.17 -40.23
N ARG I 18 -24.61 -11.91 -40.46
CA ARG I 18 -24.79 -10.87 -39.45
C ARG I 18 -26.21 -10.32 -39.53
N ALA I 19 -26.89 -10.31 -38.39
CA ALA I 19 -28.25 -9.79 -38.31
C ALA I 19 -28.22 -8.38 -37.74
N THR I 20 -28.83 -7.45 -38.47
CA THR I 20 -28.91 -6.05 -38.06
C THR I 20 -30.37 -5.66 -37.98
N LEU I 21 -30.82 -5.34 -36.77
CA LEU I 21 -32.22 -5.02 -36.50
C LEU I 21 -32.30 -3.56 -36.06
N SER I 22 -33.20 -2.80 -36.67
CA SER I 22 -33.32 -1.39 -36.39
C SER I 22 -34.53 -1.12 -35.50
N CYS I 23 -34.39 -0.12 -34.64
CA CYS I 23 -35.47 0.36 -33.78
C CYS I 23 -35.39 1.87 -33.76
N ARG I 24 -36.46 2.53 -34.19
CA ARG I 24 -36.50 3.99 -34.27
C ARG I 24 -37.72 4.48 -33.49
N ALA I 25 -37.51 5.54 -32.71
CA ALA I 25 -38.54 6.05 -31.82
C ALA I 25 -39.05 7.40 -32.31
N SER I 26 -40.29 7.71 -31.95
CA SER I 26 -40.92 8.98 -32.33
C SER I 26 -40.27 10.17 -31.66
N GLN I 27 -39.58 9.95 -30.54
CA GLN I 27 -39.00 11.03 -29.75
C GLN I 27 -37.73 10.52 -29.09
N ILE I 28 -37.04 11.42 -28.39
CA ILE I 28 -35.80 11.06 -27.72
C ILE I 28 -36.12 10.15 -26.54
N VAL I 29 -35.33 9.08 -26.38
CA VAL I 29 -35.50 8.17 -25.25
C VAL I 29 -34.21 8.12 -24.44
N SER I 30 -34.36 7.84 -23.15
CA SER I 30 -33.21 7.67 -22.27
C SER I 30 -32.47 6.39 -22.64
N ARG I 31 -31.15 6.49 -22.79
CA ARG I 31 -30.36 5.35 -23.23
C ARG I 31 -30.39 4.22 -22.19
N ASN I 32 -30.41 4.56 -20.91
CA ASN I 32 -30.45 3.53 -19.87
C ASN I 32 -31.76 2.77 -19.89
N HIS I 33 -32.84 3.39 -20.35
CA HIS I 33 -34.17 2.83 -20.25
C HIS I 33 -34.62 2.09 -21.51
N LEU I 34 -33.79 2.08 -22.56
CA LEU I 34 -34.09 1.34 -23.78
C LEU I 34 -33.66 -0.12 -23.62
N ALA I 35 -34.39 -1.02 -24.27
CA ALA I 35 -34.10 -2.45 -24.13
C ALA I 35 -34.56 -3.21 -25.37
N TRP I 36 -33.95 -4.39 -25.57
CA TRP I 36 -34.33 -5.35 -26.60
C TRP I 36 -34.60 -6.69 -25.93
N TYR I 37 -35.73 -7.31 -26.28
CA TYR I 37 -36.11 -8.60 -25.73
C TYR I 37 -36.40 -9.55 -26.88
N GLN I 38 -36.26 -10.84 -26.60
CA GLN I 38 -36.49 -11.89 -27.60
C GLN I 38 -37.63 -12.78 -27.12
N GLN I 39 -38.51 -13.14 -28.04
CA GLN I 39 -39.63 -14.03 -27.73
C GLN I 39 -39.72 -15.10 -28.79
N LYS I 40 -39.77 -16.34 -28.35
CA LYS I 40 -40.08 -17.46 -29.21
C LYS I 40 -41.54 -17.82 -29.07
N PRO I 41 -42.12 -18.47 -30.07
CA PRO I 41 -43.55 -18.83 -30.01
C PRO I 41 -43.84 -19.69 -28.79
N GLY I 42 -44.86 -19.30 -28.03
CA GLY I 42 -45.30 -20.04 -26.87
C GLY I 42 -44.50 -19.83 -25.60
N GLN I 43 -43.49 -18.96 -25.63
CA GLN I 43 -42.69 -18.66 -24.45
C GLN I 43 -42.89 -17.22 -24.04
N ALA I 44 -42.62 -16.97 -22.76
CA ALA I 44 -42.49 -15.61 -22.28
C ALA I 44 -41.24 -14.96 -22.87
N PRO I 45 -41.20 -13.62 -22.92
CA PRO I 45 -40.00 -12.96 -23.43
C PRO I 45 -38.79 -13.26 -22.55
N ARG I 46 -37.62 -13.24 -23.18
CA ARG I 46 -36.35 -13.31 -22.48
C ARG I 46 -35.61 -12.02 -22.75
N LEU I 47 -35.05 -11.44 -21.69
CA LEU I 47 -34.31 -10.19 -21.82
C LEU I 47 -32.87 -10.52 -22.21
N LEU I 48 -32.42 -9.98 -23.34
CA LEU I 48 -31.05 -10.19 -23.80
C LEU I 48 -30.20 -8.95 -23.50
N ILE I 49 -30.52 -7.85 -24.16
CA ILE I 49 -29.72 -6.63 -24.08
C ILE I 49 -30.58 -5.51 -23.48
N PHE I 50 -29.90 -4.60 -22.76
CA PHE I 50 -30.51 -3.42 -22.19
C PHE I 50 -29.52 -2.27 -22.26
N GLY I 51 -30.05 -1.05 -22.25
CA GLY I 51 -29.19 0.12 -22.39
C GLY I 51 -28.29 0.04 -23.61
N ALA I 52 -28.83 -0.41 -24.74
CA ALA I 52 -28.08 -0.58 -25.98
C ALA I 52 -26.88 -1.52 -25.79
N SER I 53 -25.79 -1.04 -25.21
CA SER I 53 -24.56 -1.82 -25.22
C SER I 53 -24.25 -2.45 -23.86
N SER I 54 -25.23 -3.13 -23.29
CA SER I 54 -25.03 -3.84 -22.03
C SER I 54 -25.74 -5.19 -22.13
N ARG I 55 -24.97 -6.27 -22.02
CA ARG I 55 -25.48 -7.62 -22.16
C ARG I 55 -25.96 -8.15 -20.81
N ALA I 56 -27.03 -8.93 -20.83
CA ALA I 56 -27.55 -9.54 -19.62
C ALA I 56 -26.75 -10.78 -19.25
N THR I 57 -27.00 -11.28 -18.03
CA THR I 57 -26.33 -12.47 -17.55
C THR I 57 -26.72 -13.68 -18.40
N GLY I 58 -25.73 -14.44 -18.86
CA GLY I 58 -25.97 -15.68 -19.57
C GLY I 58 -26.26 -15.53 -21.05
N ILE I 59 -26.21 -14.33 -21.61
CA ILE I 59 -26.47 -14.12 -23.03
C ILE I 59 -25.15 -14.26 -23.80
N PRO I 60 -25.15 -14.99 -24.91
CA PRO I 60 -23.90 -15.16 -25.66
C PRO I 60 -23.37 -13.85 -26.20
N VAL I 61 -22.05 -13.79 -26.39
CA VAL I 61 -21.38 -12.57 -26.81
C VAL I 61 -21.71 -12.18 -28.24
N ARG I 62 -22.39 -13.06 -28.99
CA ARG I 62 -22.76 -12.72 -30.35
C ARG I 62 -23.78 -11.60 -30.42
N PHE I 63 -24.51 -11.36 -29.34
CA PHE I 63 -25.47 -10.27 -29.28
C PHE I 63 -24.79 -8.96 -28.90
N SER I 64 -25.15 -7.89 -29.59
CA SER I 64 -24.60 -6.56 -29.32
C SER I 64 -25.61 -5.52 -29.73
N GLY I 65 -25.83 -4.55 -28.85
CA GLY I 65 -26.72 -3.45 -29.12
C GLY I 65 -25.97 -2.13 -29.14
N SER I 66 -26.50 -1.16 -29.88
CA SER I 66 -25.88 0.15 -29.94
C SER I 66 -26.95 1.16 -30.32
N GLY I 67 -26.63 2.43 -30.13
CA GLY I 67 -27.55 3.48 -30.51
C GLY I 67 -27.65 4.60 -29.50
N SER I 68 -28.36 5.66 -29.87
CA SER I 68 -28.56 6.80 -28.98
C SER I 68 -29.69 7.65 -29.53
N GLY I 69 -30.32 8.41 -28.63
CA GLY I 69 -31.36 9.33 -29.03
C GLY I 69 -32.59 8.67 -29.64
N THR I 70 -32.62 8.61 -30.97
CA THR I 70 -33.76 8.09 -31.69
C THR I 70 -33.48 6.85 -32.53
N ASP I 71 -32.22 6.53 -32.82
CA ASP I 71 -31.87 5.40 -33.66
C ASP I 71 -31.09 4.39 -32.83
N PHE I 72 -31.58 3.16 -32.81
CA PHE I 72 -30.96 2.07 -32.08
C PHE I 72 -30.83 0.85 -32.99
N THR I 73 -29.81 0.04 -32.73
CA THR I 73 -29.52 -1.12 -33.58
C THR I 73 -29.12 -2.28 -32.69
N LEU I 74 -29.87 -3.38 -32.78
CA LEU I 74 -29.47 -4.64 -32.16
C LEU I 74 -28.82 -5.50 -33.23
N THR I 75 -27.58 -5.89 -33.01
CA THR I 75 -26.82 -6.69 -33.97
C THR I 75 -26.52 -8.05 -33.36
N ILE I 76 -26.73 -9.09 -34.16
CA ILE I 76 -26.35 -10.45 -33.79
C ILE I 76 -25.22 -10.85 -34.73
N ASN I 77 -24.01 -10.98 -34.17
CA ASN I 77 -22.81 -11.27 -34.95
C ASN I 77 -22.70 -12.78 -35.10
N GLY I 78 -23.29 -13.30 -36.18
CA GLY I 78 -23.29 -14.74 -36.43
C GLY I 78 -24.54 -15.40 -35.88
N LEU I 79 -25.54 -15.59 -36.74
CA LEU I 79 -26.82 -16.11 -36.29
C LEU I 79 -26.73 -17.58 -35.91
N ALA I 80 -27.28 -17.91 -34.74
CA ALA I 80 -27.43 -19.24 -34.18
C ALA I 80 -28.83 -19.78 -34.44
N PRO I 81 -29.02 -21.09 -34.34
CA PRO I 81 -30.36 -21.65 -34.56
C PRO I 81 -31.46 -21.13 -33.63
N GLU I 82 -31.21 -21.03 -32.32
CA GLU I 82 -32.28 -20.59 -31.42
C GLU I 82 -32.51 -19.09 -31.46
N ASP I 83 -31.81 -18.36 -32.33
CA ASP I 83 -32.03 -16.93 -32.46
C ASP I 83 -33.15 -16.60 -33.42
N PHE I 84 -33.59 -17.56 -34.22
CA PHE I 84 -34.70 -17.32 -35.14
C PHE I 84 -35.99 -17.22 -34.35
N ALA I 85 -36.50 -16.00 -34.18
CA ALA I 85 -37.71 -15.76 -33.41
C ALA I 85 -38.20 -14.34 -33.67
N VAL I 86 -39.03 -13.81 -32.77
CA VAL I 86 -39.49 -12.43 -32.87
C VAL I 86 -38.67 -11.58 -31.91
N TYR I 87 -38.31 -10.37 -32.36
CA TYR I 87 -37.49 -9.46 -31.58
C TYR I 87 -38.20 -8.12 -31.46
N TYR I 88 -38.57 -7.75 -30.24
CA TYR I 88 -39.20 -6.47 -29.97
C TYR I 88 -38.20 -5.58 -29.24
N CYS I 89 -38.17 -4.30 -29.60
CA CYS I 89 -37.44 -3.32 -28.81
C CYS I 89 -38.42 -2.60 -27.88
N LEU I 90 -37.91 -2.21 -26.72
CA LEU I 90 -38.73 -1.65 -25.66
C LEU I 90 -38.10 -0.35 -25.16
N SER I 91 -38.88 0.73 -25.20
CA SER I 91 -38.48 2.01 -24.63
C SER I 91 -39.21 2.23 -23.33
N SER I 92 -38.64 3.10 -22.50
CA SER I 92 -39.29 3.51 -21.27
C SER I 92 -38.80 4.89 -20.87
N ASP I 93 -39.70 5.65 -20.24
CA ASP I 93 -39.37 6.98 -19.74
C ASP I 93 -40.37 7.33 -18.66
N SER I 94 -39.87 7.71 -17.48
CA SER I 94 -40.71 7.96 -16.31
C SER I 94 -41.57 6.72 -16.00
N SER I 95 -40.96 5.54 -16.13
CA SER I 95 -41.64 4.26 -15.91
C SER I 95 -42.82 4.06 -16.85
N ILE I 96 -42.76 4.66 -18.03
CA ILE I 96 -43.78 4.50 -19.06
C ILE I 96 -43.14 3.70 -20.19
N PHE I 97 -43.46 2.41 -20.25
CA PHE I 97 -42.88 1.50 -21.23
C PHE I 97 -43.73 1.44 -22.49
N THR I 98 -43.05 1.27 -23.62
CA THR I 98 -43.72 1.25 -24.92
C THR I 98 -42.97 0.26 -25.80
N PHE I 99 -43.72 -0.65 -26.41
CA PHE I 99 -43.14 -1.74 -27.19
C PHE I 99 -43.23 -1.43 -28.69
N GLY I 100 -42.19 -1.83 -29.42
CA GLY I 100 -42.27 -1.84 -30.87
C GLY I 100 -43.09 -3.01 -31.38
N GLN I 101 -43.38 -2.99 -32.67
CA GLN I 101 -44.21 -4.04 -33.26
C GLN I 101 -43.45 -5.35 -33.46
N GLY I 102 -42.12 -5.30 -33.37
CA GLY I 102 -41.32 -6.51 -33.47
C GLY I 102 -40.88 -6.86 -34.88
N THR I 103 -39.65 -7.35 -35.02
CA THR I 103 -39.14 -7.84 -36.29
C THR I 103 -38.96 -9.35 -36.14
N LYS I 104 -39.66 -10.11 -36.98
CA LYS I 104 -39.57 -11.56 -36.95
C LYS I 104 -38.42 -12.01 -37.84
N VAL I 105 -37.68 -13.01 -37.36
CA VAL I 105 -36.50 -13.52 -38.04
C VAL I 105 -36.80 -14.91 -38.59
N ASP I 106 -36.45 -15.12 -39.86
CA ASP I 106 -36.79 -16.34 -40.59
C ASP I 106 -35.52 -16.98 -41.13
N PHE I 107 -35.59 -18.31 -41.28
CA PHE I 107 -34.49 -19.05 -41.88
C PHE I 107 -34.45 -18.80 -43.38
N LYS I 108 -33.28 -18.40 -43.89
CA LYS I 108 -33.08 -18.29 -45.33
C LYS I 108 -32.99 -19.67 -45.95
N ARG I 109 -34.00 -20.04 -46.74
CA ARG I 109 -34.06 -21.35 -47.38
C ARG I 109 -34.07 -21.14 -48.89
N THR I 110 -33.42 -22.03 -49.63
CA THR I 110 -33.50 -21.99 -51.07
C THR I 110 -34.96 -22.15 -51.50
N VAL I 111 -35.35 -21.38 -52.52
CA VAL I 111 -36.75 -21.32 -52.93
C VAL I 111 -37.29 -22.70 -53.26
N ALA I 112 -38.49 -22.99 -52.75
CA ALA I 112 -39.12 -24.29 -52.90
C ALA I 112 -40.56 -24.08 -53.39
N ALA I 113 -40.98 -24.93 -54.33
CA ALA I 113 -42.31 -24.84 -54.92
C ALA I 113 -43.34 -25.53 -54.03
N PRO I 114 -44.50 -24.92 -53.84
CA PRO I 114 -45.53 -25.52 -52.98
C PRO I 114 -46.18 -26.74 -53.60
N SER I 115 -46.52 -27.69 -52.73
CA SER I 115 -47.36 -28.82 -53.12
C SER I 115 -48.81 -28.42 -52.91
N VAL I 116 -49.59 -28.38 -53.98
CA VAL I 116 -50.93 -27.81 -53.96
C VAL I 116 -51.95 -28.93 -53.92
N PHE I 117 -52.91 -28.83 -52.98
CA PHE I 117 -53.99 -29.79 -52.86
C PHE I 117 -55.28 -29.06 -52.54
N ILE I 118 -56.40 -29.67 -52.91
CA ILE I 118 -57.72 -29.13 -52.60
C ILE I 118 -58.58 -30.27 -52.09
N PHE I 119 -59.39 -30.00 -51.08
CA PHE I 119 -60.20 -31.04 -50.41
C PHE I 119 -61.66 -30.62 -50.34
N PRO I 120 -62.57 -31.34 -50.98
CA PRO I 120 -64.01 -31.09 -50.81
C PRO I 120 -64.49 -31.48 -49.43
N PRO I 121 -65.57 -30.87 -48.94
CA PRO I 121 -66.16 -31.30 -47.67
C PRO I 121 -66.83 -32.67 -47.79
N SER I 122 -66.69 -33.47 -46.73
CA SER I 122 -67.30 -34.80 -46.70
C SER I 122 -68.82 -34.68 -46.70
N ASP I 123 -69.46 -35.72 -47.26
CA ASP I 123 -70.92 -35.77 -47.29
C ASP I 123 -71.52 -35.79 -45.89
N GLU I 124 -70.78 -36.28 -44.89
CA GLU I 124 -71.27 -36.24 -43.52
C GLU I 124 -71.47 -34.81 -43.02
N GLN I 125 -70.65 -33.87 -43.49
CA GLN I 125 -70.80 -32.48 -43.08
C GLN I 125 -71.98 -31.81 -43.79
N LEU I 126 -72.23 -32.19 -45.05
CA LEU I 126 -73.35 -31.63 -45.79
C LEU I 126 -74.69 -31.95 -45.14
N LYS I 127 -74.76 -33.05 -44.37
CA LYS I 127 -75.98 -33.36 -43.63
C LYS I 127 -76.26 -32.33 -42.54
N SER I 128 -75.31 -31.43 -42.26
CA SER I 128 -75.48 -30.37 -41.29
C SER I 128 -75.84 -29.04 -41.91
N GLY I 129 -75.78 -28.92 -43.24
CA GLY I 129 -76.12 -27.68 -43.90
C GLY I 129 -74.99 -26.70 -44.12
N THR I 130 -73.75 -27.09 -43.84
CA THR I 130 -72.60 -26.21 -44.00
C THR I 130 -71.48 -26.95 -44.70
N ALA I 131 -70.78 -26.25 -45.58
CA ALA I 131 -69.68 -26.81 -46.38
C ALA I 131 -68.41 -26.01 -46.13
N SER I 132 -67.32 -26.71 -45.81
CA SER I 132 -66.01 -26.10 -45.60
C SER I 132 -64.99 -26.75 -46.53
N VAL I 133 -64.49 -25.97 -47.50
CA VAL I 133 -63.52 -26.43 -48.48
C VAL I 133 -62.12 -25.99 -48.06
N VAL I 134 -61.15 -26.87 -48.23
CA VAL I 134 -59.77 -26.65 -47.80
C VAL I 134 -58.85 -26.69 -49.01
N CYS I 135 -57.92 -25.74 -49.07
CA CYS I 135 -56.89 -25.71 -50.10
C CYS I 135 -55.54 -25.64 -49.39
N LEU I 136 -54.62 -26.53 -49.76
CA LEU I 136 -53.38 -26.72 -49.02
C LEU I 136 -52.18 -26.40 -49.91
N LEU I 137 -51.23 -25.65 -49.34
CA LEU I 137 -49.91 -25.41 -49.93
C LEU I 137 -48.90 -26.01 -48.96
N ASN I 138 -48.37 -27.19 -49.28
CA ASN I 138 -47.52 -27.93 -48.35
C ASN I 138 -46.05 -27.80 -48.73
N ASN I 139 -45.23 -27.43 -47.74
CA ASN I 139 -43.76 -27.39 -47.85
C ASN I 139 -43.32 -26.48 -49.01
N PHE I 140 -43.47 -25.19 -48.77
CA PHE I 140 -43.07 -24.14 -49.71
C PHE I 140 -42.21 -23.11 -49.00
N TYR I 141 -41.63 -22.22 -49.80
CA TYR I 141 -40.82 -21.11 -49.32
C TYR I 141 -40.60 -20.11 -50.44
N PRO I 142 -40.67 -18.79 -50.17
CA PRO I 142 -40.87 -18.11 -48.88
C PRO I 142 -42.32 -18.05 -48.36
N ARG I 143 -42.46 -17.35 -47.22
CA ARG I 143 -43.76 -17.23 -46.55
C ARG I 143 -44.77 -16.49 -47.42
N GLU I 144 -44.34 -15.48 -48.14
CA GLU I 144 -45.26 -14.63 -48.88
C GLU I 144 -45.86 -15.41 -50.04
N ALA I 145 -47.18 -15.58 -50.02
CA ALA I 145 -47.90 -16.26 -51.08
C ALA I 145 -49.34 -15.79 -51.06
N LYS I 146 -50.05 -16.08 -52.14
CA LYS I 146 -51.43 -15.67 -52.28
C LYS I 146 -52.30 -16.87 -52.65
N VAL I 147 -53.48 -16.93 -52.05
CA VAL I 147 -54.46 -17.97 -52.34
C VAL I 147 -55.78 -17.27 -52.66
N GLN I 148 -56.28 -17.50 -53.87
CA GLN I 148 -57.51 -16.89 -54.33
C GLN I 148 -58.51 -17.96 -54.72
N TRP I 149 -59.75 -17.79 -54.32
CA TRP I 149 -60.82 -18.74 -54.61
C TRP I 149 -61.61 -18.27 -55.82
N LYS I 150 -62.01 -19.24 -56.65
CA LYS I 150 -62.87 -18.97 -57.80
C LYS I 150 -63.92 -20.06 -57.87
N VAL I 151 -65.18 -19.68 -57.77
CA VAL I 151 -66.32 -20.60 -57.79
C VAL I 151 -67.07 -20.33 -59.08
N ASP I 152 -67.04 -21.31 -59.99
CA ASP I 152 -67.46 -21.11 -61.38
C ASP I 152 -66.73 -19.89 -61.96
N ASN I 153 -65.42 -19.83 -61.70
CA ASN I 153 -64.50 -18.78 -62.12
C ASN I 153 -64.87 -17.42 -61.53
N ALA I 154 -65.79 -17.38 -60.57
CA ALA I 154 -66.18 -16.15 -59.90
C ALA I 154 -65.39 -15.99 -58.60
N LEU I 155 -64.66 -14.88 -58.48
CA LEU I 155 -63.83 -14.65 -57.30
C LEU I 155 -64.69 -14.47 -56.06
N GLN I 156 -64.30 -15.14 -54.98
CA GLN I 156 -65.00 -15.08 -53.70
C GLN I 156 -64.15 -14.35 -52.68
N SER I 157 -64.79 -13.50 -51.87
CA SER I 157 -64.08 -12.73 -50.87
C SER I 157 -64.92 -12.64 -49.60
N GLY I 158 -64.23 -12.41 -48.49
CA GLY I 158 -64.87 -12.28 -47.19
C GLY I 158 -65.35 -13.58 -46.57
N ASN I 159 -65.32 -14.69 -47.30
CA ASN I 159 -65.77 -15.98 -46.80
C ASN I 159 -64.62 -16.97 -46.61
N SER I 160 -63.39 -16.48 -46.57
CA SER I 160 -62.22 -17.35 -46.50
C SER I 160 -61.36 -16.99 -45.29
N GLN I 161 -60.84 -18.02 -44.64
CA GLN I 161 -59.91 -17.90 -43.52
C GLN I 161 -58.68 -18.73 -43.80
N GLU I 162 -57.51 -18.21 -43.43
CA GLU I 162 -56.25 -18.88 -43.67
C GLU I 162 -55.52 -19.08 -42.36
N SER I 163 -54.89 -20.25 -42.21
CA SER I 163 -54.07 -20.56 -41.07
C SER I 163 -52.66 -20.86 -41.55
N VAL I 164 -51.67 -20.41 -40.81
CA VAL I 164 -50.27 -20.49 -41.20
C VAL I 164 -49.51 -21.28 -40.15
N THR I 165 -48.71 -22.24 -40.61
CA THR I 165 -47.79 -22.92 -39.71
C THR I 165 -46.54 -22.08 -39.51
N GLU I 166 -45.90 -22.27 -38.36
CA GLU I 166 -44.57 -21.74 -38.15
C GLU I 166 -43.58 -22.52 -39.00
N GLN I 167 -42.40 -21.93 -39.22
CA GLN I 167 -41.39 -22.57 -40.04
C GLN I 167 -41.02 -23.93 -39.47
N ASP I 168 -41.26 -24.99 -40.23
CA ASP I 168 -40.98 -26.33 -39.76
C ASP I 168 -39.48 -26.47 -39.50
N SER I 169 -39.15 -27.11 -38.37
CA SER I 169 -37.78 -27.10 -37.87
C SER I 169 -36.81 -27.88 -38.74
N LYS I 170 -37.30 -28.75 -39.62
CA LYS I 170 -36.44 -29.67 -40.34
C LYS I 170 -36.21 -29.27 -41.79
N ASP I 171 -37.28 -29.03 -42.55
CA ASP I 171 -37.17 -28.67 -43.95
C ASP I 171 -37.17 -27.16 -44.18
N SER I 172 -37.45 -26.37 -43.14
CA SER I 172 -37.49 -24.91 -43.23
C SER I 172 -38.51 -24.42 -44.25
N THR I 173 -39.59 -25.18 -44.43
CA THR I 173 -40.66 -24.83 -45.34
C THR I 173 -41.92 -24.46 -44.57
N TYR I 174 -42.86 -23.87 -45.28
CA TYR I 174 -44.15 -23.47 -44.73
C TYR I 174 -45.28 -24.33 -45.27
N SER I 175 -46.42 -24.25 -44.59
CA SER I 175 -47.65 -24.89 -45.03
C SER I 175 -48.81 -23.97 -44.67
N LEU I 176 -49.88 -24.01 -45.47
CA LEU I 176 -51.02 -23.13 -45.28
C LEU I 176 -52.32 -23.86 -45.57
N SER I 177 -53.36 -23.52 -44.82
CA SER I 177 -54.69 -24.08 -45.00
C SER I 177 -55.69 -22.93 -45.08
N SER I 178 -56.32 -22.76 -46.24
CA SER I 178 -57.37 -21.77 -46.44
C SER I 178 -58.70 -22.47 -46.28
N THR I 179 -59.50 -22.01 -45.31
CA THR I 179 -60.77 -22.64 -44.98
C THR I 179 -61.91 -21.75 -45.47
N LEU I 180 -62.60 -22.19 -46.51
CA LEU I 180 -63.72 -21.47 -47.11
C LEU I 180 -65.02 -21.98 -46.52
N THR I 181 -65.86 -21.06 -46.05
CA THR I 181 -67.11 -21.41 -45.37
C THR I 181 -68.29 -21.05 -46.27
N LEU I 182 -69.10 -22.05 -46.60
CA LEU I 182 -70.32 -21.85 -47.38
C LEU I 182 -71.44 -22.67 -46.76
N SER I 183 -72.67 -22.21 -46.99
CA SER I 183 -73.85 -22.97 -46.61
C SER I 183 -74.12 -24.09 -47.61
N LYS I 184 -74.99 -25.04 -47.21
CA LYS I 184 -75.36 -26.13 -48.09
C LYS I 184 -76.13 -25.62 -49.32
N ALA I 185 -76.95 -24.57 -49.13
CA ALA I 185 -77.71 -24.03 -50.25
C ALA I 185 -76.81 -23.44 -51.32
N ASP I 186 -75.96 -22.49 -50.94
CA ASP I 186 -75.05 -21.85 -51.88
C ASP I 186 -73.96 -22.80 -52.39
N TYR I 187 -73.65 -23.86 -51.66
CA TYR I 187 -72.61 -24.79 -52.11
C TYR I 187 -73.06 -25.58 -53.32
N GLU I 188 -74.28 -26.14 -53.26
CA GLU I 188 -74.80 -26.99 -54.32
C GLU I 188 -75.38 -26.21 -55.49
N LYS I 189 -75.05 -24.92 -55.60
CA LYS I 189 -75.49 -24.07 -56.69
C LYS I 189 -74.50 -24.03 -57.86
N HIS I 190 -73.27 -24.53 -57.69
CA HIS I 190 -72.24 -24.39 -58.69
C HIS I 190 -71.49 -25.70 -58.84
N LYS I 191 -70.67 -25.79 -59.90
CA LYS I 191 -70.00 -27.03 -60.25
C LYS I 191 -68.51 -27.03 -59.95
N VAL I 192 -67.74 -26.15 -60.60
CA VAL I 192 -66.28 -26.17 -60.52
C VAL I 192 -65.80 -25.25 -59.42
N TYR I 193 -64.97 -25.77 -58.52
CA TYR I 193 -64.34 -25.00 -57.44
C TYR I 193 -62.85 -24.95 -57.68
N ALA I 194 -62.30 -23.75 -57.85
CA ALA I 194 -60.90 -23.56 -58.20
C ALA I 194 -60.21 -22.77 -57.11
N CYS I 195 -58.94 -23.11 -56.85
CA CYS I 195 -58.11 -22.46 -55.85
C CYS I 195 -56.87 -21.92 -56.57
N GLU I 196 -56.76 -20.60 -56.64
CA GLU I 196 -55.69 -19.94 -57.39
C GLU I 196 -54.51 -19.67 -56.47
N VAL I 197 -53.36 -20.25 -56.80
CA VAL I 197 -52.15 -20.15 -56.00
C VAL I 197 -51.07 -19.45 -56.81
N THR I 198 -50.60 -18.31 -56.30
CA THR I 198 -49.46 -17.60 -56.88
C THR I 198 -48.38 -17.49 -55.82
N HIS I 199 -47.15 -17.78 -56.20
CA HIS I 199 -46.06 -17.83 -55.22
C HIS I 199 -44.73 -17.75 -55.94
N GLN I 200 -43.68 -17.41 -55.17
CA GLN I 200 -42.35 -17.25 -55.74
C GLN I 200 -41.87 -18.54 -56.42
N GLY I 201 -42.14 -19.68 -55.82
CA GLY I 201 -41.69 -20.96 -56.37
C GLY I 201 -42.38 -21.40 -57.64
N LEU I 202 -43.44 -20.71 -58.04
CA LEU I 202 -44.19 -21.04 -59.25
C LEU I 202 -43.83 -20.06 -60.37
N SER I 203 -43.39 -20.58 -61.51
CA SER I 203 -43.18 -19.72 -62.68
C SER I 203 -44.52 -19.19 -63.20
N SER I 204 -45.59 -19.94 -62.99
CA SER I 204 -46.95 -19.55 -63.33
C SER I 204 -47.87 -20.11 -62.27
N PRO I 205 -49.00 -19.44 -61.98
CA PRO I 205 -49.88 -19.93 -60.93
C PRO I 205 -50.44 -21.32 -61.24
N VAL I 206 -50.47 -22.16 -60.21
CA VAL I 206 -50.95 -23.54 -60.31
C VAL I 206 -52.26 -23.64 -59.55
N THR I 207 -53.30 -24.12 -60.23
CA THR I 207 -54.64 -24.22 -59.68
C THR I 207 -55.13 -25.66 -59.70
N LYS I 208 -55.66 -26.13 -58.57
CA LYS I 208 -56.26 -27.44 -58.45
C LYS I 208 -57.76 -27.25 -58.27
N SER I 209 -58.55 -27.98 -59.07
CA SER I 209 -59.99 -27.78 -59.10
C SER I 209 -60.69 -29.14 -59.19
N PHE I 210 -62.00 -29.13 -58.96
CA PHE I 210 -62.80 -30.34 -59.01
C PHE I 210 -64.25 -30.00 -59.34
N ASN I 211 -64.95 -31.00 -59.88
CA ASN I 211 -66.38 -30.88 -60.18
C ASN I 211 -67.21 -31.37 -59.01
N ARG I 212 -68.48 -30.97 -58.98
CA ARG I 212 -69.38 -31.42 -57.92
C ARG I 212 -70.02 -32.75 -58.26
N GLU J 1 0.46 -44.39 43.81
CA GLU J 1 -0.36 -43.49 44.61
C GLU J 1 -1.50 -42.88 43.81
N VAL J 2 -1.25 -42.47 42.56
CA VAL J 2 -2.32 -41.92 41.73
C VAL J 2 -3.41 -42.96 41.55
N GLN J 3 -4.65 -42.56 41.80
CA GLN J 3 -5.79 -43.46 41.82
C GLN J 3 -7.02 -42.84 41.17
N LEU J 4 -7.88 -43.70 40.62
CA LEU J 4 -9.19 -43.31 40.10
C LEU J 4 -10.19 -44.39 40.51
N VAL J 5 -11.35 -43.97 41.01
CA VAL J 5 -12.34 -44.88 41.59
C VAL J 5 -13.69 -44.62 40.95
N GLU J 6 -14.15 -45.56 40.12
CA GLU J 6 -15.47 -45.47 39.52
C GLU J 6 -16.52 -46.12 40.43
N SER J 7 -17.77 -45.71 40.24
CA SER J 7 -18.89 -46.20 41.03
C SER J 7 -20.18 -45.82 40.32
N GLY J 8 -21.29 -46.40 40.80
CA GLY J 8 -22.63 -46.06 40.34
C GLY J 8 -23.16 -46.93 39.23
N GLY J 9 -22.29 -47.60 38.50
CA GLY J 9 -22.71 -48.47 37.43
C GLY J 9 -23.45 -49.69 37.95
N GLY J 10 -24.11 -50.37 37.03
CA GLY J 10 -24.82 -51.59 37.37
C GLY J 10 -25.82 -51.95 36.27
N LEU J 11 -26.94 -52.53 36.70
CA LEU J 11 -28.00 -52.96 35.80
C LEU J 11 -29.12 -51.93 35.78
N VAL J 12 -29.64 -51.67 34.58
CA VAL J 12 -30.77 -50.77 34.41
C VAL J 12 -31.47 -51.14 33.11
N LYS J 13 -32.78 -50.94 33.06
CA LYS J 13 -33.54 -51.26 31.86
C LYS J 13 -33.45 -50.12 30.85
N PRO J 14 -33.68 -50.42 29.57
CA PRO J 14 -33.67 -49.35 28.56
C PRO J 14 -34.63 -48.21 28.91
N GLY J 15 -34.14 -46.99 28.75
CA GLY J 15 -34.87 -45.82 29.14
C GLY J 15 -34.56 -45.30 30.52
N GLY J 16 -33.89 -46.08 31.35
CA GLY J 16 -33.52 -45.64 32.68
C GLY J 16 -32.34 -44.68 32.68
N SER J 17 -31.93 -44.33 33.90
CA SER J 17 -30.87 -43.36 34.10
C SER J 17 -29.82 -43.95 35.03
N LEU J 18 -28.59 -43.46 34.88
CA LEU J 18 -27.48 -43.83 35.75
C LEU J 18 -26.50 -42.67 35.80
N ARG J 19 -25.99 -42.38 37.01
CA ARG J 19 -24.98 -41.34 37.19
C ARG J 19 -23.70 -41.99 37.67
N LEU J 20 -22.65 -41.91 36.85
CA LEU J 20 -21.36 -42.49 37.20
C LEU J 20 -20.48 -41.45 37.85
N SER J 21 -19.74 -41.89 38.87
CA SER J 21 -18.84 -41.02 39.63
C SER J 21 -17.44 -41.61 39.59
N CYS J 22 -16.45 -40.75 39.41
CA CYS J 22 -15.04 -41.15 39.42
C CYS J 22 -14.31 -40.27 40.44
N ALA J 23 -13.82 -40.89 41.50
CA ALA J 23 -13.10 -40.19 42.55
C ALA J 23 -11.61 -40.40 42.35
N ALA J 24 -10.85 -39.31 42.32
CA ALA J 24 -9.42 -39.34 42.12
C ALA J 24 -8.71 -39.02 43.43
N SER J 25 -7.42 -39.31 43.47
CA SER J 25 -6.61 -39.10 44.65
C SER J 25 -5.14 -39.23 44.26
N GLY J 26 -4.27 -38.58 45.03
CA GLY J 26 -2.85 -38.77 44.89
C GLY J 26 -2.14 -37.72 44.06
N PHE J 27 -2.87 -36.81 43.43
CA PHE J 27 -2.24 -35.80 42.59
C PHE J 27 -3.13 -34.56 42.55
N THR J 28 -2.64 -33.52 41.86
CA THR J 28 -3.33 -32.24 41.73
C THR J 28 -4.41 -32.37 40.66
N PHE J 29 -5.66 -32.50 41.11
CA PHE J 29 -6.76 -32.79 40.18
C PHE J 29 -7.04 -31.60 39.26
N SER J 30 -7.17 -30.40 39.82
CA SER J 30 -7.65 -29.24 39.08
C SER J 30 -6.74 -28.79 37.94
N SER J 31 -5.75 -29.59 37.58
CA SER J 31 -4.84 -29.23 36.49
C SER J 31 -5.05 -30.04 35.21
N TYR J 32 -5.80 -31.14 35.24
CA TYR J 32 -5.86 -32.07 34.13
C TYR J 32 -7.24 -32.13 33.49
N SER J 33 -7.24 -32.43 32.19
CA SER J 33 -8.46 -32.79 31.49
C SER J 33 -8.76 -34.26 31.71
N MET J 34 -10.04 -34.59 31.83
CA MET J 34 -10.49 -35.94 32.13
C MET J 34 -11.35 -36.48 30.99
N ASN J 35 -11.42 -37.80 30.90
CA ASN J 35 -12.12 -38.46 29.82
C ASN J 35 -12.81 -39.73 30.29
N TRP J 36 -13.88 -40.09 29.60
CA TRP J 36 -14.53 -41.38 29.77
C TRP J 36 -14.28 -42.23 28.53
N VAL J 37 -13.82 -43.46 28.73
CA VAL J 37 -13.60 -44.41 27.65
C VAL J 37 -14.30 -45.70 28.02
N ARG J 38 -15.10 -46.24 27.12
CA ARG J 38 -15.93 -47.40 27.41
C ARG J 38 -15.50 -48.58 26.54
N GLN J 39 -16.08 -49.74 26.85
CA GLN J 39 -15.75 -50.97 26.13
C GLN J 39 -16.92 -51.93 26.28
N ALA J 40 -17.59 -52.23 25.16
CA ALA J 40 -18.61 -53.26 25.17
C ALA J 40 -17.94 -54.62 25.41
N PRO J 41 -18.66 -55.56 26.02
CA PRO J 41 -18.03 -56.84 26.40
C PRO J 41 -17.43 -57.54 25.19
N GLY J 42 -16.14 -57.87 25.30
CA GLY J 42 -15.42 -58.56 24.26
C GLY J 42 -15.13 -57.77 23.01
N LYS J 43 -15.39 -56.47 23.02
CA LYS J 43 -15.17 -55.62 21.85
C LYS J 43 -14.05 -54.63 22.15
N GLY J 44 -13.77 -53.76 21.18
CA GLY J 44 -12.71 -52.79 21.32
C GLY J 44 -13.10 -51.62 22.20
N LEU J 45 -12.22 -50.64 22.25
CA LEU J 45 -12.42 -49.44 23.07
C LEU J 45 -13.03 -48.32 22.26
N GLU J 46 -13.91 -47.55 22.89
CA GLU J 46 -14.59 -46.42 22.28
C GLU J 46 -14.49 -45.23 23.22
N TRP J 47 -14.00 -44.11 22.71
CA TRP J 47 -13.97 -42.89 23.50
C TRP J 47 -15.37 -42.32 23.67
N VAL J 48 -15.63 -41.74 24.84
CA VAL J 48 -16.97 -41.25 25.19
C VAL J 48 -17.01 -39.73 25.24
N SER J 49 -16.34 -39.13 26.23
CA SER J 49 -16.47 -37.70 26.47
C SER J 49 -15.15 -37.13 27.01
N SER J 50 -14.93 -35.85 26.68
CA SER J 50 -13.79 -35.09 27.17
C SER J 50 -14.27 -33.89 27.97
N ILE J 51 -13.45 -33.43 28.90
CA ILE J 51 -13.73 -32.25 29.71
C ILE J 51 -12.41 -31.58 30.06
N SER J 52 -12.35 -30.26 29.86
CA SER J 52 -11.13 -29.52 30.15
C SER J 52 -10.88 -29.48 31.65
N SER J 53 -9.73 -28.92 32.03
CA SER J 53 -9.35 -28.88 33.43
C SER J 53 -10.21 -27.92 34.25
N SER J 54 -10.90 -26.98 33.61
CA SER J 54 -11.79 -26.06 34.30
C SER J 54 -13.20 -26.10 33.74
N SER J 55 -13.58 -27.23 33.14
CA SER J 55 -14.89 -27.49 32.54
C SER J 55 -15.17 -26.60 31.33
N SER J 56 -14.19 -25.81 30.87
CA SER J 56 -14.44 -24.83 29.82
C SER J 56 -14.54 -25.47 28.43
N TYR J 57 -14.02 -26.68 28.25
CA TYR J 57 -14.07 -27.35 26.96
C TYR J 57 -14.55 -28.78 27.16
N ILE J 58 -15.67 -29.12 26.53
CA ILE J 58 -16.29 -30.43 26.66
C ILE J 58 -16.74 -30.88 25.28
N TYR J 59 -16.48 -32.15 24.97
CA TYR J 59 -16.89 -32.72 23.70
C TYR J 59 -17.37 -34.16 23.92
N TYR J 60 -18.32 -34.57 23.08
CA TYR J 60 -18.88 -35.91 23.18
C TYR J 60 -18.68 -36.66 21.88
N ALA J 61 -18.53 -37.98 21.98
CA ALA J 61 -18.49 -38.81 20.79
C ALA J 61 -19.85 -38.77 20.11
N ASP J 62 -19.83 -38.72 18.77
CA ASP J 62 -21.08 -38.57 18.02
C ASP J 62 -22.07 -39.69 18.34
N SER J 63 -21.62 -40.78 18.96
CA SER J 63 -22.50 -41.88 19.33
C SER J 63 -23.40 -41.56 20.51
N VAL J 64 -23.02 -40.61 21.35
CA VAL J 64 -23.73 -40.40 22.62
C VAL J 64 -24.04 -38.93 22.84
N LYS J 65 -23.86 -38.10 21.82
CA LYS J 65 -24.18 -36.69 21.97
C LYS J 65 -25.65 -36.50 22.25
N GLY J 66 -25.98 -35.54 23.10
CA GLY J 66 -27.34 -35.25 23.47
C GLY J 66 -27.94 -36.16 24.53
N ARG J 67 -27.34 -37.33 24.77
CA ARG J 67 -27.85 -38.25 25.77
C ARG J 67 -27.06 -38.26 27.07
N PHE J 68 -25.77 -37.97 27.01
CA PHE J 68 -24.90 -37.97 28.19
C PHE J 68 -24.47 -36.54 28.54
N THR J 69 -24.36 -36.28 29.85
CA THR J 69 -23.92 -34.98 30.35
C THR J 69 -22.78 -35.21 31.32
N ILE J 70 -21.57 -34.75 30.96
CA ILE J 70 -20.39 -34.89 31.80
C ILE J 70 -20.24 -33.63 32.65
N SER J 71 -19.73 -33.81 33.87
CA SER J 71 -19.52 -32.68 34.77
C SER J 71 -18.38 -33.03 35.71
N ARG J 72 -17.83 -31.99 36.35
CA ARG J 72 -16.74 -32.18 37.30
C ARG J 72 -16.87 -31.20 38.46
N ASP J 73 -16.34 -31.60 39.61
CA ASP J 73 -16.35 -30.79 40.82
C ASP J 73 -14.90 -30.73 41.31
N ASN J 74 -14.22 -29.63 41.00
CA ASN J 74 -12.81 -29.52 41.31
C ASN J 74 -12.53 -29.44 42.81
N ALA J 75 -13.53 -29.12 43.62
CA ALA J 75 -13.31 -29.06 45.07
C ALA J 75 -13.33 -30.45 45.70
N LYS J 76 -14.17 -31.35 45.19
CA LYS J 76 -14.31 -32.69 45.75
C LYS J 76 -13.41 -33.72 45.09
N ASN J 77 -12.57 -33.33 44.13
CA ASN J 77 -11.74 -34.26 43.35
C ASN J 77 -12.59 -35.36 42.73
N SER J 78 -13.73 -34.97 42.16
CA SER J 78 -14.73 -35.91 41.68
C SER J 78 -15.08 -35.59 40.23
N LEU J 79 -15.45 -36.62 39.48
CA LEU J 79 -15.88 -36.47 38.10
C LEU J 79 -17.16 -37.27 37.90
N TYR J 80 -18.20 -36.62 37.38
CA TYR J 80 -19.52 -37.21 37.25
C TYR J 80 -19.89 -37.38 35.78
N LEU J 81 -20.70 -38.41 35.51
CA LEU J 81 -21.22 -38.67 34.17
C LEU J 81 -22.69 -39.09 34.28
N GLN J 82 -23.59 -38.18 33.94
CA GLN J 82 -25.03 -38.47 33.96
C GLN J 82 -25.45 -39.08 32.62
N MET J 83 -26.12 -40.24 32.69
CA MET J 83 -26.52 -41.00 31.51
C MET J 83 -28.03 -41.14 31.49
N ASN J 84 -28.68 -40.56 30.48
CA ASN J 84 -30.11 -40.64 30.31
C ASN J 84 -30.43 -41.33 29.00
N SER J 85 -31.64 -41.88 28.92
CA SER J 85 -32.13 -42.55 27.71
C SER J 85 -31.14 -43.62 27.23
N LEU J 86 -30.73 -44.46 28.17
CA LEU J 86 -29.76 -45.51 27.86
C LEU J 86 -30.34 -46.51 26.85
N ARG J 87 -29.49 -46.93 25.90
CA ARG J 87 -29.85 -47.92 24.91
C ARG J 87 -28.99 -49.16 25.10
N ALA J 88 -29.42 -50.25 24.47
CA ALA J 88 -28.72 -51.52 24.62
C ALA J 88 -27.30 -51.47 24.09
N GLU J 89 -27.04 -50.65 23.07
CA GLU J 89 -25.68 -50.53 22.54
C GLU J 89 -24.73 -49.88 23.53
N ASP J 90 -25.24 -49.13 24.51
CA ASP J 90 -24.41 -48.55 25.55
C ASP J 90 -23.95 -49.56 26.60
N THR J 91 -24.47 -50.80 26.56
CA THR J 91 -24.06 -51.82 27.52
C THR J 91 -22.55 -52.05 27.42
N ALA J 92 -21.82 -51.64 28.44
CA ALA J 92 -20.37 -51.65 28.37
C ALA J 92 -19.80 -51.41 29.75
N VAL J 93 -18.52 -51.72 29.91
CA VAL J 93 -17.76 -51.33 31.09
C VAL J 93 -17.15 -49.95 30.83
N TYR J 94 -17.42 -49.02 31.73
CA TYR J 94 -17.05 -47.62 31.54
C TYR J 94 -15.83 -47.30 32.38
N TYR J 95 -14.77 -46.82 31.73
CA TYR J 95 -13.48 -46.57 32.38
C TYR J 95 -13.24 -45.08 32.56
N CYS J 96 -12.70 -44.72 33.70
CA CYS J 96 -12.30 -43.35 34.00
C CYS J 96 -10.82 -43.19 33.66
N ALA J 97 -10.51 -42.19 32.83
CA ALA J 97 -9.17 -42.05 32.28
C ALA J 97 -8.74 -40.60 32.28
N ARG J 98 -7.49 -40.36 32.69
CA ARG J 98 -6.91 -39.03 32.76
C ARG J 98 -6.07 -38.75 31.54
N LEU J 99 -6.21 -37.55 30.99
CA LEU J 99 -5.46 -37.15 29.81
C LEU J 99 -4.16 -36.51 30.28
N GLY J 100 -3.04 -37.16 29.99
CA GLY J 100 -1.74 -36.66 30.42
C GLY J 100 -1.31 -35.43 29.64
N TYR J 101 -0.19 -34.87 30.07
CA TYR J 101 0.37 -33.69 29.42
C TYR J 101 1.37 -34.12 28.34
N CYS J 102 1.32 -33.43 27.21
CA CYS J 102 2.32 -33.62 26.16
C CYS J 102 2.81 -32.27 25.67
N SER J 103 3.89 -32.32 24.90
CA SER J 103 4.46 -31.10 24.35
C SER J 103 3.49 -30.41 23.40
N GLY J 104 2.83 -31.17 22.53
CA GLY J 104 2.05 -30.54 21.49
C GLY J 104 0.76 -31.22 21.04
N GLY J 105 -0.17 -31.47 21.96
CA GLY J 105 -1.48 -31.94 21.58
C GLY J 105 -1.50 -33.42 21.23
N SER J 106 -2.71 -33.94 21.05
CA SER J 106 -2.93 -35.34 20.73
C SER J 106 -2.36 -36.27 21.81
N CYS J 107 -2.65 -35.95 23.06
CA CYS J 107 -2.09 -36.64 24.20
C CYS J 107 -2.63 -38.06 24.34
N HIS J 108 -2.05 -38.77 25.30
CA HIS J 108 -2.39 -40.13 25.66
C HIS J 108 -3.09 -40.14 27.01
N PHE J 109 -3.79 -41.23 27.30
CA PHE J 109 -4.43 -41.42 28.60
C PHE J 109 -3.45 -42.17 29.48
N ASP J 110 -2.81 -41.47 30.42
CA ASP J 110 -1.69 -42.07 31.14
C ASP J 110 -2.15 -42.98 32.28
N TYR J 111 -3.22 -42.63 32.97
CA TYR J 111 -3.70 -43.42 34.09
C TYR J 111 -5.18 -43.73 33.90
N TRP J 112 -5.55 -44.98 34.18
CA TRP J 112 -6.90 -45.47 34.02
C TRP J 112 -7.41 -46.06 35.33
N GLY J 113 -8.70 -45.88 35.60
CA GLY J 113 -9.34 -46.54 36.71
C GLY J 113 -9.63 -47.99 36.39
N GLN J 114 -10.34 -48.64 37.31
CA GLN J 114 -10.68 -50.05 37.14
C GLN J 114 -11.99 -50.22 36.41
N GLY J 115 -12.74 -49.14 36.20
CA GLY J 115 -13.96 -49.21 35.43
C GLY J 115 -15.17 -49.65 36.24
N THR J 116 -16.34 -49.21 35.83
CA THR J 116 -17.59 -49.65 36.42
C THR J 116 -18.46 -50.24 35.31
N LEU J 117 -19.21 -51.27 35.66
CA LEU J 117 -20.02 -51.99 34.69
C LEU J 117 -21.39 -51.33 34.55
N VAL J 118 -21.74 -51.00 33.31
CA VAL J 118 -23.05 -50.46 32.99
C VAL J 118 -23.72 -51.47 32.06
N THR J 119 -24.69 -52.21 32.60
CA THR J 119 -25.41 -53.23 31.87
C THR J 119 -26.84 -52.76 31.72
N VAL J 120 -27.31 -52.62 30.47
CA VAL J 120 -28.69 -52.29 30.20
C VAL J 120 -29.30 -53.44 29.42
N SER J 121 -30.38 -53.98 29.95
CA SER J 121 -31.13 -55.03 29.29
C SER J 121 -32.56 -55.08 29.84
N SER J 122 -33.47 -55.47 28.98
CA SER J 122 -34.85 -55.72 29.38
C SER J 122 -34.88 -57.17 29.87
N ALA J 123 -34.59 -57.35 31.16
CA ALA J 123 -34.45 -58.68 31.72
C ALA J 123 -35.04 -58.70 33.11
N SER J 124 -35.68 -59.81 33.44
CA SER J 124 -36.29 -60.03 34.74
C SER J 124 -35.75 -61.35 35.26
N THR J 125 -35.58 -61.44 36.57
CA THR J 125 -35.01 -62.64 37.15
C THR J 125 -35.87 -63.83 36.76
N LYS J 126 -35.22 -64.83 36.18
CA LYS J 126 -35.91 -66.02 35.70
C LYS J 126 -35.10 -67.25 36.06
N GLY J 127 -35.82 -68.33 36.29
CA GLY J 127 -35.21 -69.60 36.61
C GLY J 127 -34.83 -70.35 35.37
N PRO J 128 -33.97 -71.35 35.52
CA PRO J 128 -33.54 -72.12 34.35
C PRO J 128 -34.56 -73.16 33.92
N SER J 129 -34.42 -73.58 32.67
CA SER J 129 -35.17 -74.71 32.12
C SER J 129 -34.17 -75.83 31.84
N VAL J 130 -34.47 -77.02 32.33
CA VAL J 130 -33.49 -78.12 32.36
C VAL J 130 -33.94 -79.22 31.41
N PHE J 131 -32.99 -79.71 30.61
CA PHE J 131 -33.24 -80.76 29.64
C PHE J 131 -32.06 -81.73 29.72
N PRO J 132 -32.31 -83.04 29.79
CA PRO J 132 -31.21 -84.00 29.81
C PRO J 132 -30.61 -84.17 28.43
N LEU J 133 -29.39 -84.67 28.40
CA LEU J 133 -28.64 -84.91 27.16
C LEU J 133 -28.31 -86.40 27.10
N ALA J 134 -29.05 -87.14 26.27
CA ALA J 134 -28.98 -88.60 26.29
C ALA J 134 -27.65 -89.13 25.77
N PRO J 135 -27.11 -90.20 26.39
CA PRO J 135 -25.88 -90.83 25.91
C PRO J 135 -26.15 -91.96 24.93
N SER J 136 -25.09 -92.63 24.48
CA SER J 136 -25.18 -93.74 23.53
C SER J 136 -23.85 -94.48 23.57
N SER J 137 -23.81 -95.67 22.96
CA SER J 137 -22.56 -96.44 22.86
C SER J 137 -21.44 -95.52 22.39
N LYS J 138 -20.19 -95.87 22.67
CA LYS J 138 -19.11 -94.90 22.60
C LYS J 138 -18.43 -94.89 21.23
N SER J 139 -18.42 -93.72 20.60
CA SER J 139 -17.69 -93.52 19.36
C SER J 139 -16.32 -92.90 19.58
N THR J 140 -16.07 -92.33 20.76
CA THR J 140 -14.83 -91.63 21.05
C THR J 140 -13.77 -92.60 21.58
N SER J 141 -13.35 -92.38 22.82
CA SER J 141 -12.26 -93.15 23.42
C SER J 141 -12.82 -94.21 24.35
N GLY J 142 -11.93 -95.11 24.78
CA GLY J 142 -12.33 -96.35 25.45
C GLY J 142 -13.42 -96.28 26.49
N GLY J 143 -14.60 -96.76 26.13
CA GLY J 143 -15.73 -96.79 27.03
C GLY J 143 -16.28 -95.45 27.43
N THR J 144 -15.77 -94.35 26.90
CA THR J 144 -16.23 -93.03 27.31
C THR J 144 -17.42 -92.58 26.47
N ALA J 145 -18.46 -92.12 27.15
CA ALA J 145 -19.64 -91.57 26.53
C ALA J 145 -19.98 -90.27 27.23
N ALA J 146 -20.49 -89.30 26.47
CA ALA J 146 -20.80 -87.99 27.01
C ALA J 146 -22.30 -87.89 27.25
N LEU J 147 -22.69 -87.72 28.51
CA LEU J 147 -24.05 -87.41 28.88
C LEU J 147 -24.02 -86.15 29.74
N GLY J 148 -25.16 -85.48 29.80
CA GLY J 148 -25.24 -84.27 30.56
C GLY J 148 -26.65 -83.76 30.62
N CYS J 149 -26.77 -82.50 31.01
CA CYS J 149 -28.06 -81.84 31.02
C CYS J 149 -27.86 -80.38 30.66
N LEU J 150 -28.91 -79.78 30.09
CA LEU J 150 -28.85 -78.44 29.53
C LEU J 150 -29.61 -77.47 30.43
N VAL J 151 -28.97 -76.35 30.75
CA VAL J 151 -29.56 -75.27 31.54
C VAL J 151 -29.77 -74.10 30.59
N LYS J 152 -31.02 -73.84 30.21
CA LYS J 152 -31.34 -72.91 29.13
C LYS J 152 -32.20 -71.76 29.64
N ASP J 153 -31.97 -70.57 29.08
CA ASP J 153 -32.80 -69.39 29.29
C ASP J 153 -32.99 -69.05 30.77
N TYR J 154 -31.86 -68.83 31.43
CA TYR J 154 -31.84 -68.42 32.82
C TYR J 154 -31.18 -67.05 32.95
N PHE J 155 -31.51 -66.35 34.03
CA PHE J 155 -30.94 -65.03 34.26
C PHE J 155 -31.18 -64.61 35.70
N PRO J 156 -30.16 -64.05 36.37
CA PRO J 156 -28.84 -63.78 35.80
C PRO J 156 -27.80 -64.82 36.24
N GLU J 157 -26.53 -64.50 36.11
CA GLU J 157 -25.49 -65.37 36.64
C GLU J 157 -25.51 -65.31 38.17
N PRO J 158 -25.05 -66.37 38.84
CA PRO J 158 -24.53 -67.64 38.31
C PRO J 158 -25.49 -68.81 38.46
N VAL J 159 -25.08 -69.97 37.95
CA VAL J 159 -25.80 -71.23 38.16
C VAL J 159 -24.78 -72.29 38.57
N THR J 160 -25.08 -73.01 39.65
CA THR J 160 -24.25 -74.10 40.13
C THR J 160 -24.91 -75.43 39.77
N VAL J 161 -24.13 -76.35 39.21
CA VAL J 161 -24.62 -77.64 38.75
C VAL J 161 -23.76 -78.73 39.36
N SER J 162 -24.39 -79.67 40.06
CA SER J 162 -23.73 -80.85 40.61
C SER J 162 -24.36 -82.09 39.98
N TRP J 163 -23.81 -83.26 40.31
CA TRP J 163 -24.27 -84.51 39.76
C TRP J 163 -24.43 -85.54 40.86
N ASN J 164 -25.63 -86.14 40.94
CA ASN J 164 -25.94 -87.19 41.91
C ASN J 164 -25.67 -86.75 43.34
N SER J 165 -26.07 -85.52 43.67
CA SER J 165 -25.88 -84.95 45.00
C SER J 165 -24.41 -84.92 45.41
N GLY J 166 -23.52 -84.68 44.45
CA GLY J 166 -22.11 -84.55 44.75
C GLY J 166 -21.35 -85.86 44.82
N ALA J 167 -22.01 -87.00 44.63
CA ALA J 167 -21.31 -88.28 44.68
C ALA J 167 -20.38 -88.47 43.48
N LEU J 168 -20.63 -87.74 42.40
CA LEU J 168 -19.85 -87.82 41.17
C LEU J 168 -19.06 -86.53 40.99
N THR J 169 -17.73 -86.65 40.92
CA THR J 169 -16.87 -85.49 40.77
C THR J 169 -15.87 -85.70 39.63
N SER J 170 -15.51 -86.96 39.38
CA SER J 170 -14.52 -87.29 38.37
C SER J 170 -15.15 -87.21 36.98
N GLY J 171 -14.50 -86.47 36.08
CA GLY J 171 -14.97 -86.38 34.72
C GLY J 171 -16.07 -85.37 34.47
N VAL J 172 -16.25 -84.40 35.36
CA VAL J 172 -17.29 -83.40 35.20
C VAL J 172 -16.70 -82.20 34.46
N HIS J 173 -17.44 -81.71 33.47
CA HIS J 173 -17.03 -80.53 32.70
C HIS J 173 -18.22 -79.60 32.61
N THR J 174 -18.17 -78.48 33.33
CA THR J 174 -19.18 -77.44 33.24
C THR J 174 -18.65 -76.32 32.36
N PHE J 175 -19.40 -75.97 31.36
CA PHE J 175 -18.99 -75.04 30.32
C PHE J 175 -19.42 -73.61 30.66
N PRO J 176 -18.67 -72.62 30.20
CA PRO J 176 -19.12 -71.24 30.36
C PRO J 176 -20.45 -71.03 29.67
N ALA J 177 -21.27 -70.16 30.25
CA ALA J 177 -22.59 -69.91 29.74
C ALA J 177 -22.54 -68.93 28.57
N VAL J 178 -23.40 -69.14 27.59
CA VAL J 178 -23.52 -68.21 26.47
C VAL J 178 -24.59 -67.18 26.84
N LEU J 179 -24.38 -65.94 26.40
CA LEU J 179 -25.40 -64.89 26.53
C LEU J 179 -26.11 -64.80 25.18
N GLN J 180 -27.30 -65.39 25.11
CA GLN J 180 -28.05 -65.38 23.87
C GLN J 180 -28.52 -63.96 23.53
N SER J 181 -28.88 -63.77 22.26
CA SER J 181 -29.30 -62.45 21.79
C SER J 181 -30.52 -61.94 22.54
N SER J 182 -31.28 -62.84 23.17
CA SER J 182 -32.44 -62.43 23.95
C SER J 182 -32.04 -61.72 25.22
N GLY J 183 -30.80 -61.90 25.66
CA GLY J 183 -30.37 -61.35 26.92
C GLY J 183 -30.43 -62.33 28.06
N LEU J 184 -30.51 -63.63 27.76
CA LEU J 184 -30.56 -64.66 28.78
C LEU J 184 -29.36 -65.60 28.63
N TYR J 185 -28.88 -66.10 29.78
CA TYR J 185 -27.75 -67.00 29.82
C TYR J 185 -28.19 -68.45 29.64
N SER J 186 -27.26 -69.27 29.12
CA SER J 186 -27.51 -70.69 28.93
C SER J 186 -26.19 -71.42 28.89
N LEU J 187 -26.03 -72.44 29.75
CA LEU J 187 -24.82 -73.24 29.81
C LEU J 187 -25.19 -74.72 29.83
N SER J 188 -24.20 -75.56 29.62
CA SER J 188 -24.38 -77.01 29.68
C SER J 188 -23.34 -77.61 30.61
N SER J 189 -23.63 -78.82 31.08
CA SER J 189 -22.73 -79.52 31.99
C SER J 189 -22.82 -81.01 31.69
N VAL J 190 -21.69 -81.60 31.28
CA VAL J 190 -21.63 -82.99 30.86
C VAL J 190 -20.62 -83.75 31.70
N VAL J 191 -20.81 -85.06 31.78
CA VAL J 191 -19.93 -85.95 32.51
C VAL J 191 -19.60 -87.14 31.62
N THR J 192 -18.32 -87.50 31.58
CA THR J 192 -17.86 -88.66 30.82
C THR J 192 -17.85 -89.88 31.73
N VAL J 193 -18.51 -90.94 31.28
CA VAL J 193 -18.72 -92.14 32.09
C VAL J 193 -18.46 -93.37 31.25
N PRO J 194 -18.23 -94.52 31.91
CA PRO J 194 -18.01 -95.76 31.15
C PRO J 194 -19.28 -96.22 30.42
N SER J 195 -19.06 -96.91 29.30
CA SER J 195 -20.19 -97.40 28.51
C SER J 195 -21.05 -98.37 29.29
N SER J 196 -20.42 -99.18 30.16
CA SER J 196 -21.15 -100.21 30.88
C SER J 196 -22.14 -99.63 31.88
N SER J 197 -21.86 -98.44 32.41
CA SER J 197 -22.67 -97.88 33.49
C SER J 197 -23.93 -97.18 33.01
N LEU J 198 -24.17 -97.07 31.70
CA LEU J 198 -25.35 -96.36 31.22
C LEU J 198 -26.63 -97.05 31.65
N GLY J 199 -26.68 -98.38 31.54
CA GLY J 199 -27.85 -99.13 31.94
C GLY J 199 -27.92 -99.49 33.40
N THR J 200 -26.90 -99.12 34.19
CA THR J 200 -26.83 -99.49 35.60
C THR J 200 -27.02 -98.23 36.48
N GLN J 201 -26.05 -97.33 36.47
CA GLN J 201 -26.07 -96.21 37.40
C GLN J 201 -27.09 -95.16 36.98
N THR J 202 -27.84 -94.67 37.97
CA THR J 202 -28.80 -93.59 37.74
C THR J 202 -28.06 -92.26 37.80
N TYR J 203 -28.29 -91.40 36.81
CA TYR J 203 -27.59 -90.14 36.68
C TYR J 203 -28.58 -88.99 36.75
N ILE J 204 -28.47 -88.16 37.79
CA ILE J 204 -29.34 -87.02 38.02
C ILE J 204 -28.46 -85.79 38.23
N CYS J 205 -28.71 -84.73 37.47
CA CYS J 205 -27.99 -83.48 37.62
C CYS J 205 -28.81 -82.51 38.48
N ASN J 206 -28.13 -81.82 39.40
CA ASN J 206 -28.74 -80.89 40.34
C ASN J 206 -28.36 -79.47 39.95
N VAL J 207 -29.31 -78.70 39.46
CA VAL J 207 -29.11 -77.30 39.08
C VAL J 207 -29.61 -76.42 40.20
N ASN J 208 -28.81 -75.44 40.60
CA ASN J 208 -29.17 -74.48 41.63
C ASN J 208 -28.94 -73.08 41.08
N HIS J 209 -30.01 -72.28 41.03
CA HIS J 209 -29.96 -70.89 40.57
C HIS J 209 -30.47 -70.02 41.70
N LYS J 210 -29.55 -69.55 42.54
CA LYS J 210 -29.95 -68.82 43.75
C LYS J 210 -30.73 -67.54 43.51
N PRO J 211 -30.52 -66.77 42.43
CA PRO J 211 -31.37 -65.59 42.21
C PRO J 211 -32.86 -65.88 42.19
N SER J 212 -33.29 -67.07 41.80
CA SER J 212 -34.70 -67.39 41.76
C SER J 212 -35.11 -68.42 42.81
N ASN J 213 -34.18 -68.84 43.67
CA ASN J 213 -34.44 -69.90 44.66
C ASN J 213 -35.04 -71.13 43.98
N THR J 214 -34.48 -71.49 42.83
CA THR J 214 -34.95 -72.59 42.02
C THR J 214 -33.90 -73.68 41.97
N LYS J 215 -34.25 -74.86 42.47
CA LYS J 215 -33.40 -76.05 42.39
C LYS J 215 -34.19 -77.15 41.70
N VAL J 216 -33.65 -77.66 40.60
CA VAL J 216 -34.31 -78.63 39.76
C VAL J 216 -33.36 -79.81 39.54
N ASP J 217 -33.90 -81.02 39.67
CA ASP J 217 -33.14 -82.25 39.44
C ASP J 217 -33.71 -82.96 38.22
N LYS J 218 -32.82 -83.37 37.31
CA LYS J 218 -33.22 -83.94 36.03
C LYS J 218 -32.49 -85.26 35.84
N LYS J 219 -33.25 -86.35 35.72
CA LYS J 219 -32.66 -87.65 35.44
C LYS J 219 -32.29 -87.77 33.96
N VAL J 220 -31.11 -88.34 33.70
CA VAL J 220 -30.61 -88.50 32.34
C VAL J 220 -30.49 -89.99 32.05
N GLU J 221 -31.37 -90.51 31.22
CA GLU J 221 -31.39 -91.89 30.78
C GLU J 221 -31.00 -91.97 29.31
N PRO J 222 -30.49 -93.12 28.86
CA PRO J 222 -30.10 -93.24 27.45
C PRO J 222 -31.33 -93.19 26.53
N LYS J 223 -31.06 -92.93 25.25
CA LYS J 223 -32.14 -92.91 24.26
C LYS J 223 -32.01 -94.08 23.28
N GLU K 1 1.71 30.71 52.12
CA GLU K 1 3.05 31.28 52.15
C GLU K 1 3.36 31.97 50.83
N VAL K 2 2.59 31.61 49.79
CA VAL K 2 2.73 32.27 48.49
C VAL K 2 2.38 33.74 48.59
N GLN K 3 3.19 34.59 47.96
CA GLN K 3 3.01 36.03 48.02
C GLN K 3 3.13 36.64 46.63
N LEU K 4 2.39 37.74 46.41
CA LEU K 4 2.44 38.51 45.17
C LEU K 4 2.38 39.99 45.48
N VAL K 5 3.23 40.78 44.82
CA VAL K 5 3.38 42.20 45.09
C VAL K 5 3.26 42.97 43.78
N GLU K 6 2.14 43.67 43.60
CA GLU K 6 1.93 44.52 42.44
C GLU K 6 2.47 45.94 42.69
N SER K 7 2.75 46.64 41.60
CA SER K 7 3.29 47.99 41.67
C SER K 7 3.15 48.65 40.30
N GLY K 8 3.42 49.95 40.25
CA GLY K 8 3.45 50.70 39.03
C GLY K 8 2.18 51.44 38.68
N GLY K 9 1.04 51.08 39.26
CA GLY K 9 -0.20 51.75 38.93
C GLY K 9 -0.22 53.19 39.40
N GLY K 10 -1.16 53.94 38.82
CA GLY K 10 -1.31 55.34 39.19
C GLY K 10 -2.15 56.09 38.16
N LEU K 11 -1.80 57.36 37.99
CA LEU K 11 -2.48 58.26 37.07
C LEU K 11 -1.66 58.39 35.79
N VAL K 12 -2.34 58.38 34.64
CA VAL K 12 -1.68 58.50 33.35
C VAL K 12 -2.68 59.06 32.34
N LYS K 13 -2.14 59.79 31.33
CA LYS K 13 -2.99 60.36 30.30
C LYS K 13 -3.34 59.32 29.25
N PRO K 14 -4.46 59.48 28.56
CA PRO K 14 -4.77 58.57 27.44
C PRO K 14 -3.65 58.59 26.43
N GLY K 15 -3.22 57.39 26.01
CA GLY K 15 -2.08 57.25 25.13
C GLY K 15 -0.76 57.06 25.83
N GLY K 16 -0.70 57.28 27.14
CA GLY K 16 0.53 57.14 27.90
C GLY K 16 0.89 55.69 28.14
N SER K 17 1.97 55.50 28.90
CA SER K 17 2.53 54.19 29.13
C SER K 17 2.73 53.93 30.62
N LEU K 18 2.69 52.65 30.98
CA LEU K 18 2.94 52.20 32.35
C LEU K 18 3.49 50.80 32.30
N ARG K 19 4.49 50.52 33.15
CA ARG K 19 5.07 49.19 33.28
C ARG K 19 4.76 48.69 34.68
N LEU K 20 3.95 47.64 34.77
CA LEU K 20 3.54 47.08 36.05
C LEU K 20 4.46 45.92 36.43
N SER K 21 4.75 45.81 37.72
CA SER K 21 5.62 44.77 38.23
C SER K 21 4.89 43.94 39.28
N CYS K 22 5.07 42.62 39.21
CA CYS K 22 4.50 41.69 40.19
C CYS K 22 5.62 40.79 40.69
N ALA K 23 5.98 40.92 41.97
CA ALA K 23 7.04 40.14 42.59
C ALA K 23 6.43 39.05 43.47
N ALA K 24 6.89 37.81 43.25
CA ALA K 24 6.43 36.66 44.01
C ALA K 24 7.53 36.17 44.95
N SER K 25 7.12 35.34 45.92
CA SER K 25 8.06 34.83 46.91
C SER K 25 7.40 33.68 47.65
N GLY K 26 8.25 32.81 48.21
CA GLY K 26 7.80 31.74 49.07
C GLY K 26 7.66 30.40 48.39
N PHE K 27 7.82 30.35 47.08
CA PHE K 27 7.63 29.11 46.32
C PHE K 27 8.53 29.16 45.08
N THR K 28 8.48 28.08 44.31
CA THR K 28 9.27 27.96 43.09
C THR K 28 8.55 28.70 41.97
N PHE K 29 9.02 29.92 41.66
CA PHE K 29 8.33 30.77 40.71
C PHE K 29 8.38 30.20 39.30
N SER K 30 9.58 29.82 38.85
CA SER K 30 9.78 29.38 37.47
C SER K 30 9.04 28.11 37.13
N SER K 31 8.12 27.61 37.96
CA SER K 31 7.39 26.39 37.64
C SER K 31 5.98 26.64 37.17
N TYR K 32 5.45 27.85 37.34
CA TYR K 32 4.05 28.13 37.11
C TYR K 32 3.87 29.13 35.98
N SER K 33 2.74 29.01 35.29
CA SER K 33 2.33 30.02 34.33
C SER K 33 1.64 31.16 35.06
N MET K 34 1.82 32.39 34.56
CA MET K 34 1.29 33.59 35.19
C MET K 34 0.31 34.31 34.28
N ASN K 35 -0.60 35.06 34.90
CA ASN K 35 -1.66 35.75 34.18
C ASN K 35 -1.94 37.08 34.84
N TRP K 36 -2.43 38.03 34.04
CA TRP K 36 -2.96 39.29 34.55
C TRP K 36 -4.47 39.30 34.36
N VAL K 37 -5.19 39.65 35.42
CA VAL K 37 -6.64 39.77 35.39
C VAL K 37 -7.01 41.13 35.96
N ARG K 38 -7.84 41.88 35.23
CA ARG K 38 -8.18 43.24 35.63
C ARG K 38 -9.67 43.37 35.93
N GLN K 39 -10.02 44.52 36.51
CA GLN K 39 -11.41 44.79 36.89
C GLN K 39 -11.59 46.30 37.00
N ALA K 40 -12.38 46.86 36.10
CA ALA K 40 -12.76 48.26 36.21
C ALA K 40 -13.68 48.43 37.42
N PRO K 41 -13.71 49.64 38.02
CA PRO K 41 -14.51 49.82 39.24
C PRO K 41 -15.97 49.44 39.01
N GLY K 42 -16.48 48.58 39.89
CA GLY K 42 -17.86 48.12 39.78
C GLY K 42 -18.16 47.18 38.64
N LYS K 43 -17.14 46.67 37.96
CA LYS K 43 -17.31 45.78 36.83
C LYS K 43 -16.85 44.37 37.21
N GLY K 44 -16.98 43.45 36.25
CA GLY K 44 -16.56 42.08 36.42
C GLY K 44 -15.06 41.92 36.22
N LEU K 45 -14.64 40.67 36.17
CA LEU K 45 -13.24 40.35 35.93
C LEU K 45 -13.00 40.09 34.46
N GLU K 46 -11.83 40.51 33.98
CA GLU K 46 -11.43 40.36 32.59
C GLU K 46 -10.03 39.77 32.54
N TRP K 47 -9.87 38.67 31.81
CA TRP K 47 -8.53 38.13 31.60
C TRP K 47 -7.76 39.06 30.67
N VAL K 48 -6.49 39.28 30.98
CA VAL K 48 -5.69 40.24 30.22
C VAL K 48 -4.64 39.52 29.40
N SER K 49 -3.66 38.91 30.06
CA SER K 49 -2.55 38.31 29.34
C SER K 49 -2.09 37.05 30.08
N SER K 50 -1.58 36.10 29.31
CA SER K 50 -1.01 34.88 29.85
C SER K 50 0.45 34.76 29.44
N ILE K 51 1.21 34.04 30.24
CA ILE K 51 2.61 33.77 29.95
C ILE K 51 2.97 32.42 30.53
N SER K 52 3.60 31.56 29.74
CA SER K 52 3.95 30.24 30.23
C SER K 52 5.03 30.36 31.32
N SER K 53 5.39 29.22 31.90
CA SER K 53 6.35 29.24 33.00
C SER K 53 7.76 29.55 32.54
N SER K 54 8.06 29.45 31.24
CA SER K 54 9.38 29.79 30.72
C SER K 54 9.29 30.82 29.59
N SER K 55 8.22 31.62 29.57
CA SER K 55 7.96 32.69 28.61
C SER K 55 7.74 32.21 27.19
N SER K 56 7.65 30.89 26.96
CA SER K 56 7.56 30.35 25.60
C SER K 56 6.18 30.49 24.99
N TYR K 57 5.14 30.73 25.80
CA TYR K 57 3.77 30.87 25.31
C TYR K 57 3.15 32.11 25.92
N ILE K 58 2.68 33.01 25.07
CA ILE K 58 2.13 34.30 25.48
C ILE K 58 0.84 34.55 24.71
N TYR K 59 -0.20 35.02 25.42
CA TYR K 59 -1.47 35.31 24.79
C TYR K 59 -2.07 36.58 25.39
N TYR K 60 -2.78 37.33 24.55
CA TYR K 60 -3.44 38.56 24.97
C TYR K 60 -4.93 38.48 24.66
N ALA K 61 -5.73 39.15 25.49
CA ALA K 61 -7.16 39.26 25.23
C ALA K 61 -7.42 40.11 23.99
N ASP K 62 -8.44 39.73 23.22
CA ASP K 62 -8.71 40.41 21.95
C ASP K 62 -8.94 41.91 22.13
N SER K 63 -9.25 42.36 23.34
CA SER K 63 -9.44 43.79 23.57
C SER K 63 -8.13 44.57 23.61
N VAL K 64 -7.02 43.92 23.91
CA VAL K 64 -5.78 44.63 24.23
C VAL K 64 -4.58 44.10 23.46
N LYS K 65 -4.81 43.23 22.48
CA LYS K 65 -3.71 42.72 21.68
C LYS K 65 -3.02 43.85 20.92
N GLY K 66 -1.70 43.74 20.79
CA GLY K 66 -0.92 44.75 20.11
C GLY K 66 -0.60 45.98 20.93
N ARG K 67 -1.35 46.22 22.01
CA ARG K 67 -1.15 47.38 22.87
C ARG K 67 -0.41 47.06 24.15
N PHE K 68 -0.55 45.84 24.66
CA PHE K 68 0.11 45.41 25.90
C PHE K 68 1.19 44.40 25.57
N THR K 69 2.27 44.44 26.35
CA THR K 69 3.39 43.54 26.20
C THR K 69 3.69 42.90 27.55
N ILE K 70 3.46 41.61 27.65
CA ILE K 70 3.74 40.86 28.88
C ILE K 70 5.15 40.28 28.79
N SER K 71 5.81 40.20 29.93
CA SER K 71 7.14 39.63 30.00
C SER K 71 7.36 39.13 31.42
N ARG K 72 8.37 38.28 31.60
CA ARG K 72 8.71 37.80 32.94
C ARG K 72 10.21 37.62 33.04
N ASP K 73 10.71 37.70 34.28
CA ASP K 73 12.13 37.53 34.58
C ASP K 73 12.21 36.49 35.70
N ASN K 74 12.52 35.24 35.33
CA ASN K 74 12.52 34.15 36.31
C ASN K 74 13.62 34.27 37.34
N ALA K 75 14.64 35.09 37.08
CA ALA K 75 15.71 35.27 38.04
C ALA K 75 15.30 36.21 39.17
N LYS K 76 14.48 37.20 38.86
CA LYS K 76 14.05 38.20 39.82
C LYS K 76 12.76 37.81 40.53
N ASN K 77 12.20 36.64 40.23
CA ASN K 77 10.87 36.25 40.72
C ASN K 77 9.87 37.35 40.38
N SER K 78 9.97 37.88 39.17
CA SER K 78 9.25 39.08 38.78
C SER K 78 8.48 38.84 37.49
N LEU K 79 7.35 39.52 37.36
CA LEU K 79 6.50 39.46 36.18
C LEU K 79 6.13 40.88 35.78
N TYR K 80 6.33 41.20 34.50
CA TYR K 80 6.12 42.55 34.01
C TYR K 80 4.94 42.59 33.04
N LEU K 81 4.28 43.74 33.00
CA LEU K 81 3.20 43.99 32.04
C LEU K 81 3.37 45.41 31.51
N GLN K 82 3.88 45.53 30.29
CA GLN K 82 4.07 46.81 29.63
C GLN K 82 2.78 47.22 28.93
N MET K 83 2.33 48.44 29.20
CA MET K 83 1.06 48.94 28.67
C MET K 83 1.31 50.17 27.83
N ASN K 84 1.01 50.08 26.54
CA ASN K 84 1.19 51.17 25.60
C ASN K 84 -0.17 51.55 25.00
N SER K 85 -0.24 52.79 24.50
CA SER K 85 -1.44 53.32 23.87
C SER K 85 -2.65 53.14 24.78
N LEU K 86 -2.47 53.46 26.06
CA LEU K 86 -3.53 53.28 27.04
C LEU K 86 -4.74 54.15 26.71
N ARG K 87 -5.92 53.59 26.86
CA ARG K 87 -7.17 54.30 26.63
C ARG K 87 -7.94 54.37 27.94
N ALA K 88 -8.91 55.29 27.99
CA ALA K 88 -9.69 55.49 29.20
C ALA K 88 -10.47 54.24 29.58
N GLU K 89 -10.85 53.43 28.59
CA GLU K 89 -11.57 52.20 28.87
C GLU K 89 -10.71 51.20 29.63
N ASP K 90 -9.39 51.34 29.60
CA ASP K 90 -8.51 50.46 30.35
C ASP K 90 -8.52 50.74 31.85
N THR K 91 -9.19 51.80 32.30
CA THR K 91 -9.22 52.15 33.72
C THR K 91 -9.77 51.00 34.55
N ALA K 92 -8.90 50.38 35.35
CA ALA K 92 -9.25 49.16 36.05
C ALA K 92 -8.22 48.89 37.15
N VAL K 93 -8.60 48.01 38.08
CA VAL K 93 -7.70 47.46 39.07
C VAL K 93 -7.07 46.21 38.49
N TYR K 94 -5.74 46.15 38.51
CA TYR K 94 -5.00 45.08 37.84
C TYR K 94 -4.49 44.08 38.87
N TYR K 95 -4.89 42.83 38.72
CA TYR K 95 -4.59 41.76 39.67
C TYR K 95 -3.54 40.83 39.08
N CYS K 96 -2.58 40.43 39.90
CA CYS K 96 -1.56 39.46 39.53
C CYS K 96 -2.01 38.09 40.05
N ALA K 97 -2.05 37.11 39.16
CA ALA K 97 -2.65 35.82 39.49
C ALA K 97 -1.84 34.67 38.89
N ARG K 98 -1.65 33.63 39.69
CA ARG K 98 -0.87 32.46 39.29
C ARG K 98 -1.81 31.35 38.84
N LEU K 99 -1.42 30.65 37.77
CA LEU K 99 -2.20 29.55 37.22
C LEU K 99 -1.83 28.26 37.93
N GLY K 100 -2.78 27.73 38.70
CA GLY K 100 -2.51 26.51 39.44
C GLY K 100 -2.45 25.29 38.55
N TYR K 101 -2.03 24.18 39.15
CA TYR K 101 -1.92 22.91 38.44
C TYR K 101 -3.18 22.10 38.61
N CYS K 102 -3.69 21.55 37.51
CA CYS K 102 -4.75 20.57 37.56
C CYS K 102 -4.40 19.46 36.57
N SER K 103 -5.16 18.37 36.65
CA SER K 103 -4.86 17.18 35.86
C SER K 103 -4.97 17.42 34.36
N GLY K 104 -6.02 18.11 33.89
CA GLY K 104 -6.29 18.12 32.47
C GLY K 104 -6.78 19.40 31.81
N GLY K 105 -5.99 20.46 31.93
CA GLY K 105 -6.24 21.68 31.19
C GLY K 105 -7.33 22.55 31.79
N SER K 106 -7.39 23.79 31.29
CA SER K 106 -8.33 24.80 31.77
C SER K 106 -8.19 25.02 33.28
N CYS K 107 -6.94 25.13 33.74
CA CYS K 107 -6.72 25.13 35.18
C CYS K 107 -7.25 26.42 35.81
N HIS K 108 -7.18 26.46 37.13
CA HIS K 108 -7.68 27.57 37.93
C HIS K 108 -6.53 28.41 38.46
N PHE K 109 -6.87 29.63 38.87
CA PHE K 109 -5.91 30.55 39.49
C PHE K 109 -5.96 30.35 40.99
N ASP K 110 -4.94 29.71 41.54
CA ASP K 110 -4.98 29.30 42.95
C ASP K 110 -4.66 30.44 43.89
N TYR K 111 -3.75 31.33 43.50
CA TYR K 111 -3.35 32.44 44.35
C TYR K 111 -3.40 33.73 43.57
N TRP K 112 -3.91 34.78 44.22
CA TRP K 112 -4.10 36.10 43.63
C TRP K 112 -3.37 37.14 44.46
N GLY K 113 -2.81 38.14 43.78
CA GLY K 113 -2.23 39.28 44.46
C GLY K 113 -3.31 40.24 44.95
N GLN K 114 -2.85 41.37 45.47
CA GLN K 114 -3.76 42.36 46.02
C GLN K 114 -4.15 43.45 45.03
N GLY K 115 -3.49 43.52 43.87
CA GLY K 115 -3.89 44.44 42.83
C GLY K 115 -3.38 45.86 42.97
N THR K 116 -3.17 46.53 41.84
CA THR K 116 -2.80 47.93 41.80
C THR K 116 -3.80 48.69 40.92
N LEU K 117 -4.10 49.93 41.30
CA LEU K 117 -5.07 50.74 40.58
C LEU K 117 -4.37 51.52 39.47
N VAL K 118 -4.91 51.42 38.26
CA VAL K 118 -4.43 52.18 37.11
C VAL K 118 -5.56 53.08 36.65
N THR K 119 -5.38 54.39 36.84
CA THR K 119 -6.39 55.40 36.48
C THR K 119 -5.86 56.19 35.29
N VAL K 120 -6.58 56.12 34.17
CA VAL K 120 -6.26 56.86 32.96
C VAL K 120 -7.48 57.69 32.56
N SER K 121 -7.29 59.00 32.43
CA SER K 121 -8.33 59.91 31.97
C SER K 121 -7.65 61.16 31.43
N SER K 122 -8.31 61.83 30.49
CA SER K 122 -7.82 63.13 30.01
C SER K 122 -8.34 64.17 30.99
N ALA K 123 -7.60 64.31 32.08
CA ALA K 123 -7.95 65.18 33.19
C ALA K 123 -6.67 65.72 33.79
N SER K 124 -6.74 66.96 34.23
CA SER K 124 -5.62 67.63 34.86
C SER K 124 -6.11 68.23 36.16
N THR K 125 -5.23 68.34 37.13
CA THR K 125 -5.63 68.83 38.43
C THR K 125 -6.26 70.21 38.36
N LYS K 126 -7.48 70.33 38.91
CA LYS K 126 -8.22 71.57 38.97
C LYS K 126 -8.86 71.67 40.35
N GLY K 127 -9.15 72.90 40.78
CA GLY K 127 -9.74 73.11 42.08
C GLY K 127 -11.25 72.96 42.06
N PRO K 128 -11.83 72.79 43.25
CA PRO K 128 -13.28 72.59 43.34
C PRO K 128 -14.04 73.90 43.18
N SER K 129 -15.33 73.75 42.86
CA SER K 129 -16.27 74.84 42.79
C SER K 129 -17.31 74.64 43.88
N VAL K 130 -17.54 75.68 44.69
CA VAL K 130 -18.35 75.60 45.90
C VAL K 130 -19.61 76.44 45.72
N PHE K 131 -20.76 75.87 46.09
CA PHE K 131 -22.05 76.56 46.00
C PHE K 131 -22.84 76.26 47.27
N PRO K 132 -23.44 77.26 47.91
CA PRO K 132 -24.23 77.00 49.12
C PRO K 132 -25.61 76.47 48.79
N LEU K 133 -26.21 75.80 49.76
CA LEU K 133 -27.56 75.24 49.62
C LEU K 133 -28.47 75.82 50.70
N ALA K 134 -29.31 76.78 50.34
CA ALA K 134 -30.16 77.43 51.31
C ALA K 134 -31.22 76.45 51.80
N PRO K 135 -31.60 76.49 53.07
CA PRO K 135 -32.54 75.52 53.60
C PRO K 135 -33.99 75.94 53.37
N SER K 136 -34.90 75.04 53.73
CA SER K 136 -36.33 75.32 53.62
C SER K 136 -37.10 74.26 54.40
N SER K 137 -38.32 74.64 54.80
CA SER K 137 -39.25 73.74 55.47
C SER K 137 -39.88 72.73 54.52
N LYS K 138 -39.07 72.07 53.68
CA LYS K 138 -39.65 71.26 52.62
C LYS K 138 -39.73 69.78 52.98
N SER K 139 -38.63 69.06 52.82
CA SER K 139 -38.59 67.64 53.11
C SER K 139 -38.19 67.33 54.55
N THR K 140 -37.74 68.34 55.30
CA THR K 140 -37.28 68.08 56.65
C THR K 140 -38.46 68.01 57.61
N SER K 141 -38.16 67.98 58.90
CA SER K 141 -39.17 67.78 59.94
C SER K 141 -39.46 69.08 60.68
N GLY K 142 -40.44 69.01 61.59
CA GLY K 142 -40.96 70.14 62.33
C GLY K 142 -39.89 71.01 62.94
N GLY K 143 -39.73 72.22 62.41
CA GLY K 143 -38.69 73.12 62.86
C GLY K 143 -37.28 72.71 62.51
N THR K 144 -37.10 71.59 61.82
CA THR K 144 -35.80 71.15 61.34
C THR K 144 -35.62 71.61 59.90
N ALA K 145 -34.44 72.15 59.58
CA ALA K 145 -34.13 72.55 58.22
C ALA K 145 -32.78 71.99 57.80
N ALA K 146 -32.68 71.59 56.54
CA ALA K 146 -31.45 71.02 55.99
C ALA K 146 -30.79 72.06 55.09
N LEU K 147 -29.57 72.44 55.45
CA LEU K 147 -28.74 73.30 54.61
C LEU K 147 -27.41 72.62 54.35
N GLY K 148 -26.73 73.06 53.30
CA GLY K 148 -25.45 72.47 52.96
C GLY K 148 -24.76 73.26 51.87
N CYS K 149 -23.74 72.64 51.30
CA CYS K 149 -23.00 73.25 50.21
C CYS K 149 -22.50 72.17 49.25
N LEU K 150 -22.31 72.56 47.99
CA LEU K 150 -21.98 71.65 46.91
C LEU K 150 -20.54 71.84 46.48
N VAL K 151 -19.81 70.73 46.33
CA VAL K 151 -18.43 70.74 45.86
C VAL K 151 -18.43 70.15 44.45
N LYS K 152 -18.24 71.00 43.45
CA LYS K 152 -18.44 70.63 42.05
C LYS K 152 -17.14 70.74 41.26
N ASP K 153 -16.95 69.81 40.34
CA ASP K 153 -15.90 69.86 39.32
C ASP K 153 -14.50 70.03 39.93
N TYR K 154 -14.12 69.09 40.78
CA TYR K 154 -12.78 69.05 41.35
C TYR K 154 -12.09 67.77 40.91
N PHE K 155 -10.76 67.81 40.86
CA PHE K 155 -9.96 66.65 40.46
C PHE K 155 -8.51 66.90 40.84
N PRO K 156 -7.82 65.91 41.42
CA PRO K 156 -8.40 64.59 41.69
C PRO K 156 -8.84 64.43 43.13
N GLU K 157 -9.05 63.18 43.53
CA GLU K 157 -9.37 62.89 44.92
C GLU K 157 -8.12 63.09 45.79
N PRO K 158 -8.30 63.39 47.09
CA PRO K 158 -9.58 63.61 47.78
C PRO K 158 -9.87 65.07 48.11
N VAL K 159 -11.05 65.30 48.70
CA VAL K 159 -11.46 66.60 49.22
C VAL K 159 -12.00 66.37 50.63
N THR K 160 -11.53 67.18 51.58
CA THR K 160 -11.99 67.13 52.96
C THR K 160 -12.95 68.27 53.22
N VAL K 161 -14.09 67.97 53.84
CA VAL K 161 -15.13 68.96 54.10
C VAL K 161 -15.48 68.93 55.58
N SER K 162 -15.35 70.06 56.24
CA SER K 162 -15.78 70.28 57.62
C SER K 162 -16.80 71.42 57.65
N TRP K 163 -17.30 71.72 58.84
CA TRP K 163 -18.34 72.73 59.02
C TRP K 163 -17.98 73.70 60.13
N ASN K 164 -18.00 75.00 59.80
CA ASN K 164 -17.73 76.08 60.76
C ASN K 164 -16.37 75.89 61.43
N SER K 165 -15.37 75.52 60.63
CA SER K 165 -14.02 75.24 61.14
C SER K 165 -14.08 74.18 62.23
N GLY K 166 -15.00 73.23 62.09
CA GLY K 166 -15.19 72.17 63.05
C GLY K 166 -16.10 72.50 64.21
N ALA K 167 -16.68 73.70 64.25
CA ALA K 167 -17.53 74.06 65.38
C ALA K 167 -18.85 73.31 65.39
N LEU K 168 -19.34 72.89 64.22
CA LEU K 168 -20.57 72.11 64.12
C LEU K 168 -20.24 70.75 63.54
N THR K 169 -20.56 69.68 64.29
CA THR K 169 -20.25 68.33 63.84
C THR K 169 -21.45 67.39 63.94
N SER K 170 -22.39 67.69 64.84
CA SER K 170 -23.49 66.77 65.09
C SER K 170 -24.52 66.82 63.96
N GLY K 171 -24.83 65.65 63.40
CA GLY K 171 -25.83 65.54 62.36
C GLY K 171 -25.32 65.88 60.98
N VAL K 172 -24.01 65.86 60.77
CA VAL K 172 -23.40 66.22 59.49
C VAL K 172 -23.22 64.96 58.66
N HIS K 173 -23.54 65.06 57.37
CA HIS K 173 -23.37 63.96 56.42
C HIS K 173 -22.65 64.50 55.18
N THR K 174 -21.40 64.07 55.00
CA THR K 174 -20.63 64.39 53.81
C THR K 174 -20.72 63.20 52.86
N PHE K 175 -21.16 63.46 51.59
CA PHE K 175 -21.54 62.40 50.66
C PHE K 175 -20.39 62.04 49.73
N PRO K 176 -20.33 60.76 49.32
CA PRO K 176 -19.32 60.34 48.35
C PRO K 176 -19.43 61.10 47.04
N ALA K 177 -18.29 61.31 46.40
CA ALA K 177 -18.23 62.08 45.17
C ALA K 177 -18.60 61.22 43.98
N VAL K 178 -19.31 61.83 43.03
CA VAL K 178 -19.66 61.19 41.77
C VAL K 178 -18.59 61.53 40.74
N LEU K 179 -18.33 60.59 39.84
CA LEU K 179 -17.44 60.82 38.70
C LEU K 179 -18.31 61.16 37.49
N GLN K 180 -18.39 62.44 37.16
CA GLN K 180 -19.17 62.86 36.01
C GLN K 180 -18.51 62.39 34.72
N SER K 181 -19.31 62.37 33.64
CA SER K 181 -18.81 61.89 32.35
C SER K 181 -17.65 62.75 31.85
N SER K 182 -17.51 63.97 32.33
CA SER K 182 -16.37 64.80 31.95
C SER K 182 -15.07 64.27 32.53
N GLY K 183 -15.13 63.44 33.56
CA GLY K 183 -13.97 62.95 34.25
C GLY K 183 -13.60 63.70 35.51
N LEU K 184 -14.51 64.48 36.06
CA LEU K 184 -14.26 65.30 37.23
C LEU K 184 -15.15 64.85 38.38
N TYR K 185 -14.63 64.96 39.60
CA TYR K 185 -15.35 64.52 40.78
C TYR K 185 -16.23 65.66 41.31
N SER K 186 -17.30 65.27 42.02
CA SER K 186 -18.21 66.24 42.62
C SER K 186 -18.93 65.58 43.79
N LEU K 187 -18.85 66.20 44.97
CA LEU K 187 -19.48 65.69 46.17
C LEU K 187 -20.25 66.82 46.86
N SER K 188 -21.11 66.43 47.80
CA SER K 188 -21.89 67.39 48.58
C SER K 188 -21.75 67.10 50.06
N SER K 189 -22.07 68.10 50.89
CA SER K 189 -22.04 67.96 52.34
C SER K 189 -23.12 68.85 52.93
N VAL K 190 -24.09 68.25 53.61
CA VAL K 190 -25.23 68.96 54.18
C VAL K 190 -25.35 68.62 55.66
N VAL K 191 -25.97 69.52 56.40
CA VAL K 191 -26.22 69.35 57.83
C VAL K 191 -27.66 69.74 58.12
N THR K 192 -28.34 68.92 58.91
CA THR K 192 -29.70 69.20 59.33
C THR K 192 -29.68 69.96 60.66
N VAL K 193 -30.34 71.11 60.70
CA VAL K 193 -30.27 72.01 61.85
C VAL K 193 -31.67 72.53 62.15
N PRO K 194 -31.90 73.01 63.38
CA PRO K 194 -33.22 73.56 63.73
C PRO K 194 -33.51 74.86 63.00
N SER K 195 -34.81 75.10 62.78
CA SER K 195 -35.26 76.33 62.11
C SER K 195 -34.91 77.57 62.91
N SER K 196 -34.89 77.48 64.24
CA SER K 196 -34.67 78.68 65.05
C SER K 196 -33.29 79.26 64.82
N SER K 197 -32.31 78.42 64.48
CA SER K 197 -30.94 78.87 64.27
C SER K 197 -30.68 79.40 62.85
N LEU K 198 -31.69 79.35 61.97
CA LEU K 198 -31.48 79.75 60.57
C LEU K 198 -31.14 81.24 60.48
N GLY K 199 -31.88 82.08 61.19
CA GLY K 199 -31.61 83.50 61.18
C GLY K 199 -30.59 83.95 62.20
N THR K 200 -30.11 83.05 63.05
CA THR K 200 -29.19 83.40 64.13
C THR K 200 -27.81 82.77 63.90
N GLN K 201 -27.72 81.45 63.96
CA GLN K 201 -26.42 80.79 63.91
C GLN K 201 -25.84 80.86 62.50
N THR K 202 -24.56 81.19 62.40
CA THR K 202 -23.88 81.23 61.11
C THR K 202 -23.40 79.83 60.74
N TYR K 203 -23.68 79.40 59.52
CA TYR K 203 -23.34 78.07 59.05
C TYR K 203 -22.40 78.21 57.86
N ILE K 204 -21.16 77.77 58.05
CA ILE K 204 -20.12 77.86 57.02
C ILE K 204 -19.51 76.47 56.84
N CYS K 205 -19.47 76.00 55.60
CA CYS K 205 -18.84 74.73 55.29
C CYS K 205 -17.41 74.96 54.81
N ASN K 206 -16.49 74.12 55.29
CA ASN K 206 -15.07 74.26 54.99
C ASN K 206 -14.68 73.17 54.02
N VAL K 207 -14.42 73.54 52.77
CA VAL K 207 -13.97 72.62 51.75
C VAL K 207 -12.46 72.75 51.61
N ASN K 208 -11.76 71.62 51.64
CA ASN K 208 -10.31 71.62 51.48
C ASN K 208 -9.93 70.58 50.43
N HIS K 209 -9.23 71.02 49.39
CA HIS K 209 -8.72 70.13 48.36
C HIS K 209 -7.20 70.32 48.37
N LYS K 210 -6.53 69.55 49.24
CA LYS K 210 -5.09 69.71 49.38
C LYS K 210 -4.29 69.36 48.12
N PRO K 211 -4.71 68.44 47.25
CA PRO K 211 -3.97 68.24 45.99
C PRO K 211 -3.75 69.52 45.18
N SER K 212 -4.64 70.50 45.29
CA SER K 212 -4.49 71.78 44.60
C SER K 212 -4.21 72.94 45.54
N ASN K 213 -4.05 72.66 46.85
CA ASN K 213 -3.89 73.69 47.87
C ASN K 213 -5.06 74.68 47.83
N THR K 214 -6.27 74.12 47.76
CA THR K 214 -7.50 74.92 47.69
C THR K 214 -8.26 74.69 48.99
N LYS K 215 -8.41 75.76 49.78
CA LYS K 215 -9.18 75.72 51.01
C LYS K 215 -10.20 76.84 50.96
N VAL K 216 -11.48 76.50 51.04
CA VAL K 216 -12.58 77.45 50.86
C VAL K 216 -13.59 77.29 51.99
N ASP K 217 -14.05 78.42 52.53
CA ASP K 217 -15.11 78.46 53.52
C ASP K 217 -16.30 79.19 52.91
N LYS K 218 -17.48 78.60 53.02
CA LYS K 218 -18.68 79.14 52.38
C LYS K 218 -19.83 79.24 53.37
N LYS K 219 -20.31 80.46 53.59
CA LYS K 219 -21.48 80.71 54.42
C LYS K 219 -22.76 80.36 53.68
N VAL K 220 -23.72 79.79 54.40
CA VAL K 220 -25.00 79.36 53.85
C VAL K 220 -26.06 80.31 54.40
N GLU K 221 -26.61 81.15 53.52
CA GLU K 221 -27.59 82.16 53.86
C GLU K 221 -28.98 81.75 53.42
N PRO K 222 -30.01 82.27 54.08
CA PRO K 222 -31.39 81.91 53.72
C PRO K 222 -31.78 82.41 52.34
N LYS K 223 -32.90 81.88 51.86
CA LYS K 223 -33.45 82.28 50.56
C LYS K 223 -34.74 83.08 50.72
N SER L 2 -13.98 -43.34 10.35
CA SER L 2 -13.08 -44.49 10.32
C SER L 2 -12.46 -44.75 11.68
N VAL L 3 -11.61 -45.79 11.76
CA VAL L 3 -11.04 -46.23 13.03
C VAL L 3 -9.75 -46.98 12.70
N LEU L 4 -8.89 -47.13 13.70
CA LEU L 4 -7.60 -47.78 13.47
C LEU L 4 -7.76 -49.30 13.34
N THR L 5 -6.98 -49.87 12.44
CA THR L 5 -7.10 -51.26 12.03
C THR L 5 -6.01 -52.11 12.64
N GLN L 6 -6.39 -53.20 13.31
CA GLN L 6 -5.43 -54.15 13.85
C GLN L 6 -5.82 -55.58 13.46
N PRO L 7 -4.84 -56.43 13.18
CA PRO L 7 -5.13 -57.85 13.06
C PRO L 7 -5.45 -58.43 14.42
N PRO L 8 -6.54 -59.19 14.56
CA PRO L 8 -6.98 -59.59 15.90
C PRO L 8 -6.07 -60.59 16.58
N SER L 9 -5.55 -61.56 15.83
CA SER L 9 -4.73 -62.63 16.41
C SER L 9 -3.30 -62.54 15.88
N VAL L 10 -2.35 -62.44 16.80
CA VAL L 10 -0.94 -62.62 16.50
C VAL L 10 -0.39 -63.58 17.54
N SER L 11 0.16 -64.70 17.08
CA SER L 11 0.63 -65.76 17.96
C SER L 11 2.12 -65.97 17.76
N GLY L 12 2.79 -66.36 18.84
CA GLY L 12 4.22 -66.58 18.78
C GLY L 12 4.70 -67.37 19.98
N ALA L 13 5.81 -68.05 19.79
CA ALA L 13 6.41 -68.82 20.85
C ALA L 13 7.32 -67.93 21.72
N PRO L 14 7.52 -68.32 22.97
CA PRO L 14 8.40 -67.55 23.86
C PRO L 14 9.81 -67.42 23.30
N GLY L 15 10.28 -66.17 23.20
CA GLY L 15 11.57 -65.87 22.65
C GLY L 15 11.55 -65.41 21.21
N GLN L 16 10.41 -65.51 20.52
CA GLN L 16 10.30 -65.01 19.17
C GLN L 16 10.04 -63.50 19.18
N ARG L 17 10.05 -62.92 17.98
CA ARG L 17 9.72 -61.51 17.80
C ARG L 17 8.41 -61.42 17.05
N VAL L 18 7.48 -60.63 17.59
CA VAL L 18 6.15 -60.48 17.01
C VAL L 18 5.85 -59.00 16.87
N THR L 19 5.16 -58.65 15.79
CA THR L 19 4.82 -57.27 15.51
C THR L 19 3.32 -57.14 15.33
N ILE L 20 2.79 -55.97 15.71
CA ILE L 20 1.37 -55.66 15.62
C ILE L 20 1.23 -54.45 14.72
N SER L 21 0.49 -54.60 13.63
CA SER L 21 0.29 -53.50 12.70
C SER L 21 -0.91 -52.66 13.11
N CYS L 22 -0.74 -51.34 13.05
CA CYS L 22 -1.79 -50.37 13.36
C CYS L 22 -1.94 -49.47 12.14
N THR L 23 -2.86 -49.83 11.25
CA THR L 23 -3.07 -49.10 10.01
C THR L 23 -4.15 -48.05 10.24
N GLY L 24 -3.78 -46.79 10.05
CA GLY L 24 -4.69 -45.69 10.20
C GLY L 24 -5.20 -45.19 8.87
N SER L 25 -5.73 -43.97 8.88
CA SER L 25 -6.30 -43.36 7.69
C SER L 25 -5.82 -41.92 7.61
N SER L 26 -6.14 -41.27 6.50
CA SER L 26 -5.73 -39.89 6.27
C SER L 26 -6.38 -38.92 7.25
N SER L 27 -7.41 -39.34 7.97
CA SER L 27 -8.09 -38.51 8.95
C SER L 27 -7.52 -38.65 10.35
N ASN L 28 -6.59 -39.58 10.59
CA ASN L 28 -5.97 -39.69 11.90
C ASN L 28 -4.45 -39.65 11.84
N ILE L 29 -3.78 -40.81 11.67
CA ILE L 29 -2.32 -40.84 11.66
C ILE L 29 -1.78 -40.04 10.49
N GLY L 30 -2.35 -40.25 9.30
CA GLY L 30 -1.88 -39.57 8.10
C GLY L 30 -1.97 -38.06 8.17
N ALA L 31 -2.73 -37.52 9.12
CA ALA L 31 -2.75 -36.10 9.36
C ALA L 31 -1.65 -35.64 10.31
N GLY L 32 -0.90 -36.57 10.89
CA GLY L 32 0.22 -36.23 11.75
C GLY L 32 0.02 -36.48 13.23
N TYR L 33 -1.15 -36.97 13.63
CA TYR L 33 -1.41 -37.19 15.05
C TYR L 33 -0.50 -38.29 15.59
N ASP L 34 -0.17 -38.18 16.86
CA ASP L 34 0.71 -39.15 17.50
C ASP L 34 -0.04 -40.44 17.80
N VAL L 35 0.72 -41.52 18.00
CA VAL L 35 0.19 -42.85 18.21
C VAL L 35 0.58 -43.31 19.61
N HIS L 36 -0.33 -44.02 20.27
CA HIS L 36 -0.07 -44.57 21.60
C HIS L 36 -0.58 -46.00 21.64
N TRP L 37 -0.02 -46.77 22.57
CA TRP L 37 -0.36 -48.18 22.67
C TRP L 37 -0.73 -48.53 24.11
N TYR L 38 -1.72 -49.41 24.26
CA TYR L 38 -2.22 -49.82 25.57
C TYR L 38 -2.33 -51.34 25.62
N GLN L 39 -1.83 -51.93 26.71
CA GLN L 39 -1.88 -53.38 26.90
C GLN L 39 -2.95 -53.69 27.94
N GLN L 40 -3.83 -54.63 27.61
CA GLN L 40 -4.98 -54.96 28.46
C GLN L 40 -4.90 -56.42 28.86
N LEU L 41 -4.40 -56.68 30.06
CA LEU L 41 -4.47 -58.03 30.61
C LEU L 41 -5.93 -58.42 30.85
N PRO L 42 -6.26 -59.69 30.66
CA PRO L 42 -7.67 -60.11 30.68
C PRO L 42 -8.36 -59.77 32.00
N GLY L 43 -9.52 -59.15 31.92
CA GLY L 43 -10.27 -58.77 33.09
C GLY L 43 -9.71 -57.60 33.87
N THR L 44 -8.63 -56.98 33.39
CA THR L 44 -7.96 -55.91 34.11
C THR L 44 -8.22 -54.56 33.42
N ALA L 45 -7.76 -53.51 34.08
CA ALA L 45 -7.83 -52.17 33.50
C ALA L 45 -6.77 -52.02 32.42
N PRO L 46 -7.12 -51.51 31.24
CA PRO L 46 -6.10 -51.23 30.22
C PRO L 46 -5.13 -50.17 30.71
N LYS L 47 -3.83 -50.49 30.65
CA LYS L 47 -2.79 -49.56 31.09
C LYS L 47 -1.94 -49.11 29.92
N LEU L 48 -1.22 -48.02 30.14
CA LEU L 48 -0.39 -47.43 29.08
C LEU L 48 0.85 -48.28 28.81
N LEU L 49 1.10 -48.57 27.54
CA LEU L 49 2.26 -49.34 27.11
C LEU L 49 3.30 -48.48 26.41
N ILE L 50 2.90 -47.69 25.42
CA ILE L 50 3.82 -46.85 24.66
C ILE L 50 3.16 -45.51 24.41
N TYR L 51 3.89 -44.43 24.69
CA TYR L 51 3.42 -43.07 24.47
C TYR L 51 4.42 -42.32 23.60
N GLY L 52 3.92 -41.32 22.88
CA GLY L 52 4.76 -40.57 21.97
C GLY L 52 5.40 -41.44 20.90
N ASN L 53 4.64 -42.38 20.35
CA ASN L 53 5.09 -43.29 19.30
C ASN L 53 6.16 -44.26 19.77
N SER L 54 7.22 -43.78 20.43
CA SER L 54 8.39 -44.62 20.63
C SER L 54 9.01 -44.57 22.02
N ASN L 55 8.35 -43.99 23.02
CA ASN L 55 8.90 -43.88 24.37
C ASN L 55 8.11 -44.73 25.35
N ARG L 56 8.84 -45.47 26.18
CA ARG L 56 8.27 -46.35 27.19
C ARG L 56 8.10 -45.60 28.50
N PRO L 57 6.95 -45.71 29.15
CA PRO L 57 6.78 -45.08 30.46
C PRO L 57 7.54 -45.87 31.51
N SER L 58 7.55 -45.32 32.72
CA SER L 58 8.21 -45.99 33.83
C SER L 58 7.59 -47.36 34.07
N GLY L 59 8.44 -48.37 34.20
CA GLY L 59 7.98 -49.72 34.46
C GLY L 59 7.42 -50.46 33.28
N VAL L 60 7.97 -50.23 32.09
CA VAL L 60 7.64 -51.01 30.90
C VAL L 60 8.94 -51.64 30.40
N PRO L 61 9.01 -52.96 30.25
CA PRO L 61 10.26 -53.59 29.80
C PRO L 61 10.66 -53.08 28.43
N ASP L 62 11.97 -52.93 28.23
CA ASP L 62 12.53 -52.46 26.97
C ASP L 62 12.26 -53.42 25.81
N ARG L 63 11.59 -54.54 26.10
CA ARG L 63 11.16 -55.46 25.05
C ARG L 63 10.13 -54.85 24.12
N PHE L 64 9.40 -53.83 24.57
CA PHE L 64 8.39 -53.14 23.77
C PHE L 64 8.96 -51.89 23.11
N SER L 65 8.57 -51.67 21.85
CA SER L 65 9.00 -50.50 21.09
C SER L 65 7.94 -50.20 20.04
N GLY L 66 7.69 -48.92 19.82
CA GLY L 66 6.68 -48.48 18.87
C GLY L 66 7.28 -47.63 17.77
N SER L 67 6.63 -47.64 16.61
CA SER L 67 7.13 -46.91 15.45
C SER L 67 5.97 -46.25 14.72
N LYS L 68 6.27 -45.13 14.07
CA LYS L 68 5.32 -44.40 13.22
C LYS L 68 6.06 -43.92 11.98
N SER L 69 5.46 -44.16 10.81
CA SER L 69 6.07 -43.71 9.56
C SER L 69 4.96 -43.59 8.53
N GLY L 70 4.91 -42.44 7.85
CA GLY L 70 3.87 -42.22 6.87
C GLY L 70 2.48 -42.18 7.48
N THR L 71 1.66 -43.19 7.20
CA THR L 71 0.31 -43.26 7.73
C THR L 71 0.06 -44.48 8.62
N SER L 72 1.09 -45.24 8.95
CA SER L 72 0.93 -46.47 9.72
C SER L 72 1.73 -46.43 11.01
N ALA L 73 1.40 -47.34 11.92
CA ALA L 73 2.15 -47.54 13.15
C ALA L 73 2.33 -49.02 13.38
N SER L 74 3.33 -49.37 14.21
CA SER L 74 3.64 -50.77 14.46
C SER L 74 4.27 -50.90 15.86
N LEU L 75 4.00 -52.04 16.50
CA LEU L 75 4.53 -52.35 17.81
C LEU L 75 5.29 -53.67 17.76
N ALA L 76 6.53 -53.65 18.23
CA ALA L 76 7.41 -54.80 18.19
C ALA L 76 7.62 -55.35 19.60
N ILE L 77 7.37 -56.64 19.78
CA ILE L 77 7.62 -57.33 21.04
C ILE L 77 8.76 -58.31 20.80
N THR L 78 9.96 -57.93 21.21
CA THR L 78 11.16 -58.73 21.00
C THR L 78 11.47 -59.52 22.26
N GLY L 79 11.76 -60.80 22.09
CA GLY L 79 11.95 -61.69 23.22
C GLY L 79 10.65 -61.87 23.99
N LEU L 80 9.67 -62.48 23.33
CA LEU L 80 8.33 -62.59 23.91
C LEU L 80 8.35 -63.43 25.18
N GLN L 81 7.59 -63.00 26.18
CA GLN L 81 7.43 -63.71 27.44
C GLN L 81 5.96 -63.98 27.72
N ALA L 82 5.71 -64.91 28.66
CA ALA L 82 4.35 -65.39 28.91
C ALA L 82 3.47 -64.36 29.60
N GLU L 83 4.05 -63.43 30.35
CA GLU L 83 3.26 -62.39 31.01
C GLU L 83 2.62 -61.41 30.03
N ASP L 84 2.74 -61.65 28.72
CA ASP L 84 2.19 -60.76 27.72
C ASP L 84 0.97 -61.31 26.98
N GLU L 85 0.50 -62.51 27.33
CA GLU L 85 -0.79 -62.92 26.77
C GLU L 85 -1.84 -61.91 27.18
N ALA L 86 -2.30 -61.11 26.24
CA ALA L 86 -3.23 -60.03 26.52
C ALA L 86 -3.69 -59.45 25.19
N ASP L 87 -4.59 -58.47 25.28
CA ASP L 87 -5.04 -57.71 24.12
C ASP L 87 -4.34 -56.36 24.10
N TYR L 88 -3.94 -55.94 22.90
CA TYR L 88 -3.14 -54.72 22.73
C TYR L 88 -3.88 -53.77 21.80
N TYR L 89 -3.96 -52.50 22.20
CA TYR L 89 -4.68 -51.48 21.45
C TYR L 89 -3.75 -50.33 21.12
N CYS L 90 -3.73 -49.94 19.84
CA CYS L 90 -3.12 -48.68 19.46
C CYS L 90 -4.22 -47.61 19.44
N GLN L 91 -3.83 -46.38 19.78
CA GLN L 91 -4.79 -45.30 19.95
C GLN L 91 -4.24 -44.02 19.34
N SER L 92 -5.12 -43.26 18.70
CA SER L 92 -4.75 -41.98 18.11
C SER L 92 -5.98 -41.08 18.12
N TYR L 93 -5.96 -40.05 17.27
CA TYR L 93 -7.03 -39.09 17.17
C TYR L 93 -7.40 -38.89 15.71
N ASP L 94 -8.69 -38.86 15.42
CA ASP L 94 -9.20 -38.65 14.08
C ASP L 94 -9.86 -37.28 14.01
N SER L 95 -9.69 -36.59 12.88
CA SER L 95 -10.11 -35.21 12.75
C SER L 95 -11.47 -35.04 12.10
N SER L 96 -12.05 -36.10 11.54
CA SER L 96 -13.32 -35.97 10.85
C SER L 96 -14.50 -35.98 11.83
N LEU L 97 -15.56 -35.27 11.44
CA LEU L 97 -16.85 -35.30 12.13
C LEU L 97 -16.72 -34.92 13.61
N SER L 98 -16.48 -33.64 13.83
CA SER L 98 -16.42 -33.02 15.16
C SER L 98 -15.39 -33.66 16.08
N GLY L 99 -14.50 -34.49 15.54
CA GLY L 99 -13.40 -35.04 16.31
C GLY L 99 -13.78 -36.12 17.30
N PHE L 100 -12.87 -37.08 17.48
CA PHE L 100 -13.09 -38.21 18.39
C PHE L 100 -11.83 -39.05 18.52
N TYR L 101 -11.47 -39.43 19.76
CA TYR L 101 -10.37 -40.34 19.98
C TYR L 101 -10.69 -41.72 19.42
N VAL L 102 -9.80 -42.25 18.58
CA VAL L 102 -9.99 -43.54 17.94
C VAL L 102 -9.13 -44.58 18.64
N PHE L 103 -9.61 -45.81 18.64
CA PHE L 103 -8.88 -46.94 19.20
C PHE L 103 -8.76 -48.00 18.12
N GLY L 104 -7.76 -48.86 18.26
CA GLY L 104 -7.61 -49.95 17.33
C GLY L 104 -8.66 -51.02 17.57
N THR L 105 -8.78 -51.91 16.59
CA THR L 105 -9.75 -52.98 16.69
C THR L 105 -9.35 -54.03 17.70
N GLY L 106 -8.12 -54.01 18.18
CA GLY L 106 -7.68 -54.94 19.20
C GLY L 106 -6.91 -56.10 18.62
N THR L 107 -5.82 -56.47 19.29
CA THR L 107 -4.98 -57.60 18.89
C THR L 107 -4.76 -58.47 20.12
N LYS L 108 -5.35 -59.66 20.14
CA LYS L 108 -5.10 -60.59 21.22
C LYS L 108 -3.84 -61.38 20.91
N VAL L 109 -2.76 -61.07 21.63
CA VAL L 109 -1.52 -61.78 21.47
C VAL L 109 -1.61 -63.07 22.25
N THR L 110 -1.43 -64.20 21.57
CA THR L 110 -1.51 -65.51 22.16
C THR L 110 -0.09 -66.06 22.17
N VAL L 111 0.49 -66.18 23.36
CA VAL L 111 1.83 -66.74 23.51
C VAL L 111 1.71 -68.25 23.34
N LEU L 112 2.23 -68.76 22.22
CA LEU L 112 2.22 -70.19 22.00
C LEU L 112 3.08 -70.86 23.06
N GLY L 113 2.45 -71.29 24.16
CA GLY L 113 3.17 -71.89 25.28
C GLY L 113 3.07 -73.40 25.33
N GLN L 114 2.09 -73.95 24.62
CA GLN L 114 1.90 -75.38 24.50
C GLN L 114 1.66 -75.74 23.05
N PRO L 115 2.00 -76.97 22.64
CA PRO L 115 1.83 -77.35 21.23
C PRO L 115 0.38 -77.27 20.78
N LYS L 116 0.21 -77.24 19.46
CA LYS L 116 -1.12 -77.16 18.88
C LYS L 116 -1.96 -78.37 19.27
N ALA L 117 -3.19 -78.12 19.74
CA ALA L 117 -4.08 -79.16 20.21
C ALA L 117 -5.34 -79.21 19.36
N ALA L 118 -5.75 -80.42 18.99
CA ALA L 118 -6.95 -80.61 18.19
C ALA L 118 -8.19 -80.44 19.08
N PRO L 119 -9.22 -79.73 18.61
CA PRO L 119 -10.43 -79.57 19.42
C PRO L 119 -11.27 -80.84 19.47
N SER L 120 -11.72 -81.20 20.67
CA SER L 120 -12.62 -82.32 20.86
C SER L 120 -14.07 -81.85 20.80
N VAL L 121 -14.86 -82.49 19.96
CA VAL L 121 -16.21 -82.05 19.65
C VAL L 121 -17.21 -83.12 20.06
N THR L 122 -18.18 -82.74 20.90
CA THR L 122 -19.30 -83.59 21.25
C THR L 122 -20.59 -82.86 20.89
N LEU L 123 -21.44 -83.49 20.09
CA LEU L 123 -22.67 -82.90 19.59
C LEU L 123 -23.87 -83.66 20.13
N PHE L 124 -24.85 -82.93 20.68
CA PHE L 124 -26.04 -83.49 21.25
C PHE L 124 -27.27 -83.16 20.40
N PRO L 125 -28.23 -84.08 20.30
CA PRO L 125 -29.49 -83.75 19.63
C PRO L 125 -30.43 -83.02 20.58
N PRO L 126 -31.51 -82.44 20.07
CA PRO L 126 -32.53 -81.89 20.97
C PRO L 126 -33.09 -82.98 21.87
N SER L 127 -33.22 -82.66 23.15
CA SER L 127 -33.71 -83.64 24.10
C SER L 127 -35.13 -84.07 23.77
N SER L 128 -35.45 -85.33 24.07
CA SER L 128 -36.81 -85.81 23.93
C SER L 128 -37.77 -85.01 24.81
N GLU L 129 -37.28 -84.50 25.93
CA GLU L 129 -38.14 -83.70 26.81
C GLU L 129 -38.47 -82.35 26.20
N GLU L 130 -37.48 -81.69 25.59
CA GLU L 130 -37.71 -80.37 25.03
C GLU L 130 -38.67 -80.41 23.84
N LEU L 131 -38.66 -81.49 23.08
CA LEU L 131 -39.58 -81.59 21.95
C LEU L 131 -41.04 -81.57 22.40
N GLN L 132 -41.32 -81.97 23.64
CA GLN L 132 -42.66 -81.82 24.17
C GLN L 132 -43.01 -80.37 24.47
N ALA L 133 -42.00 -79.51 24.61
CA ALA L 133 -42.21 -78.09 24.87
C ALA L 133 -42.14 -77.26 23.60
N ASN L 134 -42.17 -77.91 22.43
CA ASN L 134 -42.17 -77.24 21.14
C ASN L 134 -40.92 -76.38 20.93
N LYS L 135 -39.77 -76.91 21.36
CA LYS L 135 -38.48 -76.29 21.12
C LYS L 135 -37.48 -77.34 20.67
N ALA L 136 -36.34 -76.87 20.17
CA ALA L 136 -35.27 -77.76 19.73
C ALA L 136 -33.94 -77.05 19.94
N THR L 137 -33.03 -77.72 20.65
CA THR L 137 -31.71 -77.16 20.97
C THR L 137 -30.63 -78.16 20.60
N LEU L 138 -29.72 -77.75 19.72
CA LEU L 138 -28.56 -78.55 19.38
C LEU L 138 -27.33 -78.01 20.12
N VAL L 139 -26.64 -78.88 20.83
CA VAL L 139 -25.53 -78.50 21.69
C VAL L 139 -24.24 -79.04 21.09
N CYS L 140 -23.32 -78.13 20.75
CA CYS L 140 -22.02 -78.50 20.19
C CYS L 140 -20.94 -78.05 21.14
N LEU L 141 -20.28 -79.01 21.79
CA LEU L 141 -19.30 -78.75 22.85
C LEU L 141 -17.90 -78.98 22.32
N ILE L 142 -17.03 -77.98 22.49
CA ILE L 142 -15.65 -78.02 22.02
C ILE L 142 -14.73 -77.84 23.23
N SER L 143 -13.76 -78.74 23.38
CA SER L 143 -12.88 -78.68 24.55
C SER L 143 -11.47 -79.13 24.19
N ASP L 144 -10.52 -78.68 25.01
CA ASP L 144 -9.12 -79.15 24.98
C ASP L 144 -8.41 -78.81 23.68
N PHE L 145 -8.54 -77.56 23.23
CA PHE L 145 -7.83 -77.11 22.04
C PHE L 145 -6.91 -75.95 22.36
N TYR L 146 -5.97 -75.69 21.44
CA TYR L 146 -5.01 -74.61 21.57
C TYR L 146 -4.40 -74.32 20.21
N PRO L 147 -4.21 -73.05 19.81
CA PRO L 147 -4.51 -71.80 20.53
C PRO L 147 -6.00 -71.51 20.69
N GLY L 148 -6.33 -70.49 21.47
CA GLY L 148 -7.71 -70.14 21.75
C GLY L 148 -8.42 -69.40 20.64
N ALA L 149 -8.58 -70.07 19.50
CA ALA L 149 -9.25 -69.47 18.35
C ALA L 149 -9.90 -70.58 17.55
N VAL L 150 -11.24 -70.55 17.45
CA VAL L 150 -11.99 -71.57 16.74
C VAL L 150 -13.06 -70.91 15.88
N THR L 151 -13.49 -71.64 14.85
CA THR L 151 -14.52 -71.21 13.92
C THR L 151 -15.66 -72.22 13.93
N VAL L 152 -16.88 -71.73 14.17
CA VAL L 152 -18.07 -72.58 14.22
C VAL L 152 -18.98 -72.20 13.06
N ALA L 153 -19.26 -73.18 12.20
CA ALA L 153 -20.21 -73.02 11.11
C ALA L 153 -21.19 -74.17 11.20
N TRP L 154 -22.48 -73.85 11.25
CA TRP L 154 -23.52 -74.85 11.38
C TRP L 154 -24.06 -75.23 10.01
N LYS L 155 -24.28 -76.53 9.82
CA LYS L 155 -24.78 -77.06 8.56
C LYS L 155 -26.03 -77.90 8.79
N ALA L 156 -27.09 -77.58 8.07
CA ALA L 156 -28.32 -78.38 8.07
C ALA L 156 -28.24 -79.28 6.85
N ASP L 157 -28.12 -80.59 7.08
CA ASP L 157 -27.87 -81.54 6.00
C ASP L 157 -26.63 -81.08 5.23
N SER L 158 -26.81 -80.67 3.98
CA SER L 158 -25.72 -80.15 3.16
C SER L 158 -25.71 -78.64 3.08
N SER L 159 -26.64 -77.95 3.73
CA SER L 159 -26.74 -76.51 3.58
C SER L 159 -26.27 -75.79 4.84
N PRO L 160 -25.58 -74.67 4.70
CA PRO L 160 -25.19 -73.89 5.87
C PRO L 160 -26.35 -73.10 6.46
N VAL L 161 -26.31 -72.91 7.77
CA VAL L 161 -27.35 -72.20 8.50
C VAL L 161 -26.67 -71.21 9.44
N LYS L 162 -27.03 -69.93 9.31
CA LYS L 162 -26.52 -68.92 10.21
C LYS L 162 -27.61 -68.23 11.02
N ALA L 163 -28.87 -68.56 10.80
CA ALA L 163 -29.94 -68.01 11.62
C ALA L 163 -30.10 -68.83 12.88
N GLY L 164 -30.26 -68.14 14.01
CA GLY L 164 -30.49 -68.83 15.27
C GLY L 164 -29.27 -69.50 15.84
N VAL L 165 -28.07 -69.00 15.55
CA VAL L 165 -26.82 -69.58 16.04
C VAL L 165 -26.26 -68.64 17.10
N GLU L 166 -25.90 -69.20 18.26
CA GLU L 166 -25.26 -68.46 19.32
C GLU L 166 -24.05 -69.24 19.82
N THR L 167 -22.87 -68.64 19.74
CA THR L 167 -21.61 -69.29 20.06
C THR L 167 -20.91 -68.55 21.19
N THR L 168 -20.42 -69.30 22.17
CA THR L 168 -19.71 -68.71 23.30
C THR L 168 -18.37 -68.14 22.87
N THR L 169 -17.83 -67.28 23.72
CA THR L 169 -16.48 -66.81 23.52
C THR L 169 -15.49 -67.86 24.04
N PRO L 170 -14.31 -67.96 23.44
CA PRO L 170 -13.29 -68.90 23.95
C PRO L 170 -12.92 -68.60 25.40
N SER L 171 -12.92 -69.65 26.22
CA SER L 171 -12.54 -69.55 27.63
C SER L 171 -11.38 -70.49 27.92
N LYS L 172 -10.58 -70.12 28.93
CA LYS L 172 -9.40 -70.90 29.29
C LYS L 172 -9.76 -71.87 30.40
N GLN L 173 -9.51 -73.16 30.17
CA GLN L 173 -9.87 -74.19 31.13
C GLN L 173 -8.89 -74.23 32.30
N SER L 174 -9.14 -75.16 33.23
CA SER L 174 -8.25 -75.32 34.37
C SER L 174 -6.92 -75.95 33.98
N ASN L 175 -6.92 -76.80 32.95
CA ASN L 175 -5.70 -77.42 32.44
C ASN L 175 -4.93 -76.54 31.47
N ASN L 176 -5.31 -75.26 31.36
CA ASN L 176 -4.70 -74.26 30.50
C ASN L 176 -4.88 -74.52 29.02
N LYS L 177 -5.68 -75.52 28.64
CA LYS L 177 -6.19 -75.59 27.28
C LYS L 177 -7.46 -74.74 27.18
N TYR L 178 -8.09 -74.72 26.01
CA TYR L 178 -9.24 -73.85 25.78
C TYR L 178 -10.49 -74.69 25.52
N ALA L 179 -11.64 -74.10 25.86
CA ALA L 179 -12.94 -74.73 25.62
C ALA L 179 -13.95 -73.68 25.18
N ALA L 180 -15.00 -74.15 24.50
CA ALA L 180 -16.06 -73.27 24.01
C ALA L 180 -17.25 -74.13 23.56
N SER L 181 -18.43 -73.51 23.54
CA SER L 181 -19.66 -74.18 23.15
C SER L 181 -20.48 -73.28 22.23
N SER L 182 -21.40 -73.90 21.48
CA SER L 182 -22.27 -73.19 20.55
C SER L 182 -23.61 -73.90 20.45
N TYR L 183 -24.69 -73.12 20.51
CA TYR L 183 -26.05 -73.65 20.56
C TYR L 183 -26.85 -73.20 19.33
N LEU L 184 -27.57 -74.12 18.71
CA LEU L 184 -28.41 -73.84 17.56
C LEU L 184 -29.88 -74.03 17.92
N SER L 185 -30.68 -72.98 17.76
CA SER L 185 -32.10 -73.02 18.06
C SER L 185 -32.89 -73.32 16.80
N LEU L 186 -33.77 -74.32 16.87
CA LEU L 186 -34.60 -74.74 15.76
C LEU L 186 -35.99 -75.06 16.28
N THR L 187 -36.92 -75.21 15.36
CA THR L 187 -38.23 -75.70 15.71
C THR L 187 -38.29 -77.21 15.51
N PRO L 188 -39.15 -77.92 16.25
CA PRO L 188 -39.29 -79.36 16.00
C PRO L 188 -39.71 -79.67 14.58
N GLU L 189 -40.36 -78.72 13.91
CA GLU L 189 -40.67 -78.89 12.50
C GLU L 189 -39.41 -78.89 11.64
N GLN L 190 -38.42 -78.05 11.97
CA GLN L 190 -37.17 -78.08 11.22
C GLN L 190 -36.36 -79.32 11.57
N TRP L 191 -36.39 -79.74 12.83
CA TRP L 191 -35.56 -80.86 13.27
C TRP L 191 -36.01 -82.17 12.64
N LYS L 192 -37.31 -82.34 12.42
CA LYS L 192 -37.82 -83.56 11.82
C LYS L 192 -37.82 -83.51 10.30
N SER L 193 -37.90 -82.32 9.70
CA SER L 193 -37.93 -82.20 8.25
C SER L 193 -36.57 -82.56 7.65
N HIS L 194 -35.54 -81.76 7.92
CA HIS L 194 -34.19 -82.12 7.52
C HIS L 194 -33.78 -83.42 8.20
N ARG L 195 -33.05 -84.26 7.46
CA ARG L 195 -32.78 -85.61 7.94
C ARG L 195 -31.74 -85.61 9.06
N SER L 196 -30.74 -84.75 8.96
CA SER L 196 -29.70 -84.64 9.98
C SER L 196 -29.11 -83.25 9.97
N TYR L 197 -28.59 -82.85 11.11
CA TYR L 197 -27.95 -81.56 11.29
C TYR L 197 -26.50 -81.77 11.67
N SER L 198 -25.63 -80.84 11.24
CA SER L 198 -24.19 -81.00 11.40
C SER L 198 -23.59 -79.79 12.10
N CYS L 199 -22.70 -80.06 13.06
CA CYS L 199 -21.86 -79.04 13.68
C CYS L 199 -20.44 -79.19 13.15
N GLN L 200 -19.92 -78.12 12.54
CA GLN L 200 -18.64 -78.15 11.86
C GLN L 200 -17.70 -77.16 12.55
N VAL L 201 -16.64 -77.67 13.18
CA VAL L 201 -15.69 -76.87 13.94
C VAL L 201 -14.38 -76.81 13.16
N THR L 202 -13.98 -75.61 12.76
CA THR L 202 -12.74 -75.37 12.03
C THR L 202 -11.71 -74.72 12.94
N HIS L 203 -10.47 -75.17 12.84
CA HIS L 203 -9.41 -74.72 13.75
C HIS L 203 -8.06 -74.92 13.11
N GLU L 204 -7.38 -73.81 12.80
CA GLU L 204 -6.01 -73.82 12.29
C GLU L 204 -5.89 -74.70 11.04
N GLY L 205 -6.82 -74.50 10.10
CA GLY L 205 -6.80 -75.26 8.87
C GLY L 205 -7.22 -76.71 9.00
N SER L 206 -7.62 -77.16 10.19
CA SER L 206 -8.15 -78.49 10.37
C SER L 206 -9.60 -78.38 10.84
N THR L 207 -10.38 -79.43 10.58
CA THR L 207 -11.82 -79.37 10.75
C THR L 207 -12.34 -80.64 11.40
N VAL L 208 -13.13 -80.47 12.46
CA VAL L 208 -13.79 -81.57 13.15
C VAL L 208 -15.29 -81.36 13.02
N GLU L 209 -16.00 -82.40 12.60
CA GLU L 209 -17.41 -82.31 12.27
C GLU L 209 -18.18 -83.45 12.92
N LYS L 210 -19.31 -83.11 13.54
CA LYS L 210 -20.18 -84.10 14.17
C LYS L 210 -21.61 -83.93 13.65
N THR L 211 -22.38 -85.02 13.73
CA THR L 211 -23.71 -85.04 13.14
C THR L 211 -24.64 -85.88 14.00
N VAL L 212 -25.89 -85.44 14.13
CA VAL L 212 -26.92 -86.17 14.88
C VAL L 212 -28.18 -86.26 14.03
N ALA L 213 -29.02 -87.24 14.36
CA ALA L 213 -30.27 -87.46 13.66
C ALA L 213 -31.22 -88.20 14.59
N PRO L 214 -32.54 -88.11 14.35
CA PRO L 214 -33.51 -88.84 15.18
C PRO L 214 -33.30 -90.35 15.19
N SER M 2 -18.38 36.65 24.04
CA SER M 2 -19.37 36.55 25.11
C SER M 2 -18.68 36.26 26.45
N VAL M 3 -19.49 36.09 27.50
CA VAL M 3 -19.01 35.94 28.87
C VAL M 3 -20.08 35.17 29.64
N LEU M 4 -19.69 34.58 30.77
CA LEU M 4 -20.60 33.76 31.56
C LEU M 4 -21.65 34.60 32.25
N THR M 5 -22.85 34.04 32.41
CA THR M 5 -24.01 34.77 32.90
C THR M 5 -24.28 34.41 34.36
N GLN M 6 -24.38 35.44 35.21
CA GLN M 6 -24.70 35.30 36.63
C GLN M 6 -25.81 36.26 37.03
N PRO M 7 -26.70 35.84 37.92
CA PRO M 7 -27.64 36.80 38.53
C PRO M 7 -26.92 37.73 39.47
N PRO M 8 -27.16 39.04 39.38
CA PRO M 8 -26.32 39.98 40.15
C PRO M 8 -26.57 39.93 41.65
N SER M 9 -27.82 39.82 42.08
CA SER M 9 -28.18 39.86 43.49
C SER M 9 -28.77 38.53 43.93
N VAL M 10 -28.21 37.96 44.99
CA VAL M 10 -28.79 36.81 45.66
C VAL M 10 -28.86 37.13 47.16
N SER M 11 -30.06 37.08 47.71
CA SER M 11 -30.30 37.44 49.09
C SER M 11 -30.85 36.26 49.88
N GLY M 12 -30.50 36.22 51.16
CA GLY M 12 -30.95 35.14 52.04
C GLY M 12 -30.77 35.50 53.46
N ALA M 13 -31.58 34.90 54.34
CA ALA M 13 -31.51 35.12 55.77
C ALA M 13 -30.45 34.21 56.39
N PRO M 14 -29.93 34.58 57.57
CA PRO M 14 -28.94 33.71 58.22
C PRO M 14 -29.52 32.33 58.49
N GLY M 15 -28.86 31.31 57.96
CA GLY M 15 -29.31 29.93 58.05
C GLY M 15 -30.06 29.43 56.84
N GLN M 16 -30.37 30.29 55.88
CA GLN M 16 -31.07 29.89 54.66
C GLN M 16 -30.10 29.29 53.65
N ARG M 17 -30.67 28.76 52.57
CA ARG M 17 -29.92 28.21 51.44
C ARG M 17 -30.18 29.06 50.20
N VAL M 18 -29.10 29.45 49.52
CA VAL M 18 -29.17 30.27 48.32
C VAL M 18 -28.32 29.63 47.24
N THR M 19 -28.76 29.76 45.98
CA THR M 19 -28.06 29.18 44.84
C THR M 19 -27.71 30.24 43.81
N ILE M 20 -26.56 30.06 43.15
CA ILE M 20 -26.07 30.97 42.13
C ILE M 20 -25.89 30.19 40.83
N SER M 21 -26.58 30.62 39.78
CA SER M 21 -26.49 30.00 38.47
C SER M 21 -25.39 30.63 37.63
N CYS M 22 -24.60 29.79 36.95
CA CYS M 22 -23.53 30.22 36.05
C CYS M 22 -23.79 29.61 34.68
N THR M 23 -24.42 30.37 33.80
CA THR M 23 -24.82 29.90 32.48
C THR M 23 -23.71 30.14 31.47
N GLY M 24 -23.20 29.06 30.87
CA GLY M 24 -22.19 29.14 29.84
C GLY M 24 -22.77 28.92 28.45
N SER M 25 -21.89 28.62 27.51
CA SER M 25 -22.28 28.39 26.13
C SER M 25 -21.53 27.17 25.60
N SER M 26 -21.89 26.76 24.38
CA SER M 26 -21.27 25.59 23.78
C SER M 26 -19.80 25.81 23.45
N SER M 27 -19.33 27.04 23.44
CA SER M 27 -17.95 27.36 23.12
C SER M 27 -17.03 27.36 24.34
N ASN M 28 -17.56 27.19 25.54
CA ASN M 28 -16.73 27.09 26.74
C ASN M 28 -17.04 25.81 27.50
N ILE M 29 -18.01 25.85 28.40
CA ILE M 29 -18.34 24.67 29.20
C ILE M 29 -18.86 23.55 28.31
N GLY M 30 -19.71 23.88 27.34
CA GLY M 30 -20.27 22.88 26.46
C GLY M 30 -19.24 22.09 25.67
N ALA M 31 -18.01 22.59 25.60
CA ALA M 31 -16.90 21.85 25.00
C ALA M 31 -16.21 20.94 25.99
N GLY M 32 -16.58 20.99 27.27
CA GLY M 32 -16.02 20.12 28.28
C GLY M 32 -15.09 20.80 29.26
N TYR M 33 -14.84 22.10 29.12
CA TYR M 33 -13.93 22.79 30.00
C TYR M 33 -14.46 22.81 31.43
N ASP M 34 -13.53 22.81 32.38
CA ASP M 34 -13.87 22.83 33.78
C ASP M 34 -14.29 24.23 34.21
N VAL M 35 -15.01 24.31 35.33
CA VAL M 35 -15.50 25.56 35.88
C VAL M 35 -14.87 25.76 37.26
N HIS M 36 -14.58 27.02 37.59
CA HIS M 36 -14.02 27.37 38.88
C HIS M 36 -14.75 28.58 39.43
N TRP M 37 -14.70 28.74 40.75
CA TRP M 37 -15.39 29.81 41.44
C TRP M 37 -14.43 30.56 42.36
N TYR M 38 -14.62 31.88 42.44
CA TYR M 38 -13.78 32.75 43.23
C TYR M 38 -14.64 33.68 44.06
N GLN M 39 -14.29 33.84 45.34
CA GLN M 39 -15.01 34.73 46.25
C GLN M 39 -14.17 35.98 46.49
N GLN M 40 -14.80 37.14 46.38
CA GLN M 40 -14.14 38.43 46.52
C GLN M 40 -14.83 39.17 47.67
N LEU M 41 -14.21 39.11 48.85
CA LEU M 41 -14.69 39.90 49.96
C LEU M 41 -14.58 41.38 49.62
N PRO M 42 -15.49 42.21 50.11
CA PRO M 42 -15.55 43.61 49.67
C PRO M 42 -14.24 44.34 49.93
N GLY M 43 -13.72 44.99 48.90
CA GLY M 43 -12.48 45.74 48.99
C GLY M 43 -11.22 44.91 49.07
N THR M 44 -11.32 43.58 49.00
CA THR M 44 -10.19 42.68 49.16
C THR M 44 -9.81 42.07 47.81
N ALA M 45 -8.73 41.30 47.84
CA ALA M 45 -8.32 40.53 46.67
C ALA M 45 -9.25 39.33 46.49
N PRO M 46 -9.71 39.04 45.27
CA PRO M 46 -10.51 37.83 45.05
C PRO M 46 -9.69 36.58 45.35
N LYS M 47 -10.27 35.69 46.16
CA LYS M 47 -9.63 34.46 46.59
C LYS M 47 -10.34 33.26 45.98
N LEU M 48 -9.63 32.12 45.96
CA LEU M 48 -10.18 30.91 45.37
C LEU M 48 -11.25 30.30 46.26
N LEU M 49 -12.40 29.98 45.68
CA LEU M 49 -13.50 29.35 46.40
C LEU M 49 -13.75 27.92 46.00
N ILE M 50 -13.90 27.63 44.71
CA ILE M 50 -14.21 26.29 44.23
C ILE M 50 -13.40 26.00 42.99
N TYR M 51 -12.73 24.84 42.97
CA TYR M 51 -11.93 24.41 41.84
C TYR M 51 -12.36 23.02 41.38
N GLY M 52 -12.12 22.74 40.11
CA GLY M 52 -12.49 21.47 39.53
C GLY M 52 -13.97 21.17 39.60
N ASN M 53 -14.81 22.18 39.36
CA ASN M 53 -16.26 22.06 39.36
C ASN M 53 -16.84 21.74 40.75
N SER M 54 -16.27 20.76 41.46
CA SER M 54 -16.93 20.21 42.64
C SER M 54 -15.99 20.01 43.83
N ASN M 55 -14.78 20.56 43.81
CA ASN M 55 -13.82 20.37 44.90
C ASN M 55 -13.57 21.69 45.61
N ARG M 56 -13.61 21.65 46.95
CA ARG M 56 -13.32 22.79 47.80
C ARG M 56 -11.85 22.76 48.22
N PRO M 57 -11.12 23.87 48.13
CA PRO M 57 -9.71 23.87 48.52
C PRO M 57 -9.51 23.78 50.02
N SER M 58 -8.25 23.69 50.45
CA SER M 58 -7.96 23.63 51.87
C SER M 58 -8.50 24.86 52.57
N GLY M 59 -9.23 24.64 53.66
CA GLY M 59 -9.79 25.74 54.41
C GLY M 59 -10.99 26.40 53.78
N VAL M 60 -11.85 25.64 53.11
CA VAL M 60 -13.12 26.14 52.59
C VAL M 60 -14.23 25.33 53.23
N PRO M 61 -15.17 25.97 53.92
CA PRO M 61 -16.25 25.23 54.60
C PRO M 61 -17.07 24.40 53.62
N ASP M 62 -17.46 23.21 54.08
CA ASP M 62 -18.31 22.34 53.27
C ASP M 62 -19.71 22.93 53.04
N ARG M 63 -19.99 24.11 53.58
CA ARG M 63 -21.24 24.81 53.28
C ARG M 63 -21.32 25.19 51.81
N PHE M 64 -20.17 25.32 51.14
CA PHE M 64 -20.09 25.61 49.72
C PHE M 64 -19.94 24.31 48.93
N SER M 65 -20.64 24.23 47.80
CA SER M 65 -20.54 23.08 46.92
C SER M 65 -20.89 23.53 45.51
N GLY M 66 -20.15 23.01 44.53
CA GLY M 66 -20.32 23.41 43.15
C GLY M 66 -20.70 22.21 42.29
N SER M 67 -21.40 22.50 41.20
CA SER M 67 -21.86 21.46 40.29
C SER M 67 -21.71 21.96 38.86
N LYS M 68 -21.57 21.01 37.93
CA LYS M 68 -21.55 21.31 36.51
C LYS M 68 -22.39 20.27 35.78
N SER M 69 -23.27 20.75 34.91
CA SER M 69 -24.11 19.87 34.12
C SER M 69 -24.53 20.61 32.86
N GLY M 70 -24.37 19.96 31.71
CA GLY M 70 -24.70 20.56 30.44
C GLY M 70 -23.86 21.77 30.14
N THR M 71 -24.49 22.95 30.14
CA THR M 71 -23.80 24.21 29.88
C THR M 71 -23.83 25.14 31.08
N SER M 72 -24.25 24.66 32.24
CA SER M 72 -24.42 25.50 33.41
C SER M 72 -23.57 25.01 34.57
N ALA M 73 -23.40 25.88 35.55
CA ALA M 73 -22.79 25.56 36.82
C ALA M 73 -23.63 26.19 37.93
N SER M 74 -23.50 25.68 39.14
CA SER M 74 -24.31 26.17 40.24
C SER M 74 -23.55 25.99 41.54
N LEU M 75 -23.78 26.92 42.46
CA LEU M 75 -23.12 26.92 43.76
C LEU M 75 -24.17 26.95 44.87
N ALA M 76 -24.06 26.01 45.80
CA ALA M 76 -25.01 25.85 46.89
C ALA M 76 -24.39 26.30 48.20
N ILE M 77 -25.09 27.19 48.91
CA ILE M 77 -24.67 27.69 50.21
C ILE M 77 -25.68 27.20 51.25
N THR M 78 -25.31 26.18 52.00
CA THR M 78 -26.18 25.60 53.02
C THR M 78 -25.83 26.21 54.38
N GLY M 79 -26.86 26.67 55.09
CA GLY M 79 -26.63 27.36 56.34
C GLY M 79 -25.94 28.70 56.15
N LEU M 80 -26.61 29.64 55.48
CA LEU M 80 -25.99 30.91 55.14
C LEU M 80 -25.61 31.69 56.39
N GLN M 81 -24.41 32.29 56.36
CA GLN M 81 -23.95 33.15 57.44
C GLN M 81 -23.54 34.51 56.86
N ALA M 82 -23.44 35.50 57.74
CA ALA M 82 -23.16 36.86 57.30
C ALA M 82 -21.71 37.05 56.86
N GLU M 83 -20.79 36.21 57.37
CA GLU M 83 -19.39 36.29 56.98
C GLU M 83 -19.16 35.95 55.52
N ASP M 84 -20.21 35.62 54.79
CA ASP M 84 -20.12 35.22 53.39
C ASP M 84 -20.67 36.30 52.46
N GLU M 85 -21.10 37.43 53.02
CA GLU M 85 -21.48 38.58 52.21
C GLU M 85 -20.30 39.06 51.38
N ALA M 86 -20.36 38.85 50.08
CA ALA M 86 -19.27 39.15 49.17
C ALA M 86 -19.78 38.97 47.75
N ASP M 87 -18.89 39.22 46.79
CA ASP M 87 -19.17 38.98 45.38
C ASP M 87 -18.52 37.66 44.94
N TYR M 88 -19.26 36.90 44.13
CA TYR M 88 -18.85 35.57 43.70
C TYR M 88 -18.79 35.51 42.19
N TYR M 89 -17.69 34.98 41.65
CA TYR M 89 -17.47 34.89 40.21
C TYR M 89 -17.18 33.44 39.83
N CYS M 90 -17.88 32.95 38.80
CA CYS M 90 -17.53 31.69 38.18
C CYS M 90 -16.62 31.94 36.98
N GLN M 91 -15.70 31.00 36.74
CA GLN M 91 -14.66 31.17 35.74
C GLN M 91 -14.41 29.88 34.98
N SER M 92 -14.20 29.98 33.68
CA SER M 92 -13.88 28.83 32.85
C SER M 92 -13.06 29.32 31.66
N TYR M 93 -13.03 28.53 30.59
CA TYR M 93 -12.28 28.86 29.38
C TYR M 93 -13.16 28.66 28.17
N ASP M 94 -13.14 29.64 27.26
CA ASP M 94 -13.89 29.61 26.01
C ASP M 94 -12.92 29.53 24.83
N SER M 95 -13.30 28.78 23.80
CA SER M 95 -12.42 28.54 22.67
C SER M 95 -12.69 29.45 21.48
N SER M 96 -13.75 30.25 21.50
CA SER M 96 -14.09 31.10 20.38
C SER M 96 -13.24 32.36 20.36
N LEU M 97 -12.99 32.86 19.15
CA LEU M 97 -12.27 34.13 18.91
C LEU M 97 -10.91 34.13 19.62
N SER M 98 -10.00 33.34 19.06
CA SER M 98 -8.60 33.26 19.44
C SER M 98 -8.38 32.85 20.90
N GLY M 99 -9.41 32.37 21.58
CA GLY M 99 -9.25 31.83 22.93
C GLY M 99 -9.03 32.86 24.02
N PHE M 100 -9.60 32.60 25.21
CA PHE M 100 -9.54 33.53 26.33
C PHE M 100 -10.17 32.92 27.58
N TYR M 101 -9.51 33.10 28.73
CA TYR M 101 -10.11 32.75 30.01
C TYR M 101 -11.33 33.63 30.27
N VAL M 102 -12.48 33.00 30.54
CA VAL M 102 -13.71 33.74 30.75
C VAL M 102 -14.06 33.78 32.23
N PHE M 103 -14.71 34.87 32.63
CA PHE M 103 -15.19 35.09 33.99
C PHE M 103 -16.68 35.35 33.97
N GLY M 104 -17.33 35.10 35.09
CA GLY M 104 -18.73 35.44 35.23
C GLY M 104 -18.94 36.93 35.46
N THR M 105 -20.19 37.36 35.29
CA THR M 105 -20.51 38.76 35.50
C THR M 105 -20.54 39.16 36.98
N GLY M 106 -20.55 38.19 37.90
CA GLY M 106 -20.51 38.53 39.31
C GLY M 106 -21.86 38.49 39.99
N THR M 107 -21.89 37.98 41.23
CA THR M 107 -23.10 37.90 42.03
C THR M 107 -22.80 38.45 43.42
N LYS M 108 -23.42 39.59 43.77
CA LYS M 108 -23.28 40.13 45.12
C LYS M 108 -24.31 39.47 46.02
N VAL M 109 -23.85 38.57 46.89
CA VAL M 109 -24.72 37.91 47.84
C VAL M 109 -24.90 38.86 49.03
N THR M 110 -26.14 39.25 49.29
CA THR M 110 -26.47 40.16 50.37
C THR M 110 -27.26 39.40 51.42
N VAL M 111 -26.65 39.17 52.58
CA VAL M 111 -27.32 38.53 53.71
C VAL M 111 -28.18 39.58 54.39
N LEU M 112 -29.50 39.44 54.26
CA LEU M 112 -30.44 40.33 54.91
C LEU M 112 -30.35 40.20 56.43
N GLY M 113 -29.59 41.09 57.07
CA GLY M 113 -29.38 40.99 58.51
C GLY M 113 -30.24 41.97 59.31
N GLN M 114 -30.75 43.00 58.65
CA GLN M 114 -31.64 43.93 59.32
C GLN M 114 -32.85 44.21 58.44
N PRO M 115 -33.98 44.54 59.04
CA PRO M 115 -35.18 44.84 58.26
C PRO M 115 -34.96 46.03 57.33
N LYS M 116 -35.88 46.18 56.38
CA LYS M 116 -35.80 47.28 55.43
C LYS M 116 -35.83 48.62 56.15
N ALA M 117 -34.98 49.54 55.68
CA ALA M 117 -34.92 50.90 56.20
C ALA M 117 -35.40 51.81 55.09
N ALA M 118 -36.29 52.74 55.43
CA ALA M 118 -36.87 53.59 54.41
C ALA M 118 -35.85 54.63 53.94
N PRO M 119 -35.76 54.86 52.63
CA PRO M 119 -34.83 55.88 52.12
C PRO M 119 -35.38 57.28 52.35
N SER M 120 -34.54 58.15 52.91
CA SER M 120 -34.90 59.55 53.13
C SER M 120 -34.41 60.38 51.96
N VAL M 121 -35.31 61.18 51.39
CA VAL M 121 -35.03 61.94 50.17
C VAL M 121 -35.15 63.42 50.48
N THR M 122 -34.06 64.16 50.25
CA THR M 122 -34.06 65.62 50.34
C THR M 122 -33.54 66.17 49.02
N LEU M 123 -34.31 67.07 48.40
CA LEU M 123 -34.00 67.61 47.09
C LEU M 123 -33.78 69.11 47.20
N PHE M 124 -32.66 69.59 46.64
CA PHE M 124 -32.26 70.99 46.66
C PHE M 124 -32.37 71.62 45.27
N PRO M 125 -32.78 72.88 45.18
CA PRO M 125 -32.75 73.57 43.90
C PRO M 125 -31.36 74.09 43.60
N PRO M 126 -31.09 74.52 42.36
CA PRO M 126 -29.80 75.16 42.08
C PRO M 126 -29.62 76.40 42.95
N SER M 127 -28.41 76.54 43.48
CA SER M 127 -28.10 77.67 44.35
C SER M 127 -28.24 78.98 43.60
N SER M 128 -28.62 80.02 44.35
CA SER M 128 -28.63 81.37 43.77
C SER M 128 -27.25 81.77 43.27
N GLU M 129 -26.19 81.23 43.89
CA GLU M 129 -24.83 81.52 43.43
C GLU M 129 -24.54 80.83 42.10
N GLU M 130 -24.93 79.56 41.97
CA GLU M 130 -24.66 78.83 40.73
C GLU M 130 -25.47 79.39 39.56
N LEU M 131 -26.68 79.88 39.81
CA LEU M 131 -27.49 80.46 38.75
C LEU M 131 -26.79 81.67 38.12
N GLN M 132 -25.90 82.34 38.87
CA GLN M 132 -25.11 83.42 38.31
C GLN M 132 -24.03 82.93 37.36
N ALA M 133 -23.65 81.65 37.45
CA ALA M 133 -22.59 81.08 36.61
C ALA M 133 -23.12 80.35 35.39
N ASN M 134 -24.42 80.50 35.08
CA ASN M 134 -25.03 79.90 33.90
C ASN M 134 -24.91 78.38 33.91
N LYS M 135 -25.08 77.78 35.09
CA LYS M 135 -25.14 76.35 35.26
C LYS M 135 -26.28 76.01 36.21
N ALA M 136 -26.63 74.72 36.28
CA ALA M 136 -27.69 74.27 37.17
C ALA M 136 -27.39 72.84 37.61
N THR M 137 -27.38 72.63 38.93
CA THR M 137 -27.10 71.33 39.51
C THR M 137 -28.20 71.00 40.51
N LEU M 138 -28.90 69.90 40.28
CA LEU M 138 -29.93 69.41 41.20
C LEU M 138 -29.39 68.23 41.99
N VAL M 139 -29.50 68.30 43.31
CA VAL M 139 -28.90 67.33 44.22
C VAL M 139 -30.01 66.55 44.89
N CYS M 140 -30.01 65.23 44.69
CA CYS M 140 -30.97 64.32 45.31
C CYS M 140 -30.19 63.35 46.19
N LEU M 141 -30.31 63.52 47.51
CA LEU M 141 -29.54 62.76 48.48
C LEU M 141 -30.43 61.72 49.15
N ILE M 142 -29.96 60.47 49.15
CA ILE M 142 -30.70 59.34 49.73
C ILE M 142 -29.84 58.72 50.82
N SER M 143 -30.42 58.55 52.01
CA SER M 143 -29.65 58.04 53.14
C SER M 143 -30.54 57.19 54.04
N ASP M 144 -29.89 56.33 54.84
CA ASP M 144 -30.52 55.56 55.91
C ASP M 144 -31.54 54.56 55.36
N PHE M 145 -31.18 53.85 54.30
CA PHE M 145 -32.01 52.79 53.74
C PHE M 145 -31.27 51.46 53.75
N TYR M 146 -32.03 50.38 53.57
CA TYR M 146 -31.50 49.02 53.52
C TYR M 146 -32.52 48.11 52.87
N PRO M 147 -32.11 47.17 51.99
CA PRO M 147 -30.75 46.93 51.51
C PRO M 147 -30.21 48.02 50.57
N GLY M 148 -28.94 47.94 50.22
CA GLY M 148 -28.30 48.95 49.39
C GLY M 148 -28.62 48.85 47.91
N ALA M 149 -29.88 49.09 47.55
CA ALA M 149 -30.30 49.01 46.14
C ALA M 149 -31.43 50.00 45.92
N VAL M 150 -31.20 51.00 45.07
CA VAL M 150 -32.16 52.06 44.80
C VAL M 150 -32.21 52.35 43.31
N THR M 151 -33.31 52.97 42.88
CA THR M 151 -33.54 53.35 41.49
C THR M 151 -33.75 54.86 41.42
N VAL M 152 -32.99 55.52 40.54
CA VAL M 152 -33.03 56.97 40.39
C VAL M 152 -33.63 57.30 39.03
N ALA M 153 -34.74 58.04 39.05
CA ALA M 153 -35.36 58.54 37.83
C ALA M 153 -35.65 60.03 38.00
N TRP M 154 -35.13 60.85 37.10
CA TRP M 154 -35.35 62.29 37.13
C TRP M 154 -36.45 62.66 36.13
N LYS M 155 -37.39 63.51 36.54
CA LYS M 155 -38.47 63.96 35.68
C LYS M 155 -38.59 65.48 35.72
N ALA M 156 -38.61 66.10 34.54
CA ALA M 156 -38.80 67.54 34.40
C ALA M 156 -40.26 67.84 34.09
N ASP M 157 -40.95 68.48 35.04
CA ASP M 157 -42.39 68.74 34.92
C ASP M 157 -43.17 67.46 34.61
N SER M 158 -43.73 67.38 33.42
CA SER M 158 -44.47 66.19 32.99
C SER M 158 -43.64 65.28 32.09
N SER M 159 -42.41 65.66 31.77
CA SER M 159 -41.59 64.86 30.88
C SER M 159 -40.43 64.25 31.65
N PRO M 160 -40.07 63.00 31.35
CA PRO M 160 -38.89 62.41 31.97
C PRO M 160 -37.62 62.92 31.31
N VAL M 161 -36.56 63.01 32.11
CA VAL M 161 -35.26 63.52 31.65
C VAL M 161 -34.16 62.62 32.18
N LYS M 162 -33.34 62.08 31.27
CA LYS M 162 -32.20 61.25 31.65
C LYS M 162 -30.86 61.81 31.20
N ALA M 163 -30.84 62.94 30.50
CA ALA M 163 -29.58 63.54 30.08
C ALA M 163 -28.94 64.33 31.21
N GLY M 164 -27.62 64.20 31.35
CA GLY M 164 -26.88 64.94 32.35
C GLY M 164 -27.00 64.44 33.76
N VAL M 165 -27.22 63.15 33.96
CA VAL M 165 -27.36 62.56 35.29
C VAL M 165 -26.11 61.75 35.60
N GLU M 166 -25.55 61.93 36.79
CA GLU M 166 -24.41 61.16 37.27
C GLU M 166 -24.75 60.67 38.66
N THR M 167 -24.74 59.35 38.85
CA THR M 167 -25.20 58.74 40.10
C THR M 167 -24.10 57.90 40.73
N THR M 168 -23.87 58.11 42.03
CA THR M 168 -22.91 57.32 42.79
C THR M 168 -23.43 55.91 43.02
N THR M 169 -22.52 55.02 43.42
CA THR M 169 -22.90 53.68 43.86
C THR M 169 -23.40 53.71 45.31
N PRO M 170 -24.30 52.81 45.67
CA PRO M 170 -24.72 52.73 47.09
C PRO M 170 -23.55 52.40 47.99
N SER M 171 -23.39 53.20 49.05
CA SER M 171 -22.37 52.99 50.07
C SER M 171 -23.04 52.85 51.43
N LYS M 172 -22.39 52.10 52.31
CA LYS M 172 -22.94 51.79 53.63
C LYS M 172 -22.39 52.77 54.66
N GLN M 173 -23.28 53.45 55.38
CA GLN M 173 -22.89 54.44 56.37
C GLN M 173 -22.43 53.77 57.67
N SER M 174 -22.14 54.60 58.67
CA SER M 174 -21.68 54.11 59.95
C SER M 174 -22.77 53.35 60.71
N ASN M 175 -24.04 53.68 60.45
CA ASN M 175 -25.15 53.00 61.10
C ASN M 175 -25.51 51.66 60.45
N ASN M 176 -24.67 51.15 59.55
CA ASN M 176 -24.85 49.91 58.81
C ASN M 176 -26.02 49.96 57.83
N LYS M 177 -26.69 51.10 57.70
CA LYS M 177 -27.59 51.33 56.59
C LYS M 177 -26.79 51.87 55.40
N TYR M 178 -27.48 52.15 54.29
CA TYR M 178 -26.83 52.56 53.06
C TYR M 178 -27.23 53.98 52.70
N ALA M 179 -26.36 54.63 51.93
CA ALA M 179 -26.59 55.98 51.44
C ALA M 179 -26.10 56.07 50.00
N ALA M 180 -26.64 57.04 49.27
CA ALA M 180 -26.27 57.26 47.87
C ALA M 180 -26.79 58.63 47.44
N SER M 181 -26.16 59.18 46.40
CA SER M 181 -26.52 60.49 45.89
C SER M 181 -26.59 60.45 44.37
N SER M 182 -27.26 61.44 43.79
CA SER M 182 -27.41 61.55 42.34
C SER M 182 -27.48 63.01 41.95
N TYR M 183 -26.72 63.39 40.93
CA TYR M 183 -26.59 64.78 40.50
C TYR M 183 -27.15 64.92 39.09
N LEU M 184 -27.95 65.97 38.88
CA LEU M 184 -28.53 66.28 37.58
C LEU M 184 -27.97 67.60 37.09
N SER M 185 -27.31 67.57 35.93
CA SER M 185 -26.72 68.76 35.32
C SER M 185 -27.70 69.33 34.31
N LEU M 186 -27.98 70.63 34.42
CA LEU M 186 -28.92 71.30 33.53
C LEU M 186 -28.42 72.69 33.20
N THR M 187 -29.06 73.32 32.23
CA THR M 187 -28.85 74.72 31.91
C THR M 187 -29.87 75.58 32.64
N PRO M 188 -29.52 76.84 32.97
CA PRO M 188 -30.52 77.72 33.60
C PRO M 188 -31.75 77.95 32.76
N GLU M 189 -31.65 77.79 31.43
CA GLU M 189 -32.83 77.86 30.58
C GLU M 189 -33.77 76.70 30.87
N GLN M 190 -33.22 75.52 31.13
CA GLN M 190 -34.06 74.38 31.47
C GLN M 190 -34.69 74.54 32.85
N TRP M 191 -33.96 75.12 33.80
CA TRP M 191 -34.47 75.25 35.16
C TRP M 191 -35.62 76.24 35.23
N LYS M 192 -35.56 77.31 34.43
CA LYS M 192 -36.62 78.32 34.43
C LYS M 192 -37.76 78.01 33.47
N SER M 193 -37.50 77.25 32.40
CA SER M 193 -38.56 76.93 31.45
C SER M 193 -39.55 75.97 32.11
N HIS M 194 -39.11 74.76 32.41
CA HIS M 194 -39.93 73.84 33.19
C HIS M 194 -40.22 74.44 34.55
N ARG M 195 -41.47 74.27 35.00
CA ARG M 195 -41.91 74.95 36.22
C ARG M 195 -41.36 74.30 37.48
N SER M 196 -41.22 72.97 37.47
CA SER M 196 -40.67 72.26 38.63
C SER M 196 -39.98 70.99 38.16
N TYR M 197 -39.02 70.53 38.95
CA TYR M 197 -38.27 69.32 38.68
C TYR M 197 -38.47 68.31 39.79
N SER M 198 -38.50 67.02 39.44
CA SER M 198 -38.83 65.97 40.37
C SER M 198 -37.75 64.89 40.38
N CYS M 199 -37.38 64.45 41.58
CA CYS M 199 -36.50 63.31 41.78
C CYS M 199 -37.35 62.12 42.25
N GLN M 200 -37.25 61.00 41.52
CA GLN M 200 -38.08 59.82 41.78
C GLN M 200 -37.19 58.67 42.22
N VAL M 201 -37.31 58.27 43.48
CA VAL M 201 -36.50 57.22 44.08
C VAL M 201 -37.39 56.00 44.32
N THR M 202 -37.06 54.89 43.68
CA THR M 202 -37.77 53.62 43.85
C THR M 202 -36.90 52.67 44.65
N HIS M 203 -37.53 51.92 45.56
CA HIS M 203 -36.78 51.06 46.48
C HIS M 203 -37.66 49.91 46.93
N GLU M 204 -37.33 48.70 46.48
CA GLU M 204 -38.00 47.47 46.93
C GLU M 204 -39.51 47.55 46.70
N GLY M 205 -39.89 47.95 45.49
CA GLY M 205 -41.29 48.07 45.13
C GLY M 205 -42.02 49.26 45.72
N SER M 206 -41.34 50.13 46.46
CA SER M 206 -41.92 51.36 46.98
C SER M 206 -41.18 52.55 46.39
N THR M 207 -41.84 53.71 46.39
CA THR M 207 -41.35 54.87 45.67
C THR M 207 -41.52 56.13 46.52
N VAL M 208 -40.45 56.92 46.61
CA VAL M 208 -40.45 58.20 47.30
C VAL M 208 -40.11 59.28 46.29
N GLU M 209 -40.91 60.34 46.25
CA GLU M 209 -40.80 61.37 45.22
C GLU M 209 -40.78 62.75 45.86
N LYS M 210 -39.82 63.57 45.45
CA LYS M 210 -39.71 64.95 45.90
C LYS M 210 -39.58 65.86 44.69
N THR M 211 -39.96 67.13 44.87
CA THR M 211 -40.04 68.08 43.77
C THR M 211 -39.63 69.47 44.25
N VAL M 212 -38.91 70.21 43.40
CA VAL M 212 -38.49 71.57 43.70
C VAL M 212 -38.85 72.49 42.55
N ALA M 213 -38.92 73.78 42.85
CA ALA M 213 -39.30 74.79 41.88
C ALA M 213 -38.72 76.13 42.33
N PRO M 214 -38.58 77.11 41.43
CA PRO M 214 -38.11 78.44 41.79
C PRO M 214 -39.01 79.12 42.83
N GLU N 1 59.78 -5.69 17.92
CA GLU N 1 58.53 -6.29 18.34
C GLU N 1 57.85 -6.94 17.16
N VAL N 2 57.09 -6.15 16.39
CA VAL N 2 56.49 -6.65 15.17
C VAL N 2 57.58 -7.02 14.18
N GLN N 3 57.47 -8.21 13.59
CA GLN N 3 58.51 -8.69 12.69
C GLN N 3 57.86 -9.30 11.45
N LEU N 4 58.56 -9.15 10.32
CA LEU N 4 58.18 -9.77 9.05
C LEU N 4 59.44 -10.23 8.35
N VAL N 5 59.44 -11.47 7.86
CA VAL N 5 60.62 -12.08 7.26
C VAL N 5 60.23 -12.68 5.91
N GLU N 6 60.72 -12.07 4.84
CA GLU N 6 60.50 -12.61 3.50
C GLU N 6 61.59 -13.63 3.16
N SER N 7 61.27 -14.50 2.20
CA SER N 7 62.21 -15.54 1.80
C SER N 7 61.74 -16.12 0.46
N GLY N 8 62.61 -16.92 -0.15
CA GLY N 8 62.29 -17.64 -1.36
C GLY N 8 62.67 -16.96 -2.64
N GLY N 9 62.87 -15.63 -2.62
CA GLY N 9 63.21 -14.93 -3.83
C GLY N 9 64.57 -15.30 -4.37
N GLY N 10 64.79 -14.92 -5.62
CA GLY N 10 66.06 -15.17 -6.28
C GLY N 10 65.93 -15.00 -7.79
N LEU N 11 66.71 -15.78 -8.51
CA LEU N 11 66.73 -15.73 -9.97
C LEU N 11 65.93 -16.87 -10.56
N VAL N 12 65.16 -16.58 -11.61
CA VAL N 12 64.41 -17.60 -12.32
C VAL N 12 64.16 -17.09 -13.74
N LYS N 13 64.03 -18.01 -14.69
CA LYS N 13 63.88 -17.65 -16.09
C LYS N 13 62.44 -17.23 -16.38
N PRO N 14 62.23 -16.41 -17.41
CA PRO N 14 60.86 -16.04 -17.80
C PRO N 14 60.02 -17.28 -18.09
N GLY N 15 58.80 -17.27 -17.55
CA GLY N 15 57.93 -18.42 -17.63
C GLY N 15 58.02 -19.37 -16.45
N GLY N 16 59.04 -19.23 -15.61
CA GLY N 16 59.19 -20.08 -14.45
C GLY N 16 58.25 -19.71 -13.32
N SER N 17 58.41 -20.41 -12.19
CA SER N 17 57.53 -20.26 -11.04
C SER N 17 58.35 -19.99 -9.78
N LEU N 18 57.72 -19.29 -8.83
CA LEU N 18 58.32 -19.00 -7.55
C LEU N 18 57.23 -18.82 -6.49
N ARG N 19 57.49 -19.35 -5.30
CA ARG N 19 56.60 -19.20 -4.15
C ARG N 19 57.32 -18.40 -3.07
N LEU N 20 56.78 -17.22 -2.76
CA LEU N 20 57.36 -16.35 -1.75
C LEU N 20 56.73 -16.64 -0.40
N SER N 21 57.56 -16.62 0.65
CA SER N 21 57.10 -16.89 2.00
C SER N 21 57.43 -15.71 2.90
N CYS N 22 56.45 -15.33 3.73
CA CYS N 22 56.61 -14.26 4.70
C CYS N 22 56.15 -14.78 6.06
N ALA N 23 57.09 -14.88 7.00
CA ALA N 23 56.77 -15.33 8.35
C ALA N 23 56.71 -14.14 9.29
N ALA N 24 55.60 -14.01 10.02
CA ALA N 24 55.37 -12.94 10.96
C ALA N 24 55.42 -13.48 12.39
N SER N 25 55.54 -12.56 13.33
CA SER N 25 55.66 -12.94 14.75
C SER N 25 55.44 -11.69 15.59
N GLY N 26 55.07 -11.93 16.86
CA GLY N 26 54.99 -10.87 17.85
C GLY N 26 53.61 -10.35 18.14
N PHE N 27 52.60 -10.78 17.39
CA PHE N 27 51.24 -10.27 17.57
C PHE N 27 50.25 -11.34 17.16
N THR N 28 48.96 -11.00 17.30
CA THR N 28 47.88 -11.91 16.93
C THR N 28 47.70 -11.83 15.43
N PHE N 29 48.21 -12.84 14.71
CA PHE N 29 48.26 -12.78 13.25
C PHE N 29 46.87 -12.87 12.64
N SER N 30 46.07 -13.84 13.07
CA SER N 30 44.79 -14.14 12.46
C SER N 30 43.74 -13.04 12.60
N SER N 31 44.14 -11.84 13.04
CA SER N 31 43.24 -10.71 13.19
C SER N 31 43.38 -9.66 12.10
N TYR N 32 44.44 -9.72 11.30
CA TYR N 32 44.79 -8.65 10.39
C TYR N 32 44.75 -9.13 8.94
N SER N 33 44.46 -8.19 8.04
CA SER N 33 44.59 -8.44 6.61
C SER N 33 46.04 -8.24 6.17
N MET N 34 46.47 -9.04 5.20
CA MET N 34 47.84 -9.03 4.70
C MET N 34 47.89 -8.66 3.22
N ASN N 35 49.03 -8.12 2.79
CA ASN N 35 49.19 -7.65 1.42
C ASN N 35 50.62 -7.86 0.93
N TRP N 36 50.75 -7.99 -0.39
CA TRP N 36 52.04 -7.98 -1.08
C TRP N 36 52.15 -6.69 -1.90
N VAL N 37 53.27 -5.99 -1.76
CA VAL N 37 53.58 -4.79 -2.54
C VAL N 37 54.99 -4.92 -3.09
N ARG N 38 55.16 -4.68 -4.38
CA ARG N 38 56.44 -4.87 -5.05
C ARG N 38 56.99 -3.55 -5.55
N GLN N 39 58.25 -3.57 -6.01
CA GLN N 39 58.90 -2.36 -6.49
C GLN N 39 60.03 -2.73 -7.44
N ALA N 40 59.87 -2.37 -8.71
CA ALA N 40 60.96 -2.50 -9.67
C ALA N 40 62.05 -1.47 -9.37
N PRO N 41 63.31 -1.77 -9.74
CA PRO N 41 64.41 -0.84 -9.44
C PRO N 41 64.17 0.51 -10.09
N GLY N 42 64.25 1.56 -9.29
CA GLY N 42 64.04 2.91 -9.76
C GLY N 42 62.62 3.27 -10.09
N LYS N 43 61.66 2.41 -9.77
CA LYS N 43 60.25 2.67 -10.04
C LYS N 43 59.51 2.85 -8.73
N GLY N 44 58.20 3.12 -8.84
CA GLY N 44 57.35 3.29 -7.68
C GLY N 44 56.92 1.97 -7.08
N LEU N 45 55.98 2.08 -6.14
CA LEU N 45 55.42 0.91 -5.48
C LEU N 45 54.13 0.49 -6.16
N GLU N 46 53.91 -0.83 -6.24
CA GLU N 46 52.71 -1.38 -6.87
C GLU N 46 52.11 -2.44 -5.96
N TRP N 47 50.83 -2.28 -5.65
CA TRP N 47 50.11 -3.31 -4.91
C TRP N 47 49.86 -4.52 -5.80
N VAL N 48 49.97 -5.71 -5.22
CA VAL N 48 49.84 -6.95 -5.98
C VAL N 48 48.56 -7.68 -5.58
N SER N 49 48.49 -8.14 -4.33
CA SER N 49 47.38 -8.99 -3.93
C SER N 49 47.00 -8.69 -2.48
N SER N 50 45.71 -8.88 -2.20
CA SER N 50 45.14 -8.71 -0.87
C SER N 50 44.52 -10.02 -0.41
N ILE N 51 44.47 -10.19 0.91
CA ILE N 51 43.85 -11.37 1.50
C ILE N 51 43.26 -10.99 2.85
N SER N 52 42.01 -11.39 3.08
CA SER N 52 41.32 -11.07 4.33
C SER N 52 41.98 -11.79 5.50
N SER N 53 41.51 -11.45 6.70
CA SER N 53 42.10 -12.02 7.91
C SER N 53 41.75 -13.49 8.09
N SER N 54 40.70 -13.99 7.44
CA SER N 54 40.32 -15.40 7.50
C SER N 54 40.23 -15.99 6.10
N SER N 55 40.97 -15.41 5.16
CA SER N 55 41.04 -15.85 3.76
C SER N 55 39.73 -15.69 3.00
N SER N 56 38.73 -15.03 3.59
CA SER N 56 37.41 -14.98 2.97
C SER N 56 37.32 -14.02 1.80
N TYR N 57 38.22 -13.04 1.69
CA TYR N 57 38.19 -12.07 0.61
C TYR N 57 39.59 -11.88 0.03
N ILE N 58 39.71 -12.08 -1.28
CA ILE N 58 40.99 -11.99 -1.98
C ILE N 58 40.78 -11.23 -3.27
N TYR N 59 41.69 -10.30 -3.57
CA TYR N 59 41.66 -9.54 -4.81
C TYR N 59 43.08 -9.35 -5.31
N TYR N 60 43.22 -9.28 -6.64
CA TYR N 60 44.51 -9.12 -7.28
C TYR N 60 44.50 -7.85 -8.12
N ALA N 61 45.68 -7.24 -8.26
CA ALA N 61 45.81 -6.12 -9.17
C ALA N 61 45.59 -6.58 -10.59
N ASP N 62 44.88 -5.76 -11.38
CA ASP N 62 44.52 -6.14 -12.75
C ASP N 62 45.73 -6.45 -13.61
N SER N 63 46.93 -6.05 -13.18
CA SER N 63 48.13 -6.36 -13.93
C SER N 63 48.55 -7.82 -13.81
N VAL N 64 48.14 -8.51 -12.74
CA VAL N 64 48.74 -9.81 -12.43
C VAL N 64 47.69 -10.89 -12.18
N LYS N 65 46.42 -10.60 -12.46
CA LYS N 65 45.37 -11.58 -12.24
C LYS N 65 45.60 -12.83 -13.09
N GLY N 66 45.27 -13.98 -12.52
CA GLY N 66 45.44 -15.25 -13.19
C GLY N 66 46.85 -15.81 -13.19
N ARG N 67 47.85 -14.98 -12.94
CA ARG N 67 49.23 -15.44 -12.92
C ARG N 67 49.78 -15.60 -11.51
N PHE N 68 49.28 -14.83 -10.55
CA PHE N 68 49.74 -14.90 -9.17
C PHE N 68 48.63 -15.49 -8.32
N THR N 69 49.01 -16.32 -7.34
CA THR N 69 48.07 -16.97 -6.44
C THR N 69 48.53 -16.71 -5.00
N ILE N 70 47.73 -15.96 -4.26
CA ILE N 70 48.02 -15.65 -2.86
C ILE N 70 47.35 -16.67 -1.95
N SER N 71 47.98 -16.93 -0.81
CA SER N 71 47.46 -17.86 0.18
C SER N 71 47.96 -17.44 1.54
N ARG N 72 47.30 -17.91 2.59
CA ARG N 72 47.76 -17.66 3.94
C ARG N 72 47.47 -18.86 4.82
N ASP N 73 48.28 -19.01 5.86
CA ASP N 73 48.12 -20.08 6.84
C ASP N 73 48.14 -19.39 8.20
N ASN N 74 46.96 -19.16 8.77
CA ASN N 74 46.87 -18.41 10.03
C ASN N 74 47.47 -19.18 11.20
N ALA N 75 47.64 -20.49 11.06
CA ALA N 75 48.25 -21.26 12.13
C ALA N 75 49.77 -21.15 12.12
N LYS N 76 50.37 -21.05 10.92
CA LYS N 76 51.82 -20.98 10.78
C LYS N 76 52.36 -19.55 10.76
N ASN N 77 51.50 -18.54 10.91
CA ASN N 77 51.90 -17.14 10.75
C ASN N 77 52.62 -16.92 9.43
N SER N 78 52.05 -17.47 8.36
CA SER N 78 52.72 -17.54 7.07
C SER N 78 51.85 -16.92 5.99
N LEU N 79 52.51 -16.32 5.01
CA LEU N 79 51.84 -15.75 3.84
C LEU N 79 52.60 -16.18 2.59
N TYR N 80 51.88 -16.77 1.64
CA TYR N 80 52.48 -17.30 0.42
C TYR N 80 51.97 -16.55 -0.81
N LEU N 81 52.83 -16.48 -1.83
CA LEU N 81 52.47 -15.89 -3.12
C LEU N 81 53.05 -16.77 -4.23
N GLN N 82 52.20 -17.57 -4.86
CA GLN N 82 52.62 -18.40 -5.98
C GLN N 82 52.57 -17.57 -7.25
N MET N 83 53.69 -17.54 -7.98
CA MET N 83 53.82 -16.70 -9.17
C MET N 83 54.17 -17.58 -10.35
N ASN N 84 53.28 -17.62 -11.34
CA ASN N 84 53.48 -18.44 -12.53
C ASN N 84 53.62 -17.57 -13.77
N SER N 85 54.26 -18.13 -14.79
CA SER N 85 54.50 -17.44 -16.06
C SER N 85 55.14 -16.08 -15.81
N LEU N 86 56.15 -16.07 -14.95
CA LEU N 86 56.84 -14.85 -14.58
C LEU N 86 57.53 -14.23 -15.80
N ARG N 87 57.48 -12.91 -15.87
CA ARG N 87 58.08 -12.18 -16.99
C ARG N 87 59.20 -11.27 -16.48
N ALA N 88 60.04 -10.84 -17.43
CA ALA N 88 61.17 -9.98 -17.08
C ALA N 88 60.68 -8.64 -16.54
N GLU N 89 59.52 -8.19 -17.00
CA GLU N 89 58.94 -6.94 -16.52
C GLU N 89 58.51 -7.02 -15.05
N ASP N 90 58.31 -8.23 -14.54
CA ASP N 90 57.99 -8.43 -13.13
C ASP N 90 59.20 -8.27 -12.22
N THR N 91 60.41 -8.12 -12.77
CA THR N 91 61.63 -8.02 -11.96
C THR N 91 61.52 -6.88 -10.97
N ALA N 92 61.44 -7.21 -9.68
CA ALA N 92 61.16 -6.22 -8.65
C ALA N 92 61.48 -6.81 -7.30
N VAL N 93 61.59 -5.93 -6.30
CA VAL N 93 61.71 -6.32 -4.90
C VAL N 93 60.30 -6.44 -4.32
N TYR N 94 59.99 -7.59 -3.74
CA TYR N 94 58.64 -7.89 -3.28
C TYR N 94 58.59 -7.76 -1.76
N TYR N 95 57.69 -6.91 -1.28
CA TYR N 95 57.60 -6.53 0.12
C TYR N 95 56.37 -7.14 0.77
N CYS N 96 56.54 -7.61 2.01
CA CYS N 96 55.45 -8.14 2.81
C CYS N 96 54.93 -7.04 3.73
N ALA N 97 53.62 -6.79 3.69
CA ALA N 97 53.03 -5.62 4.37
C ALA N 97 51.69 -5.95 5.01
N ARG N 98 51.48 -5.42 6.22
CA ARG N 98 50.26 -5.64 7.00
C ARG N 98 49.29 -4.46 6.88
N LEU N 99 48.01 -4.77 6.75
CA LEU N 99 46.96 -3.77 6.61
C LEU N 99 46.47 -3.34 8.00
N GLY N 100 46.71 -2.08 8.35
CA GLY N 100 46.29 -1.56 9.64
C GLY N 100 44.79 -1.34 9.73
N TYR N 101 44.34 -0.97 10.94
CA TYR N 101 42.94 -0.69 11.23
C TYR N 101 42.63 0.80 11.08
N CYS N 102 41.46 1.12 10.51
CA CYS N 102 40.97 2.48 10.44
C CYS N 102 39.50 2.52 10.85
N SER N 103 39.03 3.75 11.05
CA SER N 103 37.64 3.95 11.43
C SER N 103 36.72 3.47 10.32
N GLY N 104 37.02 3.83 9.07
CA GLY N 104 36.10 3.57 7.98
C GLY N 104 36.68 3.24 6.62
N GLY N 105 37.51 2.21 6.51
CA GLY N 105 37.99 1.76 5.22
C GLY N 105 39.11 2.63 4.68
N SER N 106 39.70 2.16 3.57
CA SER N 106 40.84 2.82 2.92
C SER N 106 42.04 2.90 3.85
N CYS N 107 42.36 1.78 4.50
CA CYS N 107 43.37 1.74 5.54
C CYS N 107 44.80 1.89 5.00
N HIS N 108 45.73 2.00 5.95
CA HIS N 108 47.16 2.15 5.72
C HIS N 108 47.90 0.88 6.13
N PHE N 109 49.12 0.75 5.60
CA PHE N 109 50.02 -0.34 5.94
C PHE N 109 50.97 0.13 7.04
N ASP N 110 50.76 -0.38 8.26
CA ASP N 110 51.49 0.16 9.41
C ASP N 110 52.91 -0.41 9.53
N TYR N 111 53.10 -1.69 9.23
CA TYR N 111 54.40 -2.34 9.39
C TYR N 111 54.77 -3.07 8.11
N TRP N 112 56.05 -2.97 7.72
CA TRP N 112 56.55 -3.57 6.50
C TRP N 112 57.74 -4.48 6.81
N GLY N 113 57.84 -5.56 6.04
CA GLY N 113 58.98 -6.45 6.11
C GLY N 113 60.19 -5.86 5.41
N GLN N 114 61.24 -6.68 5.32
CA GLN N 114 62.50 -6.24 4.74
C GLN N 114 62.58 -6.48 3.24
N GLY N 115 61.64 -7.22 2.66
CA GLY N 115 61.59 -7.41 1.23
C GLY N 115 62.50 -8.50 0.72
N THR N 116 62.09 -9.17 -0.36
CA THR N 116 62.93 -10.15 -1.03
C THR N 116 63.04 -9.78 -2.51
N LEU N 117 64.22 -10.02 -3.08
CA LEU N 117 64.50 -9.69 -4.47
C LEU N 117 64.15 -10.87 -5.38
N VAL N 118 63.34 -10.61 -6.40
CA VAL N 118 63.01 -11.58 -7.44
C VAL N 118 63.45 -10.97 -8.76
N THR N 119 64.49 -11.54 -9.36
CA THR N 119 65.04 -11.05 -10.61
C THR N 119 64.71 -12.09 -11.68
N VAL N 120 64.03 -11.67 -12.73
CA VAL N 120 63.72 -12.54 -13.87
C VAL N 120 64.34 -11.93 -15.11
N SER N 121 65.17 -12.72 -15.80
CA SER N 121 65.75 -12.32 -17.07
C SER N 121 66.16 -13.57 -17.84
N SER N 122 66.21 -13.43 -19.16
CA SER N 122 66.74 -14.52 -19.96
C SER N 122 68.25 -14.38 -19.88
N ALA N 123 68.83 -14.98 -18.84
CA ALA N 123 70.24 -14.75 -18.54
C ALA N 123 70.93 -16.02 -18.07
N SER N 124 72.19 -16.15 -18.48
CA SER N 124 73.06 -17.26 -18.11
C SER N 124 74.39 -16.73 -17.62
N THR N 125 75.03 -17.47 -16.70
CA THR N 125 76.32 -17.04 -16.17
C THR N 125 77.32 -16.88 -17.31
N LYS N 126 77.99 -15.72 -17.34
CA LYS N 126 78.95 -15.41 -18.39
C LYS N 126 80.18 -14.75 -17.79
N GLY N 127 81.30 -14.89 -18.49
CA GLY N 127 82.53 -14.26 -18.07
C GLY N 127 82.62 -12.86 -18.63
N PRO N 128 83.50 -12.04 -18.05
CA PRO N 128 83.63 -10.67 -18.52
C PRO N 128 84.48 -10.56 -19.79
N SER N 129 84.27 -9.47 -20.51
CA SER N 129 85.09 -9.08 -21.64
C SER N 129 85.82 -7.78 -21.31
N VAL N 130 87.14 -7.79 -21.48
CA VAL N 130 88.00 -6.70 -21.02
C VAL N 130 88.65 -6.01 -22.20
N PHE N 131 88.66 -4.68 -22.17
CA PHE N 131 89.26 -3.81 -23.19
C PHE N 131 90.00 -2.68 -22.49
N PRO N 132 91.21 -2.35 -22.96
CA PRO N 132 91.95 -1.25 -22.34
C PRO N 132 91.39 0.11 -22.76
N LEU N 133 91.68 1.12 -21.95
CA LEU N 133 91.23 2.49 -22.21
C LEU N 133 92.46 3.40 -22.32
N ALA N 134 92.83 3.76 -23.55
CA ALA N 134 94.07 4.49 -23.77
C ALA N 134 93.94 5.92 -23.21
N PRO N 135 94.99 6.44 -22.58
CA PRO N 135 94.92 7.78 -21.99
C PRO N 135 95.42 8.88 -22.92
N SER N 136 95.25 10.11 -22.44
CA SER N 136 95.75 11.34 -23.03
C SER N 136 95.49 12.43 -21.99
N SER N 137 96.25 13.52 -22.06
CA SER N 137 96.02 14.65 -21.16
C SER N 137 94.96 15.57 -21.75
N LYS N 138 93.69 15.32 -21.43
CA LYS N 138 92.58 16.04 -22.04
C LYS N 138 91.92 17.07 -21.13
N SER N 139 90.94 16.60 -20.35
CA SER N 139 90.11 17.41 -19.46
C SER N 139 90.64 17.52 -18.05
N THR N 140 91.64 16.74 -17.69
CA THR N 140 92.09 16.68 -16.30
C THR N 140 92.98 17.87 -15.91
N SER N 141 93.62 17.75 -14.74
CA SER N 141 94.40 18.82 -14.14
C SER N 141 95.87 18.63 -14.47
N GLY N 142 96.67 19.57 -14.01
CA GLY N 142 98.09 19.62 -14.32
C GLY N 142 98.86 18.30 -14.19
N GLY N 143 99.25 17.73 -15.32
CA GLY N 143 99.98 16.48 -15.36
C GLY N 143 99.19 15.25 -14.98
N THR N 144 97.91 15.36 -14.69
CA THR N 144 97.10 14.21 -14.34
C THR N 144 96.46 13.64 -15.59
N ALA N 145 96.55 12.32 -15.73
CA ALA N 145 95.91 11.62 -16.84
C ALA N 145 95.14 10.44 -16.29
N ALA N 146 94.00 10.15 -16.92
CA ALA N 146 93.13 9.06 -16.53
C ALA N 146 93.29 7.91 -17.52
N LEU N 147 93.71 6.76 -17.04
CA LEU N 147 93.75 5.53 -17.83
C LEU N 147 92.97 4.44 -17.09
N GLY N 148 92.55 3.43 -17.84
CA GLY N 148 91.80 2.36 -17.21
C GLY N 148 91.58 1.22 -18.16
N CYS N 149 90.66 0.34 -17.76
CA CYS N 149 90.26 -0.78 -18.59
C CYS N 149 88.78 -1.03 -18.37
N LEU N 150 88.13 -1.56 -19.40
CA LEU N 150 86.67 -1.69 -19.43
C LEU N 150 86.27 -3.15 -19.28
N VAL N 151 85.30 -3.40 -18.40
CA VAL N 151 84.74 -4.73 -18.18
C VAL N 151 83.33 -4.72 -18.74
N LYS N 152 83.14 -5.35 -19.90
CA LYS N 152 81.89 -5.24 -20.66
C LYS N 152 81.23 -6.61 -20.82
N ASP N 153 79.90 -6.60 -20.80
CA ASP N 153 79.07 -7.76 -21.14
C ASP N 153 79.41 -8.99 -20.27
N TYR N 154 79.31 -8.79 -18.96
CA TYR N 154 79.49 -9.85 -17.98
C TYR N 154 78.22 -10.03 -17.18
N PHE N 155 78.05 -11.24 -16.63
CA PHE N 155 76.88 -11.59 -15.84
C PHE N 155 77.18 -12.90 -15.09
N PRO N 156 76.86 -13.00 -13.80
CA PRO N 156 76.15 -11.96 -13.03
C PRO N 156 77.09 -11.11 -12.20
N GLU N 157 76.50 -10.38 -11.27
CA GLU N 157 77.27 -9.63 -10.29
C GLU N 157 77.85 -10.59 -9.25
N PRO N 158 78.99 -10.25 -8.63
CA PRO N 158 79.83 -9.06 -8.85
C PRO N 158 81.10 -9.36 -9.64
N VAL N 159 81.89 -8.31 -9.90
CA VAL N 159 83.21 -8.43 -10.51
C VAL N 159 84.18 -7.61 -9.66
N THR N 160 85.32 -8.21 -9.33
CA THR N 160 86.34 -7.55 -8.53
C THR N 160 87.46 -7.06 -9.43
N VAL N 161 87.86 -5.81 -9.25
CA VAL N 161 88.89 -5.18 -10.07
C VAL N 161 89.94 -4.58 -9.15
N SER N 162 91.19 -4.99 -9.32
CA SER N 162 92.34 -4.41 -8.64
C SER N 162 93.29 -3.85 -9.68
N TRP N 163 94.37 -3.21 -9.22
CA TRP N 163 95.33 -2.59 -10.12
C TRP N 163 96.74 -2.94 -9.67
N ASN N 164 97.52 -3.53 -10.60
CA ASN N 164 98.92 -3.87 -10.36
C ASN N 164 99.08 -4.77 -9.13
N SER N 165 98.22 -5.79 -9.07
CA SER N 165 98.19 -6.76 -7.97
C SER N 165 97.97 -6.10 -6.61
N GLY N 166 97.19 -5.04 -6.57
CA GLY N 166 96.86 -4.38 -5.32
C GLY N 166 97.91 -3.45 -4.77
N ALA N 167 99.05 -3.31 -5.45
CA ALA N 167 100.12 -2.46 -4.96
C ALA N 167 99.79 -0.98 -5.08
N LEU N 168 98.85 -0.62 -5.96
CA LEU N 168 98.47 0.77 -6.18
C LEU N 168 97.07 1.00 -5.65
N THR N 169 96.92 1.96 -4.75
CA THR N 169 95.65 2.24 -4.11
C THR N 169 95.26 3.71 -4.25
N SER N 170 96.26 4.58 -4.41
CA SER N 170 96.02 6.01 -4.47
C SER N 170 95.44 6.39 -5.83
N GLY N 171 94.31 7.10 -5.81
CA GLY N 171 93.71 7.61 -7.04
C GLY N 171 92.85 6.65 -7.83
N VAL N 172 92.36 5.58 -7.22
CA VAL N 172 91.54 4.59 -7.92
C VAL N 172 90.07 4.96 -7.80
N HIS N 173 89.35 4.91 -8.91
CA HIS N 173 87.90 5.13 -8.95
C HIS N 173 87.26 4.04 -9.80
N THR N 174 86.55 3.12 -9.14
CA THR N 174 85.80 2.07 -9.82
C THR N 174 84.32 2.44 -9.84
N PHE N 175 83.71 2.43 -11.09
CA PHE N 175 82.35 2.95 -11.24
C PHE N 175 81.32 1.82 -11.15
N PRO N 176 80.13 2.13 -10.63
CA PRO N 176 79.05 1.13 -10.62
C PRO N 176 78.68 0.68 -12.02
N ALA N 177 78.26 -0.58 -12.12
CA ALA N 177 77.92 -1.17 -13.40
C ALA N 177 76.49 -0.84 -13.82
N VAL N 178 76.29 -0.63 -15.12
CA VAL N 178 74.96 -0.42 -15.70
C VAL N 178 74.38 -1.77 -16.08
N LEU N 179 73.06 -1.90 -15.99
CA LEU N 179 72.36 -3.08 -16.45
C LEU N 179 71.86 -2.78 -17.86
N GLN N 180 72.58 -3.30 -18.85
CA GLN N 180 72.23 -3.08 -20.25
C GLN N 180 70.95 -3.81 -20.63
N SER N 181 70.34 -3.36 -21.73
CA SER N 181 69.11 -3.98 -22.20
C SER N 181 69.29 -5.46 -22.54
N SER N 182 70.53 -5.88 -22.82
CA SER N 182 70.81 -7.28 -23.09
C SER N 182 70.67 -8.14 -21.84
N GLY N 183 70.73 -7.52 -20.65
CA GLY N 183 70.72 -8.26 -19.41
C GLY N 183 72.09 -8.49 -18.83
N LEU N 184 73.09 -7.74 -19.28
CA LEU N 184 74.47 -7.91 -18.86
C LEU N 184 74.96 -6.65 -18.15
N TYR N 185 75.80 -6.84 -17.14
CA TYR N 185 76.40 -5.74 -16.41
C TYR N 185 77.70 -5.33 -17.08
N SER N 186 78.10 -4.07 -16.88
CA SER N 186 79.33 -3.56 -17.47
C SER N 186 79.84 -2.41 -16.61
N LEU N 187 81.09 -2.51 -16.18
CA LEU N 187 81.69 -1.49 -15.32
C LEU N 187 83.05 -1.08 -15.88
N SER N 188 83.57 0.04 -15.36
CA SER N 188 84.88 0.54 -15.72
C SER N 188 85.66 0.81 -14.44
N SER N 189 86.98 0.92 -14.60
CA SER N 189 87.87 1.19 -13.48
C SER N 189 89.03 2.04 -14.00
N VAL N 190 89.17 3.26 -13.46
CA VAL N 190 90.20 4.19 -13.92
C VAL N 190 91.04 4.65 -12.74
N VAL N 191 92.28 5.04 -13.04
CA VAL N 191 93.22 5.55 -12.05
C VAL N 191 93.89 6.78 -12.63
N THR N 192 94.02 7.83 -11.81
CA THR N 192 94.69 9.06 -12.22
C THR N 192 96.17 8.97 -11.84
N VAL N 193 97.04 9.19 -12.81
CA VAL N 193 98.48 8.99 -12.66
C VAL N 193 99.23 10.17 -13.26
N PRO N 194 100.49 10.38 -12.86
CA PRO N 194 101.27 11.48 -13.42
C PRO N 194 101.58 11.29 -14.89
N SER N 195 101.73 12.42 -15.59
CA SER N 195 102.05 12.38 -17.01
C SER N 195 103.41 11.75 -17.27
N SER N 196 104.36 11.94 -16.36
CA SER N 196 105.72 11.45 -16.58
C SER N 196 105.79 9.92 -16.55
N SER N 197 104.87 9.27 -15.85
CA SER N 197 104.94 7.82 -15.67
C SER N 197 104.38 7.03 -16.84
N LEU N 198 103.84 7.69 -17.87
CA LEU N 198 103.27 6.97 -19.00
C LEU N 198 104.33 6.15 -19.74
N GLY N 199 105.51 6.73 -19.96
CA GLY N 199 106.57 6.02 -20.63
C GLY N 199 107.43 5.15 -19.74
N THR N 200 107.18 5.15 -18.42
CA THR N 200 108.01 4.41 -17.47
C THR N 200 107.27 3.25 -16.85
N GLN N 201 106.28 3.51 -15.98
CA GLN N 201 105.64 2.47 -15.20
C GLN N 201 104.67 1.65 -16.04
N THR N 202 104.72 0.33 -15.87
CA THR N 202 103.79 -0.59 -16.52
C THR N 202 102.53 -0.73 -15.68
N TYR N 203 101.36 -0.59 -16.31
CA TYR N 203 100.07 -0.60 -15.63
C TYR N 203 99.21 -1.74 -16.18
N ILE N 204 98.87 -2.69 -15.31
CA ILE N 204 98.03 -3.83 -15.66
C ILE N 204 96.87 -3.89 -14.68
N CYS N 205 95.65 -3.96 -15.21
CA CYS N 205 94.46 -4.07 -14.36
C CYS N 205 94.09 -5.54 -14.20
N ASN N 206 93.78 -5.92 -12.97
CA ASN N 206 93.49 -7.32 -12.63
C ASN N 206 92.01 -7.47 -12.33
N VAL N 207 91.29 -8.12 -13.24
CA VAL N 207 89.87 -8.41 -13.08
C VAL N 207 89.74 -9.86 -12.65
N ASN N 208 88.94 -10.10 -11.59
CA ASN N 208 88.66 -11.44 -11.12
C ASN N 208 87.15 -11.58 -10.96
N HIS N 209 86.57 -12.57 -11.63
CA HIS N 209 85.14 -12.86 -11.56
C HIS N 209 84.99 -14.26 -11.00
N LYS N 210 84.90 -14.35 -9.68
CA LYS N 210 84.88 -15.66 -9.02
C LYS N 210 83.66 -16.53 -9.35
N PRO N 211 82.47 -16.00 -9.63
CA PRO N 211 81.37 -16.89 -10.06
C PRO N 211 81.71 -17.78 -11.25
N SER N 212 82.62 -17.36 -12.14
CA SER N 212 83.02 -18.17 -13.28
C SER N 212 84.46 -18.67 -13.21
N ASN N 213 85.16 -18.41 -12.10
CA ASN N 213 86.58 -18.76 -11.95
C ASN N 213 87.42 -18.19 -13.10
N THR N 214 87.16 -16.92 -13.41
CA THR N 214 87.82 -16.20 -14.50
C THR N 214 88.66 -15.06 -13.93
N LYS N 215 89.96 -15.09 -14.20
CA LYS N 215 90.88 -14.02 -13.83
C LYS N 215 91.58 -13.54 -15.08
N VAL N 216 91.43 -12.25 -15.39
CA VAL N 216 91.94 -11.67 -16.63
C VAL N 216 92.77 -10.43 -16.31
N ASP N 217 93.92 -10.32 -16.96
CA ASP N 217 94.80 -9.15 -16.85
C ASP N 217 94.92 -8.48 -18.21
N LYS N 218 94.78 -7.16 -18.24
CA LYS N 218 94.81 -6.38 -19.48
C LYS N 218 95.80 -5.25 -19.34
N LYS N 219 96.85 -5.26 -20.16
CA LYS N 219 97.81 -4.17 -20.19
C LYS N 219 97.25 -3.03 -21.02
N VAL N 220 97.41 -1.80 -20.53
CA VAL N 220 96.86 -0.61 -21.17
C VAL N 220 98.01 0.30 -21.58
N GLU N 221 98.27 0.38 -22.89
CA GLU N 221 99.30 1.30 -23.34
C GLU N 221 98.69 2.47 -24.10
N PRO N 222 99.33 3.63 -24.10
CA PRO N 222 98.80 4.79 -24.83
C PRO N 222 98.89 4.61 -26.34
N LYS N 223 98.17 5.48 -27.05
CA LYS N 223 98.22 5.49 -28.52
C LYS N 223 98.96 6.73 -28.99
N SER O 2 44.01 5.70 -13.44
CA SER O 2 44.94 6.78 -13.15
C SER O 2 45.73 6.48 -11.88
N VAL O 3 46.61 7.41 -11.51
CA VAL O 3 47.56 7.23 -10.42
C VAL O 3 47.88 8.60 -9.84
N LEU O 4 48.32 8.63 -8.58
CA LEU O 4 48.60 9.88 -7.88
C LEU O 4 49.90 10.50 -8.37
N THR O 5 49.91 11.83 -8.44
CA THR O 5 51.01 12.59 -9.03
C THR O 5 51.85 13.25 -7.95
N GLN O 6 53.17 13.02 -8.00
CA GLN O 6 54.13 13.65 -7.12
C GLN O 6 55.27 14.22 -7.95
N PRO O 7 55.81 15.38 -7.58
CA PRO O 7 57.03 15.88 -8.22
C PRO O 7 58.23 15.04 -7.83
N PRO O 8 59.03 14.62 -8.80
CA PRO O 8 60.08 13.65 -8.47
C PRO O 8 61.21 14.21 -7.62
N SER O 9 61.66 15.43 -7.90
CA SER O 9 62.80 16.01 -7.20
C SER O 9 62.32 17.18 -6.37
N VAL O 10 62.61 17.13 -5.07
CA VAL O 10 62.41 18.26 -4.17
C VAL O 10 63.69 18.47 -3.39
N SER O 11 64.25 19.67 -3.48
CA SER O 11 65.50 20.00 -2.82
C SER O 11 65.28 21.13 -1.83
N GLY O 12 66.04 21.08 -0.74
CA GLY O 12 65.96 22.08 0.30
C GLY O 12 67.15 22.02 1.25
N ALA O 13 67.45 23.15 1.87
CA ALA O 13 68.56 23.21 2.82
C ALA O 13 68.10 22.76 4.20
N PRO O 14 69.04 22.31 5.04
CA PRO O 14 68.67 21.93 6.41
C PRO O 14 68.06 23.11 7.16
N GLY O 15 66.86 22.90 7.70
CA GLY O 15 66.12 23.95 8.37
C GLY O 15 65.08 24.63 7.52
N GLN O 16 65.04 24.34 6.22
CA GLN O 16 64.03 24.92 5.35
C GLN O 16 62.70 24.19 5.53
N ARG O 17 61.66 24.72 4.90
CA ARG O 17 60.35 24.12 4.90
C ARG O 17 60.06 23.63 3.49
N VAL O 18 59.63 22.37 3.37
CA VAL O 18 59.37 21.76 2.08
C VAL O 18 57.99 21.10 2.10
N THR O 19 57.30 21.17 0.97
CA THR O 19 55.97 20.62 0.82
C THR O 19 55.97 19.66 -0.37
N ILE O 20 55.14 18.63 -0.27
CA ILE O 20 55.02 17.60 -1.31
C ILE O 20 53.60 17.60 -1.82
N SER O 21 53.43 17.85 -3.11
CA SER O 21 52.10 17.81 -3.71
C SER O 21 51.78 16.39 -4.17
N CYS O 22 50.59 15.92 -3.82
CA CYS O 22 50.08 14.59 -4.18
C CYS O 22 48.74 14.81 -4.88
N THR O 23 48.77 14.92 -6.21
CA THR O 23 47.58 15.25 -6.98
C THR O 23 46.87 13.96 -7.40
N GLY O 24 45.61 13.82 -6.97
CA GLY O 24 44.79 12.68 -7.32
C GLY O 24 43.78 12.99 -8.41
N SER O 25 42.79 12.11 -8.53
CA SER O 25 41.75 12.23 -9.54
C SER O 25 40.40 11.92 -8.90
N SER O 26 39.34 12.10 -9.69
CA SER O 26 37.98 11.91 -9.19
C SER O 26 37.69 10.45 -8.84
N SER O 27 38.51 9.51 -9.28
CA SER O 27 38.29 8.10 -9.00
C SER O 27 38.99 7.62 -7.73
N ASN O 28 39.80 8.47 -7.06
CA ASN O 28 40.43 8.08 -5.80
C ASN O 28 40.11 9.07 -4.68
N ILE O 29 40.92 10.13 -4.55
CA ILE O 29 40.71 11.10 -3.48
C ILE O 29 39.35 11.77 -3.64
N GLY O 30 39.01 12.19 -4.87
CA GLY O 30 37.76 12.86 -5.10
C GLY O 30 36.55 12.03 -4.72
N ALA O 31 36.72 10.72 -4.54
CA ALA O 31 35.66 9.87 -4.02
C ALA O 31 35.62 9.82 -2.51
N GLY O 32 36.60 10.42 -1.83
CA GLY O 32 36.60 10.54 -0.39
C GLY O 32 37.58 9.64 0.34
N TYR O 33 38.35 8.82 -0.37
CA TYR O 33 39.28 7.93 0.29
C TYR O 33 40.38 8.73 1.00
N ASP O 34 40.85 8.17 2.12
CA ASP O 34 41.90 8.80 2.91
C ASP O 34 43.28 8.56 2.30
N VAL O 35 44.24 9.42 2.67
CA VAL O 35 45.60 9.40 2.12
C VAL O 35 46.58 9.10 3.24
N HIS O 36 47.64 8.34 2.91
CA HIS O 36 48.70 7.97 3.83
C HIS O 36 50.05 8.18 3.15
N TRP O 37 51.10 8.31 3.96
CA TRP O 37 52.44 8.59 3.45
C TRP O 37 53.45 7.61 4.03
N TYR O 38 54.44 7.24 3.23
CA TYR O 38 55.47 6.28 3.61
C TYR O 38 56.86 6.82 3.30
N GLN O 39 57.77 6.66 4.26
CA GLN O 39 59.15 7.13 4.12
C GLN O 39 60.05 5.94 3.83
N GLN O 40 60.84 6.04 2.77
CA GLN O 40 61.70 4.95 2.30
C GLN O 40 63.14 5.44 2.26
N LEU O 41 63.90 5.14 3.30
CA LEU O 41 65.33 5.40 3.27
C LEU O 41 65.97 4.54 2.18
N PRO O 42 67.02 5.05 1.52
CA PRO O 42 67.54 4.34 0.34
C PRO O 42 68.00 2.93 0.69
N GLY O 43 67.53 1.96 -0.12
CA GLY O 43 67.86 0.57 0.07
C GLY O 43 67.19 -0.12 1.24
N THR O 44 66.33 0.58 1.98
CA THR O 44 65.71 0.04 3.18
C THR O 44 64.24 -0.24 2.93
N ALA O 45 63.59 -0.84 3.93
CA ALA O 45 62.16 -1.07 3.89
C ALA O 45 61.40 0.24 4.13
N PRO O 46 60.42 0.57 3.29
CA PRO O 46 59.56 1.74 3.59
C PRO O 46 58.75 1.54 4.85
N LYS O 47 58.82 2.51 5.76
CA LYS O 47 58.07 2.49 7.00
C LYS O 47 57.03 3.60 6.99
N LEU O 48 56.04 3.48 7.87
CA LEU O 48 54.95 4.45 7.91
C LEU O 48 55.43 5.77 8.50
N LEU O 49 55.09 6.88 7.84
CA LEU O 49 55.43 8.21 8.30
C LEU O 49 54.23 8.96 8.86
N ILE O 50 53.14 9.04 8.12
CA ILE O 50 51.93 9.70 8.59
C ILE O 50 50.72 8.94 8.05
N TYR O 51 49.76 8.62 8.92
CA TYR O 51 48.56 7.87 8.58
C TYR O 51 47.33 8.70 8.94
N GLY O 52 46.22 8.38 8.28
CA GLY O 52 44.99 9.13 8.51
C GLY O 52 45.08 10.59 8.12
N ASN O 53 45.67 10.88 6.96
CA ASN O 53 45.82 12.22 6.42
C ASN O 53 46.75 13.09 7.24
N SER O 54 46.56 13.14 8.56
CA SER O 54 47.24 14.14 9.37
C SER O 54 47.81 13.62 10.69
N ASN O 55 47.93 12.31 10.89
CA ASN O 55 48.37 11.77 12.17
C ASN O 55 49.73 11.08 12.04
N ARG O 56 50.63 11.40 12.95
CA ARG O 56 51.94 10.78 13.01
C ARG O 56 51.92 9.60 13.97
N PRO O 57 52.46 8.45 13.62
CA PRO O 57 52.50 7.33 14.56
C PRO O 57 53.53 7.56 15.66
N SER O 58 53.53 6.66 16.64
CA SER O 58 54.49 6.74 17.73
C SER O 58 55.90 6.63 17.18
N GLY O 59 56.77 7.52 17.63
CA GLY O 59 58.15 7.52 17.17
C GLY O 59 58.36 8.08 15.79
N VAL O 60 57.55 9.07 15.40
CA VAL O 60 57.76 9.83 14.18
C VAL O 60 57.90 11.27 14.60
N PRO O 61 58.98 11.97 14.24
CA PRO O 61 59.15 13.35 14.70
C PRO O 61 57.97 14.22 14.29
N ASP O 62 57.55 15.09 15.20
CA ASP O 62 56.45 16.00 14.96
C ASP O 62 56.77 17.04 13.89
N ARG O 63 57.99 17.02 13.35
CA ARG O 63 58.34 17.85 12.22
C ARG O 63 57.54 17.52 10.96
N PHE O 64 57.02 16.31 10.86
CA PHE O 64 56.22 15.92 9.71
C PHE O 64 54.74 16.19 10.00
N SER O 65 54.05 16.71 8.99
CA SER O 65 52.62 17.01 9.10
C SER O 65 51.99 16.94 7.72
N GLY O 66 50.79 16.37 7.66
CA GLY O 66 50.11 16.14 6.39
C GLY O 66 48.75 16.79 6.32
N SER O 67 48.29 17.07 5.09
CA SER O 67 47.00 17.70 4.87
C SER O 67 46.30 17.02 3.71
N LYS O 68 44.97 17.06 3.74
CA LYS O 68 44.15 16.53 2.64
C LYS O 68 43.01 17.50 2.37
N SER O 69 42.80 17.86 1.11
CA SER O 69 41.71 18.77 0.76
C SER O 69 41.35 18.58 -0.71
N GLY O 70 40.05 18.41 -0.97
CA GLY O 70 39.55 18.25 -2.33
C GLY O 70 40.05 17.02 -3.05
N THR O 71 40.86 17.25 -4.09
CA THR O 71 41.45 16.17 -4.88
C THR O 71 42.97 16.16 -4.77
N SER O 72 43.54 16.95 -3.88
CA SER O 72 44.98 17.07 -3.72
C SER O 72 45.37 16.68 -2.30
N ALA O 73 46.65 16.39 -2.12
CA ALA O 73 47.21 16.11 -0.80
C ALA O 73 48.56 16.80 -0.68
N SER O 74 49.02 16.96 0.56
CA SER O 74 50.27 17.65 0.82
C SER O 74 50.90 17.13 2.10
N LEU O 75 52.24 17.10 2.11
CA LEU O 75 53.02 16.69 3.27
C LEU O 75 54.01 17.79 3.60
N ALA O 76 54.00 18.25 4.84
CA ALA O 76 54.85 19.35 5.27
C ALA O 76 55.95 18.80 6.17
N ILE O 77 57.20 19.09 5.79
CA ILE O 77 58.37 18.75 6.59
C ILE O 77 58.99 20.08 7.01
N THR O 78 58.74 20.51 8.24
CA THR O 78 59.21 21.77 8.75
C THR O 78 60.49 21.57 9.55
N GLY O 79 61.51 22.38 9.27
CA GLY O 79 62.82 22.19 9.87
C GLY O 79 63.50 20.91 9.41
N LEU O 80 63.85 20.86 8.12
CA LEU O 80 64.39 19.66 7.51
C LEU O 80 65.75 19.29 8.11
N GLN O 81 65.96 17.99 8.31
CA GLN O 81 67.25 17.45 8.75
C GLN O 81 67.73 16.39 7.78
N ALA O 82 69.02 16.08 7.87
CA ALA O 82 69.66 15.19 6.89
C ALA O 82 69.21 13.74 7.02
N GLU O 83 68.77 13.31 8.20
CA GLU O 83 68.27 11.94 8.35
C GLU O 83 66.99 11.68 7.57
N ASP O 84 66.50 12.68 6.82
CA ASP O 84 65.29 12.56 6.02
C ASP O 84 65.58 12.48 4.53
N GLU O 85 66.84 12.48 4.11
CA GLU O 85 67.15 12.19 2.72
C GLU O 85 66.67 10.78 2.39
N ALA O 86 65.59 10.67 1.62
CA ALA O 86 64.93 9.40 1.37
C ALA O 86 63.87 9.60 0.29
N ASP O 87 63.17 8.52 -0.04
CA ASP O 87 62.05 8.56 -0.97
C ASP O 87 60.74 8.54 -0.19
N TYR O 88 59.79 9.36 -0.61
CA TYR O 88 58.51 9.51 0.07
C TYR O 88 57.38 9.24 -0.91
N TYR O 89 56.42 8.41 -0.49
CA TYR O 89 55.29 8.05 -1.34
C TYR O 89 53.99 8.34 -0.60
N CYS O 90 53.05 9.00 -1.28
CA CYS O 90 51.68 9.11 -0.80
C CYS O 90 50.86 7.96 -1.39
N GLN O 91 49.88 7.50 -0.62
CA GLN O 91 49.10 6.31 -0.97
C GLN O 91 47.63 6.53 -0.66
N SER O 92 46.76 6.04 -1.54
CA SER O 92 45.32 6.15 -1.36
C SER O 92 44.67 4.94 -2.04
N TYR O 93 43.37 5.04 -2.34
CA TYR O 93 42.61 3.98 -2.96
C TYR O 93 41.78 4.52 -4.12
N ASP O 94 41.80 3.81 -5.25
CA ASP O 94 41.03 4.16 -6.43
C ASP O 94 39.99 3.08 -6.67
N SER O 95 38.81 3.50 -7.17
CA SER O 95 37.67 2.61 -7.29
C SER O 95 37.51 1.99 -8.67
N SER O 96 38.31 2.43 -9.65
CA SER O 96 38.17 1.94 -11.02
C SER O 96 38.82 0.57 -11.18
N LEU O 97 38.28 -0.22 -12.09
CA LEU O 97 38.84 -1.50 -12.51
C LEU O 97 39.07 -2.42 -11.31
N SER O 98 37.96 -2.90 -10.76
CA SER O 98 37.94 -3.89 -9.69
C SER O 98 38.67 -3.43 -8.43
N GLY O 99 39.01 -2.14 -8.34
CA GLY O 99 39.64 -1.61 -7.14
C GLY O 99 41.09 -2.01 -7.02
N PHE O 100 41.92 -1.12 -6.47
CA PHE O 100 43.35 -1.36 -6.34
C PHE O 100 43.97 -0.24 -5.52
N TYR O 101 44.86 -0.61 -4.60
CA TYR O 101 45.64 0.37 -3.86
C TYR O 101 46.59 1.12 -4.80
N VAL O 102 46.52 2.46 -4.77
CA VAL O 102 47.34 3.29 -5.64
C VAL O 102 48.45 3.92 -4.83
N PHE O 103 49.58 4.17 -5.49
CA PHE O 103 50.72 4.85 -4.90
C PHE O 103 51.10 6.07 -5.73
N GLY O 104 51.80 7.00 -5.10
CA GLY O 104 52.29 8.17 -5.78
C GLY O 104 53.51 7.89 -6.65
N THR O 105 53.81 8.87 -7.51
CA THR O 105 54.95 8.74 -8.42
C THR O 105 56.29 8.86 -7.72
N GLY O 106 56.31 9.27 -6.45
CA GLY O 106 57.56 9.32 -5.72
C GLY O 106 58.21 10.68 -5.62
N THR O 107 58.74 10.99 -4.44
CA THR O 107 59.44 12.25 -4.18
C THR O 107 60.76 11.93 -3.50
N LYS O 108 61.86 12.13 -4.22
CA LYS O 108 63.19 12.00 -3.64
C LYS O 108 63.60 13.35 -3.06
N VAL O 109 63.57 13.47 -1.74
CA VAL O 109 64.00 14.69 -1.07
C VAL O 109 65.52 14.69 -0.94
N THR O 110 66.17 15.72 -1.49
CA THR O 110 67.62 15.85 -1.46
C THR O 110 67.98 17.03 -0.55
N VAL O 111 68.56 16.73 0.61
CA VAL O 111 68.99 17.75 1.56
C VAL O 111 70.32 18.35 1.08
N LEU O 112 70.28 19.59 0.61
CA LEU O 112 71.49 20.31 0.19
C LEU O 112 72.37 20.58 1.40
N GLY O 113 73.35 19.71 1.63
CA GLY O 113 74.25 19.85 2.77
C GLY O 113 75.60 20.43 2.38
N GLN O 114 75.90 20.39 1.09
CA GLN O 114 77.13 20.93 0.53
C GLN O 114 76.79 21.76 -0.71
N PRO O 115 77.62 22.75 -1.05
CA PRO O 115 77.32 23.60 -2.21
C PRO O 115 77.24 22.79 -3.50
N LYS O 116 76.62 23.39 -4.52
CA LYS O 116 76.48 22.74 -5.81
C LYS O 116 77.86 22.42 -6.37
N ALA O 117 78.02 21.19 -6.87
CA ALA O 117 79.28 20.70 -7.40
C ALA O 117 79.14 20.42 -8.90
N ALA O 118 80.10 20.90 -9.68
CA ALA O 118 80.07 20.69 -11.12
C ALA O 118 80.45 19.24 -11.44
N PRO O 119 79.79 18.63 -12.42
CA PRO O 119 80.13 17.25 -12.78
C PRO O 119 81.46 17.20 -13.53
N SER O 120 82.33 16.28 -13.12
CA SER O 120 83.63 16.07 -13.76
C SER O 120 83.49 15.02 -14.86
N VAL O 121 83.94 15.37 -16.06
CA VAL O 121 83.71 14.55 -17.25
C VAL O 121 85.04 14.06 -17.81
N THR O 122 85.19 12.75 -17.91
CA THR O 122 86.29 12.11 -18.61
C THR O 122 85.71 11.18 -19.65
N LEU O 123 86.13 11.35 -20.90
CA LEU O 123 85.57 10.60 -22.01
C LEU O 123 86.66 9.75 -22.66
N PHE O 124 86.36 8.45 -22.85
CA PHE O 124 87.26 7.50 -23.46
C PHE O 124 86.75 7.07 -24.83
N PRO O 125 87.63 6.90 -25.80
CA PRO O 125 87.23 6.34 -27.09
C PRO O 125 87.16 4.82 -27.02
N PRO O 126 86.58 4.18 -28.03
CA PRO O 126 86.66 2.71 -28.11
C PRO O 126 88.10 2.24 -28.22
N SER O 127 88.42 1.19 -27.48
CA SER O 127 89.77 0.65 -27.52
C SER O 127 90.11 0.16 -28.91
N SER O 128 91.40 0.24 -29.25
CA SER O 128 91.87 -0.37 -30.49
C SER O 128 91.60 -1.87 -30.50
N GLU O 129 91.55 -2.49 -29.32
CA GLU O 129 91.25 -3.91 -29.23
C GLU O 129 89.80 -4.19 -29.57
N GLU O 130 88.88 -3.37 -29.06
CA GLU O 130 87.46 -3.60 -29.33
C GLU O 130 87.13 -3.37 -30.79
N LEU O 131 87.81 -2.42 -31.45
CA LEU O 131 87.63 -2.23 -32.88
C LEU O 131 88.06 -3.46 -33.65
N GLN O 132 89.00 -4.24 -33.10
CA GLN O 132 89.39 -5.50 -33.71
C GLN O 132 88.33 -6.58 -33.53
N ALA O 133 87.47 -6.45 -32.52
CA ALA O 133 86.41 -7.41 -32.23
C ALA O 133 85.06 -7.00 -32.79
N ASN O 134 85.02 -5.99 -33.65
CA ASN O 134 83.79 -5.54 -34.31
C ASN O 134 82.77 -5.04 -33.29
N LYS O 135 83.25 -4.34 -32.27
CA LYS O 135 82.41 -3.65 -31.31
C LYS O 135 82.99 -2.26 -31.05
N ALA O 136 82.20 -1.41 -30.41
CA ALA O 136 82.65 -0.07 -30.05
C ALA O 136 81.92 0.39 -28.80
N THR O 137 82.67 0.80 -27.79
CA THR O 137 82.11 1.25 -26.52
C THR O 137 82.74 2.60 -26.16
N LEU O 138 81.90 3.62 -26.02
CA LEU O 138 82.35 4.93 -25.58
C LEU O 138 81.99 5.11 -24.11
N VAL O 139 82.98 5.46 -23.30
CA VAL O 139 82.83 5.52 -21.85
C VAL O 139 82.89 6.98 -21.43
N CYS O 140 81.83 7.45 -20.80
CA CYS O 140 81.73 8.83 -20.30
C CYS O 140 81.59 8.75 -18.79
N LEU O 141 82.63 9.19 -18.09
CA LEU O 141 82.70 9.07 -16.64
C LEU O 141 82.38 10.40 -15.98
N ILE O 142 81.42 10.37 -15.05
CA ILE O 142 80.94 11.56 -14.35
C ILE O 142 81.18 11.34 -12.86
N SER O 143 81.86 12.29 -12.22
CA SER O 143 82.19 12.15 -10.81
C SER O 143 82.21 13.53 -10.16
N ASP O 144 82.02 13.53 -8.83
CA ASP O 144 82.21 14.71 -8.00
C ASP O 144 81.22 15.83 -8.33
N PHE O 145 79.94 15.45 -8.48
CA PHE O 145 78.88 16.43 -8.69
C PHE O 145 77.88 16.36 -7.55
N TYR O 146 77.08 17.42 -7.41
CA TYR O 146 76.06 17.48 -6.38
C TYR O 146 75.09 18.60 -6.76
N PRO O 147 73.78 18.40 -6.59
CA PRO O 147 73.07 17.22 -6.08
C PRO O 147 73.12 16.00 -7.01
N GLY O 148 72.62 14.87 -6.54
CA GLY O 148 72.68 13.65 -7.32
C GLY O 148 71.66 13.60 -8.44
N ALA O 149 71.83 14.48 -9.42
CA ALA O 149 70.91 14.57 -10.54
C ALA O 149 71.68 15.04 -11.77
N VAL O 150 71.74 14.18 -12.79
CA VAL O 150 72.47 14.49 -14.01
C VAL O 150 71.64 14.07 -15.21
N THR O 151 71.96 14.68 -16.35
CA THR O 151 71.32 14.40 -17.62
C THR O 151 72.39 13.93 -18.59
N VAL O 152 72.19 12.78 -19.21
CA VAL O 152 73.16 12.20 -20.14
C VAL O 152 72.57 12.27 -21.53
N ALA O 153 73.22 13.03 -22.40
CA ALA O 153 72.85 13.10 -23.81
C ALA O 153 74.10 12.97 -24.65
N TRP O 154 74.12 11.99 -25.54
CA TRP O 154 75.20 11.82 -26.50
C TRP O 154 74.81 12.46 -27.82
N LYS O 155 75.76 13.15 -28.44
CA LYS O 155 75.55 13.81 -29.72
C LYS O 155 76.61 13.34 -30.69
N ALA O 156 76.16 12.83 -31.83
CA ALA O 156 77.04 12.39 -32.91
C ALA O 156 77.18 13.54 -33.88
N ASP O 157 78.39 14.09 -33.97
CA ASP O 157 78.65 15.31 -34.72
C ASP O 157 77.74 16.42 -34.22
N SER O 158 76.81 16.87 -35.06
CA SER O 158 75.86 17.91 -34.67
C SER O 158 74.48 17.36 -34.32
N SER O 159 74.27 16.04 -34.43
CA SER O 159 72.94 15.50 -34.21
C SER O 159 72.87 14.68 -32.92
N PRO O 160 71.75 14.74 -32.21
CA PRO O 160 71.60 13.91 -31.01
C PRO O 160 71.29 12.46 -31.36
N VAL O 161 71.74 11.57 -30.48
CA VAL O 161 71.55 10.13 -30.63
C VAL O 161 71.08 9.57 -29.30
N LYS O 162 69.94 8.89 -29.29
CA LYS O 162 69.40 8.27 -28.09
C LYS O 162 69.28 6.75 -28.21
N ALA O 163 69.62 6.19 -29.37
CA ALA O 163 69.62 4.74 -29.55
C ALA O 163 70.92 4.14 -29.05
N GLY O 164 70.82 3.00 -28.37
CA GLY O 164 72.00 2.30 -27.91
C GLY O 164 72.69 2.90 -26.71
N VAL O 165 71.94 3.55 -25.82
CA VAL O 165 72.49 4.22 -24.65
C VAL O 165 72.11 3.44 -23.41
N GLU O 166 73.10 3.20 -22.54
CA GLU O 166 72.89 2.58 -21.23
C GLU O 166 73.55 3.48 -20.20
N THR O 167 72.77 4.01 -19.27
CA THR O 167 73.24 5.00 -18.31
C THR O 167 73.04 4.46 -16.91
N THR O 168 74.09 4.55 -16.09
CA THR O 168 73.98 4.14 -14.70
C THR O 168 73.11 5.13 -13.93
N THR O 169 72.62 4.68 -12.79
CA THR O 169 71.97 5.63 -11.92
C THR O 169 73.01 6.39 -11.11
N PRO O 170 72.75 7.64 -10.75
CA PRO O 170 73.70 8.38 -9.91
C PRO O 170 73.92 7.65 -8.59
N SER O 171 75.18 7.49 -8.24
CA SER O 171 75.57 6.84 -6.99
C SER O 171 76.36 7.82 -6.14
N LYS O 172 76.31 7.65 -4.83
CA LYS O 172 76.93 8.56 -3.90
C LYS O 172 78.34 8.09 -3.55
N GLN O 173 79.31 8.99 -3.75
CA GLN O 173 80.72 8.69 -3.53
C GLN O 173 81.05 8.70 -2.04
N SER O 174 82.34 8.45 -1.73
CA SER O 174 82.78 8.44 -0.34
C SER O 174 82.81 9.83 0.26
N ASN O 175 83.05 10.86 -0.56
CA ASN O 175 83.07 12.24 -0.11
C ASN O 175 81.68 12.85 0.00
N ASN O 176 80.63 12.02 -0.09
CA ASN O 176 79.23 12.41 -0.06
C ASN O 176 78.80 13.19 -1.30
N LYS O 177 79.69 13.33 -2.29
CA LYS O 177 79.29 13.77 -3.61
C LYS O 177 78.82 12.56 -4.42
N TYR O 178 78.44 12.79 -5.67
CA TYR O 178 77.82 11.77 -6.49
C TYR O 178 78.68 11.42 -7.70
N ALA O 179 78.50 10.20 -8.20
CA ALA O 179 79.19 9.73 -9.39
C ALA O 179 78.23 8.93 -10.27
N ALA O 180 78.57 8.83 -11.55
CA ALA O 180 77.78 8.06 -12.51
C ALA O 180 78.60 7.87 -13.78
N SER O 181 78.27 6.81 -14.52
CA SER O 181 78.94 6.52 -15.77
C SER O 181 77.89 6.15 -16.81
N SER O 182 78.30 6.22 -18.08
CA SER O 182 77.37 5.93 -19.17
C SER O 182 78.13 5.31 -20.32
N TYR O 183 77.59 4.23 -20.89
CA TYR O 183 78.25 3.47 -21.95
C TYR O 183 77.43 3.54 -23.22
N LEU O 184 78.09 3.84 -24.34
CA LEU O 184 77.46 3.94 -25.65
C LEU O 184 77.99 2.84 -26.55
N SER O 185 77.10 1.99 -27.05
CA SER O 185 77.45 0.88 -27.92
C SER O 185 77.27 1.28 -29.38
N LEU O 186 78.32 1.07 -30.20
CA LEU O 186 78.29 1.40 -31.61
C LEU O 186 78.97 0.30 -32.40
N THR O 187 78.80 0.36 -33.73
CA THR O 187 79.57 -0.52 -34.60
C THR O 187 80.83 0.20 -35.08
N PRO O 188 81.91 -0.54 -35.38
CA PRO O 188 83.12 0.11 -35.90
C PRO O 188 82.91 0.87 -37.19
N GLU O 189 81.89 0.51 -37.98
CA GLU O 189 81.58 1.28 -39.18
C GLU O 189 81.10 2.67 -38.84
N GLN O 190 80.32 2.80 -37.75
CA GLN O 190 79.84 4.11 -37.31
C GLN O 190 80.95 4.98 -36.73
N TRP O 191 81.95 4.37 -36.09
CA TRP O 191 83.00 5.16 -35.43
C TRP O 191 83.82 5.95 -36.45
N LYS O 192 84.06 5.39 -37.62
CA LYS O 192 84.81 6.09 -38.66
C LYS O 192 83.93 6.94 -39.57
N SER O 193 82.65 6.59 -39.69
CA SER O 193 81.73 7.34 -40.54
C SER O 193 81.44 8.72 -39.96
N HIS O 194 80.77 8.77 -38.81
CA HIS O 194 80.57 10.04 -38.12
C HIS O 194 81.91 10.66 -37.76
N ARG O 195 82.00 11.98 -37.92
CA ARG O 195 83.29 12.65 -37.82
C ARG O 195 83.78 12.74 -36.38
N SER O 196 82.88 13.00 -35.43
CA SER O 196 83.25 13.03 -34.02
C SER O 196 82.03 12.72 -33.18
N TYR O 197 82.27 12.17 -31.99
CA TYR O 197 81.20 11.85 -31.05
C TYR O 197 81.39 12.67 -29.78
N SER O 198 80.27 13.10 -29.19
CA SER O 198 80.28 14.01 -28.06
C SER O 198 79.46 13.46 -26.92
N CYS O 199 79.99 13.58 -25.70
CA CYS O 199 79.24 13.28 -24.49
C CYS O 199 78.84 14.59 -23.83
N GLN O 200 77.53 14.79 -23.66
CA GLN O 200 76.98 16.03 -23.13
C GLN O 200 76.29 15.73 -21.81
N VAL O 201 76.85 16.22 -20.71
CA VAL O 201 76.31 15.99 -19.37
C VAL O 201 75.74 17.31 -18.86
N THR O 202 74.44 17.33 -18.62
CA THR O 202 73.76 18.50 -18.09
C THR O 202 73.42 18.26 -16.64
N HIS O 203 73.61 19.29 -15.81
CA HIS O 203 73.49 19.13 -14.36
C HIS O 203 73.18 20.49 -13.76
N GLU O 204 71.97 20.62 -13.19
CA GLU O 204 71.55 21.82 -12.46
C GLU O 204 71.66 23.08 -13.33
N GLY O 205 71.13 22.99 -14.54
CA GLY O 205 71.15 24.11 -15.46
C GLY O 205 72.49 24.45 -16.07
N SER O 206 73.54 23.69 -15.75
CA SER O 206 74.84 23.84 -16.37
C SER O 206 75.19 22.56 -17.11
N THR O 207 76.05 22.68 -18.13
CA THR O 207 76.29 21.58 -19.04
C THR O 207 77.78 21.48 -19.37
N VAL O 208 78.33 20.27 -19.25
CA VAL O 208 79.71 19.98 -19.61
C VAL O 208 79.71 18.94 -20.72
N GLU O 209 80.44 19.23 -21.80
CA GLU O 209 80.42 18.40 -23.01
C GLU O 209 81.84 18.14 -23.47
N LYS O 210 82.16 16.86 -23.75
CA LYS O 210 83.48 16.48 -24.24
C LYS O 210 83.31 15.63 -25.51
N THR O 211 84.37 15.58 -26.32
CA THR O 211 84.31 14.97 -27.63
C THR O 211 85.62 14.25 -27.94
N VAL O 212 85.52 13.09 -28.59
CA VAL O 212 86.68 12.31 -29.01
C VAL O 212 86.54 11.94 -30.48
N ALA O 213 87.68 11.62 -31.10
CA ALA O 213 87.74 11.28 -32.51
C ALA O 213 88.98 10.44 -32.76
N PRO O 214 89.03 9.67 -33.87
CA PRO O 214 90.20 8.87 -34.21
C PRO O 214 91.48 9.70 -34.38
#